data_8UAT
#
_entry.id   8UAT
#
_cell.length_a   97.852
_cell.length_b   100.471
_cell.length_c   100.407
_cell.angle_alpha   89.800
_cell.angle_beta   65.750
_cell.angle_gamma   89.920
#
_symmetry.space_group_name_H-M   'P 1'
#
loop_
_entity.id
_entity.type
_entity.pdbx_description
1 polymer 'NADPH dehydrogenase'
2 non-polymer 'FLAVIN MONONUCLEOTIDE'
3 non-polymer 1-[2-(4-hydroxyphenyl)ethyl]-1,4-dihydropyridine-3-carboxamide
4 non-polymer 'ISOPROPYL ALCOHOL'
5 non-polymer 'SODIUM ION'
6 non-polymer 'CHLORIDE ION'
7 water water
#
_entity_poly.entity_id   1
_entity_poly.type   'polypeptide(L)'
_entity_poly.pdbx_seq_one_letter_code
;MGSSHHHHHHSSGLVPRGSHMALLFTPLELGGLRLKNRLAMSPMCQYSATLEGEVTDWHLLHYPTRALGGVGLILVEATA
VEPLGRISPYDLGIWSEDHLPGLKELARRIREAGAVPGIQLAHAGRKAGTARPWEGGKPLGWRVVGPSPIPFDEGYPVPE
PLDEAGMERILQAFVEGARRALRAGFQVIELHMAHGYLLSSFLSPLSNQRTDAYGGSLENRMRFPLQVAQAVREVVPREL
PLFVRVSATDWGEGGWSLEDTLAFARRLKELGVDLLDCSSGGVVLRVRIPLAPGFQVPFADAVRKRVGLRTGAVGLITTP
EQAETLLQAGSADLVLLGRVLLRDPYFPLRAAKALGVAPEVPPQYQRGF
;
_entity_poly.pdbx_strand_id   B,C,D,E,F,G,H,A
#
# COMPACT_ATOMS: atom_id res chain seq x y z
N MET A 21 -3.08 19.30 37.81
CA MET A 21 -2.12 19.82 38.78
C MET A 21 -1.44 21.08 38.25
N ALA A 22 -1.71 22.21 38.88
CA ALA A 22 -1.03 23.47 38.55
C ALA A 22 -0.25 23.93 39.77
N LEU A 23 1.07 24.08 39.62
CA LEU A 23 1.86 24.63 40.71
C LEU A 23 1.68 26.14 40.83
N LEU A 24 1.38 26.82 39.72
CA LEU A 24 1.21 28.26 39.75
C LEU A 24 0.07 28.67 40.66
N PHE A 25 -0.91 27.79 40.87
CA PHE A 25 -2.08 28.11 41.67
C PHE A 25 -2.17 27.22 42.91
N THR A 26 -1.03 26.74 43.38
CA THR A 26 -0.95 26.09 44.69
C THR A 26 -0.49 27.10 45.73
N PRO A 27 -1.05 27.10 46.94
CA PRO A 27 -0.61 28.09 47.93
C PRO A 27 0.89 28.06 48.16
N LEU A 28 1.47 29.23 48.38
CA LEU A 28 2.89 29.40 48.69
C LEU A 28 3.02 29.92 50.11
N GLU A 29 3.87 29.27 50.89
CA GLU A 29 4.09 29.62 52.30
C GLU A 29 5.33 30.50 52.39
N LEU A 30 5.12 31.76 52.78
CA LEU A 30 6.20 32.74 52.92
C LEU A 30 6.14 33.34 54.31
N GLY A 31 7.25 33.26 55.04
CA GLY A 31 7.30 33.76 56.40
C GLY A 31 6.31 33.02 57.28
N GLY A 32 5.21 33.69 57.62
CA GLY A 32 4.16 33.09 58.42
C GLY A 32 2.80 33.31 57.78
N LEU A 33 2.81 33.54 56.47
CA LEU A 33 1.60 33.80 55.71
C LEU A 33 1.54 32.83 54.55
N ARG A 34 0.33 32.67 54.02
CA ARG A 34 0.09 31.83 52.85
C ARG A 34 -0.61 32.66 51.79
N LEU A 35 -0.09 32.62 50.57
CA LEU A 35 -0.69 33.31 49.44
C LEU A 35 -1.52 32.31 48.65
N LYS A 36 -2.69 32.75 48.18
CA LYS A 36 -3.60 31.83 47.50
C LYS A 36 -2.97 31.21 46.26
N ASN A 37 -1.95 31.85 45.69
CA ASN A 37 -1.24 31.30 44.54
C ASN A 37 0.14 31.92 44.49
N ARG A 38 0.90 31.60 43.45
CA ARG A 38 2.27 32.06 43.29
C ARG A 38 2.38 33.21 42.29
N LEU A 39 1.30 33.95 42.07
CA LEU A 39 1.30 35.10 41.17
C LEU A 39 1.20 36.38 41.98
N ALA A 40 2.07 37.34 41.67
CA ALA A 40 2.06 38.64 42.33
C ALA A 40 2.20 39.73 41.29
N MET A 41 1.68 40.91 41.60
CA MET A 41 1.83 42.06 40.74
C MET A 41 3.12 42.77 41.10
N SER A 42 3.97 42.98 40.09
CA SER A 42 5.21 43.71 40.31
C SER A 42 4.90 45.17 40.64
N PRO A 43 5.72 45.81 41.48
CA PRO A 43 5.51 47.24 41.76
C PRO A 43 5.67 48.06 40.49
N MET A 44 4.73 49.00 40.28
CA MET A 44 4.72 49.78 39.05
C MET A 44 4.17 51.17 39.35
N CYS A 45 5.04 52.18 39.25
CA CYS A 45 4.65 53.56 39.54
C CYS A 45 3.58 54.04 38.56
N GLN A 46 2.54 54.65 39.11
CA GLN A 46 1.52 55.32 38.32
C GLN A 46 1.75 56.82 38.21
N TYR A 47 2.70 57.36 38.97
CA TYR A 47 2.99 58.79 38.97
C TYR A 47 1.71 59.58 39.12
N SER A 48 0.74 59.04 39.85
CA SER A 48 -0.54 59.71 39.95
C SER A 48 -0.85 60.15 41.36
N ALA A 49 0.08 60.05 42.30
CA ALA A 49 -0.13 60.42 43.69
C ALA A 49 -0.21 61.92 43.87
N THR A 50 -0.46 62.37 45.10
CA THR A 50 -0.46 63.80 45.37
C THR A 50 0.96 64.34 45.37
N LEU A 51 1.08 65.67 45.42
CA LEU A 51 2.40 66.29 45.50
C LEU A 51 3.06 66.02 46.85
N GLU A 52 2.26 65.72 47.88
CA GLU A 52 2.77 65.25 49.16
C GLU A 52 2.77 63.74 49.25
N GLY A 53 2.32 63.04 48.21
CA GLY A 53 2.43 61.60 48.14
C GLY A 53 1.25 60.80 48.67
N GLU A 54 0.06 61.39 48.75
CA GLU A 54 -1.10 60.66 49.25
C GLU A 54 -1.74 59.82 48.15
N VAL A 55 -2.34 58.69 48.55
CA VAL A 55 -3.08 57.85 47.61
C VAL A 55 -4.19 58.67 47.01
N THR A 56 -4.46 58.48 45.74
CA THR A 56 -5.48 59.28 45.09
C THR A 56 -6.68 58.39 44.78
N ASP A 57 -7.66 58.93 44.05
CA ASP A 57 -8.74 58.08 43.54
C ASP A 57 -8.23 57.08 42.51
N TRP A 58 -7.21 57.43 41.74
CA TRP A 58 -6.69 56.53 40.71
C TRP A 58 -6.25 55.19 41.31
N HIS A 59 -5.41 55.25 42.35
CA HIS A 59 -4.92 54.02 42.95
C HIS A 59 -6.05 53.16 43.50
N LEU A 60 -7.10 53.80 44.01
CA LEU A 60 -8.23 53.07 44.58
C LEU A 60 -9.07 52.39 43.51
N LEU A 61 -8.77 52.60 42.23
CA LEU A 61 -9.32 51.77 41.16
C LEU A 61 -8.28 50.90 40.50
N HIS A 62 -7.05 51.40 40.34
CA HIS A 62 -6.01 50.61 39.69
C HIS A 62 -5.74 49.32 40.44
N TYR A 63 -5.25 49.41 41.68
CA TYR A 63 -4.83 48.21 42.40
C TYR A 63 -5.99 47.29 42.72
N PRO A 64 -7.11 47.75 43.27
CA PRO A 64 -8.20 46.80 43.57
C PRO A 64 -8.65 46.02 42.36
N THR A 65 -8.58 46.60 41.15
CA THR A 65 -8.98 45.88 39.95
C THR A 65 -8.11 44.66 39.72
N ARG A 66 -6.79 44.84 39.73
CA ARG A 66 -5.90 43.72 39.43
C ARG A 66 -5.90 42.70 40.55
N ALA A 67 -6.19 43.14 41.78
CA ALA A 67 -6.35 42.19 42.87
C ALA A 67 -7.56 41.29 42.62
N LEU A 68 -8.67 41.86 42.15
CA LEU A 68 -9.80 41.04 41.71
C LEU A 68 -9.41 40.18 40.52
N GLY A 69 -8.39 40.60 39.76
CA GLY A 69 -7.88 39.80 38.66
C GLY A 69 -7.24 38.51 39.10
N GLY A 70 -7.09 38.28 40.40
CA GLY A 70 -6.73 37.00 40.92
C GLY A 70 -5.30 36.84 41.39
N VAL A 71 -4.49 37.89 41.38
CA VAL A 71 -3.14 37.77 41.89
C VAL A 71 -3.21 37.44 43.37
N GLY A 72 -2.38 36.50 43.81
CA GLY A 72 -2.32 36.17 45.22
C GLY A 72 -1.78 37.31 46.05
N LEU A 73 -0.96 38.17 45.45
CA LEU A 73 -0.29 39.24 46.17
C LEU A 73 -0.18 40.46 45.26
N ILE A 74 -0.36 41.63 45.85
CA ILE A 74 -0.21 42.90 45.16
C ILE A 74 0.93 43.65 45.83
N LEU A 75 2.01 43.88 45.09
CA LEU A 75 3.08 44.77 45.53
C LEU A 75 2.81 46.12 44.89
N VAL A 76 2.33 47.08 45.69
CA VAL A 76 1.98 48.37 45.14
C VAL A 76 3.26 49.13 44.79
N GLU A 77 3.11 50.19 44.00
CA GLU A 77 4.25 50.84 43.38
C GLU A 77 5.29 51.31 44.41
N ALA A 78 6.46 51.67 43.89
CA ALA A 78 7.53 52.23 44.70
C ALA A 78 7.04 53.43 45.49
N THR A 79 7.11 53.33 46.81
CA THR A 79 6.69 54.39 47.71
C THR A 79 7.92 54.99 48.38
N ALA A 80 8.12 56.29 48.21
CA ALA A 80 9.32 56.92 48.72
C ALA A 80 9.22 57.06 50.22
N VAL A 81 10.30 56.70 50.92
CA VAL A 81 10.36 56.86 52.37
C VAL A 81 10.79 58.26 52.76
N GLU A 82 11.09 59.13 51.80
CA GLU A 82 11.61 60.46 52.00
C GLU A 82 11.15 61.31 50.84
N PRO A 83 10.79 62.58 51.07
CA PRO A 83 10.35 63.41 49.95
C PRO A 83 11.37 63.47 48.83
N LEU A 84 12.66 63.51 49.16
CA LEU A 84 13.73 63.56 48.18
C LEU A 84 14.14 62.19 47.68
N GLY A 85 13.52 61.13 48.17
CA GLY A 85 13.68 59.81 47.60
C GLY A 85 12.65 59.46 46.55
N ARG A 86 11.81 60.42 46.16
CA ARG A 86 10.78 60.16 45.17
C ARG A 86 11.36 60.21 43.76
N ILE A 87 10.79 59.40 42.87
CA ILE A 87 11.11 59.49 41.45
C ILE A 87 10.48 60.75 40.85
N SER A 88 9.18 60.93 41.06
CA SER A 88 8.43 62.06 40.55
C SER A 88 7.75 62.78 41.70
N PRO A 89 7.37 64.05 41.52
CA PRO A 89 6.64 64.75 42.59
C PRO A 89 5.33 64.09 42.96
N TYR A 90 4.80 63.24 42.08
CA TYR A 90 3.52 62.56 42.30
C TYR A 90 3.72 61.08 42.61
N ASP A 91 4.87 60.72 43.16
CA ASP A 91 5.06 59.38 43.67
C ASP A 91 4.30 59.20 44.98
N LEU A 92 4.01 57.96 45.31
CA LEU A 92 3.47 57.68 46.63
C LEU A 92 4.56 57.89 47.67
N GLY A 93 4.14 58.25 48.88
CA GLY A 93 5.06 58.54 49.95
C GLY A 93 4.62 57.87 51.24
N ILE A 94 5.60 57.63 52.11
CA ILE A 94 5.32 57.03 53.41
C ILE A 94 6.13 57.71 54.48
N TRP A 95 6.54 58.96 54.24
CA TRP A 95 7.42 59.65 55.18
C TRP A 95 6.65 60.37 56.27
N SER A 96 5.37 60.66 56.05
CA SER A 96 4.54 61.35 57.02
C SER A 96 3.40 60.44 57.48
N GLU A 97 2.99 60.61 58.73
CA GLU A 97 1.89 59.83 59.27
C GLU A 97 0.56 60.23 58.65
N ASP A 98 0.53 61.32 57.89
CA ASP A 98 -0.66 61.70 57.13
C ASP A 98 -0.79 60.90 55.84
N HIS A 99 0.18 60.03 55.53
CA HIS A 99 0.00 59.06 54.47
C HIS A 99 -0.81 57.86 54.92
N LEU A 100 -0.84 57.59 56.23
CA LEU A 100 -1.51 56.40 56.75
C LEU A 100 -2.95 56.29 56.31
N PRO A 101 -3.80 57.30 56.49
CA PRO A 101 -5.19 57.17 56.03
C PRO A 101 -5.31 56.66 54.59
N GLY A 102 -4.64 57.34 53.65
CA GLY A 102 -4.74 56.94 52.25
C GLY A 102 -4.19 55.55 51.97
N LEU A 103 -3.04 55.22 52.56
CA LEU A 103 -2.48 53.88 52.37
C LEU A 103 -3.38 52.83 53.01
N LYS A 104 -3.96 53.15 54.17
CA LYS A 104 -4.86 52.20 54.81
C LYS A 104 -6.02 51.85 53.89
N GLU A 105 -6.62 52.86 53.23
CA GLU A 105 -7.75 52.59 52.35
C GLU A 105 -7.33 51.79 51.14
N LEU A 106 -6.13 52.05 50.60
CA LEU A 106 -5.63 51.24 49.50
C LEU A 106 -5.40 49.81 49.94
N ALA A 107 -4.63 49.61 51.00
CA ALA A 107 -4.35 48.25 51.48
C ALA A 107 -5.64 47.53 51.86
N ARG A 108 -6.60 48.23 52.39
CA ARG A 108 -7.88 47.62 52.70
C ARG A 108 -8.65 47.13 51.53
N ARG A 109 -8.65 47.89 50.46
CA ARG A 109 -9.49 47.51 49.35
C ARG A 109 -8.86 46.45 48.51
N ILE A 110 -7.55 46.37 48.57
CA ILE A 110 -6.85 45.36 47.86
C ILE A 110 -7.19 44.02 48.45
N ARG A 111 -7.21 43.92 49.77
CA ARG A 111 -7.46 42.66 50.45
C ARG A 111 -8.87 42.19 50.28
N GLU A 112 -9.77 43.13 50.09
CA GLU A 112 -11.13 42.78 49.86
C GLU A 112 -11.28 42.12 48.54
N ALA A 113 -10.37 42.41 47.62
CA ALA A 113 -10.42 41.80 46.30
C ALA A 113 -9.87 40.39 46.33
N GLY A 114 -9.05 40.07 47.32
CA GLY A 114 -8.58 38.73 47.49
C GLY A 114 -7.12 38.63 47.73
N ALA A 115 -6.37 39.53 47.17
CA ALA A 115 -4.91 39.46 47.24
C ALA A 115 -4.39 40.11 48.51
N VAL A 116 -3.28 39.55 49.00
CA VAL A 116 -2.60 40.14 50.16
C VAL A 116 -1.99 41.47 49.72
N PRO A 117 -2.14 42.53 50.52
CA PRO A 117 -1.53 43.82 50.12
C PRO A 117 -0.10 43.94 50.60
N GLY A 118 0.81 44.26 49.68
CA GLY A 118 2.19 44.50 50.01
C GLY A 118 2.66 45.82 49.42
N ILE A 119 3.81 46.29 49.90
CA ILE A 119 4.31 47.61 49.53
C ILE A 119 5.81 47.50 49.27
N GLN A 120 6.27 48.29 48.29
CA GLN A 120 7.71 48.43 48.02
C GLN A 120 8.14 49.81 48.51
N LEU A 121 9.03 49.83 49.51
CA LEU A 121 9.62 51.06 50.00
C LEU A 121 10.92 51.33 49.26
N ALA A 122 11.10 52.56 48.80
CA ALA A 122 12.21 52.87 47.92
C ALA A 122 12.75 54.27 48.20
N HIS A 123 13.97 54.49 47.73
CA HIS A 123 14.61 55.80 47.74
C HIS A 123 15.32 55.95 46.42
N ALA A 124 14.92 56.96 45.63
CA ALA A 124 15.36 57.04 44.24
C ALA A 124 16.81 57.49 44.08
N GLY A 125 17.48 57.89 45.16
CA GLY A 125 18.87 58.25 45.05
C GLY A 125 19.11 59.27 43.96
N ARG A 126 20.19 59.07 43.19
CA ARG A 126 20.61 60.03 42.17
C ARG A 126 19.63 60.13 41.01
N LYS A 127 18.69 59.20 40.88
CA LYS A 127 17.66 59.26 39.86
C LYS A 127 16.42 59.98 40.35
N ALA A 128 16.48 60.57 41.54
CA ALA A 128 15.35 61.27 42.10
C ALA A 128 15.13 62.60 41.39
N GLY A 129 13.89 63.07 41.39
CA GLY A 129 13.57 64.38 40.86
C GLY A 129 13.44 64.43 39.35
N THR A 130 12.76 63.46 38.76
CA THR A 130 12.48 63.44 37.34
C THR A 130 11.01 63.77 37.09
N ALA A 131 10.72 64.30 35.91
CA ALA A 131 9.35 64.54 35.52
C ALA A 131 8.61 63.22 35.33
N ARG A 132 7.32 63.34 34.98
CA ARG A 132 6.52 62.16 34.69
C ARG A 132 6.91 61.61 33.31
N PRO A 133 6.78 60.29 33.10
CA PRO A 133 7.18 59.73 31.80
C PRO A 133 6.46 60.38 30.62
N TRP A 134 5.18 60.71 30.77
CA TRP A 134 4.43 61.33 29.69
C TRP A 134 4.46 62.85 29.76
N GLU A 135 5.28 63.42 30.64
CA GLU A 135 5.52 64.84 30.70
C GLU A 135 6.97 65.19 30.34
N GLY A 136 7.70 64.26 29.75
CA GLY A 136 9.07 64.53 29.35
C GLY A 136 10.07 63.58 29.99
N GLY A 137 9.87 63.28 31.27
CA GLY A 137 10.81 62.42 31.96
C GLY A 137 12.17 63.04 32.19
N LYS A 138 12.27 64.38 32.21
CA LYS A 138 13.57 65.00 32.34
C LYS A 138 13.78 65.48 33.78
N PRO A 139 15.01 65.47 34.28
CA PRO A 139 15.23 65.81 35.69
C PRO A 139 14.67 67.17 36.08
N LEU A 140 14.40 67.36 37.37
CA LEU A 140 13.86 68.62 37.88
C LEU A 140 14.88 69.37 38.72
N GLY A 141 16.07 68.80 38.92
CA GLY A 141 17.11 69.52 39.61
C GLY A 141 17.00 69.52 41.12
N TRP A 142 16.57 68.40 41.70
CA TRP A 142 16.55 68.30 43.15
C TRP A 142 17.96 68.12 43.69
N ARG A 143 18.11 68.29 45.01
CA ARG A 143 19.39 68.03 45.67
C ARG A 143 19.49 66.53 45.98
N VAL A 144 19.54 65.74 44.92
CA VAL A 144 19.53 64.29 45.08
C VAL A 144 20.79 63.85 45.81
N VAL A 145 20.71 62.67 46.42
CA VAL A 145 21.80 62.09 47.18
C VAL A 145 22.25 60.81 46.50
N GLY A 146 23.36 60.26 46.98
CA GLY A 146 23.90 59.03 46.46
C GLY A 146 25.21 58.68 47.12
N PRO A 147 25.79 57.55 46.75
CA PRO A 147 27.09 57.15 47.33
C PRO A 147 28.19 58.13 46.96
N SER A 148 28.40 58.33 45.67
CA SER A 148 29.46 59.18 45.15
C SER A 148 28.88 60.26 44.22
N PRO A 149 29.62 61.34 43.98
CA PRO A 149 29.10 62.44 43.12
C PRO A 149 29.32 62.16 41.64
N ILE A 150 28.55 61.21 41.11
CA ILE A 150 28.65 60.79 39.71
C ILE A 150 27.29 60.85 39.02
N PRO A 151 27.18 61.50 37.86
CA PRO A 151 25.85 61.66 37.25
C PRO A 151 25.31 60.34 36.74
N PHE A 152 23.99 60.21 36.77
CA PHE A 152 23.37 59.07 36.18
C PHE A 152 23.57 59.34 34.74
N ASP A 153 23.45 60.61 34.38
CA ASP A 153 23.68 61.00 33.02
C ASP A 153 23.62 62.48 32.87
N GLU A 154 23.92 62.93 31.68
CA GLU A 154 23.81 64.33 31.39
C GLU A 154 22.41 64.72 31.68
N GLY A 155 22.26 65.82 32.41
CA GLY A 155 20.95 66.32 32.70
C GLY A 155 20.62 66.10 34.12
N TYR A 156 21.13 65.03 34.69
CA TYR A 156 20.74 64.69 36.04
C TYR A 156 21.57 65.43 37.06
N PRO A 157 20.89 66.08 38.00
CA PRO A 157 21.68 66.71 39.08
C PRO A 157 22.58 65.61 39.66
N VAL A 158 23.85 65.92 39.86
CA VAL A 158 24.86 64.93 40.30
C VAL A 158 24.88 64.89 41.80
N PRO A 159 24.70 63.75 42.45
CA PRO A 159 24.37 63.72 43.88
C PRO A 159 25.47 64.18 44.84
N GLU A 160 24.99 64.58 46.02
CA GLU A 160 25.85 64.95 47.14
C GLU A 160 26.21 63.69 47.92
N PRO A 161 27.49 63.36 48.06
CA PRO A 161 27.85 62.13 48.79
C PRO A 161 27.25 62.10 50.18
N LEU A 162 26.73 60.94 50.56
CA LEU A 162 26.08 60.81 51.86
C LEU A 162 27.08 60.54 52.97
N ASP A 163 26.87 61.20 54.10
CA ASP A 163 27.60 60.98 55.34
C ASP A 163 26.81 60.05 56.25
N GLU A 164 27.49 59.53 57.28
CA GLU A 164 26.84 58.62 58.22
C GLU A 164 25.56 59.22 58.80
N ALA A 165 25.58 60.52 59.12
CA ALA A 165 24.35 61.16 59.58
C ALA A 165 23.28 61.12 58.49
N GLY A 166 23.70 61.35 57.24
CA GLY A 166 22.76 61.26 56.14
C GLY A 166 22.23 59.85 55.95
N MET A 167 23.13 58.86 55.98
CA MET A 167 22.72 57.48 55.77
C MET A 167 21.86 56.98 56.92
N GLU A 168 22.14 57.40 58.15
CA GLU A 168 21.29 56.99 59.26
C GLU A 168 19.88 57.53 59.09
N ARG A 169 19.76 58.74 58.53
CA ARG A 169 18.43 59.29 58.25
C ARG A 169 17.70 58.43 57.23
N ILE A 170 18.41 57.97 56.21
CA ILE A 170 17.79 57.10 55.22
C ILE A 170 17.38 55.79 55.86
N LEU A 171 18.28 55.21 56.67
CA LEU A 171 17.99 53.92 57.29
C LEU A 171 16.72 53.97 58.15
N GLN A 172 16.60 54.99 59.00
CA GLN A 172 15.41 55.10 59.83
C GLN A 172 14.19 55.55 59.02
N ALA A 173 14.40 56.19 57.88
CA ALA A 173 13.29 56.47 56.99
C ALA A 173 12.71 55.18 56.43
N PHE A 174 13.58 54.21 56.15
CA PHE A 174 13.11 52.89 55.73
C PHE A 174 12.47 52.15 56.90
N VAL A 175 12.97 52.32 58.09
CA VAL A 175 12.45 51.58 59.21
C VAL A 175 11.03 52.01 59.44
N GLU A 176 10.81 53.31 59.44
CA GLU A 176 9.50 53.81 59.74
C GLU A 176 8.59 53.68 58.56
N GLY A 177 9.13 53.41 57.39
CA GLY A 177 8.30 53.17 56.24
C GLY A 177 7.64 51.85 56.44
N ALA A 178 8.39 50.85 56.90
CA ALA A 178 7.80 49.55 57.23
C ALA A 178 6.80 49.68 58.37
N ARG A 179 7.22 50.32 59.48
CA ARG A 179 6.32 50.51 60.61
C ARG A 179 5.03 51.19 60.16
N ARG A 180 5.14 52.17 59.26
CA ARG A 180 3.95 52.82 58.74
C ARG A 180 3.17 51.90 57.81
N ALA A 181 3.87 51.11 57.00
CA ALA A 181 3.19 50.19 56.10
C ALA A 181 2.45 49.10 56.87
N LEU A 182 3.08 48.57 57.93
CA LEU A 182 2.40 47.58 58.77
C LEU A 182 1.17 48.19 59.43
N ARG A 183 1.33 49.39 60.00
CA ARG A 183 0.19 50.06 60.66
C ARG A 183 -0.99 50.19 59.70
N ALA A 184 -0.73 50.30 58.40
CA ALA A 184 -1.79 50.44 57.41
C ALA A 184 -2.37 49.12 56.96
N GLY A 185 -1.81 47.99 57.40
CA GLY A 185 -2.32 46.68 57.03
C GLY A 185 -1.49 45.96 55.99
N PHE A 186 -0.52 46.62 55.38
CA PHE A 186 0.35 45.95 54.42
C PHE A 186 1.08 44.80 55.09
N GLN A 187 0.93 43.60 54.55
CA GLN A 187 1.48 42.40 55.15
C GLN A 187 2.76 41.91 54.49
N VAL A 188 3.23 42.58 53.44
CA VAL A 188 4.52 42.26 52.82
C VAL A 188 5.23 43.56 52.49
N ILE A 189 6.49 43.67 52.90
CA ILE A 189 7.30 44.85 52.67
C ILE A 189 8.51 44.44 51.85
N GLU A 190 8.72 45.13 50.73
CA GLU A 190 9.87 44.91 49.87
C GLU A 190 10.74 46.15 49.86
N LEU A 191 12.06 45.96 50.01
CA LEU A 191 13.01 47.05 49.92
C LEU A 191 13.55 47.12 48.50
N HIS A 192 13.32 48.24 47.83
CA HIS A 192 13.74 48.42 46.44
C HIS A 192 15.23 48.73 46.46
N MET A 193 16.06 47.73 46.15
CA MET A 193 17.50 47.87 46.08
C MET A 193 18.00 47.51 44.69
N ALA A 194 17.28 47.99 43.67
CA ALA A 194 17.57 47.66 42.28
C ALA A 194 17.41 48.91 41.44
N HIS A 195 17.70 48.76 40.13
CA HIS A 195 17.41 49.77 39.12
C HIS A 195 18.18 51.06 39.35
N GLY A 196 19.35 50.97 39.96
CA GLY A 196 20.21 52.12 40.06
C GLY A 196 19.74 53.20 41.02
N TYR A 197 18.71 52.92 41.81
CA TYR A 197 18.26 53.87 42.82
C TYR A 197 19.23 53.79 44.01
N LEU A 198 18.92 54.52 45.08
CA LEU A 198 19.92 54.82 46.09
C LEU A 198 20.79 53.61 46.48
N LEU A 199 20.20 52.57 47.05
CA LEU A 199 21.04 51.48 47.53
C LEU A 199 21.59 50.62 46.41
N SER A 200 20.87 50.52 45.28
CA SER A 200 21.48 49.88 44.11
C SER A 200 22.74 50.64 43.72
N SER A 201 22.69 51.97 43.82
CA SER A 201 23.86 52.80 43.53
C SER A 201 25.01 52.47 44.48
N PHE A 202 24.69 52.15 45.74
CA PHE A 202 25.74 51.80 46.69
C PHE A 202 26.43 50.48 46.30
N LEU A 203 25.70 49.56 45.68
CA LEU A 203 26.25 48.26 45.36
C LEU A 203 27.13 48.30 44.11
N SER A 204 26.70 49.02 43.10
CA SER A 204 27.41 49.00 41.82
C SER A 204 28.68 49.85 41.88
N PRO A 205 29.81 49.35 41.37
CA PRO A 205 31.02 50.18 41.37
C PRO A 205 30.98 51.26 40.31
N LEU A 206 30.02 51.18 39.38
CA LEU A 206 29.82 52.25 38.40
C LEU A 206 29.25 53.50 39.04
N SER A 207 28.69 53.39 40.23
CA SER A 207 28.15 54.54 40.94
C SER A 207 28.64 54.66 42.36
N ASN A 208 29.27 53.64 42.92
CA ASN A 208 29.84 53.77 44.24
C ASN A 208 31.33 53.69 44.11
N GLN A 209 31.99 54.81 44.32
CA GLN A 209 33.43 54.85 44.28
C GLN A 209 33.87 55.57 45.53
N ARG A 210 33.11 55.43 46.60
CA ARG A 210 33.44 56.08 47.84
C ARG A 210 34.77 55.57 48.36
N THR A 211 35.55 56.40 49.05
CA THR A 211 36.88 55.96 49.47
C THR A 211 36.84 55.44 50.89
N ASP A 212 35.68 55.54 51.52
CA ASP A 212 35.50 55.21 52.92
C ASP A 212 35.04 53.76 53.05
N ALA A 213 34.50 53.41 54.21
CA ALA A 213 34.06 52.05 54.51
C ALA A 213 32.78 51.68 53.84
N TYR A 214 32.20 52.46 52.92
CA TYR A 214 30.96 52.09 52.25
C TYR A 214 31.13 52.05 50.73
N GLY A 215 32.36 51.92 50.24
CA GLY A 215 32.58 51.89 48.81
C GLY A 215 33.88 51.19 48.49
N GLY A 216 34.09 50.94 47.20
CA GLY A 216 35.31 50.30 46.76
C GLY A 216 35.23 48.80 46.84
N SER A 217 35.53 48.25 48.01
CA SER A 217 35.47 46.81 48.21
C SER A 217 34.04 46.32 48.04
N LEU A 218 33.91 45.03 47.71
CA LEU A 218 32.59 44.44 47.55
C LEU A 218 31.80 44.50 48.86
N GLU A 219 32.44 44.14 49.97
CA GLU A 219 31.74 44.13 51.25
C GLU A 219 31.31 45.53 51.64
N ASN A 220 32.19 46.53 51.44
CA ASN A 220 31.83 47.90 51.79
C ASN A 220 30.71 48.43 50.90
N ARG A 221 30.72 48.08 49.62
CA ARG A 221 29.63 48.51 48.75
C ARG A 221 28.32 47.82 49.13
N MET A 222 28.39 46.68 49.80
CA MET A 222 27.23 45.99 50.32
C MET A 222 26.83 46.47 51.71
N ARG A 223 27.67 47.28 52.35
CA ARG A 223 27.47 47.65 53.75
C ARG A 223 26.15 48.37 53.98
N PHE A 224 26.03 49.60 53.47
CA PHE A 224 24.82 50.37 53.72
C PHE A 224 23.56 49.61 53.29
N PRO A 225 23.53 48.96 52.13
CA PRO A 225 22.31 48.21 51.77
C PRO A 225 21.93 47.13 52.77
N LEU A 226 22.90 46.32 53.24
CA LEU A 226 22.57 45.28 54.21
C LEU A 226 22.19 45.88 55.56
N GLN A 227 22.74 47.05 55.89
CA GLN A 227 22.37 47.72 57.13
C GLN A 227 20.89 48.10 57.12
N VAL A 228 20.40 48.55 55.97
CA VAL A 228 18.98 48.86 55.86
C VAL A 228 18.14 47.59 55.98
N ALA A 229 18.56 46.52 55.31
CA ALA A 229 17.83 45.27 55.40
C ALA A 229 17.77 44.77 56.83
N GLN A 230 18.91 44.77 57.53
CA GLN A 230 18.94 44.30 58.90
C GLN A 230 18.03 45.16 59.79
N ALA A 231 18.14 46.48 59.66
CA ALA A 231 17.36 47.37 60.52
C ALA A 231 15.87 47.16 60.31
N VAL A 232 15.46 46.99 59.06
CA VAL A 232 14.03 46.80 58.81
C VAL A 232 13.58 45.45 59.33
N ARG A 233 14.38 44.40 59.10
CA ARG A 233 13.98 43.07 59.54
C ARG A 233 13.60 43.08 61.02
N GLU A 234 14.30 43.86 61.83
CA GLU A 234 14.03 43.87 63.26
C GLU A 234 12.65 44.42 63.56
N VAL A 235 12.16 45.39 62.78
CA VAL A 235 10.86 45.99 63.07
C VAL A 235 9.71 45.30 62.33
N VAL A 236 10.01 44.40 61.41
CA VAL A 236 9.00 43.62 60.70
C VAL A 236 8.92 42.24 61.36
N PRO A 237 7.73 41.85 61.77
CA PRO A 237 7.71 40.55 62.41
C PRO A 237 8.01 39.46 61.41
N ARG A 238 8.29 38.27 61.89
CA ARG A 238 8.71 37.20 61.02
C ARG A 238 7.64 36.66 60.17
N GLU A 239 6.41 36.91 60.55
CA GLU A 239 5.31 36.34 59.84
C GLU A 239 5.07 37.12 58.58
N LEU A 240 5.54 38.35 58.54
CA LEU A 240 5.40 39.17 57.36
C LEU A 240 6.63 39.01 56.50
N PRO A 241 6.47 38.53 55.26
CA PRO A 241 7.72 38.29 54.54
C PRO A 241 8.37 39.62 54.19
N LEU A 242 9.69 39.66 54.33
CA LEU A 242 10.47 40.82 53.92
C LEU A 242 11.08 40.45 52.57
N PHE A 243 10.63 41.14 51.52
CA PHE A 243 11.19 40.97 50.20
C PHE A 243 12.30 41.98 50.01
N VAL A 244 13.18 41.69 49.06
CA VAL A 244 14.24 42.63 48.67
C VAL A 244 14.38 42.53 47.17
N ARG A 245 14.20 43.65 46.48
CA ARG A 245 14.39 43.67 45.04
C ARG A 245 15.80 44.14 44.69
N VAL A 246 16.49 43.33 43.89
CA VAL A 246 17.84 43.62 43.43
C VAL A 246 17.88 43.30 41.95
N SER A 247 18.47 44.20 41.17
CA SER A 247 18.82 43.95 39.78
C SER A 247 20.14 43.16 39.79
N ALA A 248 20.05 41.86 39.52
CA ALA A 248 21.19 40.97 39.68
C ALA A 248 22.40 41.35 38.85
N THR A 249 22.24 42.22 37.85
CA THR A 249 23.39 42.63 37.06
C THR A 249 23.19 44.04 36.54
N ASP A 250 24.31 44.77 36.46
CA ASP A 250 24.30 46.09 35.84
C ASP A 250 24.26 46.02 34.33
N TRP A 251 24.69 44.90 33.75
CA TRP A 251 24.83 44.72 32.31
C TRP A 251 26.03 45.49 31.78
N GLY A 252 26.60 46.33 32.64
CA GLY A 252 27.74 47.15 32.28
C GLY A 252 29.05 46.51 32.68
N GLU A 253 30.07 46.73 31.86
CA GLU A 253 31.36 46.11 32.12
C GLU A 253 31.92 46.60 33.45
N GLY A 254 32.67 45.73 34.11
CA GLY A 254 33.20 46.05 35.42
C GLY A 254 32.16 46.42 36.44
N GLY A 255 30.97 45.82 36.38
CA GLY A 255 29.91 46.19 37.29
C GLY A 255 29.38 45.05 38.12
N TRP A 256 28.23 45.27 38.75
CA TRP A 256 27.59 44.24 39.54
C TRP A 256 27.31 43.01 38.69
N SER A 257 27.69 41.85 39.20
CA SER A 257 27.44 40.61 38.51
C SER A 257 26.51 39.76 39.33
N LEU A 258 26.16 38.59 38.83
CA LEU A 258 25.26 37.70 39.54
C LEU A 258 26.00 37.01 40.64
N GLU A 259 27.30 36.99 40.54
CA GLU A 259 28.10 36.38 41.58
C GLU A 259 28.22 37.37 42.71
N ASP A 260 27.98 38.63 42.43
CA ASP A 260 28.00 39.65 43.45
C ASP A 260 26.67 39.57 44.07
N THR A 261 25.69 39.28 43.26
CA THR A 261 24.34 39.17 43.74
C THR A 261 24.21 38.01 44.68
N LEU A 262 24.84 36.90 44.33
CA LEU A 262 24.69 35.70 45.12
C LEU A 262 25.41 35.84 46.41
N ALA A 263 26.39 36.69 46.45
CA ALA A 263 27.08 36.94 47.68
C ALA A 263 26.18 37.79 48.51
N PHE A 264 25.52 38.73 47.86
CA PHE A 264 24.65 39.64 48.56
C PHE A 264 23.43 38.94 49.08
N ALA A 265 22.97 37.92 48.37
CA ALA A 265 21.81 37.20 48.78
C ALA A 265 22.14 36.25 49.87
N ARG A 266 23.35 35.72 49.82
N ARG A 266 23.32 35.68 49.75
CA ARG A 266 23.79 34.86 50.90
CA ARG A 266 23.63 34.84 50.90
C ARG A 266 23.66 35.63 52.19
C ARG A 266 23.60 35.64 52.20
N ARG A 267 24.14 36.86 52.19
CA ARG A 267 24.13 37.67 53.39
C ARG A 267 22.72 38.14 53.73
N LEU A 268 21.90 38.41 52.72
CA LEU A 268 20.48 38.70 52.98
C LEU A 268 19.75 37.48 53.52
N LYS A 269 20.02 36.29 52.96
CA LYS A 269 19.35 35.09 53.47
C LYS A 269 19.60 34.94 54.96
N GLU A 270 20.80 35.31 55.42
CA GLU A 270 21.11 35.17 56.83
C GLU A 270 20.51 36.27 57.69
N LEU A 271 20.08 37.38 57.11
CA LEU A 271 19.43 38.39 57.91
C LEU A 271 17.95 38.12 58.13
N GLY A 272 17.38 37.14 57.42
CA GLY A 272 15.97 36.83 57.55
C GLY A 272 15.14 37.25 56.37
N VAL A 273 15.75 37.82 55.33
CA VAL A 273 15.00 38.17 54.14
C VAL A 273 14.32 36.92 53.61
N ASP A 274 13.02 37.01 53.39
CA ASP A 274 12.24 35.84 53.03
C ASP A 274 12.22 35.56 51.53
N LEU A 275 12.53 36.56 50.71
CA LEU A 275 12.51 36.35 49.26
C LEU A 275 13.24 37.48 48.54
N LEU A 276 13.92 37.10 47.46
CA LEU A 276 14.58 38.05 46.56
C LEU A 276 13.89 37.99 45.20
N ASP A 277 13.49 39.16 44.70
CA ASP A 277 12.94 39.28 43.35
C ASP A 277 13.99 39.96 42.48
N CYS A 278 14.45 39.26 41.46
CA CYS A 278 15.58 39.70 40.64
C CYS A 278 15.07 40.42 39.40
N SER A 279 15.37 41.71 39.30
CA SER A 279 15.17 42.52 38.12
C SER A 279 16.55 42.76 37.50
N SER A 280 16.66 43.76 36.62
CA SER A 280 17.95 44.07 36.04
C SER A 280 17.97 45.49 35.49
N GLY A 281 19.18 45.96 35.20
CA GLY A 281 19.38 47.27 34.59
C GLY A 281 19.15 48.41 35.56
N GLY A 282 19.25 49.63 35.02
CA GLY A 282 18.90 50.85 35.70
C GLY A 282 20.07 51.61 36.30
N VAL A 283 21.16 50.93 36.66
CA VAL A 283 22.27 51.64 37.30
C VAL A 283 22.81 52.71 36.36
N VAL A 284 22.88 52.42 35.07
CA VAL A 284 23.36 53.35 34.05
C VAL A 284 22.52 53.21 32.79
N LEU A 285 22.67 54.15 31.88
CA LEU A 285 21.87 54.14 30.67
C LEU A 285 22.50 53.45 29.52
N ARG A 286 23.79 53.63 29.35
CA ARG A 286 24.44 53.13 28.16
C ARG A 286 24.78 51.66 28.21
N VAL A 287 23.83 50.84 28.63
CA VAL A 287 24.06 49.41 28.75
C VAL A 287 23.08 48.66 27.89
N ARG A 288 23.50 47.54 27.32
CA ARG A 288 22.61 46.73 26.51
C ARG A 288 22.11 45.61 27.37
N ILE A 289 20.83 45.30 27.24
CA ILE A 289 20.24 44.28 28.07
C ILE A 289 19.55 43.30 27.14
N PRO A 290 19.81 42.00 27.31
CA PRO A 290 19.24 41.02 26.39
C PRO A 290 17.75 40.86 26.56
N LEU A 291 16.97 41.73 25.95
CA LEU A 291 15.54 41.67 26.19
C LEU A 291 14.93 40.46 25.50
N ALA A 292 14.13 39.71 26.25
CA ALA A 292 13.52 38.48 25.76
C ALA A 292 12.58 37.95 26.86
N PRO A 293 11.62 37.11 26.50
CA PRO A 293 10.72 36.54 27.51
C PRO A 293 11.49 35.81 28.61
N GLY A 294 11.27 36.23 29.85
CA GLY A 294 11.92 35.60 30.99
C GLY A 294 13.43 35.66 30.95
N PHE A 295 14.00 36.76 30.46
CA PHE A 295 15.45 36.86 30.35
C PHE A 295 16.15 37.02 31.69
N GLN A 296 15.46 37.56 32.71
CA GLN A 296 16.04 37.66 34.04
C GLN A 296 15.64 36.49 34.94
N VAL A 297 14.79 35.59 34.46
CA VAL A 297 14.45 34.38 35.20
C VAL A 297 15.73 33.64 35.59
N PRO A 298 16.72 33.53 34.71
CA PRO A 298 17.96 32.85 35.10
C PRO A 298 18.61 33.44 36.35
N PHE A 299 18.44 34.74 36.60
CA PHE A 299 19.00 35.33 37.82
C PHE A 299 18.25 34.83 39.05
N ALA A 300 16.91 34.80 38.99
CA ALA A 300 16.15 34.18 40.06
C ALA A 300 16.50 32.71 40.20
N ASP A 301 16.65 32.01 39.07
CA ASP A 301 17.00 30.60 39.11
C ASP A 301 18.34 30.39 39.81
N ALA A 302 19.34 31.22 39.47
CA ALA A 302 20.65 31.07 40.08
C ALA A 302 20.58 31.32 41.58
N VAL A 303 19.80 32.31 41.99
CA VAL A 303 19.68 32.66 43.40
C VAL A 303 19.03 31.52 44.18
N ARG A 304 17.92 30.98 43.66
CA ARG A 304 17.15 30.00 44.41
C ARG A 304 17.96 28.73 44.66
N LYS A 305 18.78 28.32 43.70
CA LYS A 305 19.43 27.02 43.76
C LYS A 305 20.82 27.05 44.38
N ARG A 306 21.58 28.14 44.22
CA ARG A 306 22.95 28.18 44.72
C ARG A 306 23.07 28.75 46.12
N VAL A 307 22.06 29.43 46.63
CA VAL A 307 22.09 29.98 47.99
C VAL A 307 20.96 29.37 48.83
N GLY A 308 19.86 29.02 48.18
CA GLY A 308 18.74 28.43 48.88
C GLY A 308 17.70 29.40 49.37
N LEU A 309 17.73 30.65 48.92
CA LEU A 309 16.74 31.63 49.30
C LEU A 309 15.61 31.65 48.28
N ARG A 310 14.37 31.71 48.77
CA ARG A 310 13.23 31.82 47.88
C ARG A 310 13.40 33.05 46.99
N THR A 311 12.89 32.95 45.76
CA THR A 311 13.11 33.97 44.76
C THR A 311 11.81 34.27 44.02
N GLY A 312 11.74 35.48 43.49
CA GLY A 312 10.62 35.88 42.66
C GLY A 312 11.09 36.16 41.25
N ALA A 313 10.40 35.57 40.28
CA ALA A 313 10.74 35.77 38.88
C ALA A 313 9.89 36.90 38.32
N VAL A 314 10.51 37.75 37.50
CA VAL A 314 9.84 38.87 36.85
C VAL A 314 10.55 39.12 35.54
N GLY A 315 9.85 39.78 34.61
CA GLY A 315 10.46 40.14 33.35
C GLY A 315 9.86 39.47 32.13
N LEU A 316 8.93 40.16 31.48
CA LEU A 316 8.31 39.68 30.25
C LEU A 316 7.81 38.25 30.41
N ILE A 317 7.12 38.01 31.50
CA ILE A 317 6.38 36.77 31.73
C ILE A 317 4.94 37.06 31.37
N THR A 318 4.47 36.51 30.25
CA THR A 318 3.20 36.92 29.68
C THR A 318 2.19 35.80 29.48
N THR A 319 2.57 34.54 29.71
CA THR A 319 1.67 33.42 29.46
C THR A 319 1.50 32.58 30.72
N PRO A 320 0.34 31.94 30.89
CA PRO A 320 0.19 31.02 32.03
C PRO A 320 1.16 29.85 31.99
N GLU A 321 1.37 29.26 30.81
CA GLU A 321 2.23 28.09 30.71
C GLU A 321 3.67 28.42 31.06
N GLN A 322 4.13 29.62 30.68
CA GLN A 322 5.50 30.01 30.98
C GLN A 322 5.69 30.25 32.47
N ALA A 323 4.74 30.91 33.12
CA ALA A 323 4.83 31.11 34.56
C ALA A 323 4.91 29.77 35.28
N GLU A 324 4.03 28.84 34.91
CA GLU A 324 4.03 27.54 35.54
C GLU A 324 5.31 26.77 35.22
N THR A 325 5.88 26.97 34.04
CA THR A 325 7.04 26.18 33.64
C THR A 325 8.28 26.57 34.43
N LEU A 326 8.49 27.86 34.61
CA LEU A 326 9.65 28.28 35.40
C LEU A 326 9.47 27.92 36.87
N LEU A 327 8.22 27.89 37.33
CA LEU A 327 7.95 27.38 38.68
C LEU A 327 8.19 25.88 38.76
N GLN A 328 7.70 25.12 37.77
CA GLN A 328 7.96 23.69 37.76
C GLN A 328 9.46 23.40 37.73
N ALA A 329 10.20 24.15 36.91
CA ALA A 329 11.64 24.00 36.81
C ALA A 329 12.39 24.49 38.04
N GLY A 330 11.69 25.04 39.03
CA GLY A 330 12.36 25.52 40.21
C GLY A 330 13.19 26.76 40.01
N SER A 331 12.87 27.58 39.00
CA SER A 331 13.60 28.82 38.78
C SER A 331 13.21 29.90 39.77
N ALA A 332 12.04 29.78 40.41
CA ALA A 332 11.59 30.78 41.37
C ALA A 332 10.47 30.16 42.19
N ASP A 333 10.14 30.83 43.30
CA ASP A 333 9.01 30.44 44.13
C ASP A 333 7.77 31.27 43.87
N LEU A 334 7.95 32.51 43.40
CA LEU A 334 6.85 33.42 43.14
C LEU A 334 7.08 34.08 41.79
N VAL A 335 6.03 34.22 41.00
CA VAL A 335 6.10 34.83 39.67
C VAL A 335 5.47 36.21 39.77
N LEU A 336 6.26 37.25 39.53
CA LEU A 336 5.79 38.62 39.55
C LEU A 336 5.45 39.08 38.13
N LEU A 337 4.31 39.74 37.99
CA LEU A 337 3.83 40.19 36.70
C LEU A 337 3.80 41.71 36.67
N GLY A 338 4.33 42.29 35.61
CA GLY A 338 4.34 43.73 35.46
C GLY A 338 3.41 44.21 34.37
N ARG A 339 3.96 44.52 33.19
CA ARG A 339 3.17 45.18 32.16
C ARG A 339 1.98 44.35 31.71
N VAL A 340 1.97 43.05 32.00
CA VAL A 340 0.84 42.21 31.59
C VAL A 340 -0.41 42.61 32.34
N LEU A 341 -0.27 43.00 33.61
CA LEU A 341 -1.40 43.41 34.43
C LEU A 341 -1.82 44.85 34.18
N LEU A 342 -1.01 45.63 33.45
CA LEU A 342 -1.46 46.94 33.00
C LEU A 342 -2.44 46.82 31.84
N ARG A 343 -2.13 45.97 30.86
CA ARG A 343 -3.00 45.77 29.72
C ARG A 343 -4.06 44.71 29.96
N ASP A 344 -3.88 43.83 30.95
CA ASP A 344 -4.80 42.73 31.20
C ASP A 344 -4.90 42.50 32.70
N PRO A 345 -5.72 43.30 33.40
CA PRO A 345 -5.80 43.15 34.86
C PRO A 345 -6.33 41.80 35.29
N TYR A 346 -7.27 41.23 34.54
CA TYR A 346 -7.91 39.97 34.88
C TYR A 346 -7.17 38.77 34.28
N PHE A 347 -5.94 38.97 33.83
CA PHE A 347 -5.14 37.87 33.29
C PHE A 347 -5.05 36.69 34.25
N PRO A 348 -4.80 36.86 35.55
CA PRO A 348 -4.70 35.68 36.42
C PRO A 348 -5.96 34.83 36.43
N LEU A 349 -7.13 35.47 36.39
CA LEU A 349 -8.38 34.72 36.42
C LEU A 349 -8.51 33.83 35.19
N ARG A 350 -8.21 34.36 34.01
CA ARG A 350 -8.26 33.58 32.78
C ARG A 350 -7.08 32.63 32.67
N ALA A 351 -5.96 32.94 33.32
CA ALA A 351 -4.82 32.02 33.33
C ALA A 351 -5.18 30.72 34.05
N ALA A 352 -5.98 30.83 35.11
CA ALA A 352 -6.38 29.65 35.85
C ALA A 352 -7.22 28.72 34.99
N LYS A 353 -8.22 29.28 34.29
CA LYS A 353 -9.07 28.44 33.43
C LYS A 353 -8.28 27.86 32.27
N ALA A 354 -7.21 28.55 31.84
CA ALA A 354 -6.33 28.03 30.81
C ALA A 354 -5.40 26.93 31.31
N LEU A 355 -5.44 26.60 32.60
CA LEU A 355 -4.62 25.54 33.15
C LEU A 355 -5.45 24.46 33.85
N GLY A 356 -6.73 24.34 33.48
CA GLY A 356 -7.57 23.33 34.12
C GLY A 356 -7.89 23.61 35.56
N VAL A 357 -7.75 24.87 36.00
CA VAL A 357 -7.97 25.28 37.38
C VAL A 357 -9.25 26.07 37.46
N ALA A 358 -10.08 25.77 38.46
CA ALA A 358 -11.27 26.56 38.73
C ALA A 358 -10.82 27.94 39.17
N PRO A 359 -11.13 29.00 38.43
CA PRO A 359 -10.64 30.33 38.80
C PRO A 359 -11.41 30.93 39.96
N GLU A 360 -10.72 31.71 40.76
CA GLU A 360 -11.35 32.41 41.86
C GLU A 360 -12.06 33.62 41.34
N VAL A 361 -13.18 33.41 40.69
CA VAL A 361 -13.90 34.52 40.12
C VAL A 361 -14.87 35.05 41.11
N PRO A 362 -15.20 36.33 41.00
CA PRO A 362 -16.21 36.87 41.88
C PRO A 362 -17.56 36.35 41.48
N PRO A 363 -18.50 36.29 42.41
CA PRO A 363 -19.79 35.69 42.10
C PRO A 363 -20.52 36.38 40.97
N GLN A 364 -20.42 37.69 40.93
CA GLN A 364 -21.05 38.47 39.88
C GLN A 364 -20.47 38.16 38.50
N TYR A 365 -19.27 37.59 38.43
CA TYR A 365 -18.63 37.28 37.16
C TYR A 365 -18.65 35.78 36.85
N GLN A 366 -19.34 34.98 37.66
CA GLN A 366 -19.31 33.53 37.48
C GLN A 366 -19.84 33.13 36.11
N ARG A 367 -20.79 33.89 35.55
CA ARG A 367 -21.34 33.61 34.23
C ARG A 367 -20.41 34.04 33.10
N GLY A 368 -19.34 34.77 33.41
CA GLY A 368 -18.36 35.15 32.42
C GLY A 368 -17.20 34.21 32.25
N PHE A 369 -17.15 33.11 33.00
CA PHE A 369 -16.06 32.16 32.88
C PHE A 369 -16.59 30.77 32.57
N MET B 21 50.78 21.63 -38.93
CA MET B 21 51.51 21.24 -37.72
C MET B 21 51.01 22.08 -36.56
N ALA B 22 50.24 21.46 -35.66
CA ALA B 22 49.76 22.12 -34.45
C ALA B 22 50.03 21.26 -33.22
N LEU B 23 50.69 21.83 -32.21
CA LEU B 23 50.84 21.10 -30.96
C LEU B 23 49.53 21.06 -30.18
N LEU B 24 48.66 22.04 -30.38
CA LEU B 24 47.40 22.08 -29.65
C LEU B 24 46.56 20.85 -29.93
N PHE B 25 46.75 20.22 -31.09
CA PHE B 25 45.99 19.05 -31.48
C PHE B 25 46.88 17.83 -31.67
N THR B 26 47.99 17.80 -30.95
CA THR B 26 48.84 16.64 -30.83
C THR B 26 48.49 15.89 -29.54
N PRO B 27 48.46 14.56 -29.58
CA PRO B 27 48.13 13.80 -28.37
C PRO B 27 49.10 14.13 -27.24
N LEU B 28 48.57 14.17 -26.02
CA LEU B 28 49.36 14.38 -24.82
C LEU B 28 49.30 13.12 -23.95
N GLU B 29 50.46 12.65 -23.52
CA GLU B 29 50.55 11.45 -22.70
C GLU B 29 50.62 11.87 -21.24
N LEU B 30 49.58 11.56 -20.49
CA LEU B 30 49.49 11.86 -19.07
C LEU B 30 49.12 10.60 -18.31
N GLY B 31 49.93 10.24 -17.32
CA GLY B 31 49.70 9.02 -16.58
C GLY B 31 49.77 7.81 -17.49
N GLY B 32 48.62 7.22 -17.79
CA GLY B 32 48.58 6.08 -18.69
C GLY B 32 47.54 6.23 -19.77
N LEU B 33 47.16 7.47 -20.08
CA LEU B 33 46.14 7.72 -21.09
C LEU B 33 46.68 8.70 -22.13
N ARG B 34 45.99 8.74 -23.27
CA ARG B 34 46.26 9.67 -24.36
C ARG B 34 44.98 10.42 -24.68
N LEU B 35 45.05 11.74 -24.74
CA LEU B 35 43.92 12.59 -25.09
C LEU B 35 44.04 13.03 -26.54
N LYS B 36 42.90 13.11 -27.23
CA LYS B 36 42.92 13.36 -28.67
C LYS B 36 43.61 14.68 -29.01
N ASN B 37 43.67 15.62 -28.07
CA ASN B 37 44.37 16.88 -28.29
C ASN B 37 44.75 17.46 -26.93
N ARG B 38 45.32 18.66 -26.97
CA ARG B 38 45.81 19.33 -25.76
C ARG B 38 44.87 20.41 -25.25
N LEU B 39 43.58 20.34 -25.58
CA LEU B 39 42.59 21.27 -25.10
C LEU B 39 41.68 20.57 -24.10
N ALA B 40 41.46 21.20 -22.94
CA ALA B 40 40.58 20.67 -21.91
C ALA B 40 39.68 21.79 -21.40
N MET B 41 38.51 21.42 -20.92
CA MET B 41 37.61 22.39 -20.32
C MET B 41 37.94 22.52 -18.83
N SER B 42 38.21 23.74 -18.38
CA SER B 42 38.45 23.97 -16.97
C SER B 42 37.15 23.72 -16.18
N PRO B 43 37.25 23.20 -14.96
CA PRO B 43 36.04 22.99 -14.16
C PRO B 43 35.30 24.29 -13.89
N MET B 44 33.98 24.27 -14.04
CA MET B 44 33.17 25.48 -13.91
C MET B 44 31.81 25.12 -13.33
N CYS B 45 31.55 25.63 -12.12
CA CYS B 45 30.28 25.32 -11.45
C CYS B 45 29.10 25.83 -12.26
N GLN B 46 28.10 24.97 -12.42
CA GLN B 46 26.84 25.35 -13.04
C GLN B 46 25.76 25.65 -12.01
N TYR B 47 26.00 25.35 -10.73
CA TYR B 47 25.03 25.62 -9.66
C TYR B 47 23.64 25.10 -10.03
N SER B 48 23.59 23.99 -10.78
CA SER B 48 22.32 23.44 -11.25
C SER B 48 22.07 22.02 -10.77
N ALA B 49 22.84 21.54 -9.79
CA ALA B 49 22.59 20.21 -9.23
C ALA B 49 21.37 20.26 -8.31
N THR B 50 20.97 19.08 -7.85
CA THR B 50 19.88 19.00 -6.87
C THR B 50 20.40 19.43 -5.50
N LEU B 51 19.48 19.56 -4.54
CA LEU B 51 19.86 19.94 -3.18
C LEU B 51 20.69 18.87 -2.50
N GLU B 52 20.61 17.63 -2.95
CA GLU B 52 21.50 16.57 -2.51
C GLU B 52 22.70 16.41 -3.44
N GLY B 53 22.75 17.19 -4.52
CA GLY B 53 23.91 17.20 -5.39
C GLY B 53 23.91 16.23 -6.54
N GLU B 54 22.75 15.75 -6.97
CA GLU B 54 22.69 14.80 -8.07
C GLU B 54 22.79 15.51 -9.41
N VAL B 55 23.39 14.81 -10.38
CA VAL B 55 23.44 15.34 -11.73
C VAL B 55 22.02 15.52 -12.25
N THR B 56 21.78 16.62 -12.95
CA THR B 56 20.48 16.95 -13.50
C THR B 56 20.54 16.89 -15.02
N ASP B 57 19.41 17.22 -15.66
CA ASP B 57 19.38 17.23 -17.11
C ASP B 57 20.30 18.30 -17.67
N TRP B 58 20.49 19.40 -16.93
CA TRP B 58 21.35 20.47 -17.39
C TRP B 58 22.75 19.97 -17.69
N HIS B 59 23.36 19.26 -16.74
CA HIS B 59 24.71 18.76 -16.95
C HIS B 59 24.76 17.80 -18.14
N LEU B 60 23.70 17.00 -18.32
CA LEU B 60 23.63 16.05 -19.42
C LEU B 60 23.39 16.72 -20.77
N LEU B 61 23.18 18.03 -20.78
CA LEU B 61 23.23 18.82 -22.01
C LEU B 61 24.42 19.74 -22.04
N HIS B 62 24.77 20.31 -20.89
CA HIS B 62 25.92 21.22 -20.82
C HIS B 62 27.20 20.50 -21.22
N TYR B 63 27.60 19.50 -20.45
CA TYR B 63 28.89 18.87 -20.69
C TYR B 63 28.96 18.12 -22.01
N PRO B 64 27.99 17.28 -22.38
CA PRO B 64 28.12 16.55 -23.65
C PRO B 64 28.30 17.46 -24.85
N THR B 65 27.75 18.68 -24.82
CA THR B 65 27.94 19.60 -25.93
C THR B 65 29.42 19.91 -26.13
N ARG B 66 30.12 20.29 -25.06
CA ARG B 66 31.51 20.66 -25.18
C ARG B 66 32.40 19.45 -25.46
N ALA B 67 31.97 18.25 -25.06
CA ALA B 67 32.69 17.05 -25.46
C ALA B 67 32.63 16.88 -26.97
N LEU B 68 31.45 17.09 -27.56
CA LEU B 68 31.35 17.19 -29.01
C LEU B 68 32.12 18.38 -29.54
N GLY B 69 32.29 19.41 -28.70
CA GLY B 69 33.05 20.58 -29.08
C GLY B 69 34.53 20.32 -29.32
N GLY B 70 35.00 19.12 -29.02
CA GLY B 70 36.32 18.69 -29.44
C GLY B 70 37.40 18.73 -28.39
N VAL B 71 37.09 19.10 -27.15
CA VAL B 71 38.11 19.06 -26.11
C VAL B 71 38.51 17.62 -25.86
N GLY B 72 39.81 17.37 -25.75
CA GLY B 72 40.27 16.02 -25.45
C GLY B 72 39.88 15.57 -24.07
N LEU B 73 39.68 16.51 -23.16
CA LEU B 73 39.38 16.21 -21.76
C LEU B 73 38.41 17.24 -21.23
N ILE B 74 37.46 16.76 -20.43
CA ILE B 74 36.50 17.61 -19.75
C ILE B 74 36.71 17.45 -18.25
N LEU B 75 37.06 18.54 -17.58
CA LEU B 75 37.12 18.56 -16.12
C LEU B 75 35.80 19.09 -15.59
N VAL B 76 35.02 18.20 -14.96
CA VAL B 76 33.70 18.61 -14.48
C VAL B 76 33.84 19.56 -13.30
N GLU B 77 32.78 20.33 -13.06
CA GLU B 77 32.82 21.42 -12.11
C GLU B 77 33.26 20.92 -10.73
N ALA B 78 33.55 21.87 -9.85
CA ALA B 78 33.87 21.55 -8.47
C ALA B 78 32.74 20.69 -7.89
N THR B 79 33.08 19.45 -7.53
CA THR B 79 32.13 18.51 -6.95
C THR B 79 32.50 18.33 -5.49
N ALA B 80 31.56 18.62 -4.61
CA ALA B 80 31.85 18.64 -3.18
C ALA B 80 31.96 17.23 -2.64
N VAL B 81 32.98 17.01 -1.79
CA VAL B 81 33.14 15.73 -1.11
C VAL B 81 32.35 15.66 0.18
N GLU B 82 31.68 16.76 0.57
CA GLU B 82 30.92 16.82 1.80
C GLU B 82 29.83 17.86 1.61
N PRO B 83 28.63 17.64 2.17
CA PRO B 83 27.57 18.66 2.00
C PRO B 83 28.00 20.04 2.44
N LEU B 84 28.79 20.15 3.51
CA LEU B 84 29.30 21.43 3.96
C LEU B 84 30.60 21.82 3.25
N GLY B 85 31.07 21.00 2.32
CA GLY B 85 32.14 21.37 1.42
C GLY B 85 31.66 21.96 0.12
N ARG B 86 30.36 22.20 -0.01
CA ARG B 86 29.80 22.75 -1.23
C ARG B 86 29.94 24.26 -1.28
N ILE B 87 30.09 24.78 -2.50
CA ILE B 87 30.00 26.22 -2.70
C ILE B 87 28.56 26.69 -2.53
N SER B 88 27.64 26.07 -3.28
CA SER B 88 26.24 26.39 -3.27
C SER B 88 25.43 25.15 -2.95
N PRO B 89 24.19 25.30 -2.48
CA PRO B 89 23.36 24.12 -2.20
C PRO B 89 23.11 23.26 -3.42
N TYR B 90 23.30 23.81 -4.62
CA TYR B 90 23.02 23.11 -5.88
C TYR B 90 24.30 22.72 -6.61
N ASP B 91 25.39 22.54 -5.87
CA ASP B 91 26.60 21.95 -6.43
C ASP B 91 26.43 20.45 -6.58
N LEU B 92 27.24 19.86 -7.45
CA LEU B 92 27.34 18.41 -7.50
C LEU B 92 28.02 17.89 -6.24
N GLY B 93 27.71 16.64 -5.91
CA GLY B 93 28.24 16.02 -4.71
C GLY B 93 28.77 14.64 -5.04
N ILE B 94 29.72 14.20 -4.22
CA ILE B 94 30.32 12.87 -4.37
C ILE B 94 30.46 12.23 -2.99
N TRP B 95 29.64 12.66 -2.04
CA TRP B 95 29.77 12.19 -0.66
C TRP B 95 28.97 10.92 -0.38
N SER B 96 27.95 10.62 -1.18
CA SER B 96 27.15 9.42 -1.00
C SER B 96 27.25 8.53 -2.22
N GLU B 97 27.12 7.22 -2.00
CA GLU B 97 27.17 6.27 -3.10
C GLU B 97 25.93 6.33 -3.99
N ASP B 98 24.89 7.07 -3.59
CA ASP B 98 23.75 7.32 -4.46
C ASP B 98 24.01 8.44 -5.46
N HIS B 99 25.19 9.07 -5.40
CA HIS B 99 25.61 9.98 -6.45
C HIS B 99 26.09 9.23 -7.68
N LEU B 100 26.55 7.98 -7.52
CA LEU B 100 27.15 7.24 -8.62
C LEU B 100 26.25 7.13 -9.84
N PRO B 101 24.99 6.70 -9.73
CA PRO B 101 24.15 6.60 -10.94
C PRO B 101 24.19 7.85 -11.80
N GLY B 102 23.87 9.00 -11.21
CA GLY B 102 23.89 10.23 -11.98
C GLY B 102 25.27 10.57 -12.49
N LEU B 103 26.30 10.34 -11.67
CA LEU B 103 27.66 10.65 -12.09
C LEU B 103 28.11 9.70 -13.21
N LYS B 104 27.75 8.43 -13.11
CA LYS B 104 28.13 7.48 -14.16
C LYS B 104 27.53 7.88 -15.50
N GLU B 105 26.26 8.27 -15.52
CA GLU B 105 25.62 8.62 -16.78
C GLU B 105 26.24 9.87 -17.39
N LEU B 106 26.63 10.83 -16.55
CA LEU B 106 27.31 12.00 -17.08
C LEU B 106 28.64 11.62 -17.70
N ALA B 107 29.49 10.92 -16.93
CA ALA B 107 30.79 10.53 -17.46
C ALA B 107 30.64 9.65 -18.69
N ARG B 108 29.64 8.77 -18.70
CA ARG B 108 29.39 7.97 -19.89
C ARG B 108 29.14 8.87 -21.10
N ARG B 109 28.15 9.75 -21.01
CA ARG B 109 27.77 10.58 -22.15
C ARG B 109 28.84 11.60 -22.49
N ILE B 110 29.76 11.91 -21.56
CA ILE B 110 30.88 12.78 -21.90
C ILE B 110 31.87 12.02 -22.77
N ARG B 111 32.23 10.81 -22.35
CA ARG B 111 33.19 10.01 -23.11
C ARG B 111 32.63 9.67 -24.49
N GLU B 112 31.32 9.40 -24.56
CA GLU B 112 30.70 9.07 -25.84
C GLU B 112 30.91 10.15 -26.88
N ALA B 113 30.80 11.42 -26.49
CA ALA B 113 30.95 12.51 -27.46
C ALA B 113 32.39 12.66 -27.93
N GLY B 114 33.34 12.08 -27.21
CA GLY B 114 34.71 12.07 -27.65
C GLY B 114 35.70 12.50 -26.58
N ALA B 115 35.24 13.28 -25.61
CA ALA B 115 36.14 13.85 -24.62
C ALA B 115 36.29 12.91 -23.43
N VAL B 116 37.49 12.87 -22.86
CA VAL B 116 37.71 12.09 -21.65
C VAL B 116 36.98 12.77 -20.49
N PRO B 117 36.27 12.03 -19.64
CA PRO B 117 35.60 12.66 -18.50
C PRO B 117 36.49 12.77 -17.27
N GLY B 118 36.59 13.99 -16.73
CA GLY B 118 37.30 14.20 -15.49
C GLY B 118 36.45 14.96 -14.50
N ILE B 119 36.86 14.92 -13.24
CA ILE B 119 36.08 15.50 -12.14
C ILE B 119 37.03 16.22 -11.20
N GLN B 120 36.54 17.32 -10.63
CA GLN B 120 37.26 18.09 -9.62
C GLN B 120 36.64 17.83 -8.25
N LEU B 121 37.43 17.28 -7.33
CA LEU B 121 37.00 17.11 -5.95
C LEU B 121 37.37 18.37 -5.18
N ALA B 122 36.41 18.91 -4.43
CA ALA B 122 36.63 20.21 -3.80
C ALA B 122 35.94 20.28 -2.44
N HIS B 123 36.40 21.23 -1.64
CA HIS B 123 35.78 21.59 -0.38
C HIS B 123 35.86 23.10 -0.22
N ALA B 124 34.70 23.75 -0.13
CA ALA B 124 34.64 25.21 -0.20
C ALA B 124 35.15 25.90 1.06
N GLY B 125 35.45 25.16 2.11
CA GLY B 125 36.02 25.77 3.31
C GLY B 125 35.20 26.92 3.82
N ARG B 126 35.89 27.98 4.24
CA ARG B 126 35.21 29.11 4.86
C ARG B 126 34.32 29.88 3.88
N LYS B 127 34.46 29.62 2.58
CA LYS B 127 33.60 30.24 1.58
C LYS B 127 32.38 29.38 1.29
N ALA B 128 32.19 28.29 2.01
CA ALA B 128 31.06 27.41 1.73
C ALA B 128 29.75 28.06 2.16
N GLY B 129 28.68 27.65 1.50
CA GLY B 129 27.36 28.07 1.91
C GLY B 129 26.95 29.43 1.41
N THR B 130 27.19 29.69 0.12
CA THR B 130 26.72 30.91 -0.54
C THR B 130 25.54 30.56 -1.43
N ALA B 131 24.70 31.56 -1.69
CA ALA B 131 23.62 31.37 -2.66
C ALA B 131 24.21 31.23 -4.05
N ARG B 132 23.35 31.05 -5.04
CA ARG B 132 23.82 30.98 -6.42
C ARG B 132 24.24 32.38 -6.89
N PRO B 133 25.19 32.47 -7.82
CA PRO B 133 25.66 33.81 -8.23
C PRO B 133 24.55 34.71 -8.72
N TRP B 134 23.55 34.15 -9.40
CA TRP B 134 22.40 34.91 -9.87
C TRP B 134 21.24 34.87 -8.89
N GLU B 135 21.45 34.33 -7.71
CA GLU B 135 20.46 34.37 -6.63
C GLU B 135 20.93 35.22 -5.46
N GLY B 136 21.99 36.00 -5.65
CA GLY B 136 22.50 36.85 -4.59
C GLY B 136 23.95 36.55 -4.26
N GLY B 137 24.30 35.27 -4.22
CA GLY B 137 25.67 34.92 -3.90
C GLY B 137 26.08 35.29 -2.49
N LYS B 138 25.11 35.43 -1.59
CA LYS B 138 25.42 35.89 -0.24
C LYS B 138 25.36 34.71 0.73
N PRO B 139 26.17 34.76 1.79
CA PRO B 139 26.27 33.60 2.68
C PRO B 139 24.94 33.10 3.23
N LEU B 140 24.91 31.81 3.60
CA LEU B 140 23.75 31.18 4.16
C LEU B 140 23.93 30.80 5.62
N GLY B 141 25.12 31.00 6.17
CA GLY B 141 25.36 30.77 7.59
C GLY B 141 25.58 29.33 7.97
N TRP B 142 26.31 28.57 7.17
CA TRP B 142 26.65 27.22 7.54
C TRP B 142 27.78 27.21 8.58
N ARG B 143 27.98 26.05 9.20
CA ARG B 143 29.10 25.86 10.12
C ARG B 143 30.35 25.46 9.32
N VAL B 144 30.78 26.40 8.47
CA VAL B 144 31.90 26.12 7.59
C VAL B 144 33.18 25.90 8.41
N VAL B 145 34.15 25.26 7.77
CA VAL B 145 35.42 24.92 8.40
C VAL B 145 36.53 25.69 7.70
N GLY B 146 37.72 25.64 8.28
CA GLY B 146 38.87 26.31 7.73
C GLY B 146 40.09 26.18 8.62
N PRO B 147 41.21 26.74 8.17
CA PRO B 147 42.43 26.69 9.00
C PRO B 147 42.27 27.49 10.28
N SER B 148 41.96 28.78 10.15
CA SER B 148 41.85 29.69 11.28
C SER B 148 40.46 30.32 11.30
N PRO B 149 40.04 30.85 12.45
CA PRO B 149 38.67 31.41 12.53
C PRO B 149 38.59 32.84 12.02
N ILE B 150 38.73 32.99 10.71
CA ILE B 150 38.69 34.28 10.03
C ILE B 150 37.60 34.21 8.97
N PRO B 151 36.59 35.09 8.99
CA PRO B 151 35.61 35.08 7.90
C PRO B 151 36.28 35.49 6.60
N PHE B 152 35.83 34.90 5.49
CA PHE B 152 36.37 35.28 4.19
C PHE B 152 36.21 36.77 3.91
N ASP B 153 35.03 37.31 4.18
CA ASP B 153 34.69 38.72 4.06
C ASP B 153 33.45 38.90 4.90
N GLU B 154 33.00 40.14 5.10
CA GLU B 154 32.10 40.23 6.23
C GLU B 154 30.70 39.90 5.72
N GLY B 155 29.93 39.16 6.53
CA GLY B 155 28.70 38.50 6.11
C GLY B 155 28.84 36.99 6.01
N TYR B 156 30.08 36.50 5.90
CA TYR B 156 30.40 35.08 5.83
C TYR B 156 30.54 34.52 7.24
N PRO B 157 30.09 33.29 7.47
CA PRO B 157 30.25 32.69 8.81
C PRO B 157 31.72 32.48 9.12
N VAL B 158 32.06 32.63 10.40
CA VAL B 158 33.45 32.51 10.82
C VAL B 158 33.81 31.03 10.83
N PRO B 159 34.83 30.61 10.07
CA PRO B 159 35.11 29.17 9.96
C PRO B 159 35.59 28.62 11.29
N GLU B 160 35.28 27.34 11.53
CA GLU B 160 35.71 26.68 12.75
C GLU B 160 37.07 26.02 12.52
N PRO B 161 38.09 26.38 13.29
CA PRO B 161 39.41 25.76 13.07
C PRO B 161 39.31 24.24 13.16
N LEU B 162 39.92 23.56 12.20
CA LEU B 162 39.85 22.11 12.14
C LEU B 162 40.88 21.48 13.06
N ASP B 163 40.50 20.36 13.65
CA ASP B 163 41.38 19.53 14.46
C ASP B 163 42.06 18.50 13.57
N GLU B 164 43.15 17.93 14.07
CA GLU B 164 43.81 16.88 13.30
C GLU B 164 42.81 15.80 12.91
N ALA B 165 41.92 15.44 13.86
CA ALA B 165 40.80 14.56 13.55
C ALA B 165 39.83 15.23 12.58
N GLY B 166 39.62 16.54 12.75
CA GLY B 166 38.75 17.26 11.83
C GLY B 166 39.29 17.23 10.40
N MET B 167 40.59 17.45 10.25
CA MET B 167 41.18 17.38 8.93
C MET B 167 41.17 15.95 8.40
N GLU B 168 41.37 14.97 9.28
CA GLU B 168 41.39 13.58 8.87
C GLU B 168 40.03 13.14 8.33
N ARG B 169 38.94 13.64 8.92
CA ARG B 169 37.62 13.28 8.40
C ARG B 169 37.45 13.79 6.98
N ILE B 170 37.89 15.03 6.72
CA ILE B 170 37.84 15.57 5.37
C ILE B 170 38.79 14.79 4.47
N LEU B 171 40.00 14.53 4.95
CA LEU B 171 40.98 13.81 4.15
C LEU B 171 40.42 12.49 3.62
N GLN B 172 39.72 11.75 4.48
CA GLN B 172 39.10 10.51 4.03
C GLN B 172 37.87 10.78 3.17
N ALA B 173 37.24 11.95 3.31
CA ALA B 173 36.17 12.32 2.40
C ALA B 173 36.71 12.58 1.00
N PHE B 174 37.90 13.18 0.92
CA PHE B 174 38.53 13.37 -0.38
C PHE B 174 39.00 12.03 -0.94
N VAL B 175 39.40 11.10 -0.07
CA VAL B 175 39.88 9.80 -0.53
C VAL B 175 38.75 9.00 -1.15
N GLU B 176 37.65 8.80 -0.41
CA GLU B 176 36.51 8.10 -0.98
C GLU B 176 35.89 8.88 -2.13
N GLY B 177 35.94 10.21 -2.10
CA GLY B 177 35.43 10.99 -3.21
C GLY B 177 36.15 10.66 -4.50
N ALA B 178 37.47 10.46 -4.43
CA ALA B 178 38.21 10.05 -5.61
C ALA B 178 37.83 8.62 -6.01
N ARG B 179 37.86 7.70 -5.04
CA ARG B 179 37.48 6.32 -5.32
C ARG B 179 36.10 6.23 -5.95
N ARG B 180 35.16 7.07 -5.50
CA ARG B 180 33.83 7.07 -6.10
C ARG B 180 33.88 7.62 -7.52
N ALA B 181 34.73 8.62 -7.75
CA ALA B 181 34.87 9.17 -9.11
C ALA B 181 35.46 8.13 -10.05
N LEU B 182 36.42 7.34 -9.57
CA LEU B 182 36.94 6.25 -10.37
C LEU B 182 35.83 5.26 -10.69
N ARG B 183 35.06 4.87 -9.67
CA ARG B 183 33.94 3.94 -9.88
C ARG B 183 32.98 4.44 -10.94
N ALA B 184 32.85 5.77 -11.08
CA ALA B 184 31.91 6.35 -12.03
C ALA B 184 32.46 6.48 -13.44
N GLY B 185 33.75 6.19 -13.64
CA GLY B 185 34.36 6.26 -14.95
C GLY B 185 35.23 7.48 -15.19
N PHE B 186 35.20 8.46 -14.30
CA PHE B 186 36.09 9.60 -14.42
C PHE B 186 37.53 9.13 -14.37
N GLN B 187 38.29 9.42 -15.42
CA GLN B 187 39.64 8.92 -15.57
C GLN B 187 40.70 9.95 -15.20
N VAL B 188 40.30 11.16 -14.83
CA VAL B 188 41.23 12.19 -14.37
C VAL B 188 40.58 12.89 -13.19
N ILE B 189 41.31 13.01 -12.08
CA ILE B 189 40.80 13.67 -10.89
C ILE B 189 41.73 14.81 -10.51
N GLU B 190 41.15 15.99 -10.31
CA GLU B 190 41.83 17.20 -9.88
C GLU B 190 41.38 17.54 -8.47
N LEU B 191 42.35 17.83 -7.60
CA LEU B 191 42.07 18.25 -6.24
C LEU B 191 42.02 19.77 -6.22
N HIS B 192 40.87 20.33 -5.85
CA HIS B 192 40.68 21.77 -5.88
C HIS B 192 41.35 22.36 -4.65
N MET B 193 42.54 22.92 -4.84
CA MET B 193 43.31 23.56 -3.78
C MET B 193 43.62 25.00 -4.16
N ALA B 194 42.64 25.70 -4.71
CA ALA B 194 42.82 27.06 -5.18
C ALA B 194 41.60 27.88 -4.80
N HIS B 195 41.66 29.18 -5.11
CA HIS B 195 40.52 30.07 -5.02
C HIS B 195 40.01 30.22 -3.59
N GLY B 196 40.91 30.09 -2.61
CA GLY B 196 40.57 30.38 -1.23
C GLY B 196 39.65 29.39 -0.55
N TYR B 197 39.39 28.25 -1.17
CA TYR B 197 38.59 27.21 -0.56
C TYR B 197 39.43 26.41 0.43
N LEU B 198 38.82 25.37 1.01
CA LEU B 198 39.38 24.73 2.20
C LEU B 198 40.89 24.53 2.12
N LEU B 199 41.35 23.76 1.14
CA LEU B 199 42.78 23.45 1.07
C LEU B 199 43.59 24.63 0.56
N SER B 200 43.01 25.46 -0.32
CA SER B 200 43.66 26.71 -0.67
C SER B 200 43.76 27.64 0.54
N SER B 201 42.70 27.70 1.35
CA SER B 201 42.72 28.55 2.54
C SER B 201 43.82 28.11 3.49
N PHE B 202 44.07 26.80 3.58
CA PHE B 202 45.18 26.32 4.39
C PHE B 202 46.51 26.76 3.82
N LEU B 203 46.58 26.94 2.50
CA LEU B 203 47.84 27.29 1.86
C LEU B 203 48.18 28.77 2.06
N SER B 204 47.19 29.64 1.92
CA SER B 204 47.47 31.07 1.97
C SER B 204 47.67 31.51 3.41
N PRO B 205 48.72 32.28 3.71
CA PRO B 205 48.90 32.78 5.07
C PRO B 205 47.93 33.90 5.41
N LEU B 206 47.25 34.45 4.41
CA LEU B 206 46.23 35.47 4.62
C LEU B 206 44.96 34.88 5.23
N SER B 207 44.78 33.57 5.19
CA SER B 207 43.62 32.93 5.79
C SER B 207 44.01 31.85 6.78
N ASN B 208 45.29 31.54 6.90
CA ASN B 208 45.83 30.54 7.81
C ASN B 208 46.91 31.22 8.65
N GLN B 209 46.52 31.74 9.81
CA GLN B 209 47.47 32.26 10.78
C GLN B 209 47.41 31.38 12.02
N ARG B 210 47.40 30.06 11.81
CA ARG B 210 47.33 29.14 12.92
C ARG B 210 48.65 29.13 13.70
N THR B 211 48.53 28.88 15.00
CA THR B 211 49.68 28.85 15.90
C THR B 211 50.21 27.44 16.13
N ASP B 212 49.50 26.41 15.66
CA ASP B 212 49.87 25.03 15.92
C ASP B 212 50.73 24.50 14.78
N ALA B 213 50.85 23.19 14.66
CA ALA B 213 51.70 22.56 13.65
C ALA B 213 51.12 22.64 12.26
N TYR B 214 50.05 23.40 12.03
CA TYR B 214 49.47 23.52 10.70
C TYR B 214 49.39 24.96 10.22
N GLY B 215 50.24 25.83 10.74
CA GLY B 215 50.24 27.21 10.33
C GLY B 215 51.59 27.83 10.57
N GLY B 216 51.74 29.05 10.07
CA GLY B 216 52.97 29.78 10.24
C GLY B 216 54.00 29.46 9.18
N SER B 217 54.78 28.42 9.42
CA SER B 217 55.81 28.02 8.45
C SER B 217 55.13 27.56 7.16
N LEU B 218 55.90 27.57 6.08
CA LEU B 218 55.40 27.11 4.79
C LEU B 218 54.97 25.66 4.86
N GLU B 219 55.79 24.81 5.47
CA GLU B 219 55.49 23.39 5.53
C GLU B 219 54.23 23.10 6.31
N ASN B 220 54.01 23.81 7.42
CA ASN B 220 52.82 23.55 8.23
C ASN B 220 51.55 23.85 7.46
N ARG B 221 51.54 24.93 6.69
CA ARG B 221 50.39 25.25 5.86
C ARG B 221 50.26 24.31 4.67
N MET B 222 51.37 23.69 4.25
CA MET B 222 51.32 22.73 3.17
C MET B 222 51.03 21.31 3.65
N ARG B 223 51.08 21.05 4.95
CA ARG B 223 50.97 19.68 5.43
C ARG B 223 49.62 19.08 5.04
N PHE B 224 48.54 19.59 5.61
CA PHE B 224 47.22 19.05 5.34
C PHE B 224 46.94 18.98 3.84
N PRO B 225 47.24 19.99 3.04
CA PRO B 225 47.03 19.85 1.59
C PRO B 225 47.80 18.70 0.97
N LEU B 226 49.08 18.54 1.32
CA LEU B 226 49.85 17.43 0.78
C LEU B 226 49.36 16.09 1.33
N GLN B 227 48.85 16.09 2.57
CA GLN B 227 48.28 14.87 3.13
C GLN B 227 47.08 14.42 2.31
N VAL B 228 46.22 15.36 1.91
CA VAL B 228 45.08 15.02 1.06
C VAL B 228 45.57 14.57 -0.32
N ALA B 229 46.54 15.28 -0.89
CA ALA B 229 47.07 14.90 -2.19
C ALA B 229 47.67 13.51 -2.14
N GLN B 230 48.48 13.23 -1.10
CA GLN B 230 49.08 11.91 -0.96
C GLN B 230 48.01 10.84 -0.79
N ALA B 231 47.02 11.09 0.05
CA ALA B 231 45.99 10.08 0.31
C ALA B 231 45.20 9.74 -0.94
N VAL B 232 44.83 10.76 -1.71
CA VAL B 232 44.11 10.52 -2.95
C VAL B 232 45.02 9.78 -3.91
N ARG B 233 46.28 10.13 -3.95
CA ARG B 233 47.14 9.54 -4.96
C ARG B 233 47.18 8.05 -4.85
N GLU B 234 46.96 7.55 -3.67
CA GLU B 234 47.04 6.14 -3.45
C GLU B 234 45.86 5.40 -3.99
N VAL B 235 44.71 6.02 -3.94
CA VAL B 235 43.50 5.38 -4.41
C VAL B 235 43.38 5.46 -5.90
N VAL B 236 44.15 6.33 -6.51
CA VAL B 236 44.13 6.50 -7.95
C VAL B 236 45.28 5.76 -8.57
N PRO B 237 44.99 4.77 -9.42
CA PRO B 237 46.11 3.98 -9.98
C PRO B 237 47.03 4.85 -10.82
N ARG B 238 48.27 4.40 -10.96
CA ARG B 238 49.27 5.18 -11.69
C ARG B 238 48.75 5.55 -13.07
N GLU B 239 47.99 4.66 -13.70
CA GLU B 239 47.59 4.89 -15.09
C GLU B 239 46.76 6.16 -15.20
N LEU B 240 45.95 6.45 -14.20
CA LEU B 240 45.05 7.61 -14.17
C LEU B 240 45.78 8.82 -13.60
N PRO B 241 45.83 9.94 -14.31
CA PRO B 241 46.56 11.11 -13.79
C PRO B 241 45.81 11.77 -12.66
N LEU B 242 46.54 12.19 -11.65
CA LEU B 242 46.01 12.97 -10.53
C LEU B 242 46.40 14.42 -10.76
N PHE B 243 45.41 15.27 -10.99
CA PHE B 243 45.65 16.69 -11.17
C PHE B 243 45.51 17.43 -9.84
N VAL B 244 46.06 18.64 -9.80
CA VAL B 244 45.94 19.52 -8.64
C VAL B 244 45.77 20.94 -9.16
N ARG B 245 44.67 21.58 -8.76
CA ARG B 245 44.44 22.98 -9.11
C ARG B 245 44.95 23.86 -7.98
N VAL B 246 45.74 24.88 -8.32
CA VAL B 246 46.35 25.73 -7.34
C VAL B 246 46.17 27.19 -7.71
N SER B 247 45.93 28.03 -6.70
CA SER B 247 46.04 29.48 -6.86
C SER B 247 47.54 29.78 -6.80
N ALA B 248 48.16 29.99 -7.96
CA ALA B 248 49.60 30.18 -7.97
C ALA B 248 50.03 31.37 -7.12
N THR B 249 49.10 32.29 -6.85
CA THR B 249 49.35 33.42 -5.98
C THR B 249 48.01 33.89 -5.41
N ASP B 250 48.02 34.32 -4.16
CA ASP B 250 46.83 34.94 -3.57
C ASP B 250 46.68 36.39 -4.01
N TRP B 251 47.77 37.00 -4.50
CA TRP B 251 47.87 38.38 -4.96
C TRP B 251 47.96 39.38 -3.81
N GLY B 252 47.82 38.96 -2.56
CA GLY B 252 47.90 39.88 -1.44
C GLY B 252 49.30 39.95 -0.89
N GLU B 253 49.67 41.14 -0.43
CA GLU B 253 51.04 41.35 0.02
C GLU B 253 51.32 40.46 1.23
N GLY B 254 52.56 39.99 1.33
CA GLY B 254 52.90 39.03 2.36
C GLY B 254 52.10 37.75 2.28
N GLY B 255 51.75 37.30 1.09
CA GLY B 255 50.94 36.11 0.93
C GLY B 255 51.56 35.01 0.10
N TRP B 256 50.73 34.06 -0.33
CA TRP B 256 51.20 32.98 -1.19
C TRP B 256 51.82 33.55 -2.46
N SER B 257 53.12 33.30 -2.64
CA SER B 257 53.87 33.81 -3.78
C SER B 257 54.01 32.73 -4.85
N LEU B 258 54.50 33.14 -6.01
CA LEU B 258 54.86 32.17 -7.04
C LEU B 258 55.90 31.19 -6.52
N GLU B 259 56.89 31.70 -5.78
CA GLU B 259 57.96 30.83 -5.29
C GLU B 259 57.46 29.89 -4.22
N ASP B 260 56.45 30.29 -3.44
CA ASP B 260 55.78 29.35 -2.56
C ASP B 260 55.14 28.23 -3.37
N THR B 261 54.58 28.58 -4.54
CA THR B 261 53.99 27.58 -5.41
C THR B 261 55.04 26.61 -5.92
N LEU B 262 56.25 27.12 -6.21
CA LEU B 262 57.28 26.26 -6.75
C LEU B 262 57.74 25.24 -5.72
N ALA B 263 57.72 25.61 -4.44
CA ALA B 263 57.98 24.63 -3.38
C ALA B 263 56.82 23.65 -3.25
N PHE B 264 55.59 24.16 -3.22
CA PHE B 264 54.42 23.28 -3.12
C PHE B 264 54.35 22.33 -4.30
N ALA B 265 54.70 22.77 -5.50
CA ALA B 265 54.59 21.91 -6.67
C ALA B 265 55.65 20.86 -6.66
N ARG B 266 56.78 21.15 -6.04
N ARG B 266 56.77 21.15 -6.03
CA ARG B 266 57.85 20.18 -5.93
CA ARG B 266 57.84 20.18 -5.95
C ARG B 266 57.42 19.08 -5.02
C ARG B 266 57.43 19.08 -5.01
N ARG B 267 56.94 19.44 -3.83
CA ARG B 267 56.49 18.45 -2.87
C ARG B 267 55.41 17.60 -3.42
N LEU B 268 54.65 18.13 -4.35
CA LEU B 268 53.57 17.38 -4.95
C LEU B 268 54.09 16.47 -6.01
N LYS B 269 55.05 16.92 -6.78
CA LYS B 269 55.51 16.10 -7.87
C LYS B 269 56.24 14.93 -7.34
N GLU B 270 56.89 15.06 -6.20
CA GLU B 270 57.54 13.88 -5.67
C GLU B 270 56.52 12.93 -5.07
N LEU B 271 55.29 13.39 -4.83
CA LEU B 271 54.21 12.51 -4.38
C LEU B 271 53.53 11.77 -5.52
N GLY B 272 53.78 12.15 -6.77
CA GLY B 272 53.17 11.49 -7.90
C GLY B 272 52.10 12.27 -8.64
N VAL B 273 51.79 13.50 -8.24
CA VAL B 273 50.81 14.30 -8.98
C VAL B 273 51.29 14.45 -10.42
N ASP B 274 50.39 14.16 -11.37
CA ASP B 274 50.79 14.11 -12.78
C ASP B 274 50.78 15.47 -13.46
N LEU B 275 50.06 16.44 -12.91
CA LEU B 275 49.98 17.76 -13.54
C LEU B 275 49.45 18.77 -12.54
N LEU B 276 49.94 19.99 -12.66
CA LEU B 276 49.48 21.10 -11.83
C LEU B 276 48.71 22.08 -12.71
N ASP B 277 47.55 22.48 -12.24
CA ASP B 277 46.72 23.48 -12.90
C ASP B 277 46.86 24.78 -12.11
N CYS B 278 47.46 25.79 -12.74
CA CYS B 278 47.84 27.02 -12.07
C CYS B 278 46.76 28.08 -12.31
N SER B 279 46.01 28.39 -11.26
CA SER B 279 45.10 29.51 -11.21
C SER B 279 45.67 30.55 -10.24
N SER B 280 44.83 31.50 -9.82
CA SER B 280 45.26 32.49 -8.85
C SER B 280 44.03 33.13 -8.21
N GLY B 281 44.27 33.87 -7.14
CA GLY B 281 43.23 34.61 -6.48
C GLY B 281 42.32 33.72 -5.65
N GLY B 282 41.30 34.36 -5.07
CA GLY B 282 40.24 33.68 -4.37
C GLY B 282 40.37 33.66 -2.86
N VAL B 283 41.59 33.75 -2.33
CA VAL B 283 41.74 33.70 -0.88
C VAL B 283 41.00 34.86 -0.23
N VAL B 284 41.13 36.06 -0.82
CA VAL B 284 40.41 37.25 -0.38
C VAL B 284 40.01 38.03 -1.63
N LEU B 285 39.02 38.90 -1.47
CA LEU B 285 38.50 39.68 -2.58
C LEU B 285 39.08 41.08 -2.70
N ARG B 286 39.79 41.51 -1.67
CA ARG B 286 40.37 42.82 -1.71
C ARG B 286 41.77 42.66 -2.17
N VAL B 287 41.92 42.34 -3.44
CA VAL B 287 43.24 42.16 -3.98
C VAL B 287 43.20 42.63 -5.41
N ARG B 288 44.33 43.15 -5.87
CA ARG B 288 44.42 43.62 -7.24
C ARG B 288 45.03 42.55 -8.09
N ILE B 289 44.33 42.14 -9.15
CA ILE B 289 44.82 41.09 -10.03
C ILE B 289 45.15 41.62 -11.42
N PRO B 290 46.37 41.34 -11.91
CA PRO B 290 46.81 41.83 -13.22
C PRO B 290 46.21 41.03 -14.35
N LEU B 291 44.96 41.31 -14.68
CA LEU B 291 44.29 40.50 -15.69
C LEU B 291 44.48 40.91 -17.13
N ALA B 292 44.90 39.96 -17.96
CA ALA B 292 45.11 40.17 -19.39
C ALA B 292 45.08 38.79 -20.03
N PRO B 293 44.95 38.68 -21.34
CA PRO B 293 44.96 37.32 -21.92
C PRO B 293 46.18 36.52 -21.44
N GLY B 294 45.92 35.33 -20.91
CA GLY B 294 46.99 34.47 -20.43
C GLY B 294 47.81 35.04 -19.30
N PHE B 295 47.17 35.75 -18.38
CA PHE B 295 47.89 36.36 -17.27
C PHE B 295 48.36 35.34 -16.25
N GLN B 296 47.72 34.17 -16.18
CA GLN B 296 48.16 33.12 -15.28
C GLN B 296 49.09 32.14 -15.97
N VAL B 297 49.26 32.26 -17.29
CA VAL B 297 50.22 31.43 -18.01
C VAL B 297 51.62 31.53 -17.39
N PRO B 298 52.10 32.72 -17.00
CA PRO B 298 53.44 32.78 -16.40
C PRO B 298 53.63 31.83 -15.22
N PHE B 299 52.55 31.53 -14.49
CA PHE B 299 52.64 30.58 -13.39
C PHE B 299 52.83 29.15 -13.90
N ALA B 300 52.07 28.77 -14.94
CA ALA B 300 52.29 27.46 -15.56
C ALA B 300 53.70 27.37 -16.13
N ASP B 301 54.15 28.43 -16.80
CA ASP B 301 55.49 28.44 -17.38
C ASP B 301 56.54 28.25 -16.31
N ALA B 302 56.42 28.98 -15.20
CA ALA B 302 57.42 28.89 -14.14
C ALA B 302 57.43 27.51 -13.51
N VAL B 303 56.25 26.94 -13.24
CA VAL B 303 56.19 25.64 -12.59
C VAL B 303 56.80 24.57 -13.49
N ARG B 304 56.43 24.60 -14.78
CA ARG B 304 56.86 23.56 -15.70
C ARG B 304 58.38 23.53 -15.84
N LYS B 305 59.02 24.70 -15.83
CA LYS B 305 60.44 24.80 -16.14
C LYS B 305 61.33 24.75 -14.91
N ARG B 306 60.86 25.25 -13.77
CA ARG B 306 61.71 25.31 -12.57
C ARG B 306 61.55 24.09 -11.68
N VAL B 307 60.49 23.31 -11.86
CA VAL B 307 60.24 22.13 -11.03
C VAL B 307 60.24 20.88 -11.91
N GLY B 308 59.82 21.02 -13.16
CA GLY B 308 59.77 19.90 -14.07
C GLY B 308 58.48 19.14 -14.07
N LEU B 309 57.43 19.66 -13.45
CA LEU B 309 56.14 18.99 -13.40
C LEU B 309 55.27 19.50 -14.54
N ARG B 310 54.60 18.57 -15.21
CA ARG B 310 53.67 18.96 -16.27
C ARG B 310 52.64 19.91 -15.69
N THR B 311 52.22 20.87 -16.50
CA THR B 311 51.33 21.91 -16.01
C THR B 311 50.25 22.21 -17.04
N GLY B 312 49.11 22.69 -16.55
CA GLY B 312 48.04 23.14 -17.41
C GLY B 312 47.82 24.61 -17.21
N ALA B 313 47.76 25.36 -18.31
CA ALA B 313 47.57 26.80 -18.28
C ALA B 313 46.09 27.13 -18.43
N VAL B 314 45.63 28.13 -17.68
CA VAL B 314 44.25 28.58 -17.75
C VAL B 314 44.24 30.08 -17.46
N GLY B 315 43.14 30.73 -17.87
CA GLY B 315 42.98 32.14 -17.62
C GLY B 315 42.90 32.96 -18.90
N LEU B 316 41.68 33.22 -19.34
CA LEU B 316 41.43 34.04 -20.53
C LEU B 316 42.33 33.62 -21.67
N ILE B 317 42.34 32.31 -21.92
CA ILE B 317 42.91 31.76 -23.14
C ILE B 317 41.70 31.66 -24.07
N THR B 318 41.64 32.54 -25.06
CA THR B 318 40.42 32.75 -25.82
C THR B 318 40.58 32.55 -27.31
N THR B 319 41.80 32.35 -27.80
CA THR B 319 42.04 32.25 -29.22
C THR B 319 42.74 30.94 -29.57
N PRO B 320 42.48 30.38 -30.75
CA PRO B 320 43.26 29.21 -31.18
C PRO B 320 44.74 29.52 -31.30
N GLU B 321 45.07 30.70 -31.83
CA GLU B 321 46.46 31.06 -32.12
C GLU B 321 47.30 31.19 -30.86
N GLN B 322 46.74 31.77 -29.79
CA GLN B 322 47.52 31.97 -28.57
C GLN B 322 47.77 30.66 -27.83
N ALA B 323 46.77 29.78 -27.77
CA ALA B 323 46.95 28.51 -27.09
C ALA B 323 48.11 27.72 -27.70
N GLU B 324 48.17 27.66 -29.03
CA GLU B 324 49.26 26.95 -29.69
C GLU B 324 50.59 27.60 -29.40
N THR B 325 50.58 28.92 -29.16
CA THR B 325 51.84 29.65 -28.96
C THR B 325 52.42 29.36 -27.58
N LEU B 326 51.59 29.33 -26.54
CA LEU B 326 52.10 29.07 -25.20
C LEU B 326 52.56 27.63 -25.04
N LEU B 327 51.95 26.70 -25.76
CA LEU B 327 52.45 25.34 -25.77
C LEU B 327 53.81 25.28 -26.46
N GLN B 328 53.95 25.98 -27.59
CA GLN B 328 55.23 26.02 -28.28
C GLN B 328 56.32 26.57 -27.38
N ALA B 329 56.02 27.63 -26.62
CA ALA B 329 56.99 28.21 -25.72
C ALA B 329 57.30 27.32 -24.52
N GLY B 330 56.64 26.17 -24.42
CA GLY B 330 56.85 25.31 -23.28
C GLY B 330 56.26 25.86 -22.00
N SER B 331 55.25 26.73 -22.12
CA SER B 331 54.60 27.30 -20.95
C SER B 331 53.63 26.32 -20.30
N ALA B 332 53.18 25.31 -21.04
CA ALA B 332 52.24 24.34 -20.48
C ALA B 332 52.22 23.11 -21.37
N ASP B 333 51.64 22.04 -20.83
CA ASP B 333 51.38 20.82 -21.58
C ASP B 333 49.93 20.70 -22.01
N LEU B 334 49.03 21.33 -21.26
CA LEU B 334 47.60 21.27 -21.51
C LEU B 334 47.03 22.68 -21.38
N VAL B 335 46.15 23.05 -22.30
CA VAL B 335 45.52 24.36 -22.32
C VAL B 335 44.08 24.20 -21.88
N LEU B 336 43.73 24.81 -20.74
CA LEU B 336 42.38 24.74 -20.21
C LEU B 336 41.61 25.99 -20.60
N LEU B 337 40.37 25.78 -21.05
CA LEU B 337 39.49 26.86 -21.49
C LEU B 337 38.28 26.92 -20.59
N GLY B 338 37.93 28.12 -20.14
CA GLY B 338 36.77 28.29 -19.30
C GLY B 338 35.63 28.97 -20.02
N ARG B 339 35.48 30.28 -19.80
CA ARG B 339 34.33 30.99 -20.31
C ARG B 339 34.23 30.92 -21.84
N VAL B 340 35.32 30.57 -22.53
CA VAL B 340 35.26 30.48 -23.98
C VAL B 340 34.30 29.36 -24.39
N LEU B 341 34.28 28.27 -23.63
CA LEU B 341 33.41 27.13 -23.92
C LEU B 341 32.00 27.34 -23.41
N LEU B 342 31.77 28.35 -22.57
CA LEU B 342 30.40 28.72 -22.22
C LEU B 342 29.72 29.43 -23.38
N ARG B 343 30.42 30.40 -23.99
CA ARG B 343 29.89 31.14 -25.12
C ARG B 343 30.15 30.44 -26.45
N ASP B 344 31.10 29.52 -26.50
CA ASP B 344 31.47 28.85 -27.74
C ASP B 344 31.80 27.40 -27.42
N PRO B 345 30.78 26.55 -27.29
CA PRO B 345 31.06 25.15 -26.93
C PRO B 345 31.88 24.42 -27.97
N TYR B 346 31.65 24.70 -29.24
CA TYR B 346 32.37 24.05 -30.33
C TYR B 346 33.60 24.82 -30.76
N PHE B 347 34.08 25.74 -29.92
CA PHE B 347 35.28 26.50 -30.26
C PHE B 347 36.44 25.62 -30.70
N PRO B 348 36.75 24.52 -30.03
CA PRO B 348 37.91 23.70 -30.45
C PRO B 348 37.80 23.18 -31.88
N LEU B 349 36.59 22.87 -32.35
CA LEU B 349 36.44 22.36 -33.71
C LEU B 349 36.86 23.41 -34.74
N ARG B 350 36.40 24.66 -34.55
CA ARG B 350 36.77 25.74 -35.45
C ARG B 350 38.19 26.23 -35.20
N ALA B 351 38.70 26.04 -33.98
CA ALA B 351 40.10 26.38 -33.71
C ALA B 351 41.03 25.52 -34.56
N ALA B 352 40.66 24.26 -34.77
CA ALA B 352 41.44 23.37 -35.61
C ALA B 352 41.42 23.84 -37.07
N LYS B 353 40.23 24.18 -37.59
CA LYS B 353 40.14 24.63 -38.98
C LYS B 353 40.87 25.95 -39.21
N ALA B 354 41.00 26.76 -38.17
CA ALA B 354 41.83 27.96 -38.27
C ALA B 354 43.32 27.68 -38.19
N LEU B 355 43.72 26.42 -38.03
CA LEU B 355 45.14 26.06 -37.95
C LEU B 355 45.56 25.02 -38.99
N GLY B 356 44.83 24.92 -40.10
CA GLY B 356 45.17 23.97 -41.14
C GLY B 356 45.00 22.52 -40.74
N VAL B 357 44.24 22.25 -39.70
CA VAL B 357 44.03 20.90 -39.18
C VAL B 357 42.62 20.44 -39.50
N ALA B 358 42.50 19.21 -39.99
CA ALA B 358 41.19 18.60 -40.17
C ALA B 358 40.59 18.35 -38.80
N PRO B 359 39.48 19.01 -38.50
CA PRO B 359 38.91 18.84 -37.18
C PRO B 359 38.21 17.53 -36.98
N GLU B 360 37.95 17.20 -35.73
CA GLU B 360 37.28 15.96 -35.37
C GLU B 360 35.80 16.22 -35.34
N VAL B 361 35.18 16.30 -36.50
CA VAL B 361 33.77 16.65 -36.54
C VAL B 361 32.87 15.45 -36.68
N PRO B 362 31.69 15.53 -36.07
CA PRO B 362 30.72 14.47 -36.28
C PRO B 362 30.28 14.35 -37.72
N PRO B 363 30.00 13.15 -38.20
CA PRO B 363 29.62 13.11 -39.62
C PRO B 363 28.42 13.98 -39.95
N GLN B 364 27.49 14.15 -39.01
CA GLN B 364 26.30 14.97 -39.27
C GLN B 364 26.66 16.43 -39.51
N TYR B 365 27.83 16.88 -39.06
CA TYR B 365 28.23 18.26 -39.20
C TYR B 365 29.31 18.45 -40.26
N GLN B 366 29.69 17.39 -40.98
CA GLN B 366 30.78 17.51 -41.93
C GLN B 366 30.47 18.55 -43.00
N ARG B 367 29.19 18.69 -43.36
CA ARG B 367 28.77 19.70 -44.32
C ARG B 367 28.75 21.09 -43.72
N GLY B 368 28.91 21.21 -42.41
CA GLY B 368 29.04 22.50 -41.77
C GLY B 368 30.46 22.98 -41.63
N PHE B 369 31.42 22.19 -42.07
CA PHE B 369 32.83 22.56 -42.00
C PHE B 369 33.45 22.49 -43.39
N MET C 21 -9.66 -27.25 24.87
CA MET C 21 -8.20 -27.15 24.91
C MET C 21 -7.56 -28.05 23.86
N ALA C 22 -6.90 -27.44 22.87
CA ALA C 22 -6.08 -28.17 21.90
C ALA C 22 -4.65 -27.65 22.01
N LEU C 23 -3.71 -28.55 22.30
CA LEU C 23 -2.31 -28.18 22.30
C LEU C 23 -1.76 -28.04 20.88
N LEU C 24 -2.41 -28.67 19.91
CA LEU C 24 -1.94 -28.57 18.53
C LEU C 24 -1.87 -27.13 18.09
N PHE C 25 -2.66 -26.27 18.72
CA PHE C 25 -2.73 -24.85 18.41
C PHE C 25 -2.33 -24.03 19.63
N THR C 26 -1.47 -24.61 20.47
CA THR C 26 -0.77 -23.91 21.52
C THR C 26 0.60 -23.49 21.02
N PRO C 27 1.07 -22.30 21.36
CA PRO C 27 2.35 -21.84 20.83
C PRO C 27 3.49 -22.80 21.14
N LEU C 28 4.41 -22.92 20.18
CA LEU C 28 5.61 -23.75 20.33
C LEU C 28 6.83 -22.83 20.33
N GLU C 29 7.65 -22.94 21.36
CA GLU C 29 8.84 -22.11 21.52
C GLU C 29 10.06 -22.92 21.08
N LEU C 30 10.69 -22.51 19.99
CA LEU C 30 11.86 -23.17 19.47
C LEU C 30 12.97 -22.15 19.27
N GLY C 31 14.13 -22.41 19.87
CA GLY C 31 15.22 -21.47 19.80
C GLY C 31 14.86 -20.15 20.45
N GLY C 32 14.60 -19.13 19.63
CA GLY C 32 14.21 -17.84 20.15
C GLY C 32 12.98 -17.24 19.51
N LEU C 33 12.14 -18.07 18.90
CA LEU C 33 10.93 -17.60 18.24
C LEU C 33 9.74 -18.38 18.76
N ARG C 34 8.55 -17.84 18.51
CA ARG C 34 7.30 -18.47 18.89
C ARG C 34 6.43 -18.65 17.65
N LEU C 35 5.93 -19.87 17.45
CA LEU C 35 5.06 -20.20 16.34
C LEU C 35 3.62 -20.22 16.79
N LYS C 36 2.72 -19.73 15.93
CA LYS C 36 1.33 -19.60 16.35
C LYS C 36 0.73 -20.93 16.77
N ASN C 37 1.27 -22.04 16.29
CA ASN C 37 0.78 -23.37 16.64
C ASN C 37 1.87 -24.39 16.34
N ARG C 38 1.51 -25.67 16.49
CA ARG C 38 2.43 -26.79 16.31
C ARG C 38 2.24 -27.46 14.96
N LEU C 39 1.71 -26.74 13.98
CA LEU C 39 1.52 -27.24 12.62
C LEU C 39 2.55 -26.59 11.71
N ALA C 40 3.20 -27.42 10.89
CA ALA C 40 4.20 -26.96 9.94
C ALA C 40 3.93 -27.58 8.58
N MET C 41 4.31 -26.87 7.53
CA MET C 41 4.21 -27.37 6.17
C MET C 41 5.50 -28.11 5.85
N SER C 42 5.38 -29.39 5.47
CA SER C 42 6.55 -30.14 5.07
C SER C 42 7.09 -29.64 3.73
N PRO C 43 8.40 -29.73 3.52
CA PRO C 43 8.96 -29.33 2.22
C PRO C 43 8.36 -30.17 1.10
N MET C 44 7.97 -29.51 0.02
CA MET C 44 7.31 -30.20 -1.10
C MET C 44 7.73 -29.54 -2.40
N CYS C 45 8.52 -30.26 -3.20
CA CYS C 45 9.01 -29.70 -4.45
C CYS C 45 7.86 -29.42 -5.40
N GLN C 46 7.86 -28.21 -5.97
CA GLN C 46 6.93 -27.83 -7.02
C GLN C 46 7.55 -27.93 -8.40
N TYR C 47 8.88 -28.11 -8.48
CA TYR C 47 9.58 -28.23 -9.75
C TYR C 47 9.19 -27.11 -10.70
N SER C 48 8.94 -25.92 -10.16
CA SER C 48 8.47 -24.80 -10.95
C SER C 48 9.44 -23.62 -10.93
N ALA C 49 10.68 -23.82 -10.49
CA ALA C 49 11.66 -22.76 -10.53
C ALA C 49 12.19 -22.58 -11.95
N THR C 50 13.00 -21.55 -12.15
CA THR C 50 13.64 -21.33 -13.43
C THR C 50 14.79 -22.31 -13.63
N LEU C 51 15.41 -22.27 -14.82
CA LEU C 51 16.57 -23.11 -15.06
C LEU C 51 17.75 -22.72 -14.18
N GLU C 52 17.78 -21.48 -13.68
CA GLU C 52 18.76 -21.05 -12.71
C GLU C 52 18.28 -21.16 -11.27
N GLY C 53 17.04 -21.60 -11.06
CA GLY C 53 16.55 -21.84 -9.72
C GLY C 53 15.90 -20.67 -9.03
N GLU C 54 15.41 -19.69 -9.79
CA GLU C 54 14.80 -18.52 -9.18
C GLU C 54 13.35 -18.77 -8.79
N VAL C 55 12.94 -18.10 -7.71
CA VAL C 55 11.54 -18.14 -7.32
C VAL C 55 10.69 -17.56 -8.44
N THR C 56 9.56 -18.20 -8.73
CA THR C 56 8.66 -17.76 -9.78
C THR C 56 7.34 -17.31 -9.18
N ASP C 57 6.39 -16.95 -10.04
CA ASP C 57 5.07 -16.55 -9.55
C ASP C 57 4.36 -17.71 -8.86
N TRP C 58 4.63 -18.94 -9.29
CA TRP C 58 3.99 -20.10 -8.67
C TRP C 58 4.29 -20.14 -7.17
N HIS C 59 5.57 -20.07 -6.81
CA HIS C 59 5.92 -20.13 -5.40
C HIS C 59 5.26 -18.99 -4.64
N LEU C 60 5.19 -17.81 -5.27
CA LEU C 60 4.60 -16.63 -4.68
C LEU C 60 3.09 -16.69 -4.58
N LEU C 61 2.47 -17.74 -5.11
CA LEU C 61 1.08 -18.05 -4.82
C LEU C 61 0.92 -19.32 -4.00
N HIS C 62 1.74 -20.32 -4.26
CA HIS C 62 1.66 -21.61 -3.57
C HIS C 62 1.86 -21.40 -2.07
N TYR C 63 3.06 -20.97 -1.67
CA TYR C 63 3.34 -20.85 -0.24
C TYR C 63 2.49 -19.78 0.41
N PRO C 64 2.37 -18.57 -0.15
CA PRO C 64 1.51 -17.56 0.51
C PRO C 64 0.10 -18.05 0.75
N THR C 65 -0.42 -18.92 -0.12
CA THR C 65 -1.75 -19.49 0.09
C THR C 65 -1.81 -20.29 1.39
N ARG C 66 -0.85 -21.21 1.57
CA ARG C 66 -0.86 -22.07 2.74
C ARG C 66 -0.48 -21.31 4.01
N ALA C 67 0.26 -20.22 3.87
CA ALA C 67 0.54 -19.37 5.03
C ALA C 67 -0.75 -18.74 5.55
N LEU C 68 -1.61 -18.27 4.64
CA LEU C 68 -2.93 -17.85 5.05
C LEU C 68 -3.74 -19.02 5.59
N GLY C 69 -3.41 -20.23 5.17
CA GLY C 69 -4.09 -21.42 5.65
C GLY C 69 -3.89 -21.72 7.11
N GLY C 70 -2.99 -21.00 7.79
CA GLY C 70 -2.88 -21.03 9.22
C GLY C 70 -1.75 -21.85 9.80
N VAL C 71 -0.91 -22.46 8.98
CA VAL C 71 0.22 -23.21 9.53
C VAL C 71 1.14 -22.24 10.27
N GLY C 72 1.61 -22.66 11.44
CA GLY C 72 2.55 -21.83 12.17
C GLY C 72 3.87 -21.68 11.45
N LEU C 73 4.24 -22.67 10.64
CA LEU C 73 5.53 -22.64 9.98
C LEU C 73 5.38 -23.24 8.60
N ILE C 74 6.07 -22.63 7.62
CA ILE C 74 6.11 -23.13 6.25
C ILE C 74 7.55 -23.49 5.93
N LEU C 75 7.81 -24.77 5.68
CA LEU C 75 9.10 -25.23 5.21
C LEU C 75 9.04 -25.36 3.68
N VAL C 76 9.70 -24.43 2.98
CA VAL C 76 9.64 -24.44 1.53
C VAL C 76 10.42 -25.63 0.98
N GLU C 77 10.15 -25.94 -0.28
CA GLU C 77 10.70 -27.14 -0.89
C GLU C 77 12.22 -27.16 -0.80
N ALA C 78 12.79 -28.34 -1.04
CA ALA C 78 14.24 -28.48 -1.11
C ALA C 78 14.82 -27.54 -2.17
N THR C 79 15.70 -26.65 -1.73
CA THR C 79 16.41 -25.72 -2.61
C THR C 79 17.86 -26.16 -2.64
N ALA C 80 18.38 -26.45 -3.84
CA ALA C 80 19.71 -27.03 -3.95
C ALA C 80 20.78 -26.00 -3.66
N VAL C 81 21.79 -26.42 -2.89
CA VAL C 81 22.94 -25.57 -2.59
C VAL C 81 24.01 -25.62 -3.67
N GLU C 82 23.80 -26.39 -4.73
CA GLU C 82 24.74 -26.58 -5.82
C GLU C 82 23.85 -26.84 -7.03
N PRO C 83 24.16 -26.31 -8.21
CA PRO C 83 23.28 -26.56 -9.36
C PRO C 83 23.06 -28.03 -9.66
N LEU C 84 24.10 -28.86 -9.56
CA LEU C 84 23.98 -30.29 -9.77
C LEU C 84 23.57 -31.06 -8.52
N GLY C 85 23.33 -30.35 -7.43
CA GLY C 85 22.71 -30.93 -6.26
C GLY C 85 21.20 -30.83 -6.31
N ARG C 86 20.65 -30.40 -7.44
CA ARG C 86 19.22 -30.27 -7.62
C ARG C 86 18.58 -31.60 -7.95
N ILE C 87 17.32 -31.76 -7.53
CA ILE C 87 16.54 -32.91 -7.97
C ILE C 87 16.17 -32.76 -9.44
N SER C 88 15.58 -31.62 -9.79
CA SER C 88 15.14 -31.32 -11.15
C SER C 88 15.79 -30.03 -11.62
N PRO C 89 15.86 -29.81 -12.94
CA PRO C 89 16.40 -28.53 -13.44
C PRO C 89 15.62 -27.34 -12.96
N TYR C 90 14.38 -27.55 -12.51
CA TYR C 90 13.49 -26.47 -12.08
C TYR C 90 13.26 -26.47 -10.58
N ASP C 91 14.22 -27.00 -9.84
CA ASP C 91 14.23 -26.87 -8.39
C ASP C 91 14.64 -25.46 -8.00
N LEU C 92 14.29 -25.08 -6.78
CA LEU C 92 14.80 -23.84 -6.22
C LEU C 92 16.30 -23.97 -5.95
N GLY C 93 16.98 -22.83 -5.96
CA GLY C 93 18.41 -22.80 -5.76
C GLY C 93 18.79 -21.73 -4.77
N ILE C 94 19.93 -21.92 -4.13
CA ILE C 94 20.45 -20.95 -3.17
C ILE C 94 21.96 -20.80 -3.36
N TRP C 95 22.44 -21.15 -4.55
CA TRP C 95 23.88 -21.12 -4.84
C TRP C 95 24.36 -19.78 -5.37
N SER C 96 23.46 -18.94 -5.90
CA SER C 96 23.82 -17.65 -6.44
C SER C 96 23.15 -16.53 -5.65
N GLU C 97 23.85 -15.40 -5.55
CA GLU C 97 23.30 -14.25 -4.84
C GLU C 97 22.14 -13.60 -5.58
N ASP C 98 21.90 -13.97 -6.83
CA ASP C 98 20.74 -13.50 -7.57
C ASP C 98 19.46 -14.26 -7.20
N HIS C 99 19.56 -15.25 -6.32
CA HIS C 99 18.38 -15.88 -5.74
C HIS C 99 17.75 -15.04 -4.63
N LEU C 100 18.50 -14.17 -3.98
CA LEU C 100 17.96 -13.40 -2.85
C LEU C 100 16.68 -12.66 -3.21
N PRO C 101 16.63 -11.85 -4.27
CA PRO C 101 15.40 -11.11 -4.58
C PRO C 101 14.16 -11.99 -4.55
N GLY C 102 14.17 -13.07 -5.32
CA GLY C 102 13.03 -13.97 -5.33
C GLY C 102 12.83 -14.66 -3.99
N LEU C 103 13.92 -15.10 -3.37
CA LEU C 103 13.80 -15.79 -2.09
C LEU C 103 13.35 -14.83 -0.99
N LYS C 104 13.88 -13.60 -0.99
CA LYS C 104 13.46 -12.63 0.02
C LYS C 104 11.97 -12.33 -0.10
N GLU C 105 11.47 -12.18 -1.33
CA GLU C 105 10.05 -11.90 -1.51
C GLU C 105 9.19 -13.08 -1.08
N LEU C 106 9.70 -14.31 -1.27
CA LEU C 106 8.97 -15.49 -0.79
C LEU C 106 8.78 -15.44 0.72
N ALA C 107 9.88 -15.23 1.46
CA ALA C 107 9.77 -15.11 2.91
C ALA C 107 8.88 -13.94 3.31
N ARG C 108 9.09 -12.78 2.68
CA ARG C 108 8.20 -11.64 2.91
C ARG C 108 6.75 -12.03 2.65
N ARG C 109 6.50 -12.71 1.53
CA ARG C 109 5.14 -13.05 1.16
C ARG C 109 4.56 -14.12 2.08
N ILE C 110 5.41 -14.95 2.68
CA ILE C 110 4.94 -15.95 3.63
C ILE C 110 4.64 -15.30 4.99
N ARG C 111 5.54 -14.43 5.46
CA ARG C 111 5.37 -13.84 6.78
C ARG C 111 4.11 -12.98 6.86
N GLU C 112 3.83 -12.23 5.79
CA GLU C 112 2.62 -11.42 5.78
C GLU C 112 1.37 -12.27 6.00
N ALA C 113 1.33 -13.46 5.39
CA ALA C 113 0.18 -14.32 5.49
C ALA C 113 0.01 -14.91 6.87
N GLY C 114 1.06 -14.89 7.69
CA GLY C 114 0.94 -15.28 9.08
C GLY C 114 1.94 -16.31 9.53
N ALA C 115 2.45 -17.09 8.59
CA ALA C 115 3.34 -18.20 8.92
C ALA C 115 4.80 -17.75 8.90
N VAL C 116 5.58 -18.34 9.78
CA VAL C 116 7.02 -18.11 9.77
C VAL C 116 7.62 -18.76 8.53
N PRO C 117 8.52 -18.09 7.79
CA PRO C 117 9.12 -18.73 6.61
C PRO C 117 10.38 -19.50 6.97
N GLY C 118 10.41 -20.78 6.58
CA GLY C 118 11.61 -21.59 6.73
C GLY C 118 11.89 -22.28 5.41
N ILE C 119 13.14 -22.75 5.27
CA ILE C 119 13.60 -23.30 4.01
C ILE C 119 14.41 -24.56 4.27
N GLN C 120 14.33 -25.51 3.33
CA GLN C 120 15.09 -26.75 3.38
C GLN C 120 16.27 -26.67 2.42
N LEU C 121 17.48 -26.79 2.95
CA LEU C 121 18.70 -26.87 2.16
C LEU C 121 19.00 -28.32 1.84
N ALA C 122 19.27 -28.62 0.57
CA ALA C 122 19.39 -30.00 0.17
C ALA C 122 20.42 -30.16 -0.93
N HIS C 123 20.90 -31.39 -1.06
CA HIS C 123 21.75 -31.81 -2.17
C HIS C 123 21.30 -33.21 -2.54
N ALA C 124 20.83 -33.38 -3.79
CA ALA C 124 20.17 -34.61 -4.17
C ALA C 124 21.14 -35.77 -4.36
N GLY C 125 22.45 -35.52 -4.32
CA GLY C 125 23.40 -36.61 -4.44
C GLY C 125 23.15 -37.45 -5.67
N ARG C 126 23.25 -38.77 -5.50
CA ARG C 126 23.14 -39.68 -6.64
C ARG C 126 21.75 -39.69 -7.26
N LYS C 127 20.76 -39.12 -6.59
CA LYS C 127 19.42 -38.99 -7.14
C LYS C 127 19.22 -37.67 -7.88
N ALA C 128 20.29 -36.89 -8.03
CA ALA C 128 20.20 -35.60 -8.67
C ALA C 128 20.02 -35.73 -10.18
N GLY C 129 19.38 -34.72 -10.76
CA GLY C 129 19.26 -34.66 -12.20
C GLY C 129 18.17 -35.53 -12.78
N THR C 130 16.99 -35.53 -12.17
CA THR C 130 15.85 -36.26 -12.68
C THR C 130 14.87 -35.30 -13.34
N ALA C 131 14.10 -35.82 -14.29
CA ALA C 131 13.05 -35.04 -14.90
C ALA C 131 11.94 -34.77 -13.88
N ARG C 132 10.92 -34.04 -14.31
CA ARG C 132 9.78 -33.78 -13.45
C ARG C 132 8.93 -35.03 -13.29
N PRO C 133 8.25 -35.17 -12.14
CA PRO C 133 7.40 -36.37 -11.96
C PRO C 133 6.33 -36.51 -13.03
N TRP C 134 5.76 -35.39 -13.49
CA TRP C 134 4.75 -35.41 -14.55
C TRP C 134 5.35 -35.24 -15.93
N GLU C 135 6.67 -35.24 -16.05
CA GLU C 135 7.36 -35.25 -17.33
C GLU C 135 8.14 -36.54 -17.55
N GLY C 136 7.90 -37.55 -16.73
CA GLY C 136 8.59 -38.82 -16.86
C GLY C 136 9.36 -39.16 -15.61
N GLY C 137 10.04 -38.16 -15.04
CA GLY C 137 10.81 -38.39 -13.84
C GLY C 137 12.01 -39.30 -14.04
N LYS C 138 12.50 -39.42 -15.28
CA LYS C 138 13.60 -40.34 -15.56
C LYS C 138 14.91 -39.56 -15.69
N PRO C 139 16.04 -40.17 -15.33
CA PRO C 139 17.28 -39.40 -15.28
C PRO C 139 17.63 -38.64 -16.55
N LEU C 140 18.43 -37.59 -16.40
CA LEU C 140 18.89 -36.78 -17.52
C LEU C 140 20.39 -36.94 -17.77
N GLY C 141 21.07 -37.73 -16.94
CA GLY C 141 22.47 -38.03 -17.17
C GLY C 141 23.44 -36.96 -16.70
N TRP C 142 23.16 -36.34 -15.56
CA TRP C 142 24.09 -35.37 -15.01
C TRP C 142 25.28 -36.08 -14.37
N ARG C 143 26.31 -35.30 -14.06
CA ARG C 143 27.48 -35.83 -13.34
C ARG C 143 27.23 -35.77 -11.84
N VAL C 144 26.24 -36.55 -11.41
CA VAL C 144 25.84 -36.54 -10.01
C VAL C 144 26.98 -37.09 -9.15
N VAL C 145 26.96 -36.71 -7.88
CA VAL C 145 27.98 -37.12 -6.91
C VAL C 145 27.31 -37.95 -5.83
N GLY C 146 28.14 -38.54 -4.97
CA GLY C 146 27.67 -39.37 -3.89
C GLY C 146 28.80 -39.97 -3.10
N PRO C 147 28.49 -40.71 -2.05
CA PRO C 147 29.55 -41.33 -1.25
C PRO C 147 30.33 -42.38 -2.03
N SER C 148 29.64 -43.38 -2.53
CA SER C 148 30.23 -44.50 -3.24
C SER C 148 29.60 -44.59 -4.62
N PRO C 149 30.28 -45.22 -5.58
CA PRO C 149 29.73 -45.27 -6.96
C PRO C 149 28.70 -46.38 -7.14
N ILE C 150 27.53 -46.17 -6.54
CA ILE C 150 26.42 -47.11 -6.59
C ILE C 150 25.22 -46.37 -7.14
N PRO C 151 24.60 -46.81 -8.23
CA PRO C 151 23.42 -46.12 -8.74
C PRO C 151 22.25 -46.26 -7.79
N PHE C 152 21.41 -45.24 -7.74
CA PHE C 152 20.25 -45.31 -6.89
C PHE C 152 19.57 -46.53 -7.35
N ASP C 153 19.41 -46.63 -8.64
CA ASP C 153 18.84 -47.83 -9.21
C ASP C 153 19.16 -47.79 -10.67
N GLU C 154 18.80 -48.86 -11.35
CA GLU C 154 19.09 -48.94 -12.74
C GLU C 154 18.50 -47.80 -13.48
N GLY C 155 19.27 -47.24 -14.40
CA GLY C 155 18.79 -46.16 -15.22
C GLY C 155 19.42 -44.89 -14.78
N TYR C 156 19.85 -44.87 -13.54
CA TYR C 156 20.40 -43.65 -13.00
C TYR C 156 21.88 -43.59 -13.16
N PRO C 157 22.41 -42.38 -13.23
CA PRO C 157 23.86 -42.24 -13.30
C PRO C 157 24.48 -42.77 -12.05
N VAL C 158 25.61 -43.44 -12.18
CA VAL C 158 26.30 -43.91 -10.97
C VAL C 158 27.06 -42.73 -10.37
N PRO C 159 26.85 -42.39 -9.10
CA PRO C 159 27.50 -41.20 -8.57
C PRO C 159 29.02 -41.38 -8.54
N GLU C 160 29.73 -40.27 -8.68
CA GLU C 160 31.18 -40.29 -8.58
C GLU C 160 31.57 -40.07 -7.14
N PRO C 161 32.29 -40.99 -6.50
CA PRO C 161 32.66 -40.77 -5.09
C PRO C 161 33.46 -39.48 -4.93
N LEU C 162 33.09 -38.71 -3.92
CA LEU C 162 33.70 -37.42 -3.64
C LEU C 162 34.96 -37.55 -2.79
N ASP C 163 35.93 -36.68 -3.07
CA ASP C 163 37.17 -36.59 -2.30
C ASP C 163 37.02 -35.57 -1.18
N GLU C 164 37.94 -35.64 -0.20
CA GLU C 164 37.89 -34.70 0.92
C GLU C 164 37.88 -33.25 0.43
N ALA C 165 38.70 -32.94 -0.58
CA ALA C 165 38.63 -31.62 -1.20
C ALA C 165 37.28 -31.43 -1.88
N GLY C 166 36.78 -32.49 -2.52
CA GLY C 166 35.46 -32.40 -3.12
C GLY C 166 34.38 -32.17 -2.08
N MET C 167 34.43 -32.92 -0.98
CA MET C 167 33.40 -32.82 0.05
C MET C 167 33.38 -31.45 0.72
N GLU C 168 34.54 -30.80 0.86
CA GLU C 168 34.57 -29.49 1.47
C GLU C 168 33.77 -28.47 0.68
N ARG C 169 33.72 -28.61 -0.65
CA ARG C 169 32.93 -27.69 -1.46
C ARG C 169 31.45 -27.77 -1.11
N ILE C 170 30.95 -29.00 -0.94
CA ILE C 170 29.56 -29.19 -0.55
C ILE C 170 29.33 -28.66 0.86
N LEU C 171 30.24 -28.99 1.78
CA LEU C 171 30.10 -28.51 3.15
C LEU C 171 29.98 -26.99 3.17
N GLN C 172 30.81 -26.31 2.39
CA GLN C 172 30.73 -24.86 2.30
C GLN C 172 29.52 -24.41 1.50
N ALA C 173 29.01 -25.26 0.61
CA ALA C 173 27.78 -24.93 -0.11
C ALA C 173 26.57 -24.94 0.83
N PHE C 174 26.52 -25.86 1.79
CA PHE C 174 25.43 -25.88 2.76
C PHE C 174 25.56 -24.74 3.76
N VAL C 175 26.78 -24.42 4.18
CA VAL C 175 26.97 -23.29 5.07
C VAL C 175 26.56 -22.02 4.34
N GLU C 176 26.99 -21.90 3.08
CA GLU C 176 26.65 -20.79 2.20
C GLU C 176 25.15 -20.63 2.05
N GLY C 177 24.46 -21.75 1.85
CA GLY C 177 23.02 -21.71 1.70
C GLY C 177 22.31 -21.24 2.95
N ALA C 178 22.78 -21.68 4.12
CA ALA C 178 22.17 -21.24 5.36
C ALA C 178 22.41 -19.75 5.56
N ARG C 179 23.67 -19.33 5.45
CA ARG C 179 23.99 -17.91 5.57
C ARG C 179 23.17 -17.08 4.58
N ARG C 180 22.98 -17.60 3.36
CA ARG C 180 22.17 -16.89 2.38
C ARG C 180 20.69 -16.93 2.73
N ALA C 181 20.23 -18.06 3.30
CA ALA C 181 18.82 -18.18 3.66
C ALA C 181 18.45 -17.21 4.77
N LEU C 182 19.35 -17.01 5.73
CA LEU C 182 19.10 -16.02 6.78
C LEU C 182 18.97 -14.62 6.19
N ARG C 183 19.87 -14.26 5.26
CA ARG C 183 19.79 -12.95 4.63
C ARG C 183 18.42 -12.70 4.00
N ALA C 184 17.76 -13.76 3.54
CA ALA C 184 16.47 -13.63 2.87
C ALA C 184 15.29 -13.60 3.84
N GLY C 185 15.54 -13.78 5.14
CA GLY C 185 14.50 -13.70 6.13
C GLY C 185 14.00 -15.03 6.67
N PHE C 186 14.39 -16.14 6.04
CA PHE C 186 14.02 -17.44 6.57
C PHE C 186 14.59 -17.62 7.96
N GLN C 187 13.71 -17.87 8.94
CA GLN C 187 14.09 -17.93 10.34
C GLN C 187 14.25 -19.35 10.84
N VAL C 188 14.02 -20.34 9.99
CA VAL C 188 14.28 -21.74 10.33
C VAL C 188 14.90 -22.40 9.11
N ILE C 189 16.01 -23.10 9.32
CA ILE C 189 16.72 -23.79 8.25
C ILE C 189 16.78 -25.28 8.58
N GLU C 190 16.32 -26.11 7.65
CA GLU C 190 16.37 -27.55 7.79
C GLU C 190 17.33 -28.12 6.76
N LEU C 191 18.24 -28.99 7.21
CA LEU C 191 19.18 -29.64 6.32
C LEU C 191 18.62 -30.99 5.90
N HIS C 192 18.43 -31.17 4.60
CA HIS C 192 17.84 -32.40 4.07
C HIS C 192 18.90 -33.49 4.02
N MET C 193 18.85 -34.41 4.98
CA MET C 193 19.73 -35.56 5.03
C MET C 193 18.91 -36.85 5.03
N ALA C 194 17.88 -36.90 4.19
CA ALA C 194 16.98 -38.04 4.18
C ALA C 194 16.65 -38.41 2.73
N HIS C 195 15.89 -39.50 2.59
CA HIS C 195 15.29 -39.86 1.31
C HIS C 195 16.34 -40.17 0.26
N GLY C 196 17.50 -40.67 0.70
CA GLY C 196 18.50 -41.16 -0.22
C GLY C 196 19.24 -40.09 -1.00
N TYR C 197 19.05 -38.82 -0.67
CA TYR C 197 19.81 -37.75 -1.31
C TYR C 197 21.20 -37.73 -0.70
N LEU C 198 22.01 -36.76 -1.13
CA LEU C 198 23.46 -36.82 -0.88
C LEU C 198 23.79 -37.28 0.53
N LEU C 199 23.36 -36.52 1.54
CA LEU C 199 23.75 -36.83 2.92
C LEU C 199 23.01 -38.05 3.46
N SER C 200 21.77 -38.28 3.01
CA SER C 200 21.09 -39.53 3.38
C SER C 200 21.83 -40.73 2.80
N SER C 201 22.28 -40.64 1.55
CA SER C 201 23.03 -41.74 0.96
C SER C 201 24.31 -42.01 1.74
N PHE C 202 24.93 -40.96 2.28
CA PHE C 202 26.10 -41.14 3.14
C PHE C 202 25.74 -41.88 4.41
N LEU C 203 24.51 -41.72 4.91
CA LEU C 203 24.13 -42.32 6.18
C LEU C 203 23.83 -43.81 6.02
N SER C 204 23.04 -44.18 5.03
CA SER C 204 22.63 -45.57 4.86
C SER C 204 23.76 -46.35 4.19
N PRO C 205 24.11 -47.54 4.67
CA PRO C 205 25.18 -48.32 4.02
C PRO C 205 24.75 -48.97 2.72
N LEU C 206 23.47 -48.94 2.35
CA LEU C 206 23.07 -49.49 1.07
C LEU C 206 23.64 -48.69 -0.10
N SER C 207 24.11 -47.47 0.15
CA SER C 207 24.69 -46.64 -0.89
C SER C 207 26.06 -46.09 -0.52
N ASN C 208 26.57 -46.40 0.67
CA ASN C 208 27.88 -45.94 1.13
C ASN C 208 28.73 -47.14 1.51
N GLN C 209 29.54 -47.60 0.56
CA GLN C 209 30.56 -48.60 0.82
C GLN C 209 31.94 -48.01 0.59
N ARG C 210 32.17 -46.80 1.10
CA ARG C 210 33.46 -46.15 0.93
C ARG C 210 34.52 -46.85 1.78
N THR C 211 35.76 -46.79 1.31
CA THR C 211 36.88 -47.43 1.97
C THR C 211 37.68 -46.49 2.86
N ASP C 212 37.39 -45.19 2.82
CA ASP C 212 38.20 -44.22 3.53
C ASP C 212 37.57 -43.93 4.91
N ALA C 213 37.96 -42.82 5.54
CA ALA C 213 37.47 -42.43 6.86
C ALA C 213 36.05 -41.92 6.86
N TYR C 214 35.31 -42.05 5.75
CA TYR C 214 33.93 -41.60 5.68
C TYR C 214 32.98 -42.74 5.32
N GLY C 215 33.38 -43.97 5.60
CA GLY C 215 32.58 -45.14 5.32
C GLY C 215 32.97 -46.26 6.27
N GLY C 216 32.17 -47.33 6.21
CA GLY C 216 32.39 -48.50 7.03
C GLY C 216 31.72 -48.42 8.39
N SER C 217 32.40 -47.87 9.39
CA SER C 217 31.80 -47.76 10.70
C SER C 217 30.61 -46.81 10.65
N LEU C 218 29.73 -46.96 11.64
CA LEU C 218 28.63 -46.00 11.75
C LEU C 218 29.20 -44.61 11.96
N GLU C 219 30.24 -44.50 12.79
CA GLU C 219 30.84 -43.22 13.09
C GLU C 219 31.44 -42.58 11.85
N ASN C 220 32.13 -43.38 11.03
CA ASN C 220 32.71 -42.85 9.79
C ASN C 220 31.62 -42.44 8.80
N ARG C 221 30.56 -43.25 8.69
CA ARG C 221 29.45 -42.93 7.80
C ARG C 221 28.61 -41.78 8.32
N MET C 222 28.65 -41.51 9.62
CA MET C 222 27.97 -40.36 10.18
C MET C 222 28.84 -39.11 10.16
N ARG C 223 30.12 -39.26 9.84
CA ARG C 223 31.08 -38.16 9.95
C ARG C 223 30.71 -36.99 9.06
N PHE C 224 30.80 -37.17 7.74
CA PHE C 224 30.54 -36.04 6.84
C PHE C 224 29.19 -35.40 7.09
N PRO C 225 28.10 -36.14 7.28
CA PRO C 225 26.83 -35.46 7.61
C PRO C 225 26.90 -34.59 8.85
N LEU C 226 27.51 -35.07 9.92
CA LEU C 226 27.62 -34.27 11.14
C LEU C 226 28.52 -33.07 10.94
N GLN C 227 29.54 -33.19 10.07
CA GLN C 227 30.36 -32.03 9.77
C GLN C 227 29.53 -30.92 9.14
N VAL C 228 28.62 -31.30 8.23
CA VAL C 228 27.73 -30.31 7.63
C VAL C 228 26.82 -29.73 8.70
N ALA C 229 26.23 -30.60 9.53
CA ALA C 229 25.35 -30.13 10.59
C ALA C 229 26.10 -29.19 11.53
N GLN C 230 27.31 -29.57 11.93
CA GLN C 230 28.08 -28.70 12.79
C GLN C 230 28.36 -27.37 12.10
N ALA C 231 28.84 -27.43 10.85
CA ALA C 231 29.23 -26.23 10.12
C ALA C 231 28.07 -25.26 9.95
N VAL C 232 26.86 -25.78 9.75
CA VAL C 232 25.71 -24.89 9.59
C VAL C 232 25.26 -24.28 10.92
N ARG C 233 25.31 -25.04 12.00
CA ARG C 233 24.87 -24.56 13.27
C ARG C 233 25.69 -23.36 13.63
N GLU C 234 26.91 -23.35 13.15
CA GLU C 234 27.81 -22.27 13.46
C GLU C 234 27.43 -20.96 12.82
N VAL C 235 26.90 -21.02 11.61
CA VAL C 235 26.54 -19.84 10.91
C VAL C 235 25.13 -19.40 11.25
N VAL C 236 24.37 -20.26 11.93
CA VAL C 236 22.98 -19.95 12.22
C VAL C 236 22.90 -19.50 13.68
N PRO C 237 22.39 -18.29 13.95
CA PRO C 237 22.38 -17.81 15.33
C PRO C 237 21.53 -18.69 16.24
N ARG C 238 21.85 -18.62 17.53
CA ARG C 238 21.18 -19.46 18.52
C ARG C 238 19.67 -19.29 18.46
N GLU C 239 19.20 -18.06 18.26
CA GLU C 239 17.78 -17.78 18.37
C GLU C 239 16.99 -18.58 17.34
N LEU C 240 17.55 -18.77 16.15
CA LEU C 240 16.86 -19.47 15.07
C LEU C 240 17.09 -20.97 15.17
N PRO C 241 16.03 -21.78 15.24
CA PRO C 241 16.25 -23.23 15.37
C PRO C 241 16.76 -23.85 14.09
N LEU C 242 17.67 -24.81 14.22
CA LEU C 242 18.19 -25.57 13.10
C LEU C 242 17.52 -26.95 13.07
N PHE C 243 16.75 -27.21 12.03
CA PHE C 243 16.12 -28.51 11.85
C PHE C 243 17.01 -29.42 11.01
N VAL C 244 16.75 -30.72 11.10
CA VAL C 244 17.41 -31.71 10.26
C VAL C 244 16.38 -32.77 9.91
N ARG C 245 16.15 -32.99 8.61
CA ARG C 245 15.28 -34.08 8.17
C ARG C 245 16.13 -35.30 7.90
N VAL C 246 15.71 -36.44 8.45
CA VAL C 246 16.46 -37.69 8.35
C VAL C 246 15.52 -38.81 7.97
N SER C 247 16.00 -39.73 7.14
CA SER C 247 15.31 -41.00 6.89
C SER C 247 15.61 -41.90 8.08
N ALA C 248 14.66 -41.99 9.00
CA ALA C 248 14.87 -42.72 10.25
C ALA C 248 15.14 -44.19 10.00
N THR C 249 14.73 -44.69 8.85
CA THR C 249 15.01 -46.05 8.49
C THR C 249 15.04 -46.08 7.00
N ASP C 250 15.66 -47.10 6.42
CA ASP C 250 15.73 -47.23 4.97
C ASP C 250 14.85 -48.34 4.51
N TRP C 251 14.32 -49.10 5.47
CA TRP C 251 13.44 -50.19 5.14
C TRP C 251 14.22 -51.27 4.45
N GLY C 252 15.53 -51.15 4.43
CA GLY C 252 16.35 -52.09 3.73
C GLY C 252 17.24 -52.87 4.65
N GLU C 253 17.40 -54.14 4.35
CA GLU C 253 18.20 -54.99 5.19
C GLU C 253 19.62 -54.51 5.21
N GLY C 254 20.27 -54.70 6.35
CA GLY C 254 21.66 -54.33 6.45
C GLY C 254 21.81 -52.88 6.15
N GLY C 255 20.89 -52.09 6.67
CA GLY C 255 20.90 -50.67 6.42
C GLY C 255 20.68 -49.86 7.66
N TRP C 256 20.44 -48.57 7.48
CA TRP C 256 20.20 -47.69 8.60
C TRP C 256 19.07 -48.23 9.46
N SER C 257 19.40 -48.58 10.69
CA SER C 257 18.41 -49.15 11.62
C SER C 257 17.76 -48.04 12.42
N LEU C 258 16.69 -48.42 13.12
CA LEU C 258 16.06 -47.48 14.05
C LEU C 258 17.06 -47.02 15.10
N GLU C 259 17.82 -47.96 15.67
CA GLU C 259 18.74 -47.62 16.74
C GLU C 259 19.94 -46.83 16.24
N ASP C 260 20.32 -47.01 14.98
CA ASP C 260 21.37 -46.17 14.41
C ASP C 260 20.95 -44.71 14.43
N THR C 261 19.67 -44.44 14.15
CA THR C 261 19.19 -43.06 14.18
C THR C 261 19.31 -42.48 15.57
N LEU C 262 19.05 -43.30 16.60
CA LEU C 262 19.10 -42.80 17.97
C LEU C 262 20.54 -42.42 18.35
N ALA C 263 21.52 -43.13 17.80
CA ALA C 263 22.91 -42.73 17.97
C ALA C 263 23.21 -41.45 17.18
N PHE C 264 22.77 -41.41 15.92
CA PHE C 264 22.96 -40.22 15.10
C PHE C 264 22.26 -39.02 15.74
N ALA C 265 21.04 -39.21 16.23
CA ALA C 265 20.32 -38.10 16.87
C ALA C 265 21.00 -37.65 18.15
N ARG C 266 21.38 -38.60 19.00
CA ARG C 266 22.17 -38.26 20.18
C ARG C 266 23.35 -37.39 19.82
N ARG C 267 23.96 -37.63 18.65
CA ARG C 267 25.05 -36.77 18.27
C ARG C 267 24.57 -35.41 17.78
N LEU C 268 23.50 -35.37 16.96
CA LEU C 268 22.97 -34.09 16.51
C LEU C 268 22.48 -33.25 17.67
N LYS C 269 21.80 -33.86 18.63
CA LYS C 269 21.41 -33.06 19.79
C LYS C 269 22.64 -32.43 20.47
N GLU C 270 23.79 -33.09 20.44
CA GLU C 270 24.96 -32.51 21.08
C GLU C 270 25.47 -31.30 20.30
N LEU C 271 25.31 -31.40 18.98
CA LEU C 271 25.80 -30.37 18.05
C LEU C 271 25.04 -29.10 18.01
N GLY C 272 23.82 -29.10 18.53
CA GLY C 272 23.08 -27.86 18.61
C GLY C 272 21.82 -27.90 17.79
N VAL C 273 21.61 -29.00 17.09
CA VAL C 273 20.40 -29.16 16.32
C VAL C 273 19.22 -29.09 17.28
N ASP C 274 18.29 -28.19 16.98
CA ASP C 274 17.18 -27.95 17.88
C ASP C 274 16.01 -28.89 17.65
N LEU C 275 15.93 -29.53 16.48
CA LEU C 275 14.80 -30.39 16.18
C LEU C 275 15.13 -31.32 15.02
N LEU C 276 14.58 -32.53 15.10
CA LEU C 276 14.69 -33.53 14.04
C LEU C 276 13.33 -33.75 13.40
N ASP C 277 13.30 -33.78 12.08
CA ASP C 277 12.11 -34.15 11.32
C ASP C 277 12.34 -35.54 10.77
N CYS C 278 11.58 -36.51 11.26
CA CYS C 278 11.80 -37.92 10.95
C CYS C 278 10.84 -38.40 9.87
N SER C 279 11.38 -38.64 8.68
CA SER C 279 10.72 -39.36 7.60
C SER C 279 11.45 -40.69 7.47
N SER C 280 11.24 -41.38 6.35
CA SER C 280 11.93 -42.64 6.13
C SER C 280 11.96 -42.97 4.65
N GLY C 281 12.75 -44.00 4.32
CA GLY C 281 12.84 -44.50 2.96
C GLY C 281 13.68 -43.60 2.08
N GLY C 282 13.75 -43.98 0.80
CA GLY C 282 14.38 -43.19 -0.22
C GLY C 282 15.79 -43.63 -0.59
N VAL C 283 16.50 -44.28 0.33
CA VAL C 283 17.87 -44.69 0.03
C VAL C 283 17.90 -45.64 -1.17
N VAL C 284 16.93 -46.55 -1.23
CA VAL C 284 16.80 -47.50 -2.33
C VAL C 284 15.32 -47.67 -2.62
N LEU C 285 15.01 -48.19 -3.79
CA LEU C 285 13.61 -48.34 -4.17
C LEU C 285 13.07 -49.73 -3.86
N ARG C 286 13.88 -50.78 -4.03
CA ARG C 286 13.39 -52.16 -3.93
C ARG C 286 13.28 -52.55 -2.46
N VAL C 287 12.29 -51.98 -1.78
CA VAL C 287 12.14 -52.17 -0.35
C VAL C 287 10.66 -52.08 0.02
N ARG C 288 10.33 -52.65 1.17
CA ARG C 288 9.00 -52.63 1.73
C ARG C 288 8.76 -51.49 2.70
N ILE C 289 7.61 -50.84 2.56
CA ILE C 289 7.24 -49.77 3.50
C ILE C 289 5.85 -50.02 4.05
N PRO C 290 5.66 -50.03 5.39
CA PRO C 290 4.32 -50.20 6.00
C PRO C 290 3.45 -48.94 5.95
N LEU C 291 2.81 -48.72 4.82
CA LEU C 291 2.06 -47.48 4.63
C LEU C 291 0.85 -47.47 5.55
N ALA C 292 0.65 -46.37 6.27
CA ALA C 292 -0.44 -46.25 7.21
C ALA C 292 -0.43 -44.83 7.80
N PRO C 293 -1.57 -44.37 8.31
CA PRO C 293 -1.60 -43.05 8.96
C PRO C 293 -0.60 -42.96 10.10
N GLY C 294 0.27 -41.96 10.03
CA GLY C 294 1.27 -41.77 11.06
C GLY C 294 2.20 -42.96 11.22
N PHE C 295 2.56 -43.61 10.11
CA PHE C 295 3.42 -44.78 10.18
C PHE C 295 4.86 -44.43 10.50
N GLN C 296 5.28 -43.19 10.28
CA GLN C 296 6.62 -42.73 10.64
C GLN C 296 6.63 -42.07 12.00
N VAL C 297 5.46 -41.90 12.64
CA VAL C 297 5.43 -41.33 13.99
C VAL C 297 6.28 -42.13 14.97
N PRO C 298 6.28 -43.46 14.97
CA PRO C 298 7.13 -44.18 15.93
C PRO C 298 8.59 -43.75 15.89
N PHE C 299 9.08 -43.32 14.72
CA PHE C 299 10.44 -42.82 14.62
C PHE C 299 10.58 -41.47 15.31
N ALA C 300 9.61 -40.57 15.09
CA ALA C 300 9.60 -39.33 15.84
C ALA C 300 9.47 -39.60 17.33
N ASP C 301 8.61 -40.55 17.71
CA ASP C 301 8.41 -40.88 19.11
C ASP C 301 9.69 -41.38 19.76
N ALA C 302 10.41 -42.29 19.09
CA ALA C 302 11.60 -42.88 19.70
C ALA C 302 12.67 -41.83 19.96
N VAL C 303 12.85 -40.89 19.03
CA VAL C 303 13.90 -39.90 19.17
C VAL C 303 13.64 -38.99 20.37
N ARG C 304 12.40 -38.52 20.51
CA ARG C 304 12.10 -37.53 21.54
C ARG C 304 12.35 -38.07 22.94
N LYS C 305 12.00 -39.34 23.19
CA LYS C 305 12.01 -39.86 24.54
C LYS C 305 13.30 -40.58 24.91
N ARG C 306 13.96 -41.21 23.95
CA ARG C 306 15.17 -41.97 24.22
C ARG C 306 16.43 -41.16 24.04
N VAL C 307 16.35 -40.00 23.39
CA VAL C 307 17.52 -39.16 23.16
C VAL C 307 17.37 -37.80 23.82
N GLY C 308 16.18 -37.23 23.72
CA GLY C 308 15.95 -35.92 24.28
C GLY C 308 16.02 -34.84 23.26
N LEU C 309 15.91 -35.19 22.00
CA LEU C 309 15.92 -34.22 20.93
C LEU C 309 14.50 -33.98 20.49
N ARG C 310 14.17 -32.75 20.21
CA ARG C 310 12.85 -32.43 19.77
C ARG C 310 12.65 -33.12 18.48
N THR C 311 11.42 -33.50 18.21
CA THR C 311 11.15 -34.25 17.01
C THR C 311 9.94 -33.74 16.29
N GLY C 312 9.94 -33.92 14.99
CA GLY C 312 8.82 -33.52 14.18
C GLY C 312 8.17 -34.71 13.53
N ALA C 313 6.86 -34.83 13.68
CA ALA C 313 6.13 -35.94 13.07
C ALA C 313 5.70 -35.62 11.64
N VAL C 314 5.82 -36.63 10.77
CA VAL C 314 5.41 -36.53 9.37
C VAL C 314 5.01 -37.93 8.94
N GLY C 315 4.17 -38.00 7.90
CA GLY C 315 3.76 -39.28 7.36
C GLY C 315 2.26 -39.51 7.52
N LEU C 316 1.51 -39.17 6.48
CA LEU C 316 0.07 -39.39 6.43
C LEU C 316 -0.61 -38.90 7.70
N ILE C 317 -0.27 -37.68 8.10
CA ILE C 317 -0.96 -36.96 9.16
C ILE C 317 -1.95 -36.02 8.46
N THR C 318 -3.24 -36.35 8.54
CA THR C 318 -4.24 -35.65 7.73
C THR C 318 -5.44 -35.11 8.49
N THR C 319 -5.60 -35.43 9.78
CA THR C 319 -6.80 -35.03 10.51
C THR C 319 -6.43 -34.20 11.74
N PRO C 320 -7.33 -33.30 12.17
CA PRO C 320 -7.04 -32.55 13.41
C PRO C 320 -6.85 -33.44 14.62
N GLU C 321 -7.69 -34.46 14.78
CA GLU C 321 -7.61 -35.30 15.97
C GLU C 321 -6.30 -36.08 16.00
N GLN C 322 -5.82 -36.52 14.84
CA GLN C 322 -4.59 -37.31 14.80
C GLN C 322 -3.38 -36.48 15.17
N ALA C 323 -3.28 -35.26 14.66
CA ALA C 323 -2.15 -34.41 15.01
C ALA C 323 -2.11 -34.14 16.52
N GLU C 324 -3.26 -33.81 17.11
CA GLU C 324 -3.30 -33.52 18.52
C GLU C 324 -2.97 -34.75 19.36
N THR C 325 -3.31 -35.94 18.85
CA THR C 325 -3.10 -37.15 19.65
C THR C 325 -1.62 -37.48 19.76
N LEU C 326 -0.88 -37.35 18.66
CA LEU C 326 0.55 -37.67 18.71
C LEU C 326 1.32 -36.62 19.52
N LEU C 327 0.87 -35.37 19.50
CA LEU C 327 1.45 -34.37 20.39
C LEU C 327 1.05 -34.64 21.83
N GLN C 328 -0.23 -34.96 22.05
CA GLN C 328 -0.67 -35.31 23.40
C GLN C 328 0.08 -36.54 23.89
N ALA C 329 0.27 -37.54 23.03
CA ALA C 329 1.01 -38.75 23.40
C ALA C 329 2.49 -38.49 23.58
N GLY C 330 2.96 -37.27 23.31
CA GLY C 330 4.37 -36.96 23.46
C GLY C 330 5.29 -37.59 22.46
N SER C 331 4.78 -38.00 21.29
CA SER C 331 5.65 -38.55 20.27
C SER C 331 6.41 -37.49 19.49
N ALA C 332 5.96 -36.24 19.54
CA ALA C 332 6.64 -35.18 18.79
C ALA C 332 6.21 -33.82 19.33
N ASP C 333 6.97 -32.79 18.94
CA ASP C 333 6.67 -31.41 19.28
C ASP C 333 6.03 -30.65 18.12
N LEU C 334 6.29 -31.06 16.89
CA LEU C 334 5.81 -30.38 15.70
C LEU C 334 5.26 -31.42 14.74
N VAL C 335 4.11 -31.11 14.16
CA VAL C 335 3.47 -31.98 13.18
C VAL C 335 3.62 -31.32 11.82
N LEU C 336 4.34 -31.98 10.92
CA LEU C 336 4.54 -31.48 9.58
C LEU C 336 3.49 -32.10 8.66
N LEU C 337 2.91 -31.28 7.80
CA LEU C 337 1.85 -31.71 6.91
C LEU C 337 2.34 -31.63 5.48
N GLY C 338 2.10 -32.69 4.71
CA GLY C 338 2.50 -32.71 3.32
C GLY C 338 1.32 -32.67 2.37
N ARG C 339 0.95 -33.82 1.84
CA ARG C 339 -0.06 -33.87 0.78
C ARG C 339 -1.39 -33.33 1.23
N VAL C 340 -1.64 -33.22 2.53
CA VAL C 340 -2.91 -32.67 2.98
C VAL C 340 -3.01 -31.19 2.62
N LEU C 341 -1.88 -30.48 2.68
CA LEU C 341 -1.87 -29.06 2.37
C LEU C 341 -1.82 -28.78 0.88
N LEU C 342 -1.52 -29.79 0.06
CA LEU C 342 -1.71 -29.64 -1.38
C LEU C 342 -3.18 -29.68 -1.73
N ARG C 343 -3.94 -30.61 -1.14
CA ARG C 343 -5.38 -30.68 -1.39
C ARG C 343 -6.19 -29.76 -0.49
N ASP C 344 -5.63 -29.29 0.62
CA ASP C 344 -6.36 -28.45 1.57
C ASP C 344 -5.39 -27.45 2.17
N PRO C 345 -5.11 -26.35 1.47
CA PRO C 345 -4.15 -25.37 2.02
C PRO C 345 -4.63 -24.75 3.32
N TYR C 346 -5.94 -24.51 3.45
CA TYR C 346 -6.48 -23.89 4.65
C TYR C 346 -6.93 -24.91 5.68
N PHE C 347 -6.47 -26.15 5.57
CA PHE C 347 -6.82 -27.18 6.54
C PHE C 347 -6.54 -26.76 7.97
N PRO C 348 -5.39 -26.18 8.32
CA PRO C 348 -5.15 -25.85 9.73
C PRO C 348 -6.21 -24.92 10.31
N LEU C 349 -6.73 -23.99 9.51
CA LEU C 349 -7.74 -23.07 9.99
C LEU C 349 -9.01 -23.80 10.39
N ARG C 350 -9.47 -24.76 9.56
CA ARG C 350 -10.65 -25.53 9.88
C ARG C 350 -10.39 -26.59 10.95
N ALA C 351 -9.14 -27.05 11.08
CA ALA C 351 -8.81 -28.02 12.12
C ALA C 351 -8.93 -27.42 13.51
N ALA C 352 -8.54 -26.15 13.68
CA ALA C 352 -8.62 -25.53 15.00
C ALA C 352 -10.07 -25.43 15.47
N LYS C 353 -10.95 -24.91 14.62
CA LYS C 353 -12.36 -24.79 14.98
C LYS C 353 -13.01 -26.16 15.07
N ALA C 354 -12.48 -27.15 14.36
CA ALA C 354 -12.91 -28.53 14.51
C ALA C 354 -12.39 -29.15 15.80
N LEU C 355 -11.60 -28.40 16.57
CA LEU C 355 -11.10 -28.85 17.86
C LEU C 355 -11.49 -27.87 18.97
N GLY C 356 -12.54 -27.09 18.75
CA GLY C 356 -13.03 -26.15 19.74
C GLY C 356 -12.13 -24.97 20.03
N VAL C 357 -11.17 -24.68 19.16
CA VAL C 357 -10.25 -23.56 19.33
C VAL C 357 -10.61 -22.51 18.30
N ALA C 358 -10.74 -21.27 18.73
CA ALA C 358 -10.99 -20.18 17.80
C ALA C 358 -9.75 -19.96 16.93
N PRO C 359 -9.80 -20.22 15.64
CA PRO C 359 -8.62 -20.01 14.79
C PRO C 359 -8.46 -18.53 14.47
N GLU C 360 -7.22 -18.04 14.57
CA GLU C 360 -6.90 -16.68 14.15
C GLU C 360 -6.92 -16.62 12.63
N VAL C 361 -8.04 -16.19 12.08
CA VAL C 361 -8.25 -16.14 10.63
C VAL C 361 -8.12 -14.71 10.13
N PRO C 362 -7.80 -14.48 8.85
CA PRO C 362 -7.79 -13.10 8.31
C PRO C 362 -9.16 -12.46 8.45
N PRO C 363 -9.20 -11.15 8.76
CA PRO C 363 -10.50 -10.49 8.96
C PRO C 363 -11.42 -10.60 7.75
N GLN C 364 -10.86 -10.64 6.55
CA GLN C 364 -11.69 -10.74 5.36
C GLN C 364 -12.48 -12.04 5.31
N TYR C 365 -12.04 -13.06 6.04
CA TYR C 365 -12.70 -14.36 6.06
C TYR C 365 -13.45 -14.66 7.34
N GLN C 366 -13.52 -13.72 8.29
CA GLN C 366 -14.14 -14.04 9.57
C GLN C 366 -15.61 -14.39 9.40
N ARG C 367 -16.28 -13.81 8.42
CA ARG C 367 -17.67 -14.16 8.15
C ARG C 367 -17.80 -15.50 7.43
N GLY C 368 -16.69 -16.08 7.00
CA GLY C 368 -16.66 -17.42 6.47
C GLY C 368 -16.38 -18.46 7.52
N PHE C 369 -16.16 -18.02 8.76
CA PHE C 369 -15.90 -18.90 9.89
C PHE C 369 -16.93 -18.63 10.99
N MET D 21 -20.76 -40.11 -13.43
CA MET D 21 -21.52 -39.03 -14.05
C MET D 21 -22.01 -38.06 -12.99
N ALA D 22 -21.39 -36.88 -12.95
CA ALA D 22 -21.79 -35.79 -12.07
C ALA D 22 -22.14 -34.58 -12.93
N LEU D 23 -23.33 -34.01 -12.73
CA LEU D 23 -23.65 -32.79 -13.46
C LEU D 23 -22.82 -31.62 -12.96
N LEU D 24 -22.38 -31.66 -11.70
CA LEU D 24 -21.64 -30.54 -11.12
C LEU D 24 -20.36 -30.25 -11.89
N PHE D 25 -19.78 -31.27 -12.54
CA PHE D 25 -18.52 -31.11 -13.25
C PHE D 25 -18.65 -31.42 -14.73
N THR D 26 -19.85 -31.22 -15.29
CA THR D 26 -20.10 -31.22 -16.72
C THR D 26 -20.10 -29.79 -17.25
N PRO D 27 -19.54 -29.53 -18.43
CA PRO D 27 -19.51 -28.15 -18.94
C PRO D 27 -20.92 -27.56 -19.02
N LEU D 28 -21.01 -26.27 -18.71
CA LEU D 28 -22.25 -25.51 -18.80
C LEU D 28 -22.12 -24.46 -19.89
N GLU D 29 -23.10 -24.40 -20.79
CA GLU D 29 -23.09 -23.46 -21.90
C GLU D 29 -23.97 -22.26 -21.53
N LEU D 30 -23.34 -21.10 -21.38
CA LEU D 30 -24.03 -19.86 -21.05
C LEU D 30 -23.62 -18.78 -22.04
N GLY D 31 -24.61 -18.16 -22.67
CA GLY D 31 -24.34 -17.16 -23.69
C GLY D 31 -23.59 -17.75 -24.86
N GLY D 32 -22.29 -17.47 -24.94
CA GLY D 32 -21.46 -18.02 -25.99
C GLY D 32 -20.19 -18.64 -25.44
N LEU D 33 -20.24 -19.03 -24.17
CA LEU D 33 -19.07 -19.61 -23.51
C LEU D 33 -19.43 -20.95 -22.88
N ARG D 34 -18.39 -21.71 -22.56
CA ARG D 34 -18.49 -22.99 -21.87
C ARG D 34 -17.63 -22.94 -20.63
N LEU D 35 -18.20 -23.29 -19.47
CA LEU D 35 -17.48 -23.33 -18.21
C LEU D 35 -17.10 -24.78 -17.90
N LYS D 36 -15.88 -24.97 -17.38
CA LYS D 36 -15.38 -26.31 -17.17
C LYS D 36 -16.26 -27.13 -16.22
N ASN D 37 -17.05 -26.47 -15.38
CA ASN D 37 -17.98 -27.16 -14.50
C ASN D 37 -19.09 -26.16 -14.13
N ARG D 38 -19.99 -26.60 -13.27
CA ARG D 38 -21.13 -25.80 -12.87
C ARG D 38 -20.94 -25.17 -11.49
N LEU D 39 -19.70 -25.02 -11.05
CA LEU D 39 -19.38 -24.39 -9.77
C LEU D 39 -18.79 -23.02 -10.02
N ALA D 40 -19.31 -22.01 -9.33
CA ALA D 40 -18.83 -20.65 -9.42
C ALA D 40 -18.67 -20.09 -8.02
N MET D 41 -17.73 -19.16 -7.87
CA MET D 41 -17.54 -18.49 -6.59
C MET D 41 -18.44 -17.26 -6.55
N SER D 42 -19.28 -17.18 -5.54
CA SER D 42 -20.17 -16.03 -5.40
C SER D 42 -19.34 -14.77 -5.09
N PRO D 43 -19.80 -13.61 -5.56
CA PRO D 43 -19.08 -12.36 -5.25
C PRO D 43 -19.07 -12.09 -3.75
N MET D 44 -17.90 -11.72 -3.22
CA MET D 44 -17.75 -11.53 -1.77
C MET D 44 -16.73 -10.42 -1.50
N CYS D 45 -17.20 -9.32 -0.92
CA CYS D 45 -16.32 -8.19 -0.63
C CYS D 45 -15.22 -8.57 0.36
N GLN D 46 -13.99 -8.17 0.01
CA GLN D 46 -12.85 -8.32 0.89
C GLN D 46 -12.49 -7.06 1.66
N TYR D 47 -13.10 -5.92 1.32
CA TYR D 47 -12.80 -4.65 1.97
C TYR D 47 -11.30 -4.41 2.05
N SER D 48 -10.58 -4.88 1.03
CA SER D 48 -9.13 -4.77 0.97
C SER D 48 -8.68 -3.98 -0.24
N ALA D 49 -9.59 -3.28 -0.92
CA ALA D 49 -9.20 -2.45 -2.05
C ALA D 49 -8.52 -1.18 -1.56
N THR D 50 -8.02 -0.39 -2.50
CA THR D 50 -7.45 0.90 -2.15
C THR D 50 -8.57 1.91 -1.85
N LEU D 51 -8.15 3.06 -1.32
CA LEU D 51 -9.04 4.19 -1.07
C LEU D 51 -9.56 4.79 -2.37
N GLU D 52 -8.86 4.56 -3.46
CA GLU D 52 -9.33 4.87 -4.79
C GLU D 52 -10.00 3.67 -5.47
N GLY D 53 -10.01 2.52 -4.79
CA GLY D 53 -10.71 1.35 -5.29
C GLY D 53 -9.89 0.45 -6.18
N GLU D 54 -8.57 0.53 -6.12
CA GLU D 54 -7.72 -0.29 -6.98
C GLU D 54 -7.50 -1.68 -6.37
N VAL D 55 -7.32 -2.65 -7.26
CA VAL D 55 -6.97 -4.00 -6.82
C VAL D 55 -5.62 -3.95 -6.12
N THR D 56 -5.50 -4.73 -5.04
CA THR D 56 -4.29 -4.81 -4.25
C THR D 56 -3.67 -6.20 -4.36
N ASP D 57 -2.60 -6.42 -3.60
CA ASP D 57 -1.97 -7.74 -3.56
C ASP D 57 -2.93 -8.79 -2.99
N TRP D 58 -3.83 -8.37 -2.09
CA TRP D 58 -4.75 -9.31 -1.49
C TRP D 58 -5.56 -10.05 -2.54
N HIS D 59 -6.18 -9.31 -3.45
CA HIS D 59 -7.00 -9.95 -4.49
C HIS D 59 -6.15 -10.86 -5.38
N LEU D 60 -4.91 -10.47 -5.64
CA LEU D 60 -4.03 -11.26 -6.52
C LEU D 60 -3.57 -12.56 -5.88
N LEU D 61 -3.88 -12.78 -4.60
CA LEU D 61 -3.75 -14.08 -3.96
C LEU D 61 -5.09 -14.69 -3.63
N HIS D 62 -6.06 -13.87 -3.24
CA HIS D 62 -7.38 -14.36 -2.89
C HIS D 62 -8.05 -15.05 -4.07
N TYR D 63 -8.34 -14.30 -5.14
CA TYR D 63 -9.11 -14.87 -6.23
C TYR D 63 -8.37 -15.96 -6.99
N PRO D 64 -7.11 -15.78 -7.38
CA PRO D 64 -6.43 -16.87 -8.11
C PRO D 64 -6.38 -18.18 -7.34
N THR D 65 -6.31 -18.12 -6.01
CA THR D 65 -6.31 -19.36 -5.23
C THR D 65 -7.58 -20.15 -5.43
N ARG D 66 -8.74 -19.48 -5.34
CA ARG D 66 -10.00 -20.21 -5.46
C ARG D 66 -10.21 -20.70 -6.89
N ALA D 67 -9.64 -20.00 -7.88
CA ALA D 67 -9.68 -20.51 -9.25
C ALA D 67 -8.87 -21.79 -9.38
N LEU D 68 -7.69 -21.85 -8.77
CA LEU D 68 -6.96 -23.11 -8.70
C LEU D 68 -7.76 -24.16 -7.95
N GLY D 69 -8.66 -23.72 -7.05
CA GLY D 69 -9.54 -24.62 -6.35
C GLY D 69 -10.53 -25.32 -7.24
N GLY D 70 -10.60 -24.95 -8.51
CA GLY D 70 -11.36 -25.70 -9.49
C GLY D 70 -12.69 -25.13 -9.89
N VAL D 71 -13.06 -23.95 -9.39
CA VAL D 71 -14.33 -23.36 -9.80
C VAL D 71 -14.30 -23.05 -11.29
N GLY D 72 -15.39 -23.39 -11.98
CA GLY D 72 -15.49 -23.06 -13.39
C GLY D 72 -15.53 -21.57 -13.62
N LEU D 73 -16.00 -20.82 -12.64
CA LEU D 73 -16.17 -19.38 -12.76
C LEU D 73 -15.86 -18.72 -11.43
N ILE D 74 -15.19 -17.59 -11.50
CA ILE D 74 -14.92 -16.73 -10.36
C ILE D 74 -15.68 -15.44 -10.60
N LEU D 75 -16.66 -15.15 -9.75
CA LEU D 75 -17.36 -13.86 -9.77
C LEU D 75 -16.73 -12.93 -8.73
N VAL D 76 -16.08 -11.88 -9.23
CA VAL D 76 -15.37 -10.98 -8.32
C VAL D 76 -16.38 -10.15 -7.51
N GLU D 77 -15.90 -9.62 -6.39
CA GLU D 77 -16.75 -8.97 -5.41
C GLU D 77 -17.50 -7.80 -6.03
N ALA D 78 -18.49 -7.31 -5.28
CA ALA D 78 -19.18 -6.09 -5.69
C ALA D 78 -18.16 -4.99 -5.91
N THR D 79 -18.06 -4.51 -7.15
CA THR D 79 -17.17 -3.43 -7.52
C THR D 79 -18.03 -2.22 -7.85
N ALA D 80 -17.81 -1.11 -7.13
CA ALA D 80 -18.70 0.03 -7.25
C ALA D 80 -18.48 0.75 -8.58
N VAL D 81 -19.59 1.11 -9.23
CA VAL D 81 -19.52 1.87 -10.47
C VAL D 81 -19.39 3.37 -10.23
N GLU D 82 -19.39 3.79 -8.97
CA GLU D 82 -19.32 5.19 -8.58
C GLU D 82 -18.69 5.22 -7.20
N PRO D 83 -17.84 6.20 -6.90
CA PRO D 83 -17.23 6.25 -5.55
C PRO D 83 -18.28 6.25 -4.44
N LEU D 84 -19.43 6.88 -4.68
CA LEU D 84 -20.53 6.94 -3.72
C LEU D 84 -21.43 5.72 -3.80
N GLY D 85 -21.14 4.78 -4.69
CA GLY D 85 -21.77 3.49 -4.72
C GLY D 85 -21.03 2.41 -3.98
N ARG D 86 -19.96 2.75 -3.26
CA ARG D 86 -19.18 1.77 -2.54
C ARG D 86 -19.83 1.41 -1.21
N ILE D 87 -19.63 0.17 -0.78
CA ILE D 87 -20.02 -0.20 0.58
C ILE D 87 -19.07 0.43 1.59
N SER D 88 -17.77 0.21 1.41
CA SER D 88 -16.73 0.71 2.28
C SER D 88 -15.71 1.50 1.46
N PRO D 89 -14.92 2.35 2.11
CA PRO D 89 -13.88 3.08 1.38
C PRO D 89 -12.86 2.17 0.71
N TYR D 90 -12.80 0.90 1.11
CA TYR D 90 -11.84 -0.05 0.55
C TYR D 90 -12.52 -1.06 -0.36
N ASP D 91 -13.65 -0.69 -0.95
CA ASP D 91 -14.25 -1.51 -1.99
C ASP D 91 -13.49 -1.37 -3.30
N LEU D 92 -13.65 -2.36 -4.16
CA LEU D 92 -13.16 -2.24 -5.52
C LEU D 92 -13.99 -1.23 -6.30
N GLY D 93 -13.37 -0.60 -7.29
CA GLY D 93 -14.04 0.41 -8.08
C GLY D 93 -13.82 0.19 -9.56
N ILE D 94 -14.76 0.69 -10.35
CA ILE D 94 -14.67 0.61 -11.80
C ILE D 94 -15.14 1.92 -12.42
N TRP D 95 -15.05 3.01 -11.66
CA TRP D 95 -15.58 4.29 -12.13
C TRP D 95 -14.55 5.07 -12.94
N SER D 96 -13.27 4.78 -12.80
CA SER D 96 -12.22 5.46 -13.54
C SER D 96 -11.51 4.46 -14.44
N GLU D 97 -11.05 4.93 -15.60
CA GLU D 97 -10.30 4.06 -16.49
C GLU D 97 -8.92 3.75 -15.95
N ASP D 98 -8.49 4.42 -14.88
CA ASP D 98 -7.27 4.07 -14.19
C ASP D 98 -7.45 2.87 -13.27
N HIS D 99 -8.67 2.34 -13.17
CA HIS D 99 -8.92 1.08 -12.50
C HIS D 99 -8.56 -0.12 -13.38
N LEU D 100 -8.57 0.05 -14.69
CA LEU D 100 -8.36 -1.05 -15.62
C LEU D 100 -7.07 -1.83 -15.38
N PRO D 101 -5.90 -1.20 -15.28
CA PRO D 101 -4.67 -1.97 -15.08
C PRO D 101 -4.77 -3.00 -13.95
N GLY D 102 -5.14 -2.54 -12.75
CA GLY D 102 -5.26 -3.45 -11.64
C GLY D 102 -6.33 -4.50 -11.85
N LEU D 103 -7.46 -4.10 -12.42
CA LEU D 103 -8.53 -5.06 -12.68
C LEU D 103 -8.14 -6.05 -13.78
N LYS D 104 -7.50 -5.56 -14.84
CA LYS D 104 -7.06 -6.46 -15.90
C LYS D 104 -6.08 -7.49 -15.38
N GLU D 105 -5.13 -7.08 -14.55
CA GLU D 105 -4.15 -8.03 -14.01
C GLU D 105 -4.82 -9.05 -13.10
N LEU D 106 -5.83 -8.61 -12.34
CA LEU D 106 -6.58 -9.57 -11.54
C LEU D 106 -7.28 -10.58 -12.44
N ALA D 107 -8.07 -10.09 -13.39
CA ALA D 107 -8.77 -11.00 -14.30
C ALA D 107 -7.79 -11.85 -15.08
N ARG D 108 -6.60 -11.33 -15.38
N ARG D 108 -6.60 -11.33 -15.38
CA ARG D 108 -5.64 -12.10 -16.17
CA ARG D 108 -5.63 -12.08 -16.16
C ARG D 108 -5.18 -13.33 -15.42
C ARG D 108 -5.17 -13.33 -15.42
N ARG D 109 -4.68 -13.15 -14.19
CA ARG D 109 -4.19 -14.27 -13.40
C ARG D 109 -5.31 -15.06 -12.74
N ILE D 110 -6.57 -14.64 -12.91
CA ILE D 110 -7.67 -15.56 -12.63
C ILE D 110 -7.72 -16.62 -13.72
N ARG D 111 -7.56 -16.17 -14.98
CA ARG D 111 -7.47 -17.11 -16.10
C ARG D 111 -6.27 -18.02 -15.93
N GLU D 112 -5.20 -17.50 -15.31
CA GLU D 112 -4.02 -18.30 -15.05
C GLU D 112 -4.37 -19.60 -14.34
N ALA D 113 -5.24 -19.52 -13.33
CA ALA D 113 -5.62 -20.70 -12.57
C ALA D 113 -6.64 -21.59 -13.27
N GLY D 114 -7.38 -21.08 -14.24
CA GLY D 114 -8.28 -21.93 -15.00
C GLY D 114 -9.71 -21.44 -15.07
N ALA D 115 -10.10 -20.60 -14.13
CA ALA D 115 -11.48 -20.18 -14.00
C ALA D 115 -11.79 -18.98 -14.88
N VAL D 116 -13.01 -18.92 -15.38
CA VAL D 116 -13.46 -17.75 -16.13
C VAL D 116 -13.55 -16.56 -15.20
N PRO D 117 -13.05 -15.37 -15.59
CA PRO D 117 -13.16 -14.20 -14.71
C PRO D 117 -14.46 -13.44 -14.92
N GLY D 118 -15.20 -13.21 -13.82
CA GLY D 118 -16.37 -12.39 -13.87
C GLY D 118 -16.32 -11.34 -12.78
N ILE D 119 -17.16 -10.31 -12.94
CA ILE D 119 -17.15 -9.17 -12.04
C ILE D 119 -18.60 -8.76 -11.76
N GLN D 120 -18.85 -8.29 -10.54
CA GLN D 120 -20.15 -7.78 -10.15
C GLN D 120 -20.13 -6.26 -10.10
N LEU D 121 -20.99 -5.64 -10.90
CA LEU D 121 -21.18 -4.19 -10.86
C LEU D 121 -22.28 -3.86 -9.86
N ALA D 122 -22.01 -2.89 -8.98
CA ALA D 122 -22.94 -2.61 -7.90
C ALA D 122 -22.95 -1.12 -7.55
N HIS D 123 -24.02 -0.72 -6.88
CA HIS D 123 -24.16 0.61 -6.30
C HIS D 123 -24.87 0.45 -4.96
N ALA D 124 -24.21 0.84 -3.87
CA ALA D 124 -24.66 0.50 -2.53
C ALA D 124 -25.89 1.29 -2.07
N GLY D 125 -26.32 2.29 -2.82
CA GLY D 125 -27.54 3.00 -2.44
C GLY D 125 -27.48 3.50 -1.01
N ARG D 126 -28.62 3.39 -0.31
CA ARG D 126 -28.72 3.94 1.03
C ARG D 126 -27.83 3.21 2.04
N LYS D 127 -27.31 2.05 1.66
CA LYS D 127 -26.37 1.34 2.52
C LYS D 127 -24.93 1.72 2.23
N ALA D 128 -24.71 2.72 1.37
CA ALA D 128 -23.36 3.11 1.01
C ALA D 128 -22.68 3.85 2.16
N GLY D 129 -21.35 3.75 2.19
CA GLY D 129 -20.57 4.50 3.15
C GLY D 129 -20.51 3.90 4.54
N THR D 130 -20.30 2.59 4.64
CA THR D 130 -20.13 1.93 5.92
C THR D 130 -18.66 1.59 6.12
N ALA D 131 -18.27 1.48 7.39
CA ALA D 131 -16.92 1.02 7.70
C ALA D 131 -16.80 -0.47 7.36
N ARG D 132 -15.59 -1.01 7.56
CA ARG D 132 -15.35 -2.43 7.38
C ARG D 132 -15.93 -3.23 8.54
N PRO D 133 -16.30 -4.49 8.31
CA PRO D 133 -16.92 -5.27 9.41
C PRO D 133 -16.05 -5.35 10.65
N TRP D 134 -14.72 -5.42 10.50
CA TRP D 134 -13.82 -5.47 11.64
C TRP D 134 -13.34 -4.09 12.07
N GLU D 135 -13.88 -3.03 11.47
CA GLU D 135 -13.62 -1.66 11.92
C GLU D 135 -14.86 -0.98 12.47
N GLY D 136 -15.92 -1.74 12.72
CA GLY D 136 -17.14 -1.16 13.24
C GLY D 136 -18.33 -1.39 12.33
N GLY D 137 -18.11 -1.28 11.03
CA GLY D 137 -19.20 -1.46 10.10
C GLY D 137 -20.26 -0.39 10.20
N LYS D 138 -19.91 0.80 10.68
CA LYS D 138 -20.88 1.84 10.94
C LYS D 138 -20.86 2.90 9.85
N PRO D 139 -22.00 3.52 9.56
CA PRO D 139 -22.05 4.52 8.48
C PRO D 139 -21.03 5.63 8.71
N LEU D 140 -20.62 6.25 7.60
CA LEU D 140 -19.68 7.37 7.64
C LEU D 140 -20.32 8.68 7.22
N GLY D 141 -21.61 8.67 6.88
CA GLY D 141 -22.33 9.89 6.58
C GLY D 141 -22.11 10.44 5.19
N TRP D 142 -22.06 9.58 4.19
CA TRP D 142 -21.99 10.06 2.81
C TRP D 142 -23.35 10.59 2.37
N ARG D 143 -23.35 11.30 1.25
CA ARG D 143 -24.61 11.79 0.65
C ARG D 143 -25.18 10.67 -0.23
N VAL D 144 -25.57 9.58 0.45
CA VAL D 144 -26.05 8.41 -0.25
C VAL D 144 -27.36 8.73 -0.98
N VAL D 145 -27.67 7.91 -1.98
CA VAL D 145 -28.86 8.08 -2.80
C VAL D 145 -29.77 6.87 -2.59
N GLY D 146 -30.97 6.95 -3.14
CA GLY D 146 -31.93 5.88 -3.04
C GLY D 146 -33.26 6.23 -3.67
N PRO D 147 -34.20 5.29 -3.64
CA PRO D 147 -35.54 5.57 -4.18
C PRO D 147 -36.26 6.63 -3.36
N SER D 148 -36.40 6.37 -2.07
CA SER D 148 -37.15 7.24 -1.15
C SER D 148 -36.25 7.69 -0.01
N PRO D 149 -36.62 8.78 0.68
CA PRO D 149 -35.76 9.31 1.76
C PRO D 149 -35.97 8.60 3.09
N ILE D 150 -35.53 7.35 3.16
CA ILE D 150 -35.64 6.53 4.35
C ILE D 150 -34.25 6.01 4.71
N PRO D 151 -33.74 6.27 5.91
CA PRO D 151 -32.47 5.66 6.29
C PRO D 151 -32.62 4.15 6.34
N PHE D 152 -31.56 3.42 5.99
CA PHE D 152 -31.59 1.97 6.06
C PHE D 152 -31.88 1.55 7.46
N ASP D 153 -31.23 2.22 8.40
CA ASP D 153 -31.45 1.95 9.79
C ASP D 153 -31.03 3.14 10.57
N GLU D 154 -31.14 3.05 11.88
CA GLU D 154 -30.69 4.10 12.73
C GLU D 154 -29.22 4.33 12.56
N GLY D 155 -28.83 5.55 12.28
CA GLY D 155 -27.42 5.88 12.16
C GLY D 155 -27.03 6.14 10.75
N TYR D 156 -27.83 5.65 9.82
CA TYR D 156 -27.49 5.78 8.43
C TYR D 156 -27.99 7.09 7.86
N PRO D 157 -27.22 7.64 6.93
CA PRO D 157 -27.63 8.90 6.33
C PRO D 157 -28.98 8.76 5.64
N VAL D 158 -29.81 9.80 5.65
CA VAL D 158 -31.09 9.70 4.96
C VAL D 158 -30.80 9.81 3.46
N PRO D 159 -31.17 8.81 2.66
CA PRO D 159 -30.81 8.87 1.24
C PRO D 159 -31.52 10.01 0.54
N GLU D 160 -30.88 10.53 -0.49
CA GLU D 160 -31.47 11.61 -1.29
C GLU D 160 -32.30 11.01 -2.40
N PRO D 161 -33.61 11.27 -2.45
CA PRO D 161 -34.43 10.70 -3.52
C PRO D 161 -33.85 11.07 -4.88
N LEU D 162 -33.75 10.08 -5.76
CA LEU D 162 -33.15 10.30 -7.07
C LEU D 162 -34.19 10.85 -8.04
N ASP D 163 -33.74 11.79 -8.86
CA ASP D 163 -34.53 12.33 -9.95
C ASP D 163 -34.24 11.53 -11.22
N GLU D 164 -35.13 11.65 -12.21
CA GLU D 164 -34.95 10.92 -13.46
C GLU D 164 -33.56 11.16 -14.05
N ALA D 165 -33.09 12.41 -14.02
CA ALA D 165 -31.74 12.70 -14.48
C ALA D 165 -30.70 12.05 -13.59
N GLY D 166 -30.95 12.02 -12.28
CA GLY D 166 -29.98 11.41 -11.38
C GLY D 166 -29.80 9.93 -11.62
N MET D 167 -30.91 9.19 -11.75
CA MET D 167 -30.79 7.75 -11.98
C MET D 167 -30.25 7.44 -13.37
N GLU D 168 -30.59 8.24 -14.38
CA GLU D 168 -30.01 8.00 -15.70
C GLU D 168 -28.50 8.18 -15.65
N ARG D 169 -28.01 9.11 -14.81
CA ARG D 169 -26.58 9.28 -14.62
C ARG D 169 -25.97 8.03 -13.99
N ILE D 170 -26.67 7.43 -13.03
CA ILE D 170 -26.22 6.16 -12.47
C ILE D 170 -26.05 5.14 -13.59
N LEU D 171 -27.09 4.99 -14.41
CA LEU D 171 -27.13 3.98 -15.46
C LEU D 171 -25.94 4.06 -16.40
N GLN D 172 -25.52 5.27 -16.74
CA GLN D 172 -24.35 5.42 -17.60
C GLN D 172 -23.09 5.00 -16.87
N ALA D 173 -23.10 5.06 -15.54
CA ALA D 173 -21.99 4.50 -14.77
C ALA D 173 -22.00 2.97 -14.83
N PHE D 174 -23.19 2.36 -14.80
CA PHE D 174 -23.27 0.91 -14.93
C PHE D 174 -22.90 0.48 -16.35
N VAL D 175 -23.29 1.27 -17.35
CA VAL D 175 -23.00 0.94 -18.74
C VAL D 175 -21.51 1.06 -19.02
N GLU D 176 -20.94 2.24 -18.76
CA GLU D 176 -19.50 2.41 -18.94
C GLU D 176 -18.73 1.53 -17.97
N GLY D 177 -19.27 1.28 -16.77
CA GLY D 177 -18.64 0.33 -15.88
C GLY D 177 -18.59 -1.06 -16.48
N ALA D 178 -19.66 -1.45 -17.17
CA ALA D 178 -19.67 -2.73 -17.87
C ALA D 178 -18.67 -2.71 -19.02
N ARG D 179 -18.72 -1.64 -19.83
CA ARG D 179 -17.76 -1.50 -20.92
C ARG D 179 -16.33 -1.63 -20.41
N ARG D 180 -16.07 -1.10 -19.21
CA ARG D 180 -14.72 -1.15 -18.65
C ARG D 180 -14.32 -2.56 -18.26
N ALA D 181 -15.26 -3.36 -17.72
CA ALA D 181 -14.93 -4.72 -17.32
C ALA D 181 -14.59 -5.59 -18.54
N LEU D 182 -15.34 -5.42 -19.63
CA LEU D 182 -15.02 -6.15 -20.84
C LEU D 182 -13.62 -5.82 -21.35
N ARG D 183 -13.29 -4.52 -21.38
CA ARG D 183 -11.95 -4.13 -21.81
C ARG D 183 -10.88 -4.84 -21.00
N ALA D 184 -11.17 -5.16 -19.74
CA ALA D 184 -10.22 -5.79 -18.83
C ALA D 184 -10.17 -7.31 -18.95
N GLY D 185 -11.02 -7.91 -19.77
CA GLY D 185 -11.02 -9.35 -19.96
C GLY D 185 -12.13 -10.07 -19.22
N PHE D 186 -12.85 -9.39 -18.35
CA PHE D 186 -13.97 -10.01 -17.67
C PHE D 186 -15.00 -10.47 -18.69
N GLN D 187 -15.30 -11.77 -18.66
CA GLN D 187 -16.20 -12.39 -19.62
C GLN D 187 -17.60 -12.61 -19.08
N VAL D 188 -17.84 -12.22 -17.82
CA VAL D 188 -19.15 -12.31 -17.21
C VAL D 188 -19.40 -11.05 -16.41
N ILE D 189 -20.57 -10.43 -16.61
CA ILE D 189 -20.98 -9.23 -15.89
C ILE D 189 -22.25 -9.57 -15.13
N GLU D 190 -22.25 -9.34 -13.82
CA GLU D 190 -23.43 -9.50 -12.99
C GLU D 190 -23.83 -8.14 -12.45
N LEU D 191 -25.11 -7.80 -12.55
CA LEU D 191 -25.65 -6.56 -12.00
C LEU D 191 -26.21 -6.84 -10.62
N HIS D 192 -25.64 -6.18 -9.61
CA HIS D 192 -26.04 -6.38 -8.22
C HIS D 192 -27.33 -5.62 -7.96
N MET D 193 -28.44 -6.36 -7.94
CA MET D 193 -29.76 -5.80 -7.66
C MET D 193 -30.40 -6.48 -6.46
N ALA D 194 -29.60 -6.71 -5.41
CA ALA D 194 -30.09 -7.41 -4.24
C ALA D 194 -29.54 -6.78 -2.97
N HIS D 195 -29.97 -7.31 -1.83
CA HIS D 195 -29.40 -6.99 -0.52
C HIS D 195 -29.60 -5.54 -0.14
N GLY D 196 -30.67 -4.93 -0.62
CA GLY D 196 -31.04 -3.60 -0.19
C GLY D 196 -30.18 -2.48 -0.73
N TYR D 197 -29.31 -2.76 -1.69
CA TYR D 197 -28.53 -1.74 -2.33
C TYR D 197 -29.37 -1.03 -3.39
N LEU D 198 -28.75 -0.09 -4.10
CA LEU D 198 -29.49 0.89 -4.91
C LEU D 198 -30.63 0.25 -5.70
N LEU D 199 -30.29 -0.65 -6.64
CA LEU D 199 -31.32 -1.18 -7.52
C LEU D 199 -32.22 -2.17 -6.79
N SER D 200 -31.68 -2.86 -5.78
CA SER D 200 -32.54 -3.65 -4.91
C SER D 200 -33.50 -2.75 -4.15
N SER D 201 -33.01 -1.58 -3.70
CA SER D 201 -33.87 -0.65 -2.96
C SER D 201 -35.05 -0.21 -3.81
N PHE D 202 -34.83 -0.03 -5.11
CA PHE D 202 -35.93 0.37 -5.98
C PHE D 202 -36.97 -0.73 -6.11
N LEU D 203 -36.56 -2.00 -6.01
CA LEU D 203 -37.50 -3.09 -6.20
C LEU D 203 -38.40 -3.28 -4.98
N SER D 204 -37.81 -3.25 -3.79
CA SER D 204 -38.58 -3.55 -2.58
C SER D 204 -39.41 -2.35 -2.16
N PRO D 205 -40.71 -2.54 -1.88
CA PRO D 205 -41.52 -1.41 -1.39
C PRO D 205 -41.26 -1.05 0.06
N LEU D 206 -40.54 -1.88 0.80
CA LEU D 206 -40.18 -1.55 2.17
C LEU D 206 -39.17 -0.42 2.26
N SER D 207 -38.50 -0.10 1.15
CA SER D 207 -37.56 1.00 1.11
C SER D 207 -37.85 1.98 -0.01
N ASN D 208 -38.84 1.69 -0.85
CA ASN D 208 -39.27 2.54 -1.96
C ASN D 208 -40.78 2.72 -1.81
N GLN D 209 -41.17 3.80 -1.13
CA GLN D 209 -42.57 4.21 -1.07
C GLN D 209 -42.67 5.51 -1.85
N ARG D 210 -42.04 5.54 -3.03
CA ARG D 210 -42.03 6.74 -3.84
C ARG D 210 -43.43 7.05 -4.36
N THR D 211 -43.70 8.34 -4.52
CA THR D 211 -44.99 8.81 -4.98
C THR D 211 -45.03 9.09 -6.48
N ASP D 212 -43.89 9.05 -7.15
CA ASP D 212 -43.81 9.42 -8.55
C ASP D 212 -43.95 8.16 -9.41
N ALA D 213 -43.55 8.24 -10.67
CA ALA D 213 -43.65 7.12 -11.61
C ALA D 213 -42.60 6.06 -11.37
N TYR D 214 -41.83 6.12 -10.29
CA TYR D 214 -40.81 5.11 -9.99
C TYR D 214 -41.06 4.43 -8.66
N GLY D 215 -42.32 4.42 -8.19
CA GLY D 215 -42.65 3.79 -6.93
C GLY D 215 -44.09 3.33 -6.93
N GLY D 216 -44.43 2.57 -5.89
CA GLY D 216 -45.78 2.06 -5.75
C GLY D 216 -45.95 0.75 -6.49
N SER D 217 -46.28 0.84 -7.78
CA SER D 217 -46.49 -0.36 -8.57
C SER D 217 -45.20 -1.16 -8.72
N LEU D 218 -45.32 -2.42 -9.10
CA LEU D 218 -44.15 -3.25 -9.29
C LEU D 218 -43.43 -2.79 -10.49
N GLU D 219 -44.17 -2.33 -11.46
CA GLU D 219 -43.60 -1.92 -12.70
C GLU D 219 -42.84 -0.65 -12.49
N ASN D 220 -43.31 0.17 -11.58
CA ASN D 220 -42.68 1.42 -11.31
C ASN D 220 -41.46 1.14 -10.53
N ARG D 221 -41.53 0.22 -9.60
CA ARG D 221 -40.36 -0.19 -8.83
C ARG D 221 -39.38 -0.99 -9.68
N MET D 222 -39.86 -1.62 -10.74
CA MET D 222 -39.00 -2.37 -11.66
C MET D 222 -38.45 -1.53 -12.80
N ARG D 223 -38.93 -0.32 -13.00
CA ARG D 223 -38.52 0.44 -14.18
C ARG D 223 -37.02 0.69 -14.14
N PHE D 224 -36.57 1.52 -13.20
CA PHE D 224 -35.17 1.90 -13.13
C PHE D 224 -34.25 0.68 -13.08
N PRO D 225 -34.52 -0.35 -12.29
CA PRO D 225 -33.66 -1.54 -12.34
C PRO D 225 -33.62 -2.17 -13.73
N LEU D 226 -34.78 -2.31 -14.37
CA LEU D 226 -34.80 -2.87 -15.73
C LEU D 226 -34.20 -1.91 -16.74
N GLN D 227 -34.30 -0.60 -16.50
CA GLN D 227 -33.65 0.37 -17.37
C GLN D 227 -32.14 0.18 -17.36
N VAL D 228 -31.57 -0.03 -16.16
CA VAL D 228 -30.15 -0.31 -16.06
C VAL D 228 -29.83 -1.66 -16.69
N ALA D 229 -30.68 -2.67 -16.45
CA ALA D 229 -30.43 -3.98 -17.04
C ALA D 229 -30.39 -3.92 -18.56
N GLN D 230 -31.37 -3.25 -19.16
CA GLN D 230 -31.41 -3.13 -20.62
C GLN D 230 -30.20 -2.33 -21.12
N ALA D 231 -29.91 -1.20 -20.47
CA ALA D 231 -28.82 -0.35 -20.94
C ALA D 231 -27.49 -1.10 -20.91
N VAL D 232 -27.25 -1.86 -19.85
CA VAL D 232 -26.00 -2.60 -19.80
C VAL D 232 -26.03 -3.74 -20.81
N ARG D 233 -27.15 -4.45 -20.91
CA ARG D 233 -27.25 -5.57 -21.84
C ARG D 233 -26.85 -5.15 -23.25
N GLU D 234 -27.19 -3.92 -23.65
CA GLU D 234 -26.89 -3.47 -24.99
C GLU D 234 -25.39 -3.38 -25.25
N VAL D 235 -24.59 -3.07 -24.22
CA VAL D 235 -23.16 -2.95 -24.41
C VAL D 235 -22.42 -4.26 -24.16
N VAL D 236 -23.10 -5.27 -23.65
CA VAL D 236 -22.52 -6.60 -23.44
C VAL D 236 -22.91 -7.47 -24.63
N PRO D 237 -21.95 -8.01 -25.37
CA PRO D 237 -22.31 -8.83 -26.53
C PRO D 237 -23.08 -10.08 -26.12
N ARG D 238 -23.86 -10.61 -27.06
CA ARG D 238 -24.69 -11.77 -26.76
C ARG D 238 -23.85 -12.91 -26.20
N GLU D 239 -22.63 -13.07 -26.74
CA GLU D 239 -21.82 -14.22 -26.38
C GLU D 239 -21.50 -14.25 -24.89
N LEU D 240 -21.28 -13.07 -24.30
CA LEU D 240 -20.94 -12.98 -22.89
C LEU D 240 -22.22 -12.93 -22.07
N PRO D 241 -22.41 -13.84 -21.11
CA PRO D 241 -23.67 -13.86 -20.37
C PRO D 241 -23.76 -12.69 -19.40
N LEU D 242 -24.94 -12.09 -19.32
CA LEU D 242 -25.22 -11.02 -18.36
C LEU D 242 -26.00 -11.65 -17.22
N PHE D 243 -25.41 -11.67 -16.04
CA PHE D 243 -26.07 -12.17 -14.85
C PHE D 243 -26.77 -11.03 -14.12
N VAL D 244 -27.72 -11.39 -13.26
CA VAL D 244 -28.39 -10.43 -12.40
C VAL D 244 -28.60 -11.10 -11.04
N ARG D 245 -28.06 -10.51 -10.00
CA ARG D 245 -28.30 -10.98 -8.64
C ARG D 245 -29.43 -10.16 -8.04
N VAL D 246 -30.44 -10.85 -7.51
CA VAL D 246 -31.63 -10.21 -6.96
C VAL D 246 -31.93 -10.83 -5.61
N SER D 247 -32.39 -10.01 -4.68
CA SER D 247 -32.95 -10.50 -3.42
C SER D 247 -34.37 -10.99 -3.72
N ALA D 248 -34.50 -12.32 -3.84
CA ALA D 248 -35.78 -12.91 -4.23
C ALA D 248 -36.89 -12.60 -3.25
N THR D 249 -36.55 -12.19 -2.04
CA THR D 249 -37.56 -11.83 -1.05
C THR D 249 -36.98 -10.82 -0.09
N ASP D 250 -37.82 -9.88 0.36
CA ASP D 250 -37.41 -8.98 1.43
C ASP D 250 -37.49 -9.68 2.77
N TRP D 251 -38.29 -10.75 2.85
CA TRP D 251 -38.53 -11.51 4.06
C TRP D 251 -39.44 -10.77 5.02
N GLY D 252 -39.70 -9.50 4.75
CA GLY D 252 -40.65 -8.72 5.53
C GLY D 252 -41.99 -8.76 4.79
N GLU D 253 -43.06 -8.92 5.57
CA GLU D 253 -44.37 -9.04 4.97
C GLU D 253 -44.75 -7.74 4.26
N GLY D 254 -45.55 -7.87 3.21
CA GLY D 254 -45.83 -6.73 2.36
C GLY D 254 -44.61 -6.13 1.68
N GLY D 255 -43.63 -6.97 1.34
CA GLY D 255 -42.42 -6.51 0.69
C GLY D 255 -42.19 -7.25 -0.61
N TRP D 256 -40.96 -7.17 -1.14
CA TRP D 256 -40.62 -7.93 -2.34
C TRP D 256 -40.84 -9.42 -2.07
N SER D 257 -41.77 -10.03 -2.81
CA SER D 257 -42.08 -11.44 -2.65
C SER D 257 -41.37 -12.26 -3.72
N LEU D 258 -41.42 -13.58 -3.56
CA LEU D 258 -40.93 -14.45 -4.61
C LEU D 258 -41.65 -14.18 -5.93
N GLU D 259 -42.97 -13.96 -5.88
CA GLU D 259 -43.71 -13.78 -7.12
C GLU D 259 -43.38 -12.45 -7.79
N ASP D 260 -43.03 -11.42 -7.01
CA ASP D 260 -42.51 -10.20 -7.63
C ASP D 260 -41.22 -10.51 -8.39
N THR D 261 -40.39 -11.38 -7.81
CA THR D 261 -39.19 -11.83 -8.51
C THR D 261 -39.56 -12.60 -9.77
N LEU D 262 -40.67 -13.33 -9.73
CA LEU D 262 -41.06 -14.13 -10.88
C LEU D 262 -41.46 -13.25 -12.06
N ALA D 263 -42.06 -12.08 -11.80
CA ALA D 263 -42.30 -11.10 -12.85
C ALA D 263 -41.00 -10.44 -13.30
N PHE D 264 -40.17 -10.04 -12.34
CA PHE D 264 -38.89 -9.40 -12.66
C PHE D 264 -38.05 -10.30 -13.56
N ALA D 265 -38.03 -11.61 -13.28
CA ALA D 265 -37.26 -12.52 -14.12
C ALA D 265 -37.84 -12.61 -15.54
N ARG D 266 -39.17 -12.71 -15.65
CA ARG D 266 -39.80 -12.78 -16.97
C ARG D 266 -39.40 -11.58 -17.83
N ARG D 267 -39.35 -10.39 -17.21
CA ARG D 267 -39.04 -9.11 -17.83
C ARG D 267 -37.54 -8.94 -18.02
N LEU D 268 -36.73 -9.48 -17.12
CA LEU D 268 -35.29 -9.56 -17.36
C LEU D 268 -34.98 -10.59 -18.46
N LYS D 269 -35.64 -11.74 -18.42
CA LYS D 269 -35.43 -12.75 -19.45
C LYS D 269 -35.73 -12.19 -20.83
N GLU D 270 -36.72 -11.31 -20.93
CA GLU D 270 -37.11 -10.75 -22.21
C GLU D 270 -36.14 -9.66 -22.66
N LEU D 271 -35.35 -9.11 -21.75
CA LEU D 271 -34.34 -8.13 -22.11
C LEU D 271 -33.05 -8.76 -22.60
N GLY D 272 -32.88 -10.08 -22.43
CA GLY D 272 -31.68 -10.76 -22.85
C GLY D 272 -30.77 -11.22 -21.72
N VAL D 273 -31.13 -10.96 -20.45
CA VAL D 273 -30.32 -11.45 -19.35
C VAL D 273 -30.25 -12.96 -19.43
N ASP D 274 -29.02 -13.50 -19.37
CA ASP D 274 -28.81 -14.92 -19.63
C ASP D 274 -29.01 -15.79 -18.40
N LEU D 275 -28.96 -15.23 -17.19
CA LEU D 275 -29.10 -16.02 -15.98
C LEU D 275 -29.41 -15.11 -14.81
N LEU D 276 -30.19 -15.63 -13.86
CA LEU D 276 -30.51 -14.93 -12.63
C LEU D 276 -29.87 -15.64 -11.45
N ASP D 277 -29.22 -14.87 -10.59
CA ASP D 277 -28.65 -15.37 -9.35
C ASP D 277 -29.57 -14.94 -8.22
N CYS D 278 -30.20 -15.91 -7.57
CA CYS D 278 -31.25 -15.63 -6.59
C CYS D 278 -30.66 -15.68 -5.18
N SER D 279 -30.58 -14.51 -4.56
CA SER D 279 -30.29 -14.36 -3.14
C SER D 279 -31.55 -13.85 -2.44
N SER D 280 -31.40 -13.36 -1.22
CA SER D 280 -32.54 -12.81 -0.50
C SER D 280 -32.04 -11.93 0.64
N GLY D 281 -32.98 -11.17 1.20
CA GLY D 281 -32.70 -10.36 2.37
C GLY D 281 -31.87 -9.13 2.04
N GLY D 282 -31.53 -8.39 3.10
CA GLY D 282 -30.64 -7.26 3.03
C GLY D 282 -31.33 -5.91 2.97
N VAL D 283 -32.56 -5.87 2.47
CA VAL D 283 -33.25 -4.59 2.35
C VAL D 283 -33.41 -3.93 3.71
N VAL D 284 -33.75 -4.71 4.74
CA VAL D 284 -33.86 -4.22 6.10
C VAL D 284 -33.34 -5.28 7.05
N LEU D 285 -33.02 -4.86 8.27
CA LEU D 285 -32.48 -5.75 9.29
C LEU D 285 -33.53 -6.31 10.23
N ARG D 286 -34.65 -5.60 10.42
CA ARG D 286 -35.69 -6.03 11.34
C ARG D 286 -36.57 -7.07 10.67
N VAL D 287 -36.02 -8.30 10.56
CA VAL D 287 -36.73 -9.39 9.92
C VAL D 287 -36.01 -10.73 10.09
N ARG D 288 -36.78 -11.81 10.12
CA ARG D 288 -36.31 -13.18 10.34
C ARG D 288 -36.28 -13.95 9.02
N ILE D 289 -35.26 -14.77 8.83
CA ILE D 289 -35.04 -15.52 7.59
C ILE D 289 -34.97 -17.01 7.91
N PRO D 290 -35.72 -17.87 7.18
CA PRO D 290 -35.65 -19.33 7.43
C PRO D 290 -34.35 -19.94 6.94
N LEU D 291 -33.31 -19.71 7.75
CA LEU D 291 -31.91 -20.01 7.44
C LEU D 291 -31.61 -21.50 7.65
N ALA D 292 -31.03 -22.10 6.61
CA ALA D 292 -30.82 -23.54 6.53
C ALA D 292 -30.05 -23.84 5.24
N PRO D 293 -29.45 -25.02 5.14
CA PRO D 293 -28.74 -25.38 3.90
C PRO D 293 -29.62 -25.28 2.67
N GLY D 294 -29.15 -24.54 1.68
CA GLY D 294 -29.89 -24.37 0.44
C GLY D 294 -31.27 -23.76 0.65
N PHE D 295 -31.36 -22.82 1.59
CA PHE D 295 -32.65 -22.20 1.88
C PHE D 295 -33.10 -21.25 0.78
N GLN D 296 -32.18 -20.75 -0.04
CA GLN D 296 -32.54 -19.92 -1.18
C GLN D 296 -32.66 -20.71 -2.46
N VAL D 297 -32.34 -22.00 -2.45
CA VAL D 297 -32.55 -22.85 -3.61
C VAL D 297 -34.02 -22.78 -4.07
N PRO D 298 -35.01 -22.76 -3.18
CA PRO D 298 -36.40 -22.67 -3.68
C PRO D 298 -36.63 -21.48 -4.60
N PHE D 299 -35.89 -20.38 -4.42
CA PHE D 299 -36.04 -19.23 -5.32
C PHE D 299 -35.47 -19.53 -6.70
N ALA D 300 -34.28 -20.13 -6.75
CA ALA D 300 -33.74 -20.55 -8.04
C ALA D 300 -34.63 -21.58 -8.70
N ASP D 301 -35.12 -22.54 -7.93
CA ASP D 301 -36.01 -23.56 -8.48
C ASP D 301 -37.26 -22.94 -9.06
N ALA D 302 -37.87 -22.00 -8.33
CA ALA D 302 -39.10 -21.40 -8.80
C ALA D 302 -38.87 -20.61 -10.08
N VAL D 303 -37.79 -19.83 -10.13
CA VAL D 303 -37.52 -19.03 -11.33
C VAL D 303 -37.18 -19.92 -12.51
N ARG D 304 -36.32 -20.92 -12.28
CA ARG D 304 -35.82 -21.74 -13.39
C ARG D 304 -36.96 -22.49 -14.07
N LYS D 305 -37.93 -22.96 -13.30
CA LYS D 305 -38.97 -23.83 -13.82
C LYS D 305 -40.20 -23.05 -14.28
N ARG D 306 -40.49 -21.92 -13.64
CA ARG D 306 -41.71 -21.18 -13.90
C ARG D 306 -41.56 -20.07 -14.92
N VAL D 307 -40.34 -19.62 -15.20
CA VAL D 307 -40.11 -18.56 -16.17
C VAL D 307 -39.26 -19.09 -17.32
N GLY D 308 -38.39 -20.04 -17.00
CA GLY D 308 -37.50 -20.61 -18.00
C GLY D 308 -36.18 -19.91 -18.13
N LEU D 309 -35.83 -19.03 -17.19
CA LEU D 309 -34.55 -18.35 -17.22
C LEU D 309 -33.55 -19.13 -16.39
N ARG D 310 -32.35 -19.31 -16.92
CA ARG D 310 -31.30 -19.96 -16.17
C ARG D 310 -31.07 -19.24 -14.85
N THR D 311 -30.75 -20.00 -13.82
CA THR D 311 -30.64 -19.47 -12.47
C THR D 311 -29.40 -20.02 -11.80
N GLY D 312 -28.90 -19.27 -10.83
CA GLY D 312 -27.79 -19.69 -10.00
C GLY D 312 -28.23 -19.83 -8.58
N ALA D 313 -27.91 -20.97 -7.96
CA ALA D 313 -28.26 -21.26 -6.59
C ALA D 313 -27.11 -20.86 -5.68
N VAL D 314 -27.45 -20.24 -4.55
CA VAL D 314 -26.47 -19.82 -3.56
C VAL D 314 -27.17 -19.85 -2.21
N GLY D 315 -26.38 -19.94 -1.15
CA GLY D 315 -26.92 -19.92 0.19
C GLY D 315 -26.66 -21.22 0.93
N LEU D 316 -25.58 -21.24 1.71
CA LEU D 316 -25.22 -22.41 2.50
C LEU D 316 -25.21 -23.67 1.64
N ILE D 317 -24.53 -23.57 0.51
CA ILE D 317 -24.23 -24.73 -0.34
C ILE D 317 -22.83 -25.17 0.06
N THR D 318 -22.73 -26.27 0.81
CA THR D 318 -21.48 -26.64 1.46
C THR D 318 -21.00 -28.05 1.15
N THR D 319 -21.79 -28.88 0.48
CA THR D 319 -21.41 -30.26 0.22
C THR D 319 -21.44 -30.56 -1.26
N PRO D 320 -20.59 -31.47 -1.74
CA PRO D 320 -20.69 -31.88 -3.16
C PRO D 320 -22.03 -32.52 -3.48
N GLU D 321 -22.54 -33.36 -2.59
CA GLU D 321 -23.76 -34.11 -2.86
C GLU D 321 -24.96 -33.19 -3.01
N GLN D 322 -25.08 -32.16 -2.17
CA GLN D 322 -26.22 -31.26 -2.26
C GLN D 322 -26.13 -30.39 -3.51
N ALA D 323 -24.92 -29.91 -3.85
CA ALA D 323 -24.78 -29.11 -5.06
C ALA D 323 -25.25 -29.89 -6.28
N GLU D 324 -24.82 -31.13 -6.41
CA GLU D 324 -25.25 -31.95 -7.54
C GLU D 324 -26.74 -32.25 -7.47
N THR D 325 -27.30 -32.34 -6.26
CA THR D 325 -28.69 -32.76 -6.12
C THR D 325 -29.64 -31.68 -6.60
N LEU D 326 -29.37 -30.42 -6.24
CA LEU D 326 -30.24 -29.34 -6.70
C LEU D 326 -30.10 -29.13 -8.20
N LEU D 327 -28.92 -29.41 -8.74
CA LEU D 327 -28.75 -29.39 -10.19
C LEU D 327 -29.50 -30.54 -10.85
N GLN D 328 -29.40 -31.74 -10.27
CA GLN D 328 -30.13 -32.87 -10.82
C GLN D 328 -31.63 -32.61 -10.81
N ALA D 329 -32.15 -32.05 -9.71
CA ALA D 329 -33.56 -31.76 -9.57
C ALA D 329 -34.03 -30.62 -10.46
N GLY D 330 -33.12 -29.99 -11.20
CA GLY D 330 -33.51 -28.87 -12.03
C GLY D 330 -33.85 -27.62 -11.26
N SER D 331 -33.33 -27.48 -10.03
CA SER D 331 -33.56 -26.27 -9.25
C SER D 331 -32.68 -25.10 -9.72
N ALA D 332 -31.60 -25.39 -10.42
CA ALA D 332 -30.71 -24.35 -10.92
C ALA D 332 -29.80 -24.95 -11.98
N ASP D 333 -29.15 -24.07 -12.74
CA ASP D 333 -28.15 -24.46 -13.72
C ASP D 333 -26.72 -24.27 -13.23
N LEU D 334 -26.51 -23.34 -12.30
CA LEU D 334 -25.18 -23.00 -11.81
C LEU D 334 -25.22 -22.94 -10.29
N VAL D 335 -24.19 -23.50 -9.65
CA VAL D 335 -24.08 -23.54 -8.21
C VAL D 335 -23.04 -22.52 -7.77
N LEU D 336 -23.46 -21.52 -7.01
CA LEU D 336 -22.57 -20.49 -6.49
C LEU D 336 -22.17 -20.83 -5.06
N LEU D 337 -20.89 -20.71 -4.76
CA LEU D 337 -20.33 -21.02 -3.45
C LEU D 337 -19.77 -19.75 -2.84
N GLY D 338 -20.12 -19.50 -1.58
CA GLY D 338 -19.62 -18.33 -0.89
C GLY D 338 -18.63 -18.64 0.22
N ARG D 339 -19.14 -18.65 1.46
CA ARG D 339 -18.27 -18.77 2.62
C ARG D 339 -17.49 -20.08 2.64
N VAL D 340 -17.90 -21.07 1.84
CA VAL D 340 -17.19 -22.34 1.81
C VAL D 340 -15.79 -22.15 1.25
N LEU D 341 -15.64 -21.24 0.29
CA LEU D 341 -14.36 -20.99 -0.35
C LEU D 341 -13.47 -20.06 0.47
N LEU D 342 -14.01 -19.43 1.52
CA LEU D 342 -13.15 -18.72 2.46
C LEU D 342 -12.42 -19.70 3.36
N ARG D 343 -13.13 -20.69 3.89
CA ARG D 343 -12.53 -21.72 4.74
C ARG D 343 -11.95 -22.87 3.95
N ASP D 344 -12.38 -23.06 2.71
CA ASP D 344 -11.94 -24.18 1.87
C ASP D 344 -11.82 -23.72 0.44
N PRO D 345 -10.71 -23.05 0.09
CA PRO D 345 -10.58 -22.55 -1.29
C PRO D 345 -10.54 -23.67 -2.32
N TYR D 346 -9.92 -24.81 -1.98
CA TYR D 346 -9.78 -25.91 -2.92
C TYR D 346 -10.92 -26.90 -2.82
N PHE D 347 -12.03 -26.52 -2.21
CA PHE D 347 -13.19 -27.40 -2.09
C PHE D 347 -13.61 -28.01 -3.42
N PRO D 348 -13.74 -27.25 -4.52
CA PRO D 348 -14.20 -27.87 -5.77
C PRO D 348 -13.32 -29.02 -6.23
N LEU D 349 -12.01 -28.92 -6.00
CA LEU D 349 -11.10 -30.00 -6.38
C LEU D 349 -11.36 -31.27 -5.57
N ARG D 350 -11.53 -31.13 -4.25
CA ARG D 350 -11.78 -32.30 -3.42
C ARG D 350 -13.21 -32.81 -3.56
N ALA D 351 -14.14 -31.92 -3.91
CA ALA D 351 -15.51 -32.34 -4.16
C ALA D 351 -15.59 -33.26 -5.38
N ALA D 352 -14.77 -32.99 -6.39
CA ALA D 352 -14.79 -33.81 -7.60
C ALA D 352 -14.37 -35.25 -7.31
N LYS D 353 -13.24 -35.43 -6.61
CA LYS D 353 -12.80 -36.79 -6.31
C LYS D 353 -13.77 -37.48 -5.36
N ALA D 354 -14.49 -36.72 -4.54
CA ALA D 354 -15.53 -37.27 -3.69
C ALA D 354 -16.77 -37.64 -4.49
N LEU D 355 -16.80 -37.33 -5.79
CA LEU D 355 -17.97 -37.59 -6.63
C LEU D 355 -17.60 -38.46 -7.78
N GLY D 356 -16.43 -39.08 -7.70
CA GLY D 356 -15.97 -39.98 -8.74
C GLY D 356 -15.37 -39.29 -9.92
N VAL D 357 -15.15 -38.00 -9.79
CA VAL D 357 -14.64 -37.23 -10.89
C VAL D 357 -13.18 -37.07 -10.70
N ALA D 358 -12.46 -37.17 -11.79
CA ALA D 358 -11.05 -36.98 -11.72
C ALA D 358 -10.85 -35.53 -11.47
N PRO D 359 -10.30 -35.21 -10.32
CA PRO D 359 -10.13 -33.78 -10.15
C PRO D 359 -9.30 -33.16 -11.26
N GLU D 360 -9.38 -31.84 -11.42
CA GLU D 360 -8.62 -31.13 -12.43
C GLU D 360 -7.46 -30.47 -11.75
N VAL D 361 -6.61 -31.23 -11.09
CA VAL D 361 -5.55 -30.65 -10.30
C VAL D 361 -4.35 -30.19 -11.10
N PRO D 362 -3.61 -29.21 -10.57
CA PRO D 362 -2.36 -28.81 -11.22
C PRO D 362 -1.29 -29.88 -11.18
N PRO D 363 -0.39 -29.91 -12.16
CA PRO D 363 0.60 -31.02 -12.08
C PRO D 363 1.41 -31.05 -10.80
N GLN D 364 1.71 -29.89 -10.23
CA GLN D 364 2.47 -29.85 -8.98
C GLN D 364 1.70 -30.42 -7.80
N TYR D 365 0.38 -30.49 -7.86
CA TYR D 365 -0.41 -30.98 -6.75
C TYR D 365 -1.05 -32.35 -6.97
N GLN D 366 -0.81 -32.99 -8.13
CA GLN D 366 -1.47 -34.26 -8.40
C GLN D 366 -1.00 -35.34 -7.43
N ARG D 367 0.23 -35.24 -6.93
CA ARG D 367 0.70 -36.21 -5.96
C ARG D 367 0.01 -36.05 -4.62
N GLY D 368 -0.75 -34.98 -4.46
CA GLY D 368 -1.58 -34.80 -3.29
C GLY D 368 -2.99 -35.30 -3.42
N PHE D 369 -3.38 -35.82 -4.59
CA PHE D 369 -4.74 -36.31 -4.77
C PHE D 369 -4.73 -37.78 -5.15
N SER E 19 -27.88 -21.64 10.90
CA SER E 19 -28.40 -22.75 11.68
C SER E 19 -29.69 -22.34 12.37
N HIS E 20 -30.33 -21.31 11.85
CA HIS E 20 -31.57 -20.83 12.44
C HIS E 20 -32.76 -21.75 12.16
N MET E 21 -32.56 -22.80 11.37
CA MET E 21 -33.67 -23.66 11.00
C MET E 21 -33.24 -24.97 10.40
N ALA E 22 -34.16 -25.93 10.33
CA ALA E 22 -33.87 -27.23 9.75
C ALA E 22 -35.16 -27.93 9.48
N LEU E 23 -35.52 -27.99 8.23
CA LEU E 23 -36.74 -28.68 7.83
C LEU E 23 -36.64 -30.20 7.95
N LEU E 24 -35.44 -30.76 7.78
CA LEU E 24 -35.30 -32.22 7.78
C LEU E 24 -35.77 -32.82 9.10
N PHE E 25 -35.71 -32.04 10.17
CA PHE E 25 -36.06 -32.50 11.51
C PHE E 25 -37.22 -31.69 12.07
N THR E 26 -38.06 -31.19 11.18
CA THR E 26 -39.36 -30.63 11.50
C THR E 26 -40.41 -31.70 11.30
N PRO E 27 -41.40 -31.82 12.18
CA PRO E 27 -42.39 -32.90 12.04
C PRO E 27 -43.08 -32.85 10.68
N LEU E 28 -43.36 -34.03 10.13
CA LEU E 28 -44.11 -34.17 8.89
C LEU E 28 -45.44 -34.84 9.20
N GLU E 29 -46.53 -34.21 8.80
CA GLU E 29 -47.88 -34.71 9.08
C GLU E 29 -48.45 -35.38 7.82
N LEU E 30 -48.68 -36.68 7.92
CA LEU E 30 -49.25 -37.47 6.84
C LEU E 30 -50.45 -38.24 7.38
N GLY E 31 -51.59 -38.07 6.74
CA GLY E 31 -52.80 -38.72 7.21
C GLY E 31 -53.22 -38.25 8.59
N GLY E 32 -53.01 -39.09 9.61
CA GLY E 32 -53.40 -38.68 10.95
C GLY E 32 -52.38 -38.87 12.07
N LEU E 33 -51.12 -38.99 11.72
CA LEU E 33 -50.04 -39.07 12.69
C LEU E 33 -48.99 -38.03 12.31
N ARG E 34 -48.11 -37.72 13.25
CA ARG E 34 -47.00 -36.79 13.05
C ARG E 34 -45.71 -37.53 13.29
N LEU E 35 -44.78 -37.42 12.33
CA LEU E 35 -43.49 -38.07 12.44
C LEU E 35 -42.47 -37.06 12.96
N LYS E 36 -41.60 -37.53 13.84
CA LYS E 36 -40.69 -36.62 14.53
C LYS E 36 -39.79 -35.85 13.57
N ASN E 37 -39.60 -36.34 12.35
CA ASN E 37 -38.80 -35.63 11.37
C ASN E 37 -39.20 -36.11 9.97
N ARG E 38 -38.49 -35.61 8.97
CA ARG E 38 -38.78 -35.90 7.57
C ARG E 38 -37.85 -36.93 6.99
N LEU E 39 -37.25 -37.79 7.82
CA LEU E 39 -36.37 -38.85 7.40
C LEU E 39 -37.08 -40.20 7.55
N ALA E 40 -36.99 -41.03 6.52
CA ALA E 40 -37.57 -42.36 6.55
C ALA E 40 -36.54 -43.35 6.03
N MET E 41 -36.65 -44.59 6.50
CA MET E 41 -35.80 -45.66 6.01
C MET E 41 -36.45 -46.31 4.80
N SER E 42 -35.71 -46.34 3.68
CA SER E 42 -36.22 -46.99 2.49
C SER E 42 -36.28 -48.50 2.69
N PRO E 43 -37.28 -49.18 2.14
CA PRO E 43 -37.36 -50.64 2.28
C PRO E 43 -36.15 -51.33 1.66
N MET E 44 -35.57 -52.28 2.39
CA MET E 44 -34.36 -52.95 1.93
C MET E 44 -34.38 -54.40 2.42
N CYS E 45 -34.52 -55.34 1.48
CA CYS E 45 -34.58 -56.74 1.85
C CYS E 45 -33.28 -57.21 2.50
N GLN E 46 -33.42 -57.91 3.62
CA GLN E 46 -32.30 -58.56 4.29
C GLN E 46 -32.20 -60.04 3.95
N TYR E 47 -33.21 -60.59 3.27
CA TYR E 47 -33.21 -62.00 2.87
C TYR E 47 -32.88 -62.91 4.04
N SER E 48 -33.35 -62.54 5.23
CA SER E 48 -33.07 -63.30 6.44
C SER E 48 -34.34 -63.88 7.06
N ALA E 49 -35.45 -63.89 6.33
CA ALA E 49 -36.67 -64.49 6.83
C ALA E 49 -36.58 -66.02 6.75
N THR E 50 -37.58 -66.68 7.32
CA THR E 50 -37.66 -68.13 7.24
C THR E 50 -38.15 -68.55 5.86
N LEU E 51 -38.12 -69.87 5.61
CA LEU E 51 -38.63 -70.40 4.35
C LEU E 51 -40.14 -70.25 4.24
N GLU E 52 -40.84 -70.09 5.35
CA GLU E 52 -42.26 -69.74 5.34
C GLU E 52 -42.49 -68.24 5.46
N GLY E 53 -41.43 -67.45 5.59
CA GLY E 53 -41.55 -66.01 5.59
C GLY E 53 -41.76 -65.34 6.92
N GLU E 54 -41.41 -65.99 8.02
CA GLU E 54 -41.60 -65.38 9.33
C GLU E 54 -40.43 -64.45 9.66
N VAL E 55 -40.73 -63.38 10.39
CA VAL E 55 -39.67 -62.50 10.87
C VAL E 55 -38.75 -63.28 11.81
N THR E 56 -37.45 -63.06 11.68
CA THR E 56 -36.46 -63.78 12.47
C THR E 56 -35.74 -62.81 13.43
N ASP E 57 -34.74 -63.34 14.13
CA ASP E 57 -33.98 -62.52 15.07
C ASP E 57 -33.22 -61.41 14.36
N TRP E 58 -32.80 -61.63 13.11
CA TRP E 58 -32.05 -60.61 12.40
C TRP E 58 -32.85 -59.32 12.31
N HIS E 59 -34.10 -59.41 11.84
CA HIS E 59 -34.92 -58.21 11.70
C HIS E 59 -35.12 -57.53 13.04
N LEU E 60 -35.23 -58.31 14.11
CA LEU E 60 -35.47 -57.75 15.44
C LEU E 60 -34.24 -57.05 16.01
N LEU E 61 -33.11 -57.09 15.32
CA LEU E 61 -31.98 -56.23 15.63
C LEU E 61 -31.72 -55.20 14.55
N HIS E 62 -31.93 -55.56 13.29
CA HIS E 62 -31.70 -54.63 12.19
C HIS E 62 -32.61 -53.42 12.32
N TYR E 63 -33.93 -53.63 12.22
CA TYR E 63 -34.84 -52.48 12.19
C TYR E 63 -34.86 -51.74 13.52
N PRO E 64 -35.01 -52.39 14.67
CA PRO E 64 -35.03 -51.63 15.94
C PRO E 64 -33.79 -50.78 16.15
N THR E 65 -32.64 -51.21 15.63
CA THR E 65 -31.44 -50.38 15.73
C THR E 65 -31.62 -49.06 14.99
N ARG E 66 -32.08 -49.14 13.73
CA ARG E 66 -32.23 -47.92 12.94
C ARG E 66 -33.38 -47.07 13.42
N ALA E 67 -34.37 -47.66 14.10
CA ALA E 67 -35.41 -46.85 14.73
C ALA E 67 -34.81 -45.97 15.83
N LEU E 68 -33.92 -46.54 16.64
CA LEU E 68 -33.14 -45.73 17.56
C LEU E 68 -32.25 -44.75 16.82
N GLY E 69 -31.90 -45.06 15.57
CA GLY E 69 -31.12 -44.17 14.73
C GLY E 69 -31.83 -42.88 14.37
N GLY E 70 -33.10 -42.76 14.69
CA GLY E 70 -33.77 -41.49 14.64
C GLY E 70 -34.63 -41.22 13.42
N VAL E 71 -34.74 -42.17 12.49
CA VAL E 71 -35.62 -41.95 11.35
C VAL E 71 -37.04 -41.83 11.87
N GLY E 72 -37.78 -40.86 11.33
CA GLY E 72 -39.16 -40.70 11.76
C GLY E 72 -40.02 -41.89 11.37
N LEU E 73 -39.63 -42.60 10.32
CA LEU E 73 -40.40 -43.70 9.80
C LEU E 73 -39.46 -44.78 9.31
N ILE E 74 -39.80 -46.02 9.60
CA ILE E 74 -39.07 -47.17 9.09
C ILE E 74 -40.04 -47.97 8.23
N LEU E 75 -39.76 -48.04 6.94
CA LEU E 75 -40.46 -48.96 6.05
C LEU E 75 -39.60 -50.20 5.93
N VAL E 76 -40.03 -51.28 6.59
CA VAL E 76 -39.24 -52.51 6.58
C VAL E 76 -39.37 -53.09 5.18
N GLU E 77 -38.51 -54.05 4.85
CA GLU E 77 -38.33 -54.51 3.49
C GLU E 77 -39.65 -54.99 2.86
N ALA E 78 -39.59 -55.14 1.54
CA ALA E 78 -40.69 -55.69 0.77
C ALA E 78 -41.09 -57.07 1.30
N THR E 79 -42.34 -57.18 1.73
CA THR E 79 -42.92 -58.42 2.24
C THR E 79 -43.97 -58.91 1.26
N ALA E 80 -43.78 -60.13 0.75
CA ALA E 80 -44.63 -60.63 -0.32
C ALA E 80 -46.01 -61.03 0.19
N VAL E 81 -47.03 -60.66 -0.59
CA VAL E 81 -48.42 -61.01 -0.27
C VAL E 81 -48.82 -62.38 -0.79
N GLU E 82 -47.92 -63.12 -1.44
CA GLU E 82 -48.19 -64.43 -2.01
C GLU E 82 -46.85 -65.12 -1.82
N PRO E 83 -46.82 -66.40 -1.41
CA PRO E 83 -45.51 -67.03 -1.19
C PRO E 83 -44.62 -67.03 -2.41
N LEU E 84 -45.18 -67.30 -3.59
CA LEU E 84 -44.42 -67.30 -4.84
C LEU E 84 -44.34 -65.92 -5.47
N GLY E 85 -44.90 -64.91 -4.81
CA GLY E 85 -44.70 -63.53 -5.19
C GLY E 85 -43.50 -62.92 -4.49
N ARG E 86 -42.70 -63.75 -3.80
CA ARG E 86 -41.53 -63.30 -3.08
C ARG E 86 -40.36 -63.10 -4.03
N ILE E 87 -39.46 -62.18 -3.67
CA ILE E 87 -38.23 -62.01 -4.42
C ILE E 87 -37.30 -63.20 -4.20
N SER E 88 -37.00 -63.51 -2.95
CA SER E 88 -36.13 -64.61 -2.56
C SER E 88 -36.91 -65.51 -1.61
N PRO E 89 -36.48 -66.76 -1.45
CA PRO E 89 -37.19 -67.66 -0.53
C PRO E 89 -37.20 -67.16 0.91
N TYR E 90 -36.31 -66.25 1.27
CA TYR E 90 -36.17 -65.79 2.65
C TYR E 90 -36.61 -64.34 2.81
N ASP E 91 -37.54 -63.91 1.97
CA ASP E 91 -38.22 -62.64 2.16
C ASP E 91 -39.22 -62.75 3.30
N LEU E 92 -39.58 -61.61 3.86
CA LEU E 92 -40.69 -61.55 4.79
C LEU E 92 -42.00 -61.83 4.05
N GLY E 93 -42.98 -62.31 4.78
CA GLY E 93 -44.27 -62.66 4.19
C GLY E 93 -45.41 -62.10 5.03
N ILE E 94 -46.54 -61.88 4.35
CA ILE E 94 -47.74 -61.40 5.02
C ILE E 94 -48.95 -62.13 4.44
N TRP E 95 -48.73 -63.31 3.87
CA TRP E 95 -49.81 -64.06 3.23
C TRP E 95 -50.54 -64.99 4.20
N SER E 96 -49.93 -65.35 5.32
CA SER E 96 -50.55 -66.21 6.31
C SER E 96 -50.73 -65.45 7.62
N GLU E 97 -51.80 -65.79 8.35
CA GLU E 97 -52.05 -65.13 9.62
C GLU E 97 -51.06 -65.54 10.70
N ASP E 98 -50.22 -66.54 10.44
CA ASP E 98 -49.14 -66.91 11.35
C ASP E 98 -47.94 -65.99 11.22
N HIS E 99 -47.97 -65.02 10.30
CA HIS E 99 -46.94 -63.99 10.25
C HIS E 99 -47.13 -62.92 11.30
N LEU E 100 -48.36 -62.72 11.77
CA LEU E 100 -48.63 -61.65 12.73
C LEU E 100 -47.72 -61.69 13.95
N PRO E 101 -47.58 -62.81 14.66
CA PRO E 101 -46.71 -62.81 15.84
C PRO E 101 -45.36 -62.17 15.58
N GLY E 102 -44.63 -62.67 14.57
CA GLY E 102 -43.34 -62.10 14.25
C GLY E 102 -43.44 -60.67 13.74
N LEU E 103 -44.42 -60.40 12.87
CA LEU E 103 -44.59 -59.05 12.34
C LEU E 103 -45.09 -58.09 13.43
N LYS E 104 -46.00 -58.57 14.28
CA LYS E 104 -46.53 -57.73 15.35
C LYS E 104 -45.42 -57.27 16.28
N GLU E 105 -44.52 -58.17 16.66
CA GLU E 105 -43.42 -57.77 17.54
C GLU E 105 -42.43 -56.87 16.83
N LEU E 106 -42.22 -57.08 15.53
CA LEU E 106 -41.33 -56.20 14.77
C LEU E 106 -41.83 -54.77 14.84
N ALA E 107 -43.11 -54.55 14.53
CA ALA E 107 -43.66 -53.21 14.63
C ALA E 107 -43.56 -52.67 16.04
N ARG E 108 -43.67 -53.55 17.06
CA ARG E 108 -43.62 -53.10 18.44
C ARG E 108 -42.21 -52.65 18.82
N ARG E 109 -41.19 -53.38 18.38
CA ARG E 109 -39.82 -53.01 18.73
C ARG E 109 -39.30 -51.86 17.89
N ILE E 110 -39.92 -51.60 16.73
CA ILE E 110 -39.58 -50.40 15.97
C ILE E 110 -40.22 -49.19 16.64
N ARG E 111 -41.50 -49.29 17.00
CA ARG E 111 -42.19 -48.17 17.62
C ARG E 111 -41.58 -47.84 18.98
N GLU E 112 -41.24 -48.87 19.76
CA GLU E 112 -40.61 -48.65 21.05
C GLU E 112 -39.32 -47.84 20.90
N ALA E 113 -38.57 -48.09 19.83
CA ALA E 113 -37.32 -47.39 19.60
C ALA E 113 -37.54 -45.93 19.22
N GLY E 114 -38.75 -45.57 18.80
CA GLY E 114 -39.07 -44.18 18.56
C GLY E 114 -39.69 -43.93 17.20
N ALA E 115 -39.40 -44.81 16.25
CA ALA E 115 -39.83 -44.61 14.87
C ALA E 115 -41.20 -45.22 14.64
N VAL E 116 -41.98 -44.59 13.77
CA VAL E 116 -43.25 -45.18 13.36
C VAL E 116 -42.98 -46.42 12.52
N PRO E 117 -43.66 -47.54 12.76
CA PRO E 117 -43.43 -48.71 11.89
C PRO E 117 -44.34 -48.72 10.68
N GLY E 118 -43.75 -48.79 9.49
CA GLY E 118 -44.52 -48.96 8.27
C GLY E 118 -43.90 -50.09 7.46
N ILE E 119 -44.67 -50.60 6.51
CA ILE E 119 -44.20 -51.74 5.73
C ILE E 119 -44.60 -51.59 4.26
N GLN E 120 -43.80 -52.22 3.40
CA GLN E 120 -44.03 -52.26 1.97
C GLN E 120 -44.60 -53.62 1.55
N LEU E 121 -45.78 -53.60 0.95
CA LEU E 121 -46.39 -54.81 0.38
C LEU E 121 -45.93 -54.94 -1.07
N ALA E 122 -45.51 -56.13 -1.47
CA ALA E 122 -44.89 -56.29 -2.77
C ALA E 122 -45.26 -57.63 -3.39
N HIS E 123 -45.10 -57.69 -4.71
CA HIS E 123 -45.21 -58.91 -5.49
C HIS E 123 -44.17 -58.86 -6.59
N ALA E 124 -43.23 -59.81 -6.58
CA ALA E 124 -42.06 -59.73 -7.46
C ALA E 124 -42.36 -60.06 -8.92
N GLY E 125 -43.56 -60.52 -9.23
CA GLY E 125 -43.91 -60.76 -10.62
C GLY E 125 -42.90 -61.65 -11.32
N ARG E 126 -42.57 -61.29 -12.56
CA ARG E 126 -41.68 -62.11 -13.37
C ARG E 126 -40.27 -62.17 -12.82
N LYS E 127 -39.93 -61.32 -11.86
CA LYS E 127 -38.63 -61.34 -11.21
C LYS E 127 -38.63 -62.19 -9.95
N ALA E 128 -39.73 -62.88 -9.66
CA ALA E 128 -39.83 -63.68 -8.44
C ALA E 128 -38.97 -64.93 -8.54
N GLY E 129 -38.54 -65.42 -7.37
CA GLY E 129 -37.81 -66.67 -7.30
C GLY E 129 -36.33 -66.52 -7.58
N THR E 130 -35.70 -65.52 -6.99
CA THR E 130 -34.27 -65.34 -7.13
C THR E 130 -33.55 -65.82 -5.88
N ALA E 131 -32.30 -66.24 -6.05
CA ALA E 131 -31.47 -66.58 -4.91
C ALA E 131 -31.12 -65.32 -4.13
N ARG E 132 -30.36 -65.49 -3.05
CA ARG E 132 -29.91 -64.34 -2.28
C ARG E 132 -28.80 -63.62 -3.05
N PRO E 133 -28.67 -62.29 -2.88
CA PRO E 133 -27.63 -61.57 -3.62
C PRO E 133 -26.24 -62.10 -3.37
N TRP E 134 -25.94 -62.53 -2.14
CA TRP E 134 -24.65 -63.10 -1.80
C TRP E 134 -24.62 -64.61 -1.91
N GLU E 135 -25.70 -65.21 -2.37
CA GLU E 135 -25.71 -66.64 -2.56
C GLU E 135 -25.78 -66.92 -4.05
N GLY E 136 -25.76 -65.88 -4.87
CA GLY E 136 -25.78 -66.05 -6.30
C GLY E 136 -26.71 -65.14 -7.05
N GLY E 137 -27.93 -65.03 -6.58
CA GLY E 137 -28.92 -64.25 -7.26
C GLY E 137 -29.34 -64.86 -8.56
N LYS E 138 -29.37 -66.17 -8.63
CA LYS E 138 -29.76 -66.86 -9.83
C LYS E 138 -31.16 -67.34 -9.70
N PRO E 139 -31.94 -67.25 -10.76
CA PRO E 139 -33.27 -67.80 -10.66
C PRO E 139 -33.31 -69.20 -10.07
N LEU E 140 -34.42 -69.56 -9.41
CA LEU E 140 -34.57 -70.83 -8.77
C LEU E 140 -35.54 -71.70 -9.51
N GLY E 141 -36.29 -71.11 -10.42
CA GLY E 141 -37.19 -71.87 -11.26
C GLY E 141 -38.61 -71.91 -10.87
N TRP E 142 -39.12 -70.82 -10.32
CA TRP E 142 -40.48 -70.83 -9.83
C TRP E 142 -41.46 -70.57 -10.96
N ARG E 143 -42.74 -70.81 -10.68
CA ARG E 143 -43.82 -70.51 -11.63
C ARG E 143 -44.24 -69.05 -11.49
N VAL E 144 -43.32 -68.16 -11.86
CA VAL E 144 -43.56 -66.73 -11.69
C VAL E 144 -44.72 -66.27 -12.57
N VAL E 145 -45.29 -65.11 -12.21
CA VAL E 145 -46.41 -64.52 -12.91
C VAL E 145 -45.96 -63.18 -13.49
N GLY E 146 -46.83 -62.61 -14.33
CA GLY E 146 -46.56 -61.32 -14.92
C GLY E 146 -47.65 -60.92 -15.90
N PRO E 147 -47.53 -59.73 -16.47
CA PRO E 147 -48.52 -59.29 -17.47
C PRO E 147 -48.50 -60.14 -18.73
N SER E 148 -47.35 -60.20 -19.39
CA SER E 148 -47.15 -60.92 -20.64
C SER E 148 -46.02 -61.93 -20.47
N PRO E 149 -45.92 -62.93 -21.36
CA PRO E 149 -44.90 -63.99 -21.18
C PRO E 149 -43.55 -63.59 -21.75
N ILE E 150 -42.88 -62.65 -21.08
CA ILE E 150 -41.58 -62.15 -21.48
C ILE E 150 -40.62 -62.38 -20.32
N PRO E 151 -39.54 -63.14 -20.49
CA PRO E 151 -38.60 -63.30 -19.36
C PRO E 151 -37.98 -61.96 -19.02
N PHE E 152 -37.74 -61.74 -17.72
CA PHE E 152 -37.03 -60.54 -17.28
C PHE E 152 -35.71 -60.42 -18.00
N ASP E 153 -34.97 -61.51 -18.07
CA ASP E 153 -33.75 -61.64 -18.84
C ASP E 153 -33.48 -63.14 -18.96
N GLU E 154 -32.47 -63.50 -19.76
CA GLU E 154 -31.94 -64.86 -19.85
C GLU E 154 -31.62 -65.38 -18.47
N GLY E 155 -32.14 -66.58 -18.21
CA GLY E 155 -31.99 -67.30 -17.02
C GLY E 155 -33.26 -67.33 -16.20
N TYR E 156 -34.20 -66.39 -16.46
CA TYR E 156 -35.41 -66.28 -15.63
C TYR E 156 -36.54 -67.12 -16.21
N PRO E 157 -37.40 -67.69 -15.36
CA PRO E 157 -38.53 -68.48 -15.87
C PRO E 157 -39.43 -67.64 -16.75
N VAL E 158 -40.03 -68.27 -17.75
CA VAL E 158 -40.86 -67.55 -18.72
C VAL E 158 -42.11 -67.14 -17.95
N PRO E 159 -42.41 -65.84 -17.83
CA PRO E 159 -43.54 -65.44 -16.98
C PRO E 159 -44.86 -65.93 -17.55
N GLU E 160 -45.81 -66.20 -16.65
CA GLU E 160 -47.14 -66.64 -17.04
C GLU E 160 -48.07 -65.43 -17.15
N PRO E 161 -48.67 -65.16 -18.32
CA PRO E 161 -49.63 -64.04 -18.37
C PRO E 161 -50.72 -64.29 -17.32
N LEU E 162 -51.03 -63.30 -16.50
CA LEU E 162 -51.99 -63.48 -15.42
C LEU E 162 -53.40 -63.26 -15.86
N ASP E 163 -54.30 -64.10 -15.38
CA ASP E 163 -55.69 -63.98 -15.74
C ASP E 163 -56.39 -63.18 -14.67
N GLU E 164 -57.55 -62.66 -14.96
CA GLU E 164 -58.24 -61.80 -14.03
C GLU E 164 -58.55 -62.53 -12.77
N ALA E 165 -58.74 -63.82 -12.87
CA ALA E 165 -58.95 -64.60 -11.71
C ALA E 165 -57.72 -64.54 -10.91
N GLY E 166 -56.60 -64.72 -11.57
CA GLY E 166 -55.34 -64.63 -10.90
C GLY E 166 -55.24 -63.24 -10.38
N MET E 167 -55.30 -62.27 -11.25
CA MET E 167 -55.16 -60.90 -10.85
C MET E 167 -56.05 -60.48 -9.70
N GLU E 168 -57.21 -61.10 -9.54
CA GLU E 168 -58.07 -60.79 -8.41
C GLU E 168 -57.51 -61.41 -7.18
N ARG E 169 -56.84 -62.54 -7.32
CA ARG E 169 -56.18 -63.16 -6.21
C ARG E 169 -55.04 -62.31 -5.72
N ILE E 170 -54.25 -61.76 -6.63
CA ILE E 170 -53.19 -60.86 -6.19
C ILE E 170 -53.79 -59.60 -5.60
N LEU E 171 -54.79 -59.02 -6.28
CA LEU E 171 -55.42 -57.81 -5.76
C LEU E 171 -55.92 -58.03 -4.34
N GLN E 172 -56.57 -59.17 -4.11
CA GLN E 172 -57.04 -59.52 -2.77
C GLN E 172 -55.89 -59.96 -1.87
N ALA E 173 -54.78 -60.43 -2.44
CA ALA E 173 -53.59 -60.71 -1.64
C ALA E 173 -52.99 -59.42 -1.11
N PHE E 174 -53.01 -58.35 -1.91
CA PHE E 174 -52.56 -57.05 -1.44
C PHE E 174 -53.55 -56.47 -0.44
N VAL E 175 -54.84 -56.71 -0.64
CA VAL E 175 -55.85 -56.17 0.27
C VAL E 175 -55.76 -56.84 1.63
N GLU E 176 -55.87 -58.17 1.67
CA GLU E 176 -55.72 -58.90 2.92
C GLU E 176 -54.34 -58.71 3.50
N GLY E 177 -53.32 -58.58 2.64
CA GLY E 177 -51.98 -58.31 3.12
C GLY E 177 -51.89 -56.99 3.85
N ALA E 178 -52.61 -55.97 3.37
CA ALA E 178 -52.58 -54.67 4.05
C ALA E 178 -53.27 -54.73 5.41
N ARG E 179 -54.52 -55.20 5.45
CA ARG E 179 -55.20 -55.33 6.74
C ARG E 179 -54.39 -56.19 7.70
N ARG E 180 -53.69 -57.19 7.18
CA ARG E 180 -52.82 -58.00 8.03
C ARG E 180 -51.67 -57.16 8.57
N ALA E 181 -51.15 -56.23 7.74
CA ALA E 181 -50.09 -55.34 8.19
C ALA E 181 -50.59 -54.35 9.23
N LEU E 182 -51.80 -53.80 9.02
CA LEU E 182 -52.39 -52.91 10.02
C LEU E 182 -52.63 -53.66 11.32
N ARG E 183 -53.20 -54.87 11.24
CA ARG E 183 -53.43 -55.67 12.43
C ARG E 183 -52.15 -55.83 13.23
N ALA E 184 -51.01 -55.82 12.56
CA ALA E 184 -49.72 -55.98 13.23
C ALA E 184 -49.19 -54.69 13.82
N GLY E 185 -49.90 -53.58 13.59
CA GLY E 185 -49.51 -52.29 14.14
C GLY E 185 -48.85 -51.37 13.14
N PHE E 186 -48.50 -51.87 11.96
CA PHE E 186 -47.92 -51.01 10.93
C PHE E 186 -48.91 -49.91 10.55
N GLN E 187 -48.48 -48.67 10.71
CA GLN E 187 -49.32 -47.50 10.48
C GLN E 187 -49.05 -46.83 9.13
N VAL E 188 -48.11 -47.37 8.36
CA VAL E 188 -47.84 -46.88 7.01
C VAL E 188 -47.62 -48.08 6.11
N ILE E 189 -48.32 -48.11 4.97
CA ILE E 189 -48.23 -49.20 4.01
C ILE E 189 -47.79 -48.64 2.66
N GLU E 190 -46.73 -49.20 2.09
CA GLU E 190 -46.24 -48.83 0.78
C GLU E 190 -46.45 -50.01 -0.18
N LEU E 191 -47.00 -49.74 -1.35
CA LEU E 191 -47.21 -50.76 -2.37
C LEU E 191 -46.08 -50.70 -3.39
N HIS E 192 -45.38 -51.82 -3.57
CA HIS E 192 -44.25 -51.88 -4.48
C HIS E 192 -44.75 -51.96 -5.91
N MET E 193 -44.70 -50.83 -6.62
CA MET E 193 -45.06 -50.77 -8.03
C MET E 193 -43.87 -50.27 -8.83
N ALA E 194 -42.67 -50.75 -8.48
CA ALA E 194 -41.44 -50.30 -9.10
C ALA E 194 -40.51 -51.48 -9.31
N HIS E 195 -39.36 -51.20 -9.91
CA HIS E 195 -38.24 -52.14 -9.99
C HIS E 195 -38.57 -53.39 -10.79
N GLY E 196 -39.49 -53.27 -11.75
CA GLY E 196 -39.76 -54.40 -12.62
C GLY E 196 -40.48 -55.54 -11.96
N TYR E 197 -40.95 -55.36 -10.73
CA TYR E 197 -41.76 -56.37 -10.06
C TYR E 197 -43.19 -56.29 -10.59
N LEU E 198 -44.07 -57.12 -10.04
CA LEU E 198 -45.35 -57.40 -10.67
C LEU E 198 -46.05 -56.14 -11.20
N LEU E 199 -46.39 -55.22 -10.31
CA LEU E 199 -47.19 -54.07 -10.73
C LEU E 199 -46.37 -53.08 -11.56
N SER E 200 -45.07 -53.00 -11.31
CA SER E 200 -44.20 -52.24 -12.20
C SER E 200 -44.18 -52.86 -13.58
N SER E 201 -44.15 -54.20 -13.65
CA SER E 201 -44.14 -54.89 -14.94
C SER E 201 -45.38 -54.54 -15.77
N PHE E 202 -46.52 -54.37 -15.11
CA PHE E 202 -47.74 -53.98 -15.83
C PHE E 202 -47.63 -52.58 -16.40
N LEU E 203 -46.89 -51.69 -15.75
CA LEU E 203 -46.84 -50.30 -16.18
C LEU E 203 -45.92 -50.09 -17.38
N SER E 204 -44.70 -50.62 -17.32
CA SER E 204 -43.73 -50.34 -18.37
C SER E 204 -44.00 -51.23 -19.58
N PRO E 205 -43.97 -50.66 -20.80
CA PRO E 205 -44.21 -51.49 -21.98
C PRO E 205 -43.07 -52.43 -22.31
N LEU E 206 -41.91 -52.29 -21.66
CA LEU E 206 -40.83 -53.24 -21.87
C LEU E 206 -41.18 -54.63 -21.36
N SER E 207 -42.22 -54.76 -20.53
CA SER E 207 -42.60 -56.06 -20.02
C SER E 207 -44.06 -56.42 -20.19
N ASN E 208 -44.91 -55.51 -20.67
CA ASN E 208 -46.33 -55.79 -20.86
C ASN E 208 -46.76 -55.41 -22.27
N GLN E 209 -46.82 -56.40 -23.16
CA GLN E 209 -47.39 -56.22 -24.49
C GLN E 209 -48.68 -57.02 -24.55
N ARG E 210 -49.51 -56.90 -23.51
CA ARG E 210 -50.76 -57.63 -23.45
C ARG E 210 -51.76 -57.13 -24.49
N THR E 211 -52.61 -58.04 -24.92
CA THR E 211 -53.63 -57.77 -25.94
C THR E 211 -54.99 -57.44 -25.36
N ASP E 212 -55.16 -57.54 -24.05
CA ASP E 212 -56.47 -57.38 -23.42
C ASP E 212 -56.67 -55.95 -22.94
N ALA E 213 -57.64 -55.75 -22.04
CA ALA E 213 -57.93 -54.44 -21.47
C ALA E 213 -56.92 -54.02 -20.40
N TYR E 214 -55.84 -54.80 -20.25
CA TYR E 214 -54.76 -54.48 -19.33
C TYR E 214 -53.46 -54.31 -20.09
N GLY E 215 -53.55 -53.99 -21.38
CA GLY E 215 -52.42 -53.79 -22.25
C GLY E 215 -52.80 -52.89 -23.40
N GLY E 216 -51.77 -52.51 -24.17
CA GLY E 216 -51.95 -51.65 -25.33
C GLY E 216 -51.92 -50.17 -24.98
N SER E 217 -53.08 -49.61 -24.67
CA SER E 217 -53.16 -48.20 -24.30
C SER E 217 -52.47 -47.93 -22.97
N LEU E 218 -52.10 -46.67 -22.77
CA LEU E 218 -51.54 -46.29 -21.47
C LEU E 218 -52.55 -46.48 -20.36
N GLU E 219 -53.81 -46.11 -20.60
CA GLU E 219 -54.85 -46.22 -19.58
C GLU E 219 -55.06 -47.69 -19.18
N ASN E 220 -55.06 -48.58 -20.16
CA ASN E 220 -55.27 -50.00 -19.89
C ASN E 220 -54.11 -50.58 -19.07
N ARG E 221 -52.91 -50.11 -19.32
CA ARG E 221 -51.74 -50.62 -18.62
C ARG E 221 -51.59 -50.11 -17.22
N MET E 222 -52.30 -49.05 -16.89
CA MET E 222 -52.27 -48.54 -15.54
C MET E 222 -53.43 -49.11 -14.76
N ARG E 223 -54.30 -49.85 -15.42
CA ARG E 223 -55.51 -50.38 -14.81
C ARG E 223 -55.35 -51.28 -13.61
N PHE E 224 -54.74 -52.44 -13.81
CA PHE E 224 -54.60 -53.35 -12.72
C PHE E 224 -53.84 -52.69 -11.62
N PRO E 225 -52.74 -52.04 -11.96
CA PRO E 225 -52.10 -51.39 -10.84
C PRO E 225 -53.03 -50.45 -10.08
N LEU E 226 -53.80 -49.64 -10.79
CA LEU E 226 -54.68 -48.68 -10.14
C LEU E 226 -55.82 -49.34 -9.41
N GLN E 227 -56.11 -50.58 -9.74
CA GLN E 227 -57.16 -51.32 -9.06
C GLN E 227 -56.65 -51.79 -7.73
N VAL E 228 -55.43 -52.27 -7.71
CA VAL E 228 -54.82 -52.66 -6.44
C VAL E 228 -54.73 -51.47 -5.50
N ALA E 229 -54.34 -50.31 -6.03
CA ALA E 229 -54.28 -49.10 -5.20
C ALA E 229 -55.64 -48.77 -4.61
N GLN E 230 -56.69 -48.87 -5.43
CA GLN E 230 -58.05 -48.60 -4.96
C GLN E 230 -58.45 -49.58 -3.86
N ALA E 231 -58.20 -50.88 -4.06
CA ALA E 231 -58.62 -51.87 -3.09
C ALA E 231 -57.93 -51.66 -1.75
N VAL E 232 -56.64 -51.33 -1.77
CA VAL E 232 -55.91 -51.13 -0.53
C VAL E 232 -56.38 -49.85 0.17
N ARG E 233 -56.63 -48.79 -0.60
CA ARG E 233 -57.11 -47.55 0.00
C ARG E 233 -58.36 -47.79 0.82
N GLU E 234 -59.24 -48.67 0.34
CA GLU E 234 -60.50 -48.91 1.03
C GLU E 234 -60.30 -49.51 2.42
N VAL E 235 -59.29 -50.36 2.58
CA VAL E 235 -59.09 -51.06 3.85
C VAL E 235 -58.15 -50.34 4.81
N VAL E 236 -57.44 -49.31 4.36
CA VAL E 236 -56.55 -48.53 5.20
C VAL E 236 -57.29 -47.27 5.64
N PRO E 237 -57.47 -47.03 6.94
CA PRO E 237 -58.17 -45.82 7.38
C PRO E 237 -57.43 -44.56 6.95
N ARG E 238 -58.18 -43.46 6.88
CA ARG E 238 -57.62 -42.19 6.42
C ARG E 238 -56.38 -41.79 7.22
N GLU E 239 -56.41 -42.04 8.53
CA GLU E 239 -55.34 -41.51 9.37
C GLU E 239 -53.99 -42.07 8.95
N LEU E 240 -53.97 -43.33 8.52
CA LEU E 240 -52.73 -43.98 8.10
C LEU E 240 -52.44 -43.67 6.65
N PRO E 241 -51.30 -43.05 6.32
CA PRO E 241 -51.04 -42.71 4.92
C PRO E 241 -50.71 -43.96 4.11
N LEU E 242 -51.20 -43.98 2.87
CA LEU E 242 -50.93 -45.06 1.93
C LEU E 242 -49.84 -44.59 0.97
N PHE E 243 -48.69 -45.24 1.03
CA PHE E 243 -47.58 -44.94 0.13
C PHE E 243 -47.63 -45.84 -1.09
N VAL E 244 -46.97 -45.39 -2.16
CA VAL E 244 -46.82 -46.18 -3.37
C VAL E 244 -45.43 -45.90 -3.94
N ARG E 245 -44.61 -46.94 -4.06
CA ARG E 245 -43.31 -46.80 -4.69
C ARG E 245 -43.43 -47.18 -6.16
N VAL E 246 -42.93 -46.32 -7.03
CA VAL E 246 -43.02 -46.51 -8.48
C VAL E 246 -41.67 -46.21 -9.10
N SER E 247 -41.31 -46.99 -10.12
CA SER E 247 -40.16 -46.65 -10.97
C SER E 247 -40.60 -45.55 -11.92
N ALA E 248 -40.20 -44.31 -11.62
CA ALA E 248 -40.67 -43.17 -12.40
C ALA E 248 -40.27 -43.28 -13.86
N THR E 249 -39.27 -44.10 -14.18
CA THR E 249 -38.88 -44.34 -15.56
C THR E 249 -38.20 -45.70 -15.64
N ASP E 250 -38.43 -46.41 -16.74
CA ASP E 250 -37.71 -47.65 -17.00
C ASP E 250 -36.32 -47.38 -17.56
N TRP E 251 -36.09 -46.18 -18.10
CA TRP E 251 -34.88 -45.69 -18.74
C TRP E 251 -34.69 -46.23 -20.15
N GLY E 252 -35.47 -47.20 -20.61
CA GLY E 252 -35.39 -47.67 -21.98
C GLY E 252 -36.46 -46.99 -22.82
N GLU E 253 -36.08 -46.57 -24.02
CA GLU E 253 -37.03 -45.85 -24.86
C GLU E 253 -38.17 -46.75 -25.31
N GLY E 254 -39.27 -46.12 -25.70
CA GLY E 254 -40.51 -46.81 -25.92
C GLY E 254 -41.01 -47.45 -24.64
N GLY E 255 -40.66 -46.86 -23.50
CA GLY E 255 -41.05 -47.36 -22.20
C GLY E 255 -41.71 -46.32 -21.31
N TRP E 256 -41.83 -46.66 -20.03
CA TRP E 256 -42.37 -45.74 -19.04
C TRP E 256 -41.52 -44.48 -18.95
N SER E 257 -42.11 -43.35 -19.29
CA SER E 257 -41.43 -42.06 -19.25
C SER E 257 -41.77 -41.30 -17.98
N LEU E 258 -41.03 -40.22 -17.74
CA LEU E 258 -41.35 -39.32 -16.63
C LEU E 258 -42.76 -38.75 -16.77
N GLU E 259 -43.13 -38.34 -17.98
CA GLU E 259 -44.43 -37.72 -18.20
C GLU E 259 -45.56 -38.73 -18.06
N ASP E 260 -45.30 -40.00 -18.36
CA ASP E 260 -46.26 -41.05 -18.07
C ASP E 260 -46.52 -41.17 -16.58
N THR E 261 -45.47 -41.03 -15.77
CA THR E 261 -45.64 -41.14 -14.32
C THR E 261 -46.54 -40.05 -13.79
N LEU E 262 -46.47 -38.85 -14.36
CA LEU E 262 -47.29 -37.76 -13.87
C LEU E 262 -48.76 -38.03 -14.13
N ALA E 263 -49.07 -38.75 -15.21
CA ALA E 263 -50.43 -39.24 -15.41
C ALA E 263 -50.78 -40.30 -14.37
N PHE E 264 -49.89 -41.27 -14.19
CA PHE E 264 -50.09 -42.28 -13.17
C PHE E 264 -50.17 -41.65 -11.78
N ALA E 265 -49.27 -40.70 -11.50
CA ALA E 265 -49.27 -40.05 -10.19
C ALA E 265 -50.55 -39.25 -9.99
N ARG E 266 -51.04 -38.62 -11.06
N ARG E 266 -51.04 -38.61 -11.05
CA ARG E 266 -52.29 -37.88 -10.97
CA ARG E 266 -52.29 -37.87 -10.95
C ARG E 266 -53.42 -38.78 -10.49
C ARG E 266 -53.42 -38.79 -10.47
N ARG E 267 -53.49 -40.00 -11.03
CA ARG E 267 -54.61 -40.87 -10.73
C ARG E 267 -54.52 -41.46 -9.34
N LEU E 268 -53.30 -41.77 -8.86
CA LEU E 268 -53.14 -42.23 -7.50
C LEU E 268 -53.47 -41.13 -6.50
N LYS E 269 -53.03 -39.90 -6.75
CA LYS E 269 -53.42 -38.81 -5.86
C LYS E 269 -54.94 -38.72 -5.81
N GLU E 270 -55.59 -39.02 -6.93
CA GLU E 270 -57.03 -38.93 -7.06
C GLU E 270 -57.75 -40.14 -6.48
N LEU E 271 -57.06 -41.27 -6.27
CA LEU E 271 -57.76 -42.33 -5.54
C LEU E 271 -57.68 -42.13 -4.03
N GLY E 272 -56.86 -41.19 -3.55
CA GLY E 272 -56.64 -40.99 -2.13
C GLY E 272 -55.26 -41.40 -1.64
N VAL E 273 -54.38 -41.88 -2.52
CA VAL E 273 -53.02 -42.20 -2.11
C VAL E 273 -52.37 -40.95 -1.52
N ASP E 274 -51.70 -41.12 -0.39
CA ASP E 274 -51.14 -39.99 0.31
C ASP E 274 -49.76 -39.57 -0.08
N LEU E 275 -48.99 -40.47 -0.63
CA LEU E 275 -47.63 -40.16 -0.96
C LEU E 275 -47.01 -41.06 -1.99
N LEU E 276 -45.98 -40.56 -2.64
CA LEU E 276 -45.29 -41.30 -3.68
C LEU E 276 -43.89 -41.52 -3.25
N ASP E 277 -43.27 -42.60 -3.67
CA ASP E 277 -41.88 -42.82 -3.40
C ASP E 277 -41.32 -42.96 -4.75
N CYS E 278 -40.50 -42.03 -5.16
CA CYS E 278 -40.01 -42.03 -6.51
C CYS E 278 -38.72 -42.75 -6.74
N SER E 279 -38.78 -43.98 -7.22
CA SER E 279 -37.61 -44.74 -7.62
C SER E 279 -37.48 -44.72 -9.14
N SER E 280 -36.64 -45.61 -9.67
CA SER E 280 -36.48 -45.75 -11.11
C SER E 280 -35.82 -47.09 -11.43
N GLY E 281 -35.88 -47.45 -12.71
CA GLY E 281 -35.18 -48.63 -13.19
C GLY E 281 -35.84 -49.93 -12.77
N GLY E 282 -35.17 -51.02 -13.15
CA GLY E 282 -35.51 -52.36 -12.72
C GLY E 282 -36.32 -53.16 -13.71
N VAL E 283 -37.12 -52.48 -14.55
CA VAL E 283 -37.97 -53.20 -15.48
C VAL E 283 -37.13 -54.07 -16.42
N VAL E 284 -35.98 -53.56 -16.86
CA VAL E 284 -35.10 -54.28 -17.75
C VAL E 284 -33.65 -54.02 -17.36
N LEU E 285 -32.76 -54.90 -17.83
CA LEU E 285 -31.35 -54.83 -17.51
C LEU E 285 -30.50 -54.10 -18.54
N ARG E 286 -30.74 -54.33 -19.83
N ARG E 286 -30.77 -54.29 -19.84
CA ARG E 286 -29.94 -53.69 -20.87
CA ARG E 286 -29.94 -53.67 -20.87
C ARG E 286 -30.22 -52.18 -20.89
C ARG E 286 -30.15 -52.15 -20.92
N VAL E 287 -29.91 -51.46 -19.81
CA VAL E 287 -30.32 -50.06 -19.69
C VAL E 287 -29.35 -49.22 -18.90
N ARG E 288 -29.27 -47.93 -19.21
CA ARG E 288 -28.33 -47.05 -18.52
C ARG E 288 -29.05 -46.10 -17.61
N ILE E 289 -28.54 -45.95 -16.40
CA ILE E 289 -29.15 -45.02 -15.46
C ILE E 289 -28.16 -43.92 -15.15
N PRO E 290 -28.63 -42.67 -15.13
CA PRO E 290 -27.77 -41.53 -14.84
C PRO E 290 -27.47 -41.41 -13.37
N LEU E 291 -26.56 -42.21 -12.86
CA LEU E 291 -26.34 -42.21 -11.43
C LEU E 291 -25.53 -41.08 -10.87
N ALA E 292 -26.04 -40.49 -9.79
CA ALA E 292 -25.40 -39.35 -9.17
C ALA E 292 -26.11 -39.06 -7.90
N PRO E 293 -25.47 -38.27 -7.04
CA PRO E 293 -26.19 -37.88 -5.84
C PRO E 293 -27.49 -37.20 -6.18
N GLY E 294 -28.57 -37.73 -5.65
CA GLY E 294 -29.88 -37.17 -5.91
C GLY E 294 -30.33 -37.35 -7.34
N PHE E 295 -30.01 -38.47 -7.96
CA PHE E 295 -30.31 -38.58 -9.38
C PHE E 295 -31.79 -38.85 -9.63
N GLN E 296 -32.52 -39.38 -8.65
CA GLN E 296 -33.95 -39.60 -8.78
C GLN E 296 -34.78 -38.45 -8.22
N VAL E 297 -34.15 -37.45 -7.61
CA VAL E 297 -34.91 -36.30 -7.09
C VAL E 297 -35.74 -35.63 -8.17
N PRO E 298 -35.25 -35.41 -9.39
CA PRO E 298 -36.10 -34.75 -10.40
C PRO E 298 -37.46 -35.41 -10.58
N PHE E 299 -37.55 -36.72 -10.36
CA PHE E 299 -38.85 -37.39 -10.46
C PHE E 299 -39.75 -37.00 -9.30
N ALA E 300 -39.22 -36.97 -8.09
CA ALA E 300 -40.01 -36.50 -6.95
C ALA E 300 -40.41 -35.04 -7.13
N ASP E 301 -39.49 -34.19 -7.58
CA ASP E 301 -39.81 -32.78 -7.77
C ASP E 301 -40.92 -32.58 -8.79
N ALA E 302 -40.83 -33.29 -9.92
CA ALA E 302 -41.83 -33.11 -10.98
C ALA E 302 -43.21 -33.53 -10.51
N VAL E 303 -43.31 -34.63 -9.77
CA VAL E 303 -44.61 -35.11 -9.33
C VAL E 303 -45.22 -34.12 -8.34
N ARG E 304 -44.44 -33.69 -7.36
CA ARG E 304 -44.98 -32.85 -6.29
C ARG E 304 -45.49 -31.53 -6.83
N LYS E 305 -44.79 -30.96 -7.82
CA LYS E 305 -45.09 -29.60 -8.27
C LYS E 305 -46.07 -29.58 -9.44
N ARG E 306 -46.02 -30.59 -10.32
CA ARG E 306 -46.88 -30.64 -11.50
C ARG E 306 -48.16 -31.44 -11.29
N VAL E 307 -48.22 -32.26 -10.23
CA VAL E 307 -49.40 -33.09 -9.98
C VAL E 307 -50.03 -32.71 -8.66
N GLY E 308 -49.22 -32.27 -7.70
CA GLY E 308 -49.71 -31.88 -6.39
C GLY E 308 -49.76 -32.98 -5.38
N LEU E 309 -49.16 -34.13 -5.66
CA LEU E 309 -49.13 -35.25 -4.75
C LEU E 309 -47.85 -35.21 -3.92
N ARG E 310 -47.98 -35.46 -2.63
CA ARG E 310 -46.80 -35.56 -1.78
C ARG E 310 -45.85 -36.62 -2.33
N THR E 311 -44.55 -36.38 -2.19
CA THR E 311 -43.55 -37.24 -2.79
C THR E 311 -42.43 -37.51 -1.80
N GLY E 312 -41.78 -38.66 -2.00
CA GLY E 312 -40.61 -39.03 -1.22
C GLY E 312 -39.39 -39.17 -2.11
N ALA E 313 -38.28 -38.55 -1.71
CA ALA E 313 -37.05 -38.61 -2.50
C ALA E 313 -36.16 -39.73 -1.99
N VAL E 314 -35.53 -40.44 -2.93
CA VAL E 314 -34.60 -41.51 -2.62
C VAL E 314 -33.58 -41.57 -3.74
N GLY E 315 -32.44 -42.17 -3.46
CA GLY E 315 -31.40 -42.32 -4.46
C GLY E 315 -30.13 -41.58 -4.11
N LEU E 316 -29.18 -42.29 -3.51
CA LEU E 316 -27.89 -41.74 -3.14
C LEU E 316 -28.07 -40.42 -2.39
N ILE E 317 -28.96 -40.44 -1.41
CA ILE E 317 -29.12 -39.36 -0.45
C ILE E 317 -28.33 -39.75 0.78
N THR E 318 -27.19 -39.09 0.98
CA THR E 318 -26.22 -39.52 1.98
C THR E 318 -25.81 -38.44 2.96
N THR E 319 -26.24 -37.19 2.77
CA THR E 319 -25.77 -36.07 3.58
C THR E 319 -26.91 -35.36 4.29
N PRO E 320 -26.67 -34.80 5.47
CA PRO E 320 -27.71 -33.98 6.11
C PRO E 320 -28.07 -32.77 5.28
N GLU E 321 -27.07 -32.08 4.74
CA GLU E 321 -27.31 -30.87 3.97
C GLU E 321 -28.07 -31.17 2.68
N GLN E 322 -27.74 -32.28 2.03
CA GLN E 322 -28.41 -32.62 0.77
C GLN E 322 -29.87 -32.96 0.99
N ALA E 323 -30.16 -33.74 2.03
CA ALA E 323 -31.56 -34.03 2.35
C ALA E 323 -32.31 -32.75 2.66
N GLU E 324 -31.70 -31.88 3.47
CA GLU E 324 -32.34 -30.63 3.86
C GLU E 324 -32.56 -29.70 2.69
N THR E 325 -31.66 -29.72 1.69
CA THR E 325 -31.77 -28.77 0.60
C THR E 325 -32.92 -29.11 -0.33
N LEU E 326 -33.11 -30.39 -0.64
CA LEU E 326 -34.21 -30.77 -1.53
C LEU E 326 -35.55 -30.59 -0.85
N LEU E 327 -35.60 -30.75 0.48
CA LEU E 327 -36.81 -30.42 1.22
C LEU E 327 -37.04 -28.91 1.19
N GLN E 328 -35.98 -28.14 1.38
CA GLN E 328 -36.11 -26.69 1.28
C GLN E 328 -36.61 -26.28 -0.09
N ALA E 329 -36.04 -26.88 -1.15
CA ALA E 329 -36.39 -26.56 -2.52
C ALA E 329 -37.77 -27.03 -2.91
N GLY E 330 -38.50 -27.69 -2.02
CA GLY E 330 -39.81 -28.17 -2.36
C GLY E 330 -39.82 -29.33 -3.33
N SER E 331 -38.72 -30.08 -3.40
CA SER E 331 -38.66 -31.25 -4.27
C SER E 331 -39.36 -32.46 -3.65
N ALA E 332 -39.55 -32.48 -2.34
CA ALA E 332 -40.20 -33.61 -1.70
C ALA E 332 -40.62 -33.22 -0.28
N ASP E 333 -41.45 -34.07 0.32
CA ASP E 333 -41.85 -33.91 1.71
C ASP E 333 -41.09 -34.85 2.64
N LEU E 334 -40.64 -35.99 2.13
CA LEU E 334 -39.95 -36.99 2.94
C LEU E 334 -38.73 -37.49 2.18
N VAL E 335 -37.62 -37.63 2.90
CA VAL E 335 -36.37 -38.11 2.34
C VAL E 335 -36.15 -39.52 2.86
N LEU E 336 -36.08 -40.49 1.94
CA LEU E 336 -35.84 -41.88 2.28
C LEU E 336 -34.36 -42.21 2.16
N LEU E 337 -33.84 -42.94 3.14
CA LEU E 337 -32.43 -43.32 3.18
C LEU E 337 -32.31 -44.82 3.04
N GLY E 338 -31.43 -45.26 2.15
CA GLY E 338 -31.19 -46.67 1.95
C GLY E 338 -29.82 -47.10 2.42
N ARG E 339 -28.88 -47.23 1.49
CA ARG E 339 -27.58 -47.80 1.81
C ARG E 339 -26.83 -46.98 2.85
N VAL E 340 -27.22 -45.72 3.06
CA VAL E 340 -26.55 -44.91 4.07
C VAL E 340 -26.84 -45.46 5.46
N LEU E 341 -28.05 -45.98 5.68
CA LEU E 341 -28.43 -46.52 6.98
C LEU E 341 -27.94 -47.94 7.21
N LEU E 342 -27.47 -48.63 6.17
CA LEU E 342 -26.83 -49.92 6.38
C LEU E 342 -25.42 -49.74 6.96
N ARG E 343 -24.67 -48.78 6.42
CA ARG E 343 -23.33 -48.51 6.94
C ARG E 343 -23.37 -47.58 8.13
N ASP E 344 -24.47 -46.85 8.33
CA ASP E 344 -24.57 -45.83 9.36
C ASP E 344 -25.99 -45.82 9.91
N PRO E 345 -26.31 -46.75 10.82
CA PRO E 345 -27.69 -46.80 11.33
C PRO E 345 -28.09 -45.55 12.11
N TYR E 346 -27.21 -44.96 12.89
CA TYR E 346 -27.56 -43.78 13.68
C TYR E 346 -27.27 -42.48 12.93
N PHE E 347 -27.13 -42.53 11.61
CA PHE E 347 -26.90 -41.33 10.82
C PHE E 347 -27.88 -40.20 11.15
N PRO E 348 -29.19 -40.45 11.26
CA PRO E 348 -30.11 -39.33 11.52
C PRO E 348 -29.79 -38.56 12.80
N LEU E 349 -29.34 -39.23 13.85
CA LEU E 349 -29.00 -38.52 15.08
C LEU E 349 -27.87 -37.53 14.84
N ARG E 350 -26.83 -37.96 14.10
CA ARG E 350 -25.70 -37.09 13.81
C ARG E 350 -26.03 -36.05 12.76
N ALA E 351 -26.98 -36.35 11.87
CA ALA E 351 -27.42 -35.35 10.89
C ALA E 351 -28.10 -34.17 11.60
N ALA E 352 -28.85 -34.45 12.66
CA ALA E 352 -29.50 -33.38 13.39
C ALA E 352 -28.47 -32.47 14.05
N LYS E 353 -27.48 -33.07 14.71
CA LYS E 353 -26.44 -32.28 15.36
C LYS E 353 -25.58 -31.55 14.33
N ALA E 354 -25.47 -32.09 13.12
CA ALA E 354 -24.78 -31.43 12.02
C ALA E 354 -25.59 -30.29 11.39
N LEU E 355 -26.82 -30.06 11.86
CA LEU E 355 -27.64 -28.97 11.37
C LEU E 355 -28.06 -28.04 12.50
N GLY E 356 -27.30 -28.04 13.59
CA GLY E 356 -27.60 -27.17 14.72
C GLY E 356 -28.86 -27.53 15.47
N VAL E 357 -29.38 -28.74 15.28
CA VAL E 357 -30.60 -29.18 15.94
C VAL E 357 -30.22 -30.22 16.98
N ALA E 358 -30.72 -30.03 18.20
CA ALA E 358 -30.53 -31.01 19.26
C ALA E 358 -31.35 -32.24 18.97
N PRO E 359 -30.75 -33.40 18.69
CA PRO E 359 -31.54 -34.60 18.42
C PRO E 359 -32.07 -35.20 19.72
N GLU E 360 -33.34 -35.59 19.72
CA GLU E 360 -33.90 -36.32 20.85
C GLU E 360 -33.32 -37.72 20.85
N VAL E 361 -32.25 -37.91 21.63
CA VAL E 361 -31.51 -39.16 21.70
C VAL E 361 -31.91 -39.93 22.96
N PRO E 362 -31.76 -41.24 22.99
CA PRO E 362 -32.04 -42.01 24.22
C PRO E 362 -31.19 -41.54 25.38
N PRO E 363 -31.74 -41.51 26.60
CA PRO E 363 -30.97 -41.00 27.75
C PRO E 363 -29.66 -41.74 27.96
N GLN E 364 -29.61 -43.03 27.64
CA GLN E 364 -28.37 -43.78 27.79
C GLN E 364 -27.28 -43.26 26.87
N TYR E 365 -27.65 -42.58 25.78
CA TYR E 365 -26.70 -42.06 24.82
C TYR E 365 -26.57 -40.53 24.88
N GLN E 366 -27.26 -39.86 25.80
CA GLN E 366 -27.25 -38.40 25.79
C GLN E 366 -25.85 -37.85 26.01
N ARG E 367 -25.02 -38.56 26.76
CA ARG E 367 -23.64 -38.14 26.98
C ARG E 367 -22.75 -38.39 25.77
N GLY E 368 -23.27 -39.08 24.75
CA GLY E 368 -22.56 -39.28 23.51
C GLY E 368 -22.82 -38.21 22.48
N PHE E 369 -23.67 -37.24 22.79
CA PHE E 369 -23.96 -36.15 21.89
C PHE E 369 -23.69 -34.81 22.58
N MET F 21 22.58 -13.70 -62.92
CA MET F 21 21.21 -13.25 -62.75
C MET F 21 20.37 -14.30 -62.02
N ALA F 22 19.96 -13.97 -60.79
CA ALA F 22 19.04 -14.80 -60.01
C ALA F 22 17.75 -14.00 -59.80
N LEU F 23 16.64 -14.55 -60.31
CA LEU F 23 15.29 -14.00 -60.14
C LEU F 23 14.70 -14.31 -58.78
N LEU F 24 15.17 -15.34 -58.09
CA LEU F 24 14.69 -15.55 -56.72
C LEU F 24 15.03 -14.35 -55.82
N PHE F 25 16.10 -13.62 -56.12
CA PHE F 25 16.54 -12.50 -55.28
C PHE F 25 16.49 -11.17 -56.02
N THR F 26 15.59 -11.03 -56.98
CA THR F 26 15.26 -9.77 -57.60
C THR F 26 14.04 -9.16 -56.92
N PRO F 27 14.00 -7.84 -56.69
CA PRO F 27 12.86 -7.26 -55.99
C PRO F 27 11.54 -7.59 -56.68
N LEU F 28 10.50 -7.79 -55.85
CA LEU F 28 9.15 -8.04 -56.32
C LEU F 28 8.25 -6.90 -55.89
N GLU F 29 7.46 -6.37 -56.84
CA GLU F 29 6.55 -5.27 -56.58
C GLU F 29 5.17 -5.86 -56.32
N LEU F 30 4.73 -5.78 -55.06
CA LEU F 30 3.46 -6.30 -54.65
C LEU F 30 2.78 -5.18 -53.98
N GLY F 31 1.61 -4.84 -54.44
CA GLY F 31 0.91 -3.71 -53.90
C GLY F 31 1.59 -2.41 -54.23
N GLY F 32 1.98 -1.67 -53.21
CA GLY F 32 2.68 -0.43 -53.41
C GLY F 32 3.91 -0.66 -52.62
N LEU F 33 4.37 -1.88 -52.66
CA LEU F 33 5.52 -2.24 -51.90
C LEU F 33 6.53 -2.97 -52.71
N ARG F 34 7.77 -2.89 -52.28
CA ARG F 34 8.87 -3.61 -52.91
C ARG F 34 9.56 -4.47 -51.86
N LEU F 35 9.72 -5.75 -52.15
CA LEU F 35 10.43 -6.69 -51.27
C LEU F 35 11.82 -6.94 -51.81
N LYS F 36 12.81 -7.00 -50.92
CA LYS F 36 14.19 -7.13 -51.36
C LYS F 36 14.44 -8.42 -52.12
N ASN F 37 13.61 -9.43 -51.94
CA ASN F 37 13.71 -10.67 -52.71
C ASN F 37 12.35 -11.36 -52.72
N ARG F 38 12.32 -12.54 -53.31
CA ARG F 38 11.08 -13.30 -53.48
C ARG F 38 10.95 -14.44 -52.48
N LEU F 39 11.64 -14.34 -51.34
CA LEU F 39 11.58 -15.35 -50.30
C LEU F 39 10.78 -14.81 -49.13
N ALA F 40 9.82 -15.60 -48.66
CA ALA F 40 9.01 -15.24 -47.51
C ALA F 40 8.91 -16.45 -46.60
N MET F 41 8.74 -16.18 -45.31
CA MET F 41 8.51 -17.24 -44.34
C MET F 41 7.02 -17.52 -44.26
N SER F 42 6.64 -18.77 -44.45
CA SER F 42 5.23 -19.14 -44.33
C SER F 42 4.76 -18.96 -42.89
N PRO F 43 3.48 -18.62 -42.69
CA PRO F 43 2.96 -18.52 -41.32
C PRO F 43 3.04 -19.88 -40.62
N MET F 44 3.58 -19.89 -39.40
CA MET F 44 3.80 -21.17 -38.72
C MET F 44 3.70 -20.99 -37.21
N CYS F 45 2.67 -21.59 -36.63
CA CYS F 45 2.41 -21.45 -35.20
C CYS F 45 3.57 -22.02 -34.39
N GLN F 46 4.01 -21.25 -33.40
CA GLN F 46 4.96 -21.70 -32.40
C GLN F 46 4.29 -22.15 -31.12
N TYR F 47 2.98 -21.91 -30.99
CA TYR F 47 2.21 -22.31 -29.80
C TYR F 47 2.92 -21.84 -28.53
N SER F 48 3.61 -20.70 -28.61
CA SER F 48 4.41 -20.20 -27.50
C SER F 48 3.95 -18.85 -27.02
N ALA F 49 2.76 -18.40 -27.41
CA ALA F 49 2.23 -17.15 -26.91
C ALA F 49 1.75 -17.33 -25.47
N THR F 50 1.36 -16.23 -24.84
CA THR F 50 0.77 -16.32 -23.52
C THR F 50 -0.66 -16.84 -23.64
N LEU F 51 -1.26 -17.12 -22.49
CA LEU F 51 -2.64 -17.57 -22.47
C LEU F 51 -3.59 -16.47 -22.91
N GLU F 52 -3.15 -15.22 -22.87
CA GLU F 52 -3.91 -14.09 -23.39
C GLU F 52 -3.54 -13.75 -24.83
N GLY F 53 -2.58 -14.45 -25.41
CA GLY F 53 -2.24 -14.26 -26.81
C GLY F 53 -1.22 -13.18 -27.04
N GLU F 54 -0.48 -12.79 -26.01
CA GLU F 54 0.49 -11.72 -26.12
C GLU F 54 1.80 -12.24 -26.68
N VAL F 55 2.58 -11.40 -27.35
CA VAL F 55 3.84 -11.87 -27.89
C VAL F 55 4.78 -12.20 -26.77
N THR F 56 5.52 -13.28 -26.91
CA THR F 56 6.42 -13.73 -25.89
C THR F 56 7.84 -13.64 -26.37
N ASP F 57 8.79 -13.89 -25.50
CA ASP F 57 10.19 -13.76 -25.86
C ASP F 57 10.60 -14.76 -26.91
N TRP F 58 9.93 -15.89 -26.97
CA TRP F 58 10.22 -16.81 -28.06
C TRP F 58 10.07 -16.13 -29.40
N HIS F 59 8.91 -15.52 -29.65
CA HIS F 59 8.68 -14.90 -30.95
C HIS F 59 9.70 -13.80 -31.21
N LEU F 60 10.08 -13.07 -30.14
CA LEU F 60 11.02 -11.97 -30.26
C LEU F 60 12.44 -12.45 -30.51
N LEU F 61 12.67 -13.76 -30.46
CA LEU F 61 13.89 -14.37 -30.96
C LEU F 61 13.66 -15.22 -32.19
N HIS F 62 12.52 -15.91 -32.26
CA HIS F 62 12.22 -16.78 -33.39
C HIS F 62 12.23 -15.99 -34.69
N TYR F 63 11.30 -15.05 -34.82
CA TYR F 63 11.15 -14.35 -36.10
C TYR F 63 12.35 -13.47 -36.42
N PRO F 64 12.84 -12.62 -35.52
CA PRO F 64 13.97 -11.76 -35.89
C PRO F 64 15.17 -12.54 -36.40
N THR F 65 15.39 -13.77 -35.92
CA THR F 65 16.48 -14.58 -36.43
C THR F 65 16.28 -14.87 -37.92
N ARG F 66 15.10 -15.36 -38.29
CA ARG F 66 14.84 -15.69 -39.68
C ARG F 66 14.71 -14.45 -40.54
N ALA F 67 14.33 -13.31 -39.94
CA ALA F 67 14.38 -12.05 -40.67
C ALA F 67 15.82 -11.69 -41.02
N LEU F 68 16.74 -11.87 -40.06
CA LEU F 68 18.15 -11.79 -40.38
C LEU F 68 18.53 -12.85 -41.39
N GLY F 69 17.76 -13.92 -41.46
CA GLY F 69 17.94 -14.99 -42.44
C GLY F 69 17.72 -14.56 -43.87
N GLY F 70 17.26 -13.34 -44.10
CA GLY F 70 17.32 -12.74 -45.41
C GLY F 70 16.06 -12.80 -46.23
N VAL F 71 14.99 -13.40 -45.72
CA VAL F 71 13.75 -13.43 -46.47
C VAL F 71 13.23 -12.01 -46.62
N GLY F 72 12.73 -11.69 -47.81
CA GLY F 72 12.18 -10.37 -48.04
C GLY F 72 10.95 -10.10 -47.20
N LEU F 73 10.25 -11.15 -46.79
CA LEU F 73 8.99 -11.01 -46.09
C LEU F 73 8.86 -12.09 -45.03
N ILE F 74 8.30 -11.70 -43.89
CA ILE F 74 7.99 -12.64 -42.81
C ILE F 74 6.48 -12.60 -42.59
N LEU F 75 5.81 -13.72 -42.87
CA LEU F 75 4.42 -13.89 -42.50
C LEU F 75 4.44 -14.67 -41.20
N VAL F 76 4.17 -13.98 -40.08
CA VAL F 76 4.22 -14.62 -38.77
C VAL F 76 2.98 -15.48 -38.59
N GLU F 77 3.03 -16.37 -37.59
CA GLU F 77 2.08 -17.45 -37.45
C GLU F 77 0.62 -16.96 -37.41
N ALA F 78 -0.28 -17.93 -37.53
CA ALA F 78 -1.72 -17.69 -37.44
C ALA F 78 -2.05 -16.97 -36.14
N THR F 79 -2.62 -15.78 -36.28
CA THR F 79 -3.01 -14.95 -35.14
C THR F 79 -4.52 -14.94 -35.07
N ALA F 80 -5.06 -15.39 -33.95
CA ALA F 80 -6.50 -15.55 -33.83
C ALA F 80 -7.16 -14.19 -33.69
N VAL F 81 -8.29 -14.01 -34.38
CA VAL F 81 -9.00 -12.74 -34.37
C VAL F 81 -9.95 -12.73 -33.21
N GLU F 82 -10.08 -13.86 -32.55
CA GLU F 82 -10.97 -13.96 -31.44
C GLU F 82 -10.50 -15.12 -30.61
N PRO F 83 -10.68 -15.05 -29.31
CA PRO F 83 -10.15 -16.11 -28.46
C PRO F 83 -10.69 -17.50 -28.71
N LEU F 84 -11.95 -17.63 -29.09
CA LEU F 84 -12.49 -18.94 -29.43
C LEU F 84 -11.90 -19.36 -30.71
N GLY F 85 -11.49 -18.40 -31.50
CA GLY F 85 -10.96 -18.71 -32.79
C GLY F 85 -9.53 -19.15 -32.74
N ARG F 86 -8.96 -19.35 -31.55
CA ARG F 86 -7.56 -19.71 -31.57
C ARG F 86 -7.39 -21.21 -31.86
N ILE F 87 -6.25 -21.55 -32.46
CA ILE F 87 -5.90 -22.96 -32.60
C ILE F 87 -5.55 -23.54 -31.24
N SER F 88 -4.64 -22.89 -30.51
CA SER F 88 -4.18 -23.31 -29.20
C SER F 88 -4.37 -22.20 -28.18
N PRO F 89 -4.39 -22.55 -26.89
CA PRO F 89 -4.47 -21.49 -25.86
C PRO F 89 -3.28 -20.54 -25.92
N TYR F 90 -2.19 -20.96 -26.56
CA TYR F 90 -0.96 -20.18 -26.67
C TYR F 90 -0.71 -19.73 -28.10
N ASP F 91 -1.78 -19.56 -28.87
CA ASP F 91 -1.70 -18.93 -30.17
C ASP F 91 -1.50 -17.42 -30.00
N LEU F 92 -0.97 -16.79 -31.03
CA LEU F 92 -0.95 -15.34 -31.05
C LEU F 92 -2.38 -14.82 -31.19
N GLY F 93 -2.62 -13.62 -30.68
CA GLY F 93 -3.93 -13.02 -30.71
C GLY F 93 -3.88 -11.58 -31.15
N ILE F 94 -4.98 -11.12 -31.73
CA ILE F 94 -5.09 -9.74 -32.18
C ILE F 94 -6.46 -9.17 -31.87
N TRP F 95 -7.15 -9.74 -30.87
CA TRP F 95 -8.51 -9.32 -30.57
C TRP F 95 -8.57 -8.16 -29.57
N SER F 96 -7.52 -7.95 -28.78
CA SER F 96 -7.48 -6.86 -27.82
C SER F 96 -6.35 -5.90 -28.16
N GLU F 97 -6.57 -4.62 -27.86
CA GLU F 97 -5.57 -3.60 -28.11
C GLU F 97 -4.38 -3.72 -27.16
N ASP F 98 -4.47 -4.57 -26.16
CA ASP F 98 -3.32 -4.90 -25.33
C ASP F 98 -2.40 -5.91 -26.00
N HIS F 99 -2.77 -6.38 -27.19
CA HIS F 99 -1.84 -7.17 -27.98
C HIS F 99 -0.84 -6.28 -28.70
N LEU F 100 -1.21 -5.03 -28.99
CA LEU F 100 -0.37 -4.15 -29.80
C LEU F 100 1.06 -4.06 -29.28
N PRO F 101 1.29 -3.75 -28.00
CA PRO F 101 2.66 -3.60 -27.50
C PRO F 101 3.65 -4.71 -27.88
N GLY F 102 3.38 -5.93 -27.49
CA GLY F 102 4.25 -7.02 -27.92
C GLY F 102 4.22 -7.20 -29.44
N LEU F 103 3.05 -6.98 -30.07
CA LEU F 103 2.84 -7.18 -31.52
C LEU F 103 3.63 -6.16 -32.32
N LYS F 104 3.58 -4.90 -31.88
CA LYS F 104 4.33 -3.81 -32.50
C LYS F 104 5.82 -4.08 -32.43
N GLU F 105 6.29 -4.55 -31.28
CA GLU F 105 7.70 -4.83 -31.09
C GLU F 105 8.13 -6.02 -31.93
N LEU F 106 7.25 -7.00 -32.08
CA LEU F 106 7.56 -8.12 -32.96
C LEU F 106 7.75 -7.61 -34.38
N ALA F 107 6.84 -6.82 -34.89
CA ALA F 107 6.97 -6.30 -36.25
C ALA F 107 8.21 -5.47 -36.38
N ARG F 108 8.42 -4.60 -35.41
CA ARG F 108 9.60 -3.77 -35.42
C ARG F 108 10.85 -4.59 -35.54
N ARG F 109 10.95 -5.63 -34.76
CA ARG F 109 12.17 -6.41 -34.78
C ARG F 109 12.32 -7.22 -36.06
N ILE F 110 11.22 -7.56 -36.73
CA ILE F 110 11.38 -8.23 -38.02
C ILE F 110 11.95 -7.26 -39.05
N ARG F 111 11.48 -6.02 -39.04
CA ARG F 111 11.92 -5.06 -40.03
C ARG F 111 13.33 -4.63 -39.85
N GLU F 112 13.81 -4.62 -38.64
CA GLU F 112 15.12 -4.10 -38.42
C GLU F 112 16.11 -5.11 -38.88
N ALA F 113 15.73 -6.36 -38.91
CA ALA F 113 16.60 -7.40 -39.38
C ALA F 113 16.66 -7.36 -40.89
N GLY F 114 15.67 -6.75 -41.51
CA GLY F 114 15.72 -6.54 -42.95
C GLY F 114 14.45 -6.92 -43.69
N ALA F 115 13.66 -7.82 -43.11
CA ALA F 115 12.49 -8.34 -43.79
C ALA F 115 11.25 -7.51 -43.47
N VAL F 116 10.36 -7.40 -44.44
CA VAL F 116 9.08 -6.72 -44.19
C VAL F 116 8.25 -7.57 -43.22
N PRO F 117 7.64 -6.97 -42.18
CA PRO F 117 6.83 -7.77 -41.26
C PRO F 117 5.39 -7.93 -41.72
N GLY F 118 4.92 -9.19 -41.77
CA GLY F 118 3.55 -9.48 -42.12
C GLY F 118 2.94 -10.40 -41.08
N ILE F 119 1.61 -10.49 -41.13
CA ILE F 119 0.83 -11.23 -40.15
C ILE F 119 -0.25 -12.00 -40.88
N GLN F 120 -0.56 -13.20 -40.39
CA GLN F 120 -1.69 -13.99 -40.88
C GLN F 120 -2.80 -13.93 -39.84
N LEU F 121 -3.93 -13.36 -40.23
CA LEU F 121 -5.12 -13.34 -39.39
C LEU F 121 -5.96 -14.57 -39.69
N ALA F 122 -6.38 -15.28 -38.65
CA ALA F 122 -7.02 -16.57 -38.83
C ALA F 122 -8.09 -16.81 -37.79
N HIS F 123 -8.97 -17.76 -38.11
CA HIS F 123 -9.97 -18.25 -37.17
C HIS F 123 -10.08 -19.75 -37.36
N ALA F 124 -9.79 -20.51 -36.30
CA ALA F 124 -9.62 -21.95 -36.43
C ALA F 124 -10.94 -22.69 -36.62
N GLY F 125 -12.09 -22.02 -36.50
CA GLY F 125 -13.35 -22.69 -36.77
C GLY F 125 -13.49 -23.98 -35.99
N ARG F 126 -14.00 -25.01 -36.68
CA ARG F 126 -14.26 -26.28 -36.01
C ARG F 126 -13.00 -26.99 -35.57
N LYS F 127 -11.83 -26.52 -36.03
CA LYS F 127 -10.55 -27.05 -35.59
C LYS F 127 -10.00 -26.28 -34.40
N ALA F 128 -10.78 -25.35 -33.85
CA ALA F 128 -10.31 -24.52 -32.74
C ALA F 128 -10.21 -25.35 -31.46
N GLY F 129 -9.31 -24.93 -30.59
CA GLY F 129 -9.24 -25.52 -29.27
C GLY F 129 -8.47 -26.83 -29.21
N THR F 130 -7.30 -26.88 -29.82
CA THR F 130 -6.45 -28.06 -29.74
C THR F 130 -5.31 -27.80 -28.78
N ALA F 131 -4.79 -28.88 -28.17
CA ALA F 131 -3.61 -28.78 -27.35
C ALA F 131 -2.39 -28.51 -28.25
N ARG F 132 -1.22 -28.35 -27.61
CA ARG F 132 0.02 -28.20 -28.35
C ARG F 132 0.51 -29.55 -28.87
N PRO F 133 1.13 -29.56 -30.04
CA PRO F 133 1.52 -30.85 -30.58
C PRO F 133 2.31 -31.72 -29.60
N TRP F 134 3.08 -31.12 -28.72
CA TRP F 134 3.94 -31.88 -27.80
C TRP F 134 3.26 -32.03 -26.48
N GLU F 135 2.02 -31.58 -26.41
CA GLU F 135 1.25 -31.71 -25.21
C GLU F 135 0.05 -32.55 -25.55
N GLY F 136 0.05 -33.16 -26.73
CA GLY F 136 -1.03 -34.05 -27.11
C GLY F 136 -1.70 -33.68 -28.38
N GLY F 137 -1.98 -32.39 -28.54
CA GLY F 137 -2.65 -31.92 -29.72
C GLY F 137 -4.09 -32.30 -29.77
N LYS F 138 -4.65 -32.60 -28.61
CA LYS F 138 -6.01 -33.07 -28.59
C LYS F 138 -6.99 -32.01 -28.28
N PRO F 139 -8.21 -32.19 -28.72
CA PRO F 139 -9.23 -31.21 -28.42
C PRO F 139 -9.42 -30.88 -26.94
N LEU F 140 -9.75 -29.64 -26.61
CA LEU F 140 -10.04 -29.23 -25.25
C LEU F 140 -11.53 -29.02 -24.99
N GLY F 141 -12.37 -29.19 -25.99
CA GLY F 141 -13.80 -29.09 -25.80
C GLY F 141 -14.35 -27.68 -25.76
N TRP F 142 -13.83 -26.80 -26.62
CA TRP F 142 -14.38 -25.46 -26.72
C TRP F 142 -15.69 -25.47 -27.50
N ARG F 143 -16.41 -24.34 -27.44
CA ARG F 143 -17.63 -24.16 -28.23
C ARG F 143 -17.23 -23.67 -29.63
N VAL F 144 -16.58 -24.57 -30.37
CA VAL F 144 -16.06 -24.19 -31.67
C VAL F 144 -17.20 -23.78 -32.59
N VAL F 145 -16.84 -23.02 -33.63
CA VAL F 145 -17.81 -22.50 -34.58
C VAL F 145 -17.51 -23.09 -35.95
N GLY F 146 -18.46 -22.91 -36.86
CA GLY F 146 -18.32 -23.39 -38.22
C GLY F 146 -19.59 -23.17 -39.02
N PRO F 147 -19.54 -23.54 -40.31
CA PRO F 147 -20.74 -23.38 -41.14
C PRO F 147 -21.89 -24.28 -40.71
N SER F 148 -21.64 -25.58 -40.67
CA SER F 148 -22.63 -26.60 -40.35
C SER F 148 -22.18 -27.42 -39.15
N PRO F 149 -23.10 -28.11 -38.48
CA PRO F 149 -22.75 -28.85 -37.24
C PRO F 149 -22.18 -30.24 -37.52
N ILE F 150 -20.95 -30.27 -38.03
CA ILE F 150 -20.25 -31.51 -38.35
C ILE F 150 -18.91 -31.51 -37.62
N PRO F 151 -18.62 -32.49 -36.78
CA PRO F 151 -17.29 -32.52 -36.15
C PRO F 151 -16.22 -32.75 -37.20
N PHE F 152 -15.06 -32.12 -36.99
CA PHE F 152 -13.91 -32.34 -37.86
C PHE F 152 -13.54 -33.80 -37.94
N ASP F 153 -13.55 -34.50 -36.81
CA ASP F 153 -13.30 -35.92 -36.76
C ASP F 153 -13.80 -36.43 -35.42
N GLU F 154 -13.78 -37.73 -35.22
CA GLU F 154 -14.14 -38.22 -33.92
C GLU F 154 -13.20 -37.59 -32.92
N GLY F 155 -13.74 -37.13 -31.80
CA GLY F 155 -12.93 -36.55 -30.76
C GLY F 155 -13.00 -35.06 -30.72
N TYR F 156 -13.51 -34.47 -31.80
CA TYR F 156 -13.57 -33.04 -31.89
C TYR F 156 -14.93 -32.52 -31.55
N PRO F 157 -14.99 -31.32 -31.01
CA PRO F 157 -16.27 -30.70 -30.68
C PRO F 157 -17.11 -30.50 -31.91
N VAL F 158 -18.42 -30.66 -31.79
CA VAL F 158 -19.30 -30.43 -32.94
C VAL F 158 -19.52 -28.93 -33.09
N PRO F 159 -19.20 -28.35 -34.25
CA PRO F 159 -19.31 -26.90 -34.38
C PRO F 159 -20.76 -26.43 -34.33
N GLU F 160 -20.95 -25.23 -33.81
CA GLU F 160 -22.28 -24.63 -33.77
C GLU F 160 -22.48 -23.79 -35.02
N PRO F 161 -23.49 -24.08 -35.85
CA PRO F 161 -23.68 -23.27 -37.06
C PRO F 161 -23.84 -21.79 -36.71
N LEU F 162 -23.15 -20.94 -37.45
CA LEU F 162 -23.18 -19.51 -37.17
C LEU F 162 -24.41 -18.88 -37.82
N ASP F 163 -24.99 -17.91 -37.13
CA ASP F 163 -26.07 -17.10 -37.64
C ASP F 163 -25.51 -15.86 -38.31
N GLU F 164 -26.37 -15.19 -39.09
CA GLU F 164 -25.94 -13.98 -39.80
C GLU F 164 -25.26 -13.01 -38.84
N ALA F 165 -25.80 -12.87 -37.63
CA ALA F 165 -25.12 -12.09 -36.62
C ALA F 165 -23.78 -12.71 -36.24
N GLY F 166 -23.73 -14.04 -36.16
CA GLY F 166 -22.48 -14.70 -35.81
C GLY F 166 -21.39 -14.45 -36.84
N MET F 167 -21.73 -14.57 -38.12
CA MET F 167 -20.73 -14.36 -39.16
C MET F 167 -20.31 -12.90 -39.23
N GLU F 168 -21.25 -11.97 -39.01
CA GLU F 168 -20.89 -10.56 -39.02
C GLU F 168 -19.92 -10.24 -37.89
N ARG F 169 -20.06 -10.90 -36.75
CA ARG F 169 -19.14 -10.66 -35.64
C ARG F 169 -17.72 -11.04 -35.99
N ILE F 170 -17.54 -12.22 -36.61
CA ILE F 170 -16.21 -12.67 -36.98
C ILE F 170 -15.64 -11.80 -38.09
N LEU F 171 -16.45 -11.51 -39.11
CA LEU F 171 -15.95 -10.68 -40.20
C LEU F 171 -15.40 -9.36 -39.68
N GLN F 172 -16.12 -8.74 -38.75
CA GLN F 172 -15.67 -7.51 -38.14
C GLN F 172 -14.54 -7.76 -37.15
N ALA F 173 -14.44 -8.98 -36.62
CA ALA F 173 -13.25 -9.32 -35.85
C ALA F 173 -12.04 -9.39 -36.76
N PHE F 174 -12.24 -9.87 -38.01
CA PHE F 174 -11.17 -9.92 -38.99
C PHE F 174 -10.81 -8.51 -39.46
N VAL F 175 -11.80 -7.65 -39.65
CA VAL F 175 -11.52 -6.28 -40.06
C VAL F 175 -10.83 -5.52 -38.93
N GLU F 176 -11.44 -5.56 -37.74
CA GLU F 176 -10.84 -4.94 -36.56
C GLU F 176 -9.46 -5.53 -36.29
N GLY F 177 -9.30 -6.83 -36.60
CA GLY F 177 -8.00 -7.45 -36.51
C GLY F 177 -7.01 -6.87 -37.50
N ALA F 178 -7.47 -6.53 -38.71
CA ALA F 178 -6.58 -5.94 -39.71
C ALA F 178 -6.14 -4.55 -39.29
N ARG F 179 -7.07 -3.69 -38.88
CA ARG F 179 -6.70 -2.36 -38.40
C ARG F 179 -5.68 -2.45 -37.28
N ARG F 180 -5.80 -3.47 -36.42
CA ARG F 180 -4.86 -3.65 -35.33
C ARG F 180 -3.49 -4.06 -35.83
N ALA F 181 -3.44 -4.89 -36.86
CA ALA F 181 -2.15 -5.30 -37.42
C ALA F 181 -1.42 -4.12 -38.06
N LEU F 182 -2.16 -3.27 -38.75
CA LEU F 182 -1.57 -2.08 -39.36
C LEU F 182 -0.99 -1.14 -38.30
N ARG F 183 -1.76 -0.87 -37.24
CA ARG F 183 -1.29 0.03 -36.20
C ARG F 183 0.07 -0.39 -35.64
N ALA F 184 0.37 -1.69 -35.65
CA ALA F 184 1.62 -2.20 -35.10
C ALA F 184 2.78 -2.17 -36.07
N GLY F 185 2.56 -1.81 -37.33
CA GLY F 185 3.61 -1.72 -38.31
C GLY F 185 3.64 -2.86 -39.32
N PHE F 186 2.83 -3.90 -39.13
CA PHE F 186 2.75 -4.98 -40.11
C PHE F 186 2.28 -4.41 -41.45
N GLN F 187 3.08 -4.62 -42.49
CA GLN F 187 2.81 -4.08 -43.81
C GLN F 187 2.21 -5.08 -44.77
N VAL F 188 2.01 -6.33 -44.34
CA VAL F 188 1.35 -7.33 -45.17
C VAL F 188 0.41 -8.14 -44.29
N ILE F 189 -0.84 -8.29 -44.73
CA ILE F 189 -1.85 -9.05 -44.01
C ILE F 189 -2.33 -10.18 -44.91
N GLU F 190 -2.29 -11.40 -44.39
CA GLU F 190 -2.80 -12.58 -45.07
C GLU F 190 -3.98 -13.13 -44.28
N LEU F 191 -5.07 -13.41 -44.98
CA LEU F 191 -6.26 -13.99 -44.36
C LEU F 191 -6.21 -15.51 -44.50
N HIS F 192 -6.20 -16.20 -43.37
CA HIS F 192 -6.09 -17.66 -43.36
C HIS F 192 -7.45 -18.26 -43.70
N MET F 193 -7.61 -18.67 -44.96
CA MET F 193 -8.82 -19.30 -45.46
C MET F 193 -8.48 -20.67 -46.05
N ALA F 194 -7.63 -21.40 -45.35
CA ALA F 194 -7.14 -22.69 -45.83
C ALA F 194 -7.10 -23.64 -44.64
N HIS F 195 -6.71 -24.89 -44.93
CA HIS F 195 -6.41 -25.87 -43.91
C HIS F 195 -7.61 -26.21 -43.04
N GLY F 196 -8.82 -26.08 -43.60
CA GLY F 196 -9.99 -26.52 -42.88
C GLY F 196 -10.39 -25.68 -41.71
N TYR F 197 -9.75 -24.54 -41.50
CA TYR F 197 -10.16 -23.63 -40.45
C TYR F 197 -11.40 -22.88 -40.91
N LEU F 198 -11.87 -21.95 -40.07
CA LEU F 198 -13.20 -21.38 -40.24
C LEU F 198 -13.55 -21.05 -41.68
N LEU F 199 -12.77 -20.17 -42.31
CA LEU F 199 -13.15 -19.67 -43.63
C LEU F 199 -12.95 -20.71 -44.72
N SER F 200 -11.95 -21.59 -44.58
CA SER F 200 -11.85 -22.72 -45.49
C SER F 200 -13.04 -23.65 -45.31
N SER F 201 -13.49 -23.84 -44.06
CA SER F 201 -14.62 -24.71 -43.77
C SER F 201 -15.88 -24.24 -44.51
N PHE F 202 -16.06 -22.93 -44.65
CA PHE F 202 -17.22 -22.42 -45.37
C PHE F 202 -17.17 -22.77 -46.85
N LEU F 203 -15.97 -22.87 -47.43
CA LEU F 203 -15.86 -23.08 -48.86
C LEU F 203 -16.10 -24.54 -49.26
N SER F 204 -15.53 -25.47 -48.54
CA SER F 204 -15.59 -26.87 -48.94
C SER F 204 -16.94 -27.48 -48.55
N PRO F 205 -17.56 -28.25 -49.45
CA PRO F 205 -18.81 -28.94 -49.09
C PRO F 205 -18.60 -30.12 -48.17
N LEU F 206 -17.36 -30.59 -47.96
CA LEU F 206 -17.15 -31.64 -46.98
C LEU F 206 -17.36 -31.15 -45.56
N SER F 207 -17.38 -29.82 -45.36
CA SER F 207 -17.64 -29.26 -44.05
C SER F 207 -18.75 -28.22 -44.04
N ASN F 208 -19.27 -27.82 -45.20
CA ASN F 208 -20.37 -26.85 -45.31
C ASN F 208 -21.44 -27.44 -46.21
N GLN F 209 -22.43 -28.09 -45.61
CA GLN F 209 -23.62 -28.54 -46.33
C GLN F 209 -24.83 -27.78 -45.80
N ARG F 210 -24.68 -26.47 -45.64
CA ARG F 210 -25.75 -25.62 -45.14
C ARG F 210 -26.87 -25.49 -46.16
N THR F 211 -28.08 -25.30 -45.67
CA THR F 211 -29.27 -25.16 -46.52
C THR F 211 -29.62 -23.71 -46.78
N ASP F 212 -28.92 -22.75 -46.18
CA ASP F 212 -29.29 -21.35 -46.29
C ASP F 212 -28.52 -20.69 -47.44
N ALA F 213 -28.52 -19.35 -47.45
CA ALA F 213 -27.89 -18.60 -48.53
C ALA F 213 -26.37 -18.55 -48.43
N TYR F 214 -25.75 -19.28 -47.51
CA TYR F 214 -24.30 -19.31 -47.39
C TYR F 214 -23.75 -20.74 -47.52
N GLY F 215 -24.51 -21.63 -48.14
CA GLY F 215 -24.07 -23.01 -48.30
C GLY F 215 -24.75 -23.65 -49.49
N GLY F 216 -24.30 -24.86 -49.81
CA GLY F 216 -24.87 -25.60 -50.92
C GLY F 216 -24.22 -25.24 -52.24
N SER F 217 -24.74 -24.21 -52.90
CA SER F 217 -24.13 -23.79 -54.15
C SER F 217 -22.70 -23.33 -53.89
N LEU F 218 -21.87 -23.37 -54.95
CA LEU F 218 -20.47 -22.96 -54.84
C LEU F 218 -20.32 -21.51 -54.41
N GLU F 219 -21.06 -20.63 -55.08
CA GLU F 219 -21.10 -19.19 -54.86
C GLU F 219 -21.63 -18.86 -53.46
N ASN F 220 -22.64 -19.56 -52.94
CA ASN F 220 -23.02 -19.27 -51.54
C ASN F 220 -21.96 -19.73 -50.56
N ARG F 221 -21.31 -20.86 -50.85
CA ARG F 221 -20.22 -21.35 -50.03
C ARG F 221 -19.01 -20.42 -50.13
N MET F 222 -18.94 -19.65 -51.22
CA MET F 222 -17.95 -18.60 -51.38
C MET F 222 -18.41 -17.27 -50.81
N ARG F 223 -19.68 -17.16 -50.42
CA ARG F 223 -20.29 -15.89 -50.03
C ARG F 223 -19.60 -15.29 -48.81
N PHE F 224 -19.76 -15.90 -47.64
CA PHE F 224 -19.16 -15.36 -46.44
C PHE F 224 -17.65 -15.16 -46.58
N PRO F 225 -16.89 -16.10 -47.17
CA PRO F 225 -15.45 -15.84 -47.34
C PRO F 225 -15.14 -14.59 -48.12
N LEU F 226 -15.83 -14.35 -49.24
CA LEU F 226 -15.58 -13.14 -50.02
C LEU F 226 -16.04 -11.90 -49.27
N GLN F 227 -17.07 -12.02 -48.42
CA GLN F 227 -17.47 -10.90 -47.59
C GLN F 227 -16.34 -10.51 -46.66
N VAL F 228 -15.65 -11.49 -46.08
CA VAL F 228 -14.48 -11.20 -45.26
C VAL F 228 -13.40 -10.57 -46.10
N ALA F 229 -13.17 -11.12 -47.30
CA ALA F 229 -12.19 -10.53 -48.21
C ALA F 229 -12.58 -9.11 -48.58
N GLN F 230 -13.85 -8.87 -48.90
CA GLN F 230 -14.31 -7.54 -49.27
C GLN F 230 -14.15 -6.55 -48.13
N ALA F 231 -14.52 -6.94 -46.91
CA ALA F 231 -14.44 -6.02 -45.78
C ALA F 231 -13.00 -5.63 -45.45
N VAL F 232 -12.07 -6.59 -45.47
CA VAL F 232 -10.70 -6.30 -45.06
C VAL F 232 -9.96 -5.44 -46.11
N ARG F 233 -10.17 -5.71 -47.40
CA ARG F 233 -9.52 -4.89 -48.42
C ARG F 233 -9.83 -3.41 -48.17
N GLU F 234 -11.06 -3.12 -47.71
CA GLU F 234 -11.45 -1.74 -47.48
C GLU F 234 -10.61 -1.11 -46.37
N VAL F 235 -10.22 -1.88 -45.36
CA VAL F 235 -9.45 -1.33 -44.25
C VAL F 235 -7.94 -1.43 -44.44
N VAL F 236 -7.48 -2.18 -45.44
CA VAL F 236 -6.07 -2.27 -45.78
C VAL F 236 -5.81 -1.31 -46.95
N PRO F 237 -4.91 -0.35 -46.82
CA PRO F 237 -4.70 0.58 -47.94
C PRO F 237 -4.19 -0.15 -49.18
N ARG F 238 -4.46 0.45 -50.34
CA ARG F 238 -4.08 -0.19 -51.61
C ARG F 238 -2.59 -0.54 -51.62
N GLU F 239 -1.76 0.35 -51.05
CA GLU F 239 -0.32 0.19 -51.15
C GLU F 239 0.14 -1.10 -50.46
N LEU F 240 -0.52 -1.47 -49.38
CA LEU F 240 -0.14 -2.64 -48.60
C LEU F 240 -0.82 -3.87 -49.18
N PRO F 241 -0.07 -4.92 -49.54
CA PRO F 241 -0.72 -6.07 -50.19
C PRO F 241 -1.56 -6.88 -49.21
N LEU F 242 -2.73 -7.31 -49.68
CA LEU F 242 -3.62 -8.19 -48.93
C LEU F 242 -3.47 -9.59 -49.51
N PHE F 243 -2.94 -10.50 -48.70
CA PHE F 243 -2.77 -11.89 -49.10
C PHE F 243 -3.98 -12.72 -48.68
N VAL F 244 -4.13 -13.88 -49.33
CA VAL F 244 -5.18 -14.83 -48.99
C VAL F 244 -4.59 -16.24 -49.09
N ARG F 245 -4.67 -16.99 -48.00
CA ARG F 245 -4.23 -18.37 -47.98
C ARG F 245 -5.40 -19.30 -48.25
N VAL F 246 -5.24 -20.21 -49.21
CA VAL F 246 -6.31 -21.11 -49.59
C VAL F 246 -5.77 -22.53 -49.70
N SER F 247 -6.57 -23.49 -49.25
CA SER F 247 -6.34 -24.90 -49.55
C SER F 247 -6.86 -25.12 -50.97
N ALA F 248 -5.93 -25.16 -51.93
CA ALA F 248 -6.36 -25.22 -53.33
C ALA F 248 -7.14 -26.49 -53.65
N THR F 249 -7.02 -27.53 -52.83
CA THR F 249 -7.79 -28.74 -53.04
C THR F 249 -7.93 -29.47 -51.72
N ASP F 250 -9.02 -30.19 -51.53
CA ASP F 250 -9.20 -30.99 -50.33
C ASP F 250 -8.59 -32.32 -50.45
N TRP F 251 -8.42 -32.76 -51.68
CA TRP F 251 -7.87 -34.06 -51.93
C TRP F 251 -8.94 -35.09 -51.66
N GLY F 252 -10.07 -34.65 -51.13
CA GLY F 252 -11.13 -35.56 -50.77
C GLY F 252 -12.15 -35.57 -51.85
N GLU F 253 -12.74 -36.72 -52.09
CA GLU F 253 -13.65 -36.84 -53.18
C GLU F 253 -14.78 -35.88 -53.03
N GLY F 254 -15.27 -35.42 -54.15
CA GLY F 254 -16.41 -34.57 -54.11
C GLY F 254 -16.27 -33.44 -53.15
N GLY F 255 -15.08 -32.88 -52.99
CA GLY F 255 -14.95 -31.69 -52.17
C GLY F 255 -14.38 -30.52 -52.95
N TRP F 256 -13.74 -29.59 -52.25
CA TRP F 256 -13.10 -28.47 -52.91
C TRP F 256 -12.15 -28.96 -53.98
N SER F 257 -12.42 -28.59 -55.22
CA SER F 257 -11.61 -29.01 -56.34
C SER F 257 -10.56 -27.96 -56.63
N LEU F 258 -9.60 -28.33 -57.48
CA LEU F 258 -8.66 -27.30 -57.93
C LEU F 258 -9.40 -26.18 -58.61
N GLU F 259 -10.36 -26.50 -59.49
CA GLU F 259 -10.99 -25.39 -60.19
C GLU F 259 -11.85 -24.55 -59.25
N ASP F 260 -12.44 -25.17 -58.21
CA ASP F 260 -13.19 -24.36 -57.25
C ASP F 260 -12.34 -23.19 -56.80
N THR F 261 -11.04 -23.42 -56.68
CA THR F 261 -10.11 -22.33 -56.35
C THR F 261 -10.06 -21.29 -57.46
N LEU F 262 -10.09 -21.73 -58.73
CA LEU F 262 -9.95 -20.77 -59.82
C LEU F 262 -11.16 -19.83 -59.93
N ALA F 263 -12.35 -20.33 -59.61
CA ALA F 263 -13.51 -19.45 -59.51
C ALA F 263 -13.35 -18.51 -58.33
N PHE F 264 -12.95 -19.07 -57.18
CA PHE F 264 -12.68 -18.27 -56.00
C PHE F 264 -11.58 -17.24 -56.27
N ALA F 265 -10.52 -17.65 -56.97
CA ALA F 265 -9.44 -16.73 -57.27
C ALA F 265 -9.90 -15.63 -58.23
N ARG F 266 -10.67 -16.00 -59.25
N ARG F 266 -10.68 -15.99 -59.25
CA ARG F 266 -11.20 -15.02 -60.18
CA ARG F 266 -11.17 -14.99 -60.18
C ARG F 266 -12.00 -13.93 -59.48
C ARG F 266 -12.00 -13.92 -59.47
N ARG F 267 -12.69 -14.29 -58.39
CA ARG F 267 -13.54 -13.35 -57.68
C ARG F 267 -12.81 -12.65 -56.53
N LEU F 268 -11.87 -13.33 -55.88
CA LEU F 268 -11.02 -12.62 -54.92
C LEU F 268 -10.15 -11.60 -55.62
N LYS F 269 -9.55 -11.97 -56.75
CA LYS F 269 -8.72 -11.08 -57.55
C LYS F 269 -9.51 -9.86 -58.00
N GLU F 270 -10.82 -9.99 -58.18
CA GLU F 270 -11.55 -8.82 -58.59
C GLU F 270 -11.75 -7.85 -57.43
N LEU F 271 -11.65 -8.33 -56.18
CA LEU F 271 -11.88 -7.51 -55.01
C LEU F 271 -10.68 -6.67 -54.60
N GLY F 272 -9.53 -6.91 -55.21
CA GLY F 272 -8.32 -6.19 -54.87
C GLY F 272 -7.29 -7.01 -54.11
N VAL F 273 -7.57 -8.28 -53.83
CA VAL F 273 -6.58 -9.12 -53.18
C VAL F 273 -5.32 -9.13 -54.03
N ASP F 274 -4.18 -8.85 -53.39
CA ASP F 274 -2.94 -8.66 -54.14
C ASP F 274 -2.21 -9.96 -54.44
N LEU F 275 -2.48 -11.04 -53.70
CA LEU F 275 -1.78 -12.28 -53.93
C LEU F 275 -2.53 -13.42 -53.24
N LEU F 276 -2.47 -14.60 -53.86
CA LEU F 276 -3.05 -15.82 -53.32
C LEU F 276 -1.93 -16.76 -52.91
N ASP F 277 -2.03 -17.29 -51.71
CA ASP F 277 -1.09 -18.27 -51.19
C ASP F 277 -1.77 -19.63 -51.21
N CYS F 278 -1.27 -20.54 -52.05
CA CYS F 278 -1.92 -21.81 -52.29
C CYS F 278 -1.23 -22.92 -51.50
N SER F 279 -1.91 -23.40 -50.47
CA SER F 279 -1.57 -24.63 -49.77
C SER F 279 -2.68 -25.64 -50.10
N SER F 280 -2.78 -26.71 -49.32
CA SER F 280 -3.84 -27.68 -49.56
C SER F 280 -4.07 -28.52 -48.31
N GLY F 281 -5.17 -29.27 -48.32
CA GLY F 281 -5.51 -30.17 -47.24
C GLY F 281 -6.03 -29.43 -46.02
N GLY F 282 -6.28 -30.23 -44.98
CA GLY F 282 -6.66 -29.73 -43.67
C GLY F 282 -8.15 -29.77 -43.38
N VAL F 283 -8.99 -29.66 -44.42
CA VAL F 283 -10.43 -29.66 -44.19
C VAL F 283 -10.87 -30.98 -43.58
N VAL F 284 -10.28 -32.09 -44.03
CA VAL F 284 -10.58 -33.42 -43.52
C VAL F 284 -9.27 -34.17 -43.36
N LEU F 285 -9.32 -35.21 -42.56
CA LEU F 285 -8.20 -36.08 -42.39
C LEU F 285 -8.66 -37.21 -43.24
N ARG F 286 -8.03 -38.36 -43.13
CA ARG F 286 -8.53 -39.51 -43.86
C ARG F 286 -8.67 -39.14 -45.32
N VAL F 287 -7.68 -38.44 -45.83
CA VAL F 287 -7.65 -38.08 -47.23
C VAL F 287 -6.19 -38.21 -47.57
N ARG F 288 -5.90 -38.58 -48.80
CA ARG F 288 -4.51 -38.83 -49.22
C ARG F 288 -4.01 -37.61 -49.99
N ILE F 289 -2.81 -37.17 -49.68
CA ILE F 289 -2.24 -35.99 -50.32
C ILE F 289 -0.96 -36.40 -51.00
N PRO F 290 -0.80 -36.01 -52.27
CA PRO F 290 0.36 -36.43 -53.03
C PRO F 290 1.62 -35.70 -52.62
N LEU F 291 2.21 -36.03 -51.48
CA LEU F 291 3.35 -35.25 -51.01
C LEU F 291 4.69 -35.52 -51.67
N ALA F 292 5.27 -34.47 -52.19
CA ALA F 292 6.55 -34.55 -52.83
C ALA F 292 7.04 -33.13 -52.91
N PRO F 293 8.27 -32.95 -53.33
CA PRO F 293 8.76 -31.59 -53.31
C PRO F 293 7.99 -30.68 -54.24
N GLY F 294 7.57 -29.52 -53.75
CA GLY F 294 6.77 -28.61 -54.57
C GLY F 294 5.51 -29.24 -55.15
N PHE F 295 4.86 -30.14 -54.40
CA PHE F 295 3.65 -30.81 -54.88
C PHE F 295 2.47 -29.82 -54.93
N GLN F 296 2.52 -28.72 -54.18
CA GLN F 296 1.47 -27.69 -54.22
C GLN F 296 1.79 -26.55 -55.18
N VAL F 297 3.00 -26.55 -55.77
CA VAL F 297 3.34 -25.54 -56.77
C VAL F 297 2.32 -25.52 -57.92
N PRO F 298 1.85 -26.65 -58.43
CA PRO F 298 0.88 -26.58 -59.55
C PRO F 298 -0.35 -25.74 -59.25
N PHE F 299 -0.76 -25.65 -57.98
CA PHE F 299 -1.90 -24.82 -57.64
C PHE F 299 -1.57 -23.34 -57.79
N ALA F 300 -0.41 -22.92 -57.32
CA ALA F 300 0.04 -21.56 -57.58
C ALA F 300 0.18 -21.32 -59.08
N ASP F 301 0.72 -22.31 -59.79
CA ASP F 301 0.89 -22.20 -61.24
C ASP F 301 -0.46 -22.03 -61.94
N ALA F 302 -1.44 -22.86 -61.57
CA ALA F 302 -2.74 -22.80 -62.24
C ALA F 302 -3.43 -21.46 -61.99
N VAL F 303 -3.35 -20.96 -60.76
CA VAL F 303 -4.02 -19.70 -60.45
C VAL F 303 -3.34 -18.54 -61.17
N ARG F 304 -2.02 -18.49 -61.13
CA ARG F 304 -1.29 -17.34 -61.67
C ARG F 304 -1.53 -17.21 -63.17
N LYS F 305 -1.60 -18.32 -63.88
CA LYS F 305 -1.62 -18.31 -65.34
C LYS F 305 -3.03 -18.31 -65.92
N ARG F 306 -3.99 -18.90 -65.22
CA ARG F 306 -5.33 -19.02 -65.76
C ARG F 306 -6.26 -17.87 -65.38
N VAL F 307 -5.90 -17.10 -64.34
CA VAL F 307 -6.71 -15.96 -63.91
C VAL F 307 -5.87 -14.68 -63.99
N GLY F 308 -4.57 -14.81 -63.79
CA GLY F 308 -3.68 -13.66 -63.82
C GLY F 308 -3.41 -13.00 -62.50
N LEU F 309 -3.75 -13.65 -61.38
CA LEU F 309 -3.51 -13.09 -60.07
C LEU F 309 -2.17 -13.59 -59.53
N ARG F 310 -1.40 -12.67 -58.95
CA ARG F 310 -0.12 -13.04 -58.35
C ARG F 310 -0.34 -14.13 -57.31
N THR F 311 0.62 -15.05 -57.20
CA THR F 311 0.48 -16.20 -56.34
C THR F 311 1.78 -16.51 -55.61
N GLY F 312 1.64 -17.16 -54.46
CA GLY F 312 2.78 -17.64 -53.73
C GLY F 312 2.76 -19.15 -53.64
N ALA F 313 3.86 -19.81 -54.01
CA ALA F 313 3.97 -21.25 -53.97
C ALA F 313 4.62 -21.67 -52.67
N VAL F 314 4.14 -22.78 -52.09
CA VAL F 314 4.67 -23.32 -50.85
C VAL F 314 4.49 -24.83 -50.87
N GLY F 315 5.24 -25.51 -50.03
CA GLY F 315 5.14 -26.96 -49.93
C GLY F 315 6.43 -27.68 -50.28
N LEU F 316 7.21 -28.01 -49.26
CA LEU F 316 8.46 -28.75 -49.43
C LEU F 316 9.34 -28.12 -50.51
N ILE F 317 9.50 -26.81 -50.40
CA ILE F 317 10.47 -26.07 -51.20
C ILE F 317 11.70 -25.88 -50.32
N THR F 318 12.77 -26.59 -50.61
CA THR F 318 13.91 -26.67 -49.70
C THR F 318 15.24 -26.27 -50.32
N THR F 319 15.30 -26.03 -51.62
CA THR F 319 16.59 -25.79 -52.27
C THR F 319 16.58 -24.44 -52.99
N PRO F 320 17.75 -23.80 -53.10
CA PRO F 320 17.80 -22.56 -53.90
C PRO F 320 17.41 -22.76 -55.35
N GLU F 321 17.90 -23.83 -55.99
CA GLU F 321 17.60 -24.05 -57.40
C GLU F 321 16.13 -24.33 -57.63
N GLN F 322 15.50 -25.04 -56.68
CA GLN F 322 14.09 -25.37 -56.83
C GLN F 322 13.22 -24.12 -56.74
N ALA F 323 13.54 -23.23 -55.78
CA ALA F 323 12.80 -21.98 -55.69
C ALA F 323 12.96 -21.15 -56.95
N GLU F 324 14.19 -21.02 -57.43
CA GLU F 324 14.44 -20.21 -58.61
C GLU F 324 13.80 -20.81 -59.86
N THR F 325 13.69 -22.14 -59.93
CA THR F 325 13.20 -22.78 -61.14
C THR F 325 11.69 -22.57 -61.30
N LEU F 326 10.93 -22.71 -60.21
CA LEU F 326 9.49 -22.53 -60.29
C LEU F 326 9.12 -21.08 -60.51
N LEU F 327 9.93 -20.15 -60.02
CA LEU F 327 9.71 -18.74 -60.34
C LEU F 327 9.99 -18.47 -61.82
N GLN F 328 11.08 -19.04 -62.35
CA GLN F 328 11.37 -18.89 -63.77
C GLN F 328 10.25 -19.45 -64.63
N ALA F 329 9.71 -20.61 -64.25
CA ALA F 329 8.63 -21.23 -65.01
C ALA F 329 7.32 -20.48 -64.90
N GLY F 330 7.28 -19.41 -64.11
CA GLY F 330 6.04 -18.67 -63.93
C GLY F 330 4.98 -19.38 -63.13
N SER F 331 5.37 -20.33 -62.29
CA SER F 331 4.42 -21.04 -61.45
C SER F 331 3.96 -20.19 -60.26
N ALA F 332 4.72 -19.16 -59.90
CA ALA F 332 4.38 -18.31 -58.77
C ALA F 332 5.18 -17.02 -58.87
N ASP F 333 4.76 -16.03 -58.08
CA ASP F 333 5.50 -14.78 -57.97
C ASP F 333 6.34 -14.70 -56.70
N LEU F 334 5.94 -15.42 -55.65
CA LEU F 334 6.62 -15.39 -54.37
C LEU F 334 6.77 -16.82 -53.86
N VAL F 335 7.94 -17.11 -53.29
CA VAL F 335 8.24 -18.43 -52.77
C VAL F 335 8.19 -18.36 -51.26
N LEU F 336 7.25 -19.09 -50.66
CA LEU F 336 7.11 -19.17 -49.22
C LEU F 336 7.81 -20.42 -48.70
N LEU F 337 8.56 -20.26 -47.62
CA LEU F 337 9.33 -21.34 -47.03
C LEU F 337 8.79 -21.62 -45.64
N GLY F 338 8.59 -22.90 -45.33
CA GLY F 338 8.10 -23.30 -44.03
C GLY F 338 9.16 -24.01 -43.22
N ARG F 339 9.10 -25.34 -43.19
CA ARG F 339 9.94 -26.11 -42.29
C ARG F 339 11.42 -25.92 -42.56
N VAL F 340 11.78 -25.35 -43.71
CA VAL F 340 13.19 -25.13 -44.02
C VAL F 340 13.81 -24.09 -43.08
N LEU F 341 13.03 -23.06 -42.73
CA LEU F 341 13.51 -22.00 -41.87
C LEU F 341 13.48 -22.36 -40.39
N LEU F 342 12.81 -23.45 -40.02
CA LEU F 342 12.94 -23.94 -38.65
C LEU F 342 14.29 -24.59 -38.42
N ARG F 343 14.76 -25.31 -39.43
CA ARG F 343 16.01 -26.00 -39.36
C ARG F 343 17.16 -25.20 -39.90
N ASP F 344 16.87 -24.28 -40.81
CA ASP F 344 17.90 -23.45 -41.37
C ASP F 344 17.41 -22.03 -41.51
N PRO F 345 17.48 -21.29 -40.42
CA PRO F 345 16.95 -19.92 -40.45
C PRO F 345 17.72 -19.03 -41.40
N TYR F 346 19.02 -19.25 -41.56
CA TYR F 346 19.81 -18.46 -42.48
C TYR F 346 19.90 -19.08 -43.86
N PHE F 347 19.01 -20.01 -44.18
CA PHE F 347 19.01 -20.63 -45.50
C PHE F 347 19.04 -19.63 -46.64
N PRO F 348 18.23 -18.56 -46.64
CA PRO F 348 18.28 -17.63 -47.78
C PRO F 348 19.64 -17.01 -47.99
N LEU F 349 20.35 -16.70 -46.93
CA LEU F 349 21.63 -16.05 -47.07
C LEU F 349 22.60 -16.92 -47.79
N ARG F 350 22.53 -18.20 -47.54
CA ARG F 350 23.45 -19.13 -48.14
C ARG F 350 22.95 -19.58 -49.45
N ALA F 351 21.66 -19.45 -49.67
CA ALA F 351 21.11 -19.78 -50.96
C ALA F 351 21.52 -18.72 -51.95
N ALA F 352 21.75 -17.52 -51.46
CA ALA F 352 22.16 -16.43 -52.31
C ALA F 352 23.53 -16.66 -52.81
N LYS F 353 24.45 -16.95 -51.91
CA LYS F 353 25.82 -17.25 -52.35
C LYS F 353 25.87 -18.52 -53.18
N ALA F 354 24.93 -19.44 -52.97
CA ALA F 354 24.82 -20.64 -53.77
C ALA F 354 24.20 -20.40 -55.15
N LEU F 355 23.79 -19.16 -55.45
CA LEU F 355 23.25 -18.83 -56.76
C LEU F 355 24.01 -17.68 -57.42
N GLY F 356 25.27 -17.49 -57.05
CA GLY F 356 26.03 -16.41 -57.65
C GLY F 356 25.55 -15.03 -57.26
N VAL F 357 24.80 -14.94 -56.17
CA VAL F 357 24.22 -13.70 -55.68
C VAL F 357 24.99 -13.28 -54.44
N ALA F 358 25.27 -11.99 -54.33
CA ALA F 358 25.91 -11.48 -53.13
C ALA F 358 24.96 -11.67 -51.95
N PRO F 359 25.29 -12.53 -50.97
CA PRO F 359 24.41 -12.65 -49.78
C PRO F 359 24.54 -11.25 -49.12
N GLU F 360 23.47 -10.49 -48.87
CA GLU F 360 23.53 -9.21 -48.17
C GLU F 360 23.47 -9.58 -46.70
N VAL F 361 24.67 -9.67 -46.12
CA VAL F 361 24.87 -10.31 -44.83
C VAL F 361 24.98 -9.23 -43.74
N PRO F 362 24.69 -9.40 -42.44
CA PRO F 362 25.08 -8.31 -41.51
C PRO F 362 26.59 -8.14 -41.49
N PRO F 363 27.10 -6.90 -41.29
CA PRO F 363 28.57 -6.74 -41.27
C PRO F 363 29.28 -7.65 -40.29
N GLN F 364 28.63 -7.97 -39.16
CA GLN F 364 29.23 -8.85 -38.16
C GLN F 364 29.44 -10.26 -38.66
N TYR F 365 28.70 -10.70 -39.68
CA TYR F 365 28.82 -12.05 -40.22
C TYR F 365 29.53 -12.08 -41.57
N GLN F 366 30.05 -10.94 -42.03
CA GLN F 366 30.62 -10.88 -43.38
C GLN F 366 31.79 -11.83 -43.55
N ARG F 367 32.55 -12.09 -42.49
CA ARG F 367 33.68 -12.99 -42.58
C ARG F 367 33.27 -14.46 -42.64
N GLY F 368 31.99 -14.76 -42.47
CA GLY F 368 31.50 -16.11 -42.66
C GLY F 368 31.01 -16.40 -44.06
N PHE F 369 31.07 -15.41 -44.95
CA PHE F 369 30.62 -15.58 -46.33
C PHE F 369 31.74 -15.20 -47.29
N MET G 21 -23.70 23.69 18.67
CA MET G 21 -23.35 23.24 17.32
C MET G 21 -22.98 24.41 16.42
N ALA G 22 -21.70 24.44 16.04
CA ALA G 22 -21.18 25.45 15.13
C ALA G 22 -21.55 25.13 13.68
N LEU G 23 -22.09 26.13 12.98
CA LEU G 23 -22.42 25.98 11.57
C LEU G 23 -21.16 25.86 10.72
N LEU G 24 -20.03 26.40 11.17
CA LEU G 24 -18.81 26.34 10.39
C LEU G 24 -18.38 24.90 10.10
N PHE G 25 -18.77 23.96 10.95
CA PHE G 25 -18.37 22.57 10.82
C PHE G 25 -19.58 21.66 10.61
N THR G 26 -20.61 22.20 9.98
CA THR G 26 -21.76 21.43 9.51
C THR G 26 -21.55 21.04 8.05
N PRO G 27 -21.94 19.84 7.64
CA PRO G 27 -21.75 19.46 6.23
C PRO G 27 -22.38 20.50 5.30
N LEU G 28 -21.72 20.77 4.18
CA LEU G 28 -22.22 21.71 3.19
C LEU G 28 -22.55 20.94 1.92
N GLU G 29 -23.80 21.05 1.48
CA GLU G 29 -24.28 20.35 0.29
C GLU G 29 -24.36 21.36 -0.86
N LEU G 30 -23.42 21.26 -1.79
CA LEU G 30 -23.37 22.15 -2.93
C LEU G 30 -23.15 21.25 -4.10
N GLY G 31 -24.14 21.17 -4.97
CA GLY G 31 -24.05 20.32 -6.12
C GLY G 31 -24.60 18.97 -5.81
N GLY G 32 -23.76 17.96 -5.92
CA GLY G 32 -24.18 16.62 -5.59
C GLY G 32 -23.14 16.16 -4.64
N LEU G 33 -22.57 17.09 -3.91
CA LEU G 33 -21.53 16.77 -2.98
C LEU G 33 -21.86 17.19 -1.58
N ARG G 34 -21.11 16.70 -0.62
CA ARG G 34 -21.28 17.07 0.76
C ARG G 34 -19.91 17.24 1.32
N LEU G 35 -19.61 18.44 1.80
CA LEU G 35 -18.28 18.75 2.32
C LEU G 35 -18.28 18.65 3.83
N LYS G 36 -17.19 18.12 4.38
CA LYS G 36 -17.18 17.81 5.81
C LYS G 36 -17.46 19.04 6.66
N ASN G 37 -17.22 20.24 6.13
CA ASN G 37 -17.48 21.47 6.84
C ASN G 37 -17.59 22.60 5.82
N ARG G 38 -17.71 23.83 6.31
CA ARG G 38 -17.85 25.00 5.46
C ARG G 38 -16.54 25.75 5.29
N LEU G 39 -15.42 25.08 5.49
CA LEU G 39 -14.10 25.68 5.32
C LEU G 39 -13.46 25.15 4.04
N ALA G 40 -12.94 26.06 3.23
CA ALA G 40 -12.26 25.73 1.98
C ALA G 40 -10.98 26.53 1.92
N MET G 41 -9.99 26.00 1.20
CA MET G 41 -8.74 26.72 0.99
C MET G 41 -8.88 27.60 -0.25
N SER G 42 -8.63 28.90 -0.09
CA SER G 42 -8.67 29.81 -1.21
C SER G 42 -7.53 29.49 -2.18
N PRO G 43 -7.74 29.67 -3.48
CA PRO G 43 -6.66 29.41 -4.45
C PRO G 43 -5.46 30.32 -4.18
N MET G 44 -4.26 29.72 -4.20
CA MET G 44 -3.05 30.47 -3.89
C MET G 44 -1.90 29.91 -4.71
N CYS G 45 -1.39 30.72 -5.65
CA CYS G 45 -0.28 30.28 -6.49
C CYS G 45 0.98 30.07 -5.66
N GLN G 46 1.63 28.94 -5.88
CA GLN G 46 2.94 28.67 -5.30
C GLN G 46 4.08 28.95 -6.26
N TYR G 47 3.76 29.19 -7.54
CA TYR G 47 4.76 29.46 -8.58
C TYR G 47 5.87 28.41 -8.56
N SER G 48 5.51 27.17 -8.25
CA SER G 48 6.49 26.10 -8.13
C SER G 48 6.30 24.97 -9.13
N ALA G 49 5.49 25.16 -10.15
CA ALA G 49 5.32 24.13 -11.17
C ALA G 49 6.54 24.08 -12.08
N THR G 50 6.55 23.12 -12.98
CA THR G 50 7.60 23.03 -13.97
C THR G 50 7.39 24.09 -15.06
N LEU G 51 8.38 24.21 -15.94
CA LEU G 51 8.28 25.17 -17.05
C LEU G 51 7.23 24.76 -18.06
N GLU G 52 6.84 23.49 -18.08
CA GLU G 52 5.73 23.03 -18.91
C GLU G 52 4.41 23.02 -18.15
N GLY G 53 4.43 23.38 -16.88
CA GLY G 53 3.22 23.53 -16.09
C GLY G 53 2.75 22.28 -15.39
N GLU G 54 3.63 21.29 -15.22
CA GLU G 54 3.25 20.06 -14.56
C GLU G 54 3.34 20.22 -13.06
N VAL G 55 2.49 19.49 -12.35
CA VAL G 55 2.57 19.46 -10.90
C VAL G 55 3.94 18.92 -10.49
N THR G 56 4.51 19.50 -9.44
CA THR G 56 5.82 19.10 -8.94
C THR G 56 5.65 18.46 -7.56
N ASP G 57 6.79 18.08 -6.95
CA ASP G 57 6.74 17.49 -5.62
C ASP G 57 6.24 18.48 -4.58
N TRP G 58 6.52 19.78 -4.77
CA TRP G 58 6.07 20.78 -3.82
C TRP G 58 4.55 20.75 -3.66
N HIS G 59 3.83 20.79 -4.78
CA HIS G 59 2.38 20.80 -4.72
C HIS G 59 1.86 19.52 -4.07
N LEU G 60 2.51 18.39 -4.32
CA LEU G 60 2.06 17.11 -3.79
C LEU G 60 2.30 16.97 -2.30
N LEU G 61 2.97 17.95 -1.67
CA LEU G 61 2.99 18.04 -0.22
C LEU G 61 2.25 19.25 0.30
N HIS G 62 2.29 20.37 -0.42
CA HIS G 62 1.63 21.59 0.02
C HIS G 62 0.14 21.35 0.23
N TYR G 63 -0.58 21.04 -0.86
CA TYR G 63 -2.02 20.93 -0.74
C TYR G 63 -2.42 19.75 0.15
N PRO G 64 -1.87 18.55 -0.02
CA PRO G 64 -2.31 17.42 0.82
C PRO G 64 -2.16 17.69 2.31
N THR G 65 -1.15 18.46 2.72
CA THR G 65 -1.01 18.79 4.14
C THR G 65 -2.22 19.57 4.63
N ARG G 66 -2.63 20.60 3.88
CA ARG G 66 -3.74 21.42 4.32
C ARG G 66 -5.07 20.66 4.23
N ALA G 67 -5.15 19.68 3.34
CA ALA G 67 -6.32 18.80 3.34
C ALA G 67 -6.39 17.99 4.63
N LEU G 68 -5.25 17.47 5.08
CA LEU G 68 -5.20 16.82 6.38
C LEU G 68 -5.53 17.81 7.50
N GLY G 69 -5.30 19.10 7.26
CA GLY G 69 -5.67 20.13 8.21
C GLY G 69 -7.16 20.28 8.42
N GLY G 70 -7.97 19.60 7.63
CA GLY G 70 -9.39 19.49 7.91
C GLY G 70 -10.30 20.36 7.08
N VAL G 71 -9.77 21.14 6.14
CA VAL G 71 -10.66 21.95 5.31
C VAL G 71 -11.54 21.01 4.49
N GLY G 72 -12.82 21.36 4.40
CA GLY G 72 -13.73 20.54 3.63
C GLY G 72 -13.41 20.53 2.15
N LEU G 73 -12.76 21.58 1.66
CA LEU G 73 -12.48 21.70 0.23
C LEU G 73 -11.14 22.38 0.02
N ILE G 74 -10.42 21.90 -0.99
CA ILE G 74 -9.15 22.48 -1.42
C ILE G 74 -9.36 22.99 -2.84
N LEU G 75 -9.28 24.31 -3.02
CA LEU G 75 -9.30 24.94 -4.33
C LEU G 75 -7.85 25.18 -4.74
N VAL G 76 -7.39 24.44 -5.75
CA VAL G 76 -6.00 24.53 -6.16
C VAL G 76 -5.73 25.88 -6.81
N GLU G 77 -4.46 26.25 -6.85
CA GLU G 77 -4.05 27.57 -7.28
C GLU G 77 -4.56 27.85 -8.69
N ALA G 78 -4.45 29.11 -9.09
CA ALA G 78 -4.77 29.51 -10.45
C ALA G 78 -3.99 28.66 -11.44
N THR G 79 -4.71 27.91 -12.28
CA THR G 79 -4.13 27.06 -13.31
C THR G 79 -4.45 27.65 -14.67
N ALA G 80 -3.42 27.94 -15.46
CA ALA G 80 -3.60 28.61 -16.73
C ALA G 80 -4.14 27.64 -17.78
N VAL G 81 -5.13 28.09 -18.56
CA VAL G 81 -5.64 27.30 -19.66
C VAL G 81 -4.85 27.49 -20.94
N GLU G 82 -3.83 28.36 -20.92
CA GLU G 82 -3.05 28.72 -22.09
C GLU G 82 -1.65 29.09 -21.63
N PRO G 83 -0.61 28.70 -22.36
CA PRO G 83 0.75 29.05 -21.90
C PRO G 83 0.92 30.54 -21.67
N LEU G 84 0.32 31.37 -22.53
CA LEU G 84 0.36 32.82 -22.38
C LEU G 84 -0.73 33.34 -21.45
N GLY G 85 -1.54 32.45 -20.91
CA GLY G 85 -2.47 32.80 -19.84
C GLY G 85 -1.92 32.58 -18.45
N ARG G 86 -0.65 32.21 -18.33
CA ARG G 86 -0.04 31.99 -17.03
C ARG G 86 0.41 33.30 -16.40
N ILE G 87 0.39 33.35 -15.07
CA ILE G 87 0.99 34.48 -14.37
C ILE G 87 2.51 34.42 -14.50
N SER G 88 3.10 33.30 -14.13
CA SER G 88 4.53 33.07 -14.17
C SER G 88 4.83 31.82 -14.97
N PRO G 89 6.07 31.67 -15.45
CA PRO G 89 6.41 30.44 -16.19
C PRO G 89 6.22 29.17 -15.35
N TYR G 90 6.13 29.29 -14.04
CA TYR G 90 6.00 28.15 -13.15
C TYR G 90 4.61 28.07 -12.53
N ASP G 91 3.62 28.58 -13.24
CA ASP G 91 2.24 28.34 -12.87
C ASP G 91 1.85 26.92 -13.24
N LEU G 92 0.81 26.42 -12.59
CA LEU G 92 0.22 25.16 -13.01
C LEU G 92 -0.48 25.36 -14.35
N GLY G 93 -0.57 24.27 -15.11
CA GLY G 93 -1.17 24.31 -16.43
C GLY G 93 -2.12 23.15 -16.65
N ILE G 94 -3.07 23.38 -17.56
CA ILE G 94 -4.03 22.35 -17.94
C ILE G 94 -4.25 22.37 -19.45
N TRP G 95 -3.29 22.92 -20.20
CA TRP G 95 -3.48 23.07 -21.64
C TRP G 95 -3.02 21.85 -22.44
N SER G 96 -2.13 21.03 -21.89
CA SER G 96 -1.67 19.81 -22.52
C SER G 96 -2.08 18.64 -21.64
N GLU G 97 -2.37 17.50 -22.27
CA GLU G 97 -2.77 16.32 -21.50
C GLU G 97 -1.64 15.70 -20.70
N ASP G 98 -0.40 16.13 -20.91
CA ASP G 98 0.69 15.63 -20.07
C ASP G 98 0.73 16.31 -18.71
N HIS G 99 -0.17 17.26 -18.44
CA HIS G 99 -0.33 17.74 -17.08
C HIS G 99 -1.18 16.78 -16.25
N LEU G 100 -2.05 16.02 -16.91
CA LEU G 100 -3.02 15.17 -16.22
C LEU G 100 -2.39 14.23 -15.20
N PRO G 101 -1.38 13.44 -15.54
CA PRO G 101 -0.77 12.57 -14.51
C PRO G 101 -0.46 13.34 -13.23
N GLY G 102 0.28 14.44 -13.34
CA GLY G 102 0.60 15.21 -12.14
C GLY G 102 -0.63 15.78 -11.47
N LEU G 103 -1.60 16.23 -12.26
CA LEU G 103 -2.83 16.76 -11.68
C LEU G 103 -3.67 15.66 -11.04
N LYS G 104 -3.73 14.48 -11.67
CA LYS G 104 -4.46 13.36 -11.08
C LYS G 104 -3.87 12.95 -9.74
N GLU G 105 -2.53 12.88 -9.65
CA GLU G 105 -1.91 12.49 -8.39
C GLU G 105 -2.15 13.54 -7.31
N LEU G 106 -2.17 14.82 -7.71
CA LEU G 106 -2.51 15.87 -6.75
C LEU G 106 -3.94 15.72 -6.26
N ALA G 107 -4.89 15.58 -7.19
CA ALA G 107 -6.29 15.47 -6.81
C ALA G 107 -6.55 14.29 -5.88
N ARG G 108 -5.80 13.19 -6.03
CA ARG G 108 -6.07 12.04 -5.18
C ARG G 108 -5.42 12.21 -3.80
N ARG G 109 -4.17 12.68 -3.76
CA ARG G 109 -3.52 12.90 -2.47
C ARG G 109 -4.23 13.99 -1.67
N ILE G 110 -4.99 14.86 -2.34
CA ILE G 110 -5.87 15.78 -1.62
C ILE G 110 -7.09 15.02 -1.10
N ARG G 111 -7.66 14.17 -1.95
CA ARG G 111 -8.84 13.39 -1.54
C ARG G 111 -8.50 12.42 -0.44
N GLU G 112 -7.35 11.76 -0.53
CA GLU G 112 -6.94 10.83 0.53
C GLU G 112 -6.84 11.52 1.87
N ALA G 113 -6.35 12.77 1.89
CA ALA G 113 -6.18 13.47 3.15
C ALA G 113 -7.50 13.88 3.77
N GLY G 114 -8.59 13.91 2.99
CA GLY G 114 -9.91 14.15 3.53
C GLY G 114 -10.69 15.24 2.83
N ALA G 115 -10.00 16.17 2.19
CA ALA G 115 -10.66 17.33 1.57
C ALA G 115 -11.02 17.01 0.13
N VAL G 116 -12.13 17.60 -0.33
CA VAL G 116 -12.51 17.48 -1.73
C VAL G 116 -11.53 18.27 -2.58
N PRO G 117 -11.02 17.74 -3.70
CA PRO G 117 -10.09 18.51 -4.52
C PRO G 117 -10.79 19.37 -5.57
N GLY G 118 -10.49 20.67 -5.57
CA GLY G 118 -11.00 21.57 -6.57
C GLY G 118 -9.85 22.37 -7.17
N ILE G 119 -10.12 22.96 -8.33
CA ILE G 119 -9.10 23.66 -9.10
C ILE G 119 -9.66 24.95 -9.66
N GLN G 120 -8.78 25.96 -9.76
CA GLN G 120 -9.14 27.23 -10.37
C GLN G 120 -8.53 27.28 -11.77
N LEU G 121 -9.40 27.40 -12.78
CA LEU G 121 -8.97 27.61 -14.16
C LEU G 121 -8.87 29.11 -14.38
N ALA G 122 -7.75 29.55 -14.96
CA ALA G 122 -7.51 30.99 -15.03
C ALA G 122 -6.79 31.35 -16.31
N HIS G 123 -6.88 32.64 -16.64
CA HIS G 123 -6.12 33.25 -17.73
C HIS G 123 -5.68 34.62 -17.26
N ALA G 124 -4.36 34.83 -17.17
CA ALA G 124 -3.83 36.03 -16.53
C ALA G 124 -4.00 37.28 -17.37
N GLY G 125 -4.45 37.15 -18.61
CA GLY G 125 -4.68 38.33 -19.43
C GLY G 125 -3.46 39.22 -19.48
N ARG G 126 -3.70 40.53 -19.37
CA ARG G 126 -2.64 41.53 -19.52
C ARG G 126 -1.60 41.48 -18.41
N LYS G 127 -1.88 40.78 -17.32
CA LYS G 127 -0.91 40.60 -16.25
C LYS G 127 -0.08 39.33 -16.41
N ALA G 128 -0.25 38.64 -17.54
CA ALA G 128 0.48 37.39 -17.75
C ALA G 128 1.96 37.67 -18.03
N GLY G 129 2.79 36.68 -17.69
CA GLY G 129 4.20 36.76 -18.01
C GLY G 129 5.02 37.57 -17.03
N THR G 130 4.79 37.38 -15.73
CA THR G 130 5.58 38.02 -14.69
C THR G 130 6.52 37.01 -14.06
N ALA G 131 7.61 37.51 -13.49
CA ALA G 131 8.52 36.67 -12.73
C ALA G 131 7.84 36.22 -11.44
N ARG G 132 8.56 35.42 -10.65
CA ARG G 132 8.04 35.00 -9.36
C ARG G 132 8.11 36.16 -8.37
N PRO G 133 7.21 36.20 -7.38
CA PRO G 133 7.22 37.34 -6.45
C PRO G 133 8.55 37.53 -5.74
N TRP G 134 9.24 36.45 -5.40
CA TRP G 134 10.52 36.53 -4.71
C TRP G 134 11.71 36.53 -5.66
N GLU G 135 11.47 36.63 -6.97
CA GLU G 135 12.55 36.77 -7.95
C GLU G 135 12.50 38.12 -8.68
N GLY G 136 11.71 39.07 -8.19
CA GLY G 136 11.61 40.36 -8.83
C GLY G 136 10.20 40.70 -9.25
N GLY G 137 9.49 39.71 -9.80
CA GLY G 137 8.13 39.96 -10.21
C GLY G 137 7.99 40.90 -11.38
N LYS G 138 9.01 41.02 -12.22
CA LYS G 138 8.86 42.03 -13.25
C LYS G 138 8.43 41.38 -14.56
N PRO G 139 7.62 42.06 -15.37
CA PRO G 139 7.12 41.43 -16.60
C PRO G 139 8.24 40.93 -17.48
N LEU G 140 7.95 39.94 -18.32
CA LEU G 140 8.93 39.35 -19.21
C LEU G 140 8.65 39.67 -20.67
N GLY G 141 7.59 40.42 -20.95
CA GLY G 141 7.33 40.87 -22.30
C GLY G 141 6.67 39.83 -23.18
N TRP G 142 5.71 39.08 -22.65
CA TRP G 142 4.96 38.16 -23.48
C TRP G 142 3.97 38.95 -24.35
N ARG G 143 3.42 38.26 -25.35
CA ARG G 143 2.36 38.84 -26.15
C ARG G 143 1.02 38.63 -25.44
N VAL G 144 0.93 39.27 -24.26
CA VAL G 144 -0.25 39.09 -23.42
C VAL G 144 -1.47 39.65 -24.14
N VAL G 145 -2.65 39.17 -23.73
CA VAL G 145 -3.91 39.55 -24.36
C VAL G 145 -4.76 40.28 -23.34
N GLY G 146 -5.85 40.86 -23.84
CA GLY G 146 -6.78 41.59 -23.02
C GLY G 146 -7.87 42.23 -23.86
N PRO G 147 -8.81 42.91 -23.21
CA PRO G 147 -9.89 43.57 -23.95
C PRO G 147 -9.42 44.72 -24.81
N SER G 148 -8.78 45.72 -24.22
CA SER G 148 -8.36 46.93 -24.90
C SER G 148 -6.86 47.13 -24.76
N PRO G 149 -6.26 47.98 -25.60
CA PRO G 149 -4.78 48.14 -25.58
C PRO G 149 -4.31 49.13 -24.52
N ILE G 150 -4.42 48.74 -23.26
CA ILE G 150 -3.98 49.54 -22.13
C ILE G 150 -3.06 48.67 -21.28
N PRO G 151 -1.82 49.09 -21.02
CA PRO G 151 -0.96 48.28 -20.14
C PRO G 151 -1.51 48.28 -18.72
N PHE G 152 -1.32 47.14 -18.03
CA PHE G 152 -1.70 47.06 -16.63
C PHE G 152 -1.04 48.19 -15.84
N ASP G 153 0.23 48.46 -16.12
CA ASP G 153 0.92 49.60 -15.55
C ASP G 153 2.18 49.84 -16.36
N GLU G 154 2.83 50.97 -16.08
CA GLU G 154 4.11 51.27 -16.70
C GLU G 154 5.05 50.08 -16.50
N GLY G 155 5.63 49.62 -17.60
CA GLY G 155 6.55 48.51 -17.59
C GLY G 155 5.96 47.22 -18.11
N TYR G 156 4.63 47.09 -18.10
CA TYR G 156 3.94 45.89 -18.57
C TYR G 156 3.69 45.99 -20.06
N PRO G 157 3.75 44.87 -20.79
CA PRO G 157 3.48 44.93 -22.23
C PRO G 157 2.05 45.37 -22.49
N VAL G 158 1.87 46.14 -23.57
CA VAL G 158 0.56 46.69 -23.89
C VAL G 158 -0.27 45.53 -24.43
N PRO G 159 -1.41 45.20 -23.83
CA PRO G 159 -2.15 44.02 -24.28
C PRO G 159 -2.72 44.24 -25.67
N GLU G 160 -2.79 43.15 -26.44
CA GLU G 160 -3.36 43.20 -27.77
C GLU G 160 -4.85 42.87 -27.72
N PRO G 161 -5.73 43.77 -28.14
CA PRO G 161 -7.16 43.47 -28.07
C PRO G 161 -7.51 42.19 -28.80
N LEU G 162 -8.34 41.38 -28.17
CA LEU G 162 -8.74 40.11 -28.73
C LEU G 162 -9.93 40.26 -29.67
N ASP G 163 -9.92 39.47 -30.73
CA ASP G 163 -11.08 39.36 -31.59
C ASP G 163 -11.93 38.17 -31.15
N GLU G 164 -13.15 38.15 -31.65
CA GLU G 164 -14.11 37.08 -31.37
C GLU G 164 -13.55 35.70 -31.68
N ALA G 165 -12.78 35.58 -32.76
CA ALA G 165 -12.03 34.33 -32.94
C ALA G 165 -11.01 34.17 -31.82
N GLY G 166 -10.36 35.27 -31.42
CA GLY G 166 -9.43 35.21 -30.31
C GLY G 166 -10.11 34.90 -28.99
N MET G 167 -11.25 35.56 -28.72
CA MET G 167 -11.96 35.30 -27.46
C MET G 167 -12.54 33.90 -27.44
N GLU G 168 -13.02 33.42 -28.58
CA GLU G 168 -13.49 32.04 -28.64
C GLU G 168 -12.33 31.07 -28.38
N ARG G 169 -11.11 31.46 -28.79
CA ARG G 169 -9.93 30.61 -28.62
C ARG G 169 -9.76 30.28 -27.14
N ILE G 170 -9.83 31.31 -26.29
CA ILE G 170 -9.74 31.15 -24.83
C ILE G 170 -10.99 30.49 -24.25
N LEU G 171 -12.18 30.91 -24.70
CA LEU G 171 -13.41 30.33 -24.15
C LEU G 171 -13.38 28.81 -24.26
N GLN G 172 -13.00 28.30 -25.43
CA GLN G 172 -12.90 26.85 -25.59
C GLN G 172 -11.66 26.28 -24.92
N ALA G 173 -10.63 27.10 -24.72
CA ALA G 173 -9.51 26.67 -23.89
C ALA G 173 -9.94 26.54 -22.43
N PHE G 174 -10.84 27.42 -21.99
CA PHE G 174 -11.41 27.29 -20.65
C PHE G 174 -12.32 26.08 -20.56
N VAL G 175 -13.03 25.75 -21.64
CA VAL G 175 -13.95 24.63 -21.62
C VAL G 175 -13.20 23.30 -21.49
N GLU G 176 -12.25 23.04 -22.39
CA GLU G 176 -11.49 21.80 -22.29
C GLU G 176 -10.68 21.75 -21.00
N GLY G 177 -10.23 22.90 -20.49
CA GLY G 177 -9.55 22.89 -19.21
C GLY G 177 -10.44 22.35 -18.11
N ALA G 178 -11.73 22.69 -18.17
CA ALA G 178 -12.68 22.12 -17.22
C ALA G 178 -12.88 20.63 -17.47
N ARG G 179 -13.18 20.26 -18.73
CA ARG G 179 -13.32 18.85 -19.07
C ARG G 179 -12.08 18.08 -18.66
N ARG G 180 -10.90 18.70 -18.80
CA ARG G 180 -9.66 18.07 -18.36
C ARG G 180 -9.57 18.02 -16.84
N ALA G 181 -10.05 19.06 -16.16
CA ALA G 181 -10.00 19.07 -14.69
C ALA G 181 -10.93 18.03 -14.09
N LEU G 182 -12.12 17.86 -14.65
CA LEU G 182 -13.03 16.81 -14.18
C LEU G 182 -12.41 15.44 -14.38
N ARG G 183 -11.83 15.21 -15.56
CA ARG G 183 -11.17 13.96 -15.91
C ARG G 183 -10.13 13.57 -14.87
N ALA G 184 -9.50 14.55 -14.22
CA ALA G 184 -8.45 14.28 -13.24
C ALA G 184 -9.01 14.02 -11.86
N GLY G 185 -10.32 14.13 -11.65
CA GLY G 185 -10.93 13.86 -10.37
C GLY G 185 -11.34 15.10 -9.58
N PHE G 186 -10.92 16.28 -10.02
CA PHE G 186 -11.35 17.51 -9.36
C PHE G 186 -12.86 17.62 -9.43
N GLN G 187 -13.51 17.73 -8.27
CA GLN G 187 -14.97 17.74 -8.19
C GLN G 187 -15.52 19.14 -8.05
N VAL G 188 -14.66 20.16 -7.96
CA VAL G 188 -15.08 21.54 -7.97
C VAL G 188 -14.08 22.32 -8.82
N ILE G 189 -14.58 23.05 -9.81
CA ILE G 189 -13.76 23.86 -10.71
C ILE G 189 -14.24 25.30 -10.56
N GLU G 190 -13.31 26.21 -10.32
CA GLU G 190 -13.62 27.63 -10.21
C GLU G 190 -13.02 28.37 -11.38
N LEU G 191 -13.80 29.25 -11.99
CA LEU G 191 -13.33 30.09 -13.08
C LEU G 191 -12.86 31.41 -12.48
N HIS G 192 -11.57 31.72 -12.65
CA HIS G 192 -10.99 32.93 -12.09
C HIS G 192 -11.35 34.12 -12.97
N MET G 193 -12.32 34.90 -12.54
CA MET G 193 -12.73 36.10 -13.25
C MET G 193 -12.57 37.32 -12.37
N ALA G 194 -11.46 37.39 -11.66
CA ALA G 194 -11.21 38.47 -10.71
C ALA G 194 -9.76 38.91 -10.81
N HIS G 195 -9.44 39.95 -10.03
CA HIS G 195 -8.06 40.38 -9.83
C HIS G 195 -7.41 40.92 -11.10
N GLY G 196 -8.22 41.48 -11.99
CA GLY G 196 -7.67 42.16 -13.15
C GLY G 196 -7.09 41.24 -14.19
N TYR G 197 -7.27 39.94 -14.06
CA TYR G 197 -6.83 39.00 -15.06
C TYR G 197 -7.83 38.98 -16.21
N LEU G 198 -7.58 38.11 -17.19
CA LEU G 198 -8.24 38.23 -18.49
C LEU G 198 -9.72 38.55 -18.37
N LEU G 199 -10.49 37.66 -17.73
CA LEU G 199 -11.93 37.83 -17.70
C LEU G 199 -12.37 38.94 -16.74
N SER G 200 -11.61 39.17 -15.67
CA SER G 200 -11.87 40.34 -14.83
C SER G 200 -11.62 41.64 -15.60
N SER G 201 -10.56 41.67 -16.42
CA SER G 201 -10.25 42.87 -17.18
C SER G 201 -11.40 43.23 -18.12
N PHE G 202 -12.07 42.23 -18.68
CA PHE G 202 -13.22 42.51 -19.53
C PHE G 202 -14.33 43.16 -18.73
N LEU G 203 -14.41 42.85 -17.43
CA LEU G 203 -15.50 43.35 -16.60
C LEU G 203 -15.28 44.81 -16.20
N SER G 204 -14.08 45.16 -15.76
CA SER G 204 -13.84 46.50 -15.25
C SER G 204 -13.63 47.47 -16.40
N PRO G 205 -14.28 48.64 -16.40
CA PRO G 205 -14.04 49.60 -17.49
C PRO G 205 -12.73 50.35 -17.40
N LEU G 206 -12.04 50.26 -16.25
CA LEU G 206 -10.71 50.85 -16.13
C LEU G 206 -9.66 50.10 -16.93
N SER G 207 -9.99 48.89 -17.40
CA SER G 207 -9.09 48.11 -18.23
C SER G 207 -9.75 47.67 -19.52
N ASN G 208 -11.03 47.94 -19.70
CA ASN G 208 -11.77 47.59 -20.91
C ASN G 208 -12.46 48.84 -21.45
N GLN G 209 -11.82 49.51 -22.41
CA GLN G 209 -12.43 50.62 -23.12
C GLN G 209 -12.66 50.23 -24.57
N ARG G 210 -13.18 49.02 -24.78
CA ARG G 210 -13.44 48.51 -26.12
C ARG G 210 -14.61 49.25 -26.77
N THR G 211 -14.56 49.34 -28.09
CA THR G 211 -15.59 50.01 -28.86
C THR G 211 -16.65 49.05 -29.41
N ASP G 212 -16.42 47.74 -29.31
CA ASP G 212 -17.30 46.74 -29.88
C ASP G 212 -18.28 46.25 -28.81
N ALA G 213 -18.88 45.08 -29.03
CA ALA G 213 -19.88 44.54 -28.12
C ALA G 213 -19.30 43.91 -26.86
N TYR G 214 -18.00 44.05 -26.60
CA TYR G 214 -17.40 43.46 -25.42
C TYR G 214 -16.74 44.52 -24.54
N GLY G 215 -17.19 45.77 -24.65
CA GLY G 215 -16.70 46.86 -23.84
C GLY G 215 -17.77 47.93 -23.74
N GLY G 216 -17.54 48.88 -22.84
CA GLY G 216 -18.47 49.97 -22.65
C GLY G 216 -19.58 49.65 -21.67
N SER G 217 -20.64 49.03 -22.17
CA SER G 217 -21.76 48.68 -21.33
C SER G 217 -21.43 47.56 -20.40
N LEU G 218 -22.17 47.46 -19.31
CA LEU G 218 -21.94 46.39 -18.37
C LEU G 218 -22.17 45.09 -19.03
N GLU G 219 -23.28 44.97 -19.74
CA GLU G 219 -23.58 43.76 -20.43
C GLU G 219 -22.45 43.41 -21.33
N ASN G 220 -21.91 44.41 -22.00
CA ASN G 220 -20.88 44.16 -22.96
C ASN G 220 -19.66 43.70 -22.25
N ARG G 221 -19.36 44.36 -21.16
CA ARG G 221 -18.21 43.98 -20.37
C ARG G 221 -18.48 42.61 -19.78
N MET G 222 -19.73 42.29 -19.51
CA MET G 222 -20.13 40.97 -18.98
C MET G 222 -20.34 39.93 -20.07
N ARG G 223 -20.37 40.32 -21.34
CA ARG G 223 -20.72 39.42 -22.42
C ARG G 223 -19.73 38.27 -22.51
N PHE G 224 -18.50 38.56 -22.90
CA PHE G 224 -17.51 37.49 -23.04
C PHE G 224 -17.34 36.69 -21.76
N PRO G 225 -17.26 37.31 -20.58
CA PRO G 225 -17.15 36.49 -19.35
C PRO G 225 -18.32 35.54 -19.15
N LEU G 226 -19.55 36.00 -19.36
CA LEU G 226 -20.70 35.12 -19.20
C LEU G 226 -20.69 34.01 -20.23
N GLN G 227 -20.13 34.28 -21.41
CA GLN G 227 -20.00 33.24 -22.43
C GLN G 227 -19.11 32.09 -21.95
N VAL G 228 -18.02 32.42 -21.29
CA VAL G 228 -17.14 31.37 -20.75
C VAL G 228 -17.86 30.59 -19.67
N ALA G 229 -18.56 31.28 -18.76
CA ALA G 229 -19.29 30.59 -17.70
C ALA G 229 -20.31 29.63 -18.29
N GLN G 230 -21.07 30.09 -19.28
CA GLN G 230 -22.05 29.23 -19.92
C GLN G 230 -21.37 28.03 -20.59
N ALA G 231 -20.28 28.29 -21.32
CA ALA G 231 -19.61 27.21 -22.04
C ALA G 231 -19.08 26.16 -21.07
N VAL G 232 -18.50 26.60 -19.95
CA VAL G 232 -17.98 25.64 -18.98
C VAL G 232 -19.13 24.93 -18.28
N ARG G 233 -20.19 25.67 -17.94
CA ARG G 233 -21.34 25.06 -17.29
C ARG G 233 -21.88 23.89 -18.10
N GLU G 234 -21.89 24.02 -19.43
CA GLU G 234 -22.47 22.97 -20.27
C GLU G 234 -21.67 21.69 -20.20
N VAL G 235 -20.36 21.77 -20.03
CA VAL G 235 -19.54 20.56 -19.99
C VAL G 235 -19.36 20.02 -18.57
N VAL G 236 -19.80 20.75 -17.56
CA VAL G 236 -19.70 20.33 -16.15
C VAL G 236 -21.05 19.77 -15.71
N PRO G 237 -21.11 18.52 -15.25
CA PRO G 237 -22.40 17.97 -14.80
C PRO G 237 -22.92 18.71 -13.57
N ARG G 238 -24.25 18.64 -13.40
CA ARG G 238 -24.87 19.37 -12.30
C ARG G 238 -24.24 19.00 -10.97
N GLU G 239 -23.87 17.73 -10.80
CA GLU G 239 -23.43 17.24 -9.49
C GLU G 239 -22.21 18.00 -9.00
N LEU G 240 -21.32 18.38 -9.92
CA LEU G 240 -20.12 19.12 -9.54
C LEU G 240 -20.41 20.61 -9.56
N PRO G 241 -20.23 21.32 -8.46
CA PRO G 241 -20.56 22.76 -8.47
C PRO G 241 -19.53 23.54 -9.28
N LEU G 242 -20.00 24.55 -9.99
CA LEU G 242 -19.13 25.46 -10.73
C LEU G 242 -19.03 26.75 -9.92
N PHE G 243 -17.84 27.02 -9.41
CA PHE G 243 -17.56 28.25 -8.68
C PHE G 243 -17.05 29.30 -9.66
N VAL G 244 -17.16 30.57 -9.27
CA VAL G 244 -16.66 31.67 -10.08
C VAL G 244 -16.08 32.73 -9.14
N ARG G 245 -14.82 33.08 -9.35
CA ARG G 245 -14.17 34.13 -8.58
C ARG G 245 -14.30 35.45 -9.32
N VAL G 246 -14.76 36.47 -8.62
CA VAL G 246 -15.00 37.78 -9.20
C VAL G 246 -14.41 38.83 -8.26
N SER G 247 -13.83 39.87 -8.84
CA SER G 247 -13.47 41.06 -8.08
C SER G 247 -14.77 41.83 -7.87
N ALA G 248 -15.36 41.71 -6.68
CA ALA G 248 -16.66 42.30 -6.42
C ALA G 248 -16.65 43.81 -6.61
N THR G 249 -15.47 44.42 -6.54
CA THR G 249 -15.29 45.84 -6.81
C THR G 249 -13.84 46.01 -7.26
N ASP G 250 -13.61 46.89 -8.22
CA ASP G 250 -12.26 47.24 -8.62
C ASP G 250 -11.64 48.26 -7.66
N TRP G 251 -12.45 48.97 -6.89
CA TRP G 251 -12.05 50.02 -5.96
C TRP G 251 -11.68 51.30 -6.70
N GLY G 252 -11.66 51.30 -8.02
CA GLY G 252 -11.32 52.48 -8.77
C GLY G 252 -12.56 53.30 -9.11
N GLU G 253 -12.38 54.61 -9.11
CA GLU G 253 -13.51 55.51 -9.28
C GLU G 253 -14.17 55.29 -10.63
N GLY G 254 -15.49 55.39 -10.64
CA GLY G 254 -16.25 55.11 -11.85
C GLY G 254 -16.00 53.75 -12.43
N GLY G 255 -15.74 52.74 -11.60
CA GLY G 255 -15.43 51.42 -12.11
C GLY G 255 -16.37 50.34 -11.62
N TRP G 256 -15.97 49.08 -11.80
CA TRP G 256 -16.80 47.96 -11.35
C TRP G 256 -17.08 48.08 -9.85
N SER G 257 -18.33 48.35 -9.52
CA SER G 257 -18.77 48.50 -8.15
C SER G 257 -19.51 47.24 -7.70
N LEU G 258 -19.90 47.21 -6.43
CA LEU G 258 -20.72 46.12 -5.93
C LEU G 258 -21.98 45.96 -6.75
N GLU G 259 -22.62 47.06 -7.12
CA GLU G 259 -23.85 46.81 -7.84
C GLU G 259 -23.60 46.30 -9.26
N ASP G 260 -22.45 46.59 -9.84
CA ASP G 260 -22.10 45.87 -11.05
C ASP G 260 -22.01 44.38 -10.75
N THR G 261 -21.51 44.03 -9.57
CA THR G 261 -21.40 42.62 -9.20
C THR G 261 -22.75 41.94 -9.06
N LEU G 262 -23.73 42.62 -8.49
CA LEU G 262 -25.04 42.01 -8.29
C LEU G 262 -25.76 41.77 -9.61
N ALA G 263 -25.54 42.64 -10.60
CA ALA G 263 -26.05 42.38 -11.94
C ALA G 263 -25.32 41.21 -12.57
N PHE G 264 -23.99 41.20 -12.47
CA PHE G 264 -23.20 40.09 -12.98
C PHE G 264 -23.59 38.79 -12.29
N ALA G 265 -23.78 38.83 -10.96
CA ALA G 265 -24.10 37.61 -10.22
C ALA G 265 -25.45 37.04 -10.60
N ARG G 266 -26.47 37.89 -10.77
CA ARG G 266 -27.81 37.39 -11.06
C ARG G 266 -27.83 36.57 -12.34
N ARG G 267 -27.03 36.99 -13.33
CA ARG G 267 -27.04 36.35 -14.64
C ARG G 267 -26.22 35.07 -14.65
N LEU G 268 -25.15 35.02 -13.85
CA LEU G 268 -24.45 33.77 -13.61
C LEU G 268 -25.35 32.80 -12.85
N LYS G 269 -26.19 33.30 -11.98
CA LYS G 269 -27.09 32.45 -11.24
C LYS G 269 -27.94 31.68 -12.18
N GLU G 270 -28.25 32.25 -13.31
CA GLU G 270 -29.16 31.61 -14.23
C GLU G 270 -28.47 30.74 -15.23
N LEU G 271 -27.16 30.85 -15.34
CA LEU G 271 -26.44 29.96 -16.21
C LEU G 271 -26.38 28.61 -15.53
N GLY G 272 -26.56 28.58 -14.23
CA GLY G 272 -26.49 27.38 -13.41
C GLY G 272 -25.29 27.36 -12.50
N VAL G 273 -24.53 28.47 -12.49
CA VAL G 273 -23.40 28.61 -11.60
C VAL G 273 -23.86 28.45 -10.17
N ASP G 274 -23.17 27.58 -9.42
CA ASP G 274 -23.61 27.20 -8.09
C ASP G 274 -23.15 28.14 -6.98
N LEU G 275 -22.10 28.92 -7.19
CA LEU G 275 -21.60 29.76 -6.12
C LEU G 275 -20.66 30.81 -6.68
N LEU G 276 -20.64 31.97 -6.03
CA LEU G 276 -19.73 33.05 -6.36
C LEU G 276 -18.71 33.25 -5.25
N ASP G 277 -17.44 33.42 -5.64
CA ASP G 277 -16.36 33.75 -4.72
C ASP G 277 -16.04 35.23 -4.90
N CYS G 278 -16.28 36.03 -3.86
CA CYS G 278 -16.18 37.48 -3.96
C CYS G 278 -14.82 37.94 -3.45
N SER G 279 -13.98 38.38 -4.37
CA SER G 279 -12.74 39.08 -4.05
C SER G 279 -12.89 40.54 -4.48
N SER G 280 -11.77 41.25 -4.55
CA SER G 280 -11.79 42.64 -5.00
C SER G 280 -10.38 43.04 -5.40
N GLY G 281 -10.29 44.17 -6.08
CA GLY G 281 -9.01 44.73 -6.47
C GLY G 281 -8.38 43.97 -7.61
N GLY G 282 -7.18 44.42 -7.98
CA GLY G 282 -6.36 43.76 -8.95
C GLY G 282 -6.44 44.36 -10.35
N VAL G 283 -7.58 44.96 -10.69
CA VAL G 283 -7.73 45.52 -12.04
C VAL G 283 -6.67 46.57 -12.30
N VAL G 284 -6.40 47.40 -11.29
CA VAL G 284 -5.36 48.43 -11.36
C VAL G 284 -4.69 48.44 -9.99
N LEU G 285 -3.47 48.99 -9.96
CA LEU G 285 -2.70 49.03 -8.73
C LEU G 285 -2.84 50.33 -7.96
N ARG G 286 -2.86 51.47 -8.66
CA ARG G 286 -2.91 52.78 -8.00
C ARG G 286 -4.33 53.01 -7.48
N VAL G 287 -4.63 52.36 -6.35
CA VAL G 287 -5.91 52.54 -5.68
C VAL G 287 -5.79 51.98 -4.27
N ARG G 288 -6.57 52.56 -3.34
CA ARG G 288 -6.54 52.21 -1.93
C ARG G 288 -7.70 51.28 -1.61
N ILE G 289 -7.43 50.28 -0.78
CA ILE G 289 -8.38 49.22 -0.45
C ILE G 289 -8.63 49.25 1.05
N PRO G 290 -9.90 49.22 1.50
CA PRO G 290 -10.19 49.26 2.94
C PRO G 290 -9.79 47.97 3.63
N LEU G 291 -8.50 47.84 3.95
CA LEU G 291 -8.00 46.61 4.53
C LEU G 291 -8.54 46.44 5.95
N ALA G 292 -9.10 45.27 6.22
CA ALA G 292 -9.70 44.99 7.51
C ALA G 292 -10.19 43.55 7.55
N PRO G 293 -10.35 42.96 8.73
CA PRO G 293 -10.90 41.60 8.80
C PRO G 293 -12.26 41.53 8.12
N GLY G 294 -12.38 40.62 7.16
CA GLY G 294 -13.65 40.47 6.46
C GLY G 294 -14.13 41.72 5.74
N PHE G 295 -13.20 42.49 5.14
CA PHE G 295 -13.59 43.69 4.44
C PHE G 295 -14.29 43.38 3.11
N GLN G 296 -14.10 42.18 2.56
CA GLN G 296 -14.80 41.75 1.36
C GLN G 296 -16.06 40.95 1.65
N VAL G 297 -16.31 40.63 2.92
CA VAL G 297 -17.55 39.95 3.28
C VAL G 297 -18.79 40.74 2.82
N PRO G 298 -18.83 42.07 2.95
CA PRO G 298 -20.05 42.79 2.53
C PRO G 298 -20.48 42.48 1.10
N PHE G 299 -19.53 42.17 0.21
CA PHE G 299 -19.89 41.78 -1.16
C PHE G 299 -20.50 40.39 -1.18
N ALA G 300 -19.92 39.44 -0.44
CA ALA G 300 -20.54 38.12 -0.33
C ALA G 300 -21.92 38.23 0.29
N ASP G 301 -22.05 39.04 1.35
CA ASP G 301 -23.35 39.22 2.00
C ASP G 301 -24.36 39.81 1.03
N ALA G 302 -23.96 40.85 0.28
CA ALA G 302 -24.90 41.51 -0.62
C ALA G 302 -25.36 40.58 -1.72
N VAL G 303 -24.44 39.80 -2.30
CA VAL G 303 -24.83 38.92 -3.39
C VAL G 303 -25.78 37.83 -2.90
N ARG G 304 -25.46 37.23 -1.75
CA ARG G 304 -26.27 36.11 -1.27
C ARG G 304 -27.70 36.54 -0.98
N LYS G 305 -27.88 37.76 -0.48
CA LYS G 305 -29.19 38.20 -0.02
C LYS G 305 -29.97 38.94 -1.09
N ARG G 306 -29.29 39.68 -1.98
CA ARG G 306 -29.97 40.49 -2.99
C ARG G 306 -30.12 39.78 -4.32
N VAL G 307 -29.36 38.71 -4.57
CA VAL G 307 -29.43 38.00 -5.84
C VAL G 307 -29.90 36.57 -5.60
N GLY G 308 -29.44 35.97 -4.51
CA GLY G 308 -29.86 34.63 -4.18
C GLY G 308 -28.88 33.56 -4.56
N LEU G 309 -27.69 33.97 -4.97
CA LEU G 309 -26.66 33.02 -5.31
C LEU G 309 -25.80 32.78 -4.10
N ARG G 310 -25.46 31.52 -3.89
CA ARG G 310 -24.59 31.18 -2.81
C ARG G 310 -23.31 31.89 -2.97
N THR G 311 -22.65 32.14 -1.87
CA THR G 311 -21.45 32.92 -1.93
C THR G 311 -20.34 32.38 -1.08
N GLY G 312 -19.12 32.75 -1.38
CA GLY G 312 -17.98 32.39 -0.55
C GLY G 312 -17.30 33.60 0.02
N ALA G 313 -17.07 33.62 1.33
CA ALA G 313 -16.42 34.74 1.98
C ALA G 313 -14.92 34.47 2.09
N VAL G 314 -14.12 35.50 1.83
CA VAL G 314 -12.67 35.41 1.92
C VAL G 314 -12.15 36.80 2.25
N GLY G 315 -10.94 36.86 2.78
CA GLY G 315 -10.32 38.13 3.08
C GLY G 315 -10.07 38.33 4.55
N LEU G 316 -8.84 38.02 4.96
CA LEU G 316 -8.41 38.20 6.34
C LEU G 316 -9.41 37.61 7.32
N ILE G 317 -9.83 36.38 7.04
CA ILE G 317 -10.60 35.57 7.97
C ILE G 317 -9.62 34.63 8.65
N THR G 318 -9.31 34.90 9.91
CA THR G 318 -8.20 34.23 10.58
C THR G 318 -8.58 33.54 11.89
N THR G 319 -9.83 33.70 12.36
CA THR G 319 -10.21 33.14 13.65
C THR G 319 -11.41 32.21 13.48
N PRO G 320 -11.52 31.18 14.32
CA PRO G 320 -12.72 30.33 14.27
C PRO G 320 -14.01 31.09 14.56
N GLU G 321 -13.98 31.97 15.57
CA GLU G 321 -15.19 32.68 16.00
C GLU G 321 -15.71 33.61 14.91
N GLN G 322 -14.81 34.25 14.16
CA GLN G 322 -15.22 35.18 13.12
C GLN G 322 -15.89 34.45 11.95
N ALA G 323 -15.32 33.32 11.53
CA ALA G 323 -15.92 32.56 10.43
C ALA G 323 -17.32 32.10 10.78
N GLU G 324 -17.51 31.56 11.99
CA GLU G 324 -18.84 31.08 12.38
C GLU G 324 -19.84 32.21 12.42
N THR G 325 -19.40 33.44 12.70
CA THR G 325 -20.32 34.56 12.85
C THR G 325 -20.88 34.99 11.50
N LEU G 326 -20.03 35.09 10.48
CA LEU G 326 -20.50 35.50 9.17
C LEU G 326 -21.37 34.42 8.53
N LEU G 327 -21.09 33.15 8.84
CA LEU G 327 -21.98 32.09 8.40
C LEU G 327 -23.32 32.17 9.12
N GLN G 328 -23.29 32.41 10.44
CA GLN G 328 -24.53 32.56 11.19
C GLN G 328 -25.37 33.72 10.66
N ALA G 329 -24.73 34.84 10.35
CA ALA G 329 -25.43 36.02 9.84
C ALA G 329 -25.94 35.84 8.42
N GLY G 330 -25.69 34.70 7.79
CA GLY G 330 -26.12 34.50 6.42
C GLY G 330 -25.35 35.32 5.42
N SER G 331 -24.11 35.72 5.75
CA SER G 331 -23.29 36.49 4.83
C SER G 331 -22.67 35.61 3.74
N ALA G 332 -22.58 34.30 3.97
CA ALA G 332 -21.99 33.41 2.99
C ALA G 332 -22.38 31.97 3.33
N ASP G 333 -22.16 31.08 2.37
CA ASP G 333 -22.34 29.65 2.57
C ASP G 333 -21.04 28.90 2.80
N LEU G 334 -19.93 29.44 2.30
CA LEU G 334 -18.63 28.80 2.40
C LEU G 334 -17.60 29.85 2.82
N VAL G 335 -16.71 29.47 3.73
CA VAL G 335 -15.65 30.35 4.21
C VAL G 335 -14.33 29.86 3.63
N LEU G 336 -13.71 30.69 2.79
CA LEU G 336 -12.44 30.37 2.18
C LEU G 336 -11.29 31.01 2.95
N LEU G 337 -10.22 30.24 3.14
CA LEU G 337 -9.06 30.68 3.90
C LEU G 337 -7.85 30.74 2.98
N GLY G 338 -7.11 31.84 3.05
CA GLY G 338 -5.92 32.01 2.26
C GLY G 338 -4.66 31.98 3.11
N ARG G 339 -4.14 33.17 3.44
CA ARG G 339 -2.85 33.25 4.12
C ARG G 339 -2.86 32.56 5.47
N VAL G 340 -4.05 32.30 6.03
CA VAL G 340 -4.12 31.63 7.33
C VAL G 340 -3.64 30.19 7.20
N LEU G 341 -3.94 29.53 6.09
CA LEU G 341 -3.53 28.15 5.89
C LEU G 341 -2.09 28.00 5.41
N LEU G 342 -1.44 29.10 5.00
CA LEU G 342 -0.02 29.04 4.70
C LEU G 342 0.80 28.97 5.99
N ARG G 343 0.46 29.79 6.97
CA ARG G 343 1.15 29.77 8.26
C ARG G 343 0.55 28.77 9.24
N ASP G 344 -0.68 28.32 9.01
CA ASP G 344 -1.38 27.41 9.93
C ASP G 344 -2.18 26.42 9.11
N PRO G 345 -1.53 25.39 8.57
CA PRO G 345 -2.28 24.44 7.73
C PRO G 345 -3.35 23.68 8.48
N TYR G 346 -3.10 23.34 9.75
CA TYR G 346 -4.07 22.60 10.56
C TYR G 346 -4.99 23.52 11.33
N PHE G 347 -5.08 24.78 10.94
CA PHE G 347 -5.99 25.72 11.61
C PHE G 347 -7.40 25.17 11.73
N PRO G 348 -8.01 24.61 10.68
CA PRO G 348 -9.40 24.12 10.83
C PRO G 348 -9.54 23.05 11.91
N LEU G 349 -8.55 22.20 12.15
CA LEU G 349 -8.73 21.15 13.13
C LEU G 349 -8.80 21.72 14.49
N ARG G 350 -8.06 22.78 14.73
CA ARG G 350 -7.99 23.38 16.04
C ARG G 350 -9.09 24.37 16.22
N ALA G 351 -9.64 24.82 15.13
CA ALA G 351 -10.76 25.71 15.18
C ALA G 351 -11.99 24.94 15.59
N ALA G 352 -12.06 23.67 15.20
CA ALA G 352 -13.20 22.88 15.64
C ALA G 352 -13.18 22.68 17.14
N LYS G 353 -12.02 22.31 17.70
CA LYS G 353 -11.92 22.15 19.14
C LYS G 353 -12.08 23.49 19.84
N ALA G 354 -11.74 24.60 19.17
CA ALA G 354 -11.96 25.93 19.71
C ALA G 354 -13.42 26.36 19.65
N LEU G 355 -14.31 25.53 19.10
CA LEU G 355 -15.73 25.80 19.07
C LEU G 355 -16.53 24.66 19.70
N GLY G 356 -15.88 23.87 20.55
CA GLY G 356 -16.55 22.78 21.23
C GLY G 356 -16.98 21.65 20.33
N VAL G 357 -16.42 21.55 19.13
CA VAL G 357 -16.77 20.50 18.18
C VAL G 357 -15.61 19.53 18.10
N ALA G 358 -15.89 18.24 18.19
CA ALA G 358 -14.88 17.21 18.00
C ALA G 358 -14.44 17.17 16.55
N PRO G 359 -13.20 17.54 16.24
CA PRO G 359 -12.73 17.48 14.84
C PRO G 359 -12.41 16.03 14.50
N GLU G 360 -12.90 15.55 13.38
CA GLU G 360 -12.40 14.26 12.90
C GLU G 360 -10.92 14.43 12.48
N VAL G 361 -9.98 14.01 13.32
CA VAL G 361 -8.51 14.13 13.15
C VAL G 361 -7.98 12.79 12.65
N PRO G 362 -6.84 12.71 11.97
CA PRO G 362 -6.26 11.39 11.69
C PRO G 362 -6.02 10.64 12.98
N PRO G 363 -6.21 9.31 12.98
CA PRO G 363 -6.01 8.57 14.24
C PRO G 363 -4.62 8.73 14.81
N GLN G 364 -3.61 8.92 13.96
CA GLN G 364 -2.25 9.10 14.46
C GLN G 364 -2.11 10.39 15.26
N TYR G 365 -3.02 11.34 15.08
CA TYR G 365 -2.97 12.61 15.77
C TYR G 365 -4.02 12.77 16.86
N GLN G 366 -4.82 11.72 17.13
CA GLN G 366 -5.92 11.89 18.07
C GLN G 366 -5.44 12.26 19.46
N ARG G 367 -4.28 11.78 19.88
CA ARG G 367 -3.76 12.12 21.20
C ARG G 367 -3.16 13.51 21.26
N GLY G 368 -3.00 14.18 20.12
CA GLY G 368 -2.56 15.55 20.11
C GLY G 368 -3.68 16.55 20.17
N PHE G 369 -4.91 16.08 20.21
CA PHE G 369 -6.07 16.96 20.27
C PHE G 369 -6.89 16.61 21.51
N MET H 21 15.63 39.79 20.35
CA MET H 21 16.61 38.84 20.86
C MET H 21 15.91 37.58 21.37
N ALA H 22 16.03 36.47 20.65
CA ALA H 22 15.47 35.20 21.08
C ALA H 22 16.53 34.10 21.11
N LEU H 23 16.66 33.43 22.25
CA LEU H 23 17.52 32.26 22.28
C LEU H 23 16.87 31.08 21.57
N LEU H 24 15.53 31.05 21.55
CA LEU H 24 14.83 29.92 20.95
C LEU H 24 15.14 29.77 19.47
N PHE H 25 15.49 30.87 18.81
CA PHE H 25 15.76 30.85 17.38
C PHE H 25 17.18 31.28 17.07
N THR H 26 18.08 31.09 18.01
CA THR H 26 19.49 31.23 17.73
C THR H 26 20.07 29.86 17.43
N PRO H 27 20.96 29.74 16.44
CA PRO H 27 21.50 28.42 16.12
C PRO H 27 22.13 27.76 17.33
N LEU H 28 21.95 26.44 17.43
CA LEU H 28 22.54 25.64 18.49
C LEU H 28 23.56 24.70 17.85
N GLU H 29 24.78 24.71 18.38
CA GLU H 29 25.87 23.90 17.87
C GLU H 29 25.98 22.67 18.78
N LEU H 30 25.68 21.50 18.21
CA LEU H 30 25.71 20.23 18.94
C LEU H 30 26.57 19.25 18.19
N GLY H 31 27.55 18.68 18.88
CA GLY H 31 28.49 17.78 18.24
C GLY H 31 29.27 18.49 17.16
N GLY H 32 28.94 18.23 15.90
CA GLY H 32 29.62 18.89 14.81
C GLY H 32 28.70 19.50 13.78
N LEU H 33 27.45 19.75 14.17
CA LEU H 33 26.46 20.32 13.28
C LEU H 33 25.85 21.57 13.92
N ARG H 34 25.19 22.37 13.09
CA ARG H 34 24.51 23.57 13.54
C ARG H 34 23.05 23.48 13.10
N LEU H 35 22.15 23.65 14.06
CA LEU H 35 20.71 23.66 13.80
C LEU H 35 20.22 25.10 13.77
N LYS H 36 19.32 25.38 12.83
CA LYS H 36 18.88 26.76 12.64
C LYS H 36 18.23 27.33 13.91
N ASN H 37 17.76 26.49 14.81
CA ASN H 37 17.16 26.96 16.05
C ASN H 37 17.21 25.86 17.09
N ARG H 38 16.63 26.13 18.25
CA ARG H 38 16.62 25.21 19.37
C ARG H 38 15.29 24.49 19.54
N LEU H 39 14.52 24.37 18.47
CA LEU H 39 13.25 23.65 18.47
C LEU H 39 13.43 22.36 17.69
N ALA H 40 12.96 21.25 18.27
CA ALA H 40 13.01 19.95 17.63
C ALA H 40 11.66 19.27 17.78
N MET H 41 11.35 18.39 16.83
CA MET H 41 10.13 17.59 16.90
C MET H 41 10.43 16.33 17.71
N SER H 42 9.67 16.12 18.78
CA SER H 42 9.85 14.94 19.61
C SER H 42 9.44 13.69 18.83
N PRO H 43 10.09 12.55 19.11
CA PRO H 43 9.69 11.31 18.44
C PRO H 43 8.25 10.96 18.76
N MET H 44 7.49 10.57 17.73
CA MET H 44 6.06 10.29 17.90
C MET H 44 5.65 9.19 16.95
N CYS H 45 5.31 8.03 17.51
CA CYS H 45 4.95 6.88 16.70
C CYS H 45 3.69 7.15 15.90
N GLN H 46 3.73 6.84 14.61
CA GLN H 46 2.56 6.93 13.76
C GLN H 46 1.86 5.61 13.54
N TYR H 47 2.50 4.48 13.93
CA TYR H 47 1.92 3.15 13.74
C TYR H 47 1.41 2.97 12.31
N SER H 48 2.10 3.59 11.35
CA SER H 48 1.67 3.58 9.96
C SER H 48 2.70 2.93 9.05
N ALA H 49 3.69 2.23 9.59
CA ALA H 49 4.67 1.57 8.76
C ALA H 49 4.05 0.31 8.13
N THR H 50 4.82 -0.32 7.25
CA THR H 50 4.39 -1.58 6.68
C THR H 50 4.55 -2.70 7.70
N LEU H 51 4.05 -3.88 7.34
CA LEU H 51 4.17 -5.04 8.24
C LEU H 51 5.62 -5.47 8.42
N GLU H 52 6.50 -5.14 7.48
CA GLU H 52 7.93 -5.37 7.63
C GLU H 52 8.67 -4.14 8.14
N GLY H 53 7.98 -3.04 8.39
CA GLY H 53 8.61 -1.86 8.96
C GLY H 53 9.15 -0.86 7.98
N GLU H 54 8.68 -0.87 6.74
CA GLU H 54 9.15 0.07 5.74
C GLU H 54 8.42 1.40 5.88
N VAL H 55 9.13 2.48 5.54
CA VAL H 55 8.52 3.80 5.51
C VAL H 55 7.37 3.80 4.51
N THR H 56 6.28 4.47 4.86
CA THR H 56 5.09 4.52 4.02
C THR H 56 4.90 5.95 3.48
N ASP H 57 3.81 6.13 2.73
CA ASP H 57 3.49 7.46 2.22
C ASP H 57 3.14 8.42 3.34
N TRP H 58 2.53 7.91 4.42
CA TRP H 58 2.17 8.78 5.54
C TRP H 58 3.40 9.48 6.09
N HIS H 59 4.44 8.72 6.41
CA HIS H 59 5.64 9.32 6.97
C HIS H 59 6.24 10.32 5.98
N LEU H 60 6.16 10.02 4.68
CA LEU H 60 6.72 10.90 3.66
C LEU H 60 5.93 12.19 3.48
N LEU H 61 4.76 12.31 4.11
CA LEU H 61 4.06 13.58 4.21
C LEU H 61 4.06 14.11 5.63
N HIS H 62 3.96 13.23 6.63
CA HIS H 62 3.94 13.65 8.02
C HIS H 62 5.20 14.42 8.38
N TYR H 63 6.36 13.76 8.31
CA TYR H 63 7.58 14.39 8.79
C TYR H 63 7.97 15.61 7.96
N PRO H 64 8.01 15.55 6.62
CA PRO H 64 8.42 16.73 5.85
C PRO H 64 7.57 17.96 6.15
N THR H 65 6.30 17.79 6.49
CA THR H 65 5.45 18.93 6.79
C THR H 65 5.99 19.73 7.98
N ARG H 66 6.31 19.05 9.08
CA ARG H 66 6.78 19.76 10.26
C ARG H 66 8.16 20.36 10.07
N ALA H 67 8.96 19.76 9.18
CA ALA H 67 10.25 20.38 8.85
C ALA H 67 10.05 21.71 8.14
N LEU H 68 9.12 21.77 7.19
CA LEU H 68 8.77 23.05 6.58
C LEU H 68 8.16 23.99 7.61
N GLY H 69 7.56 23.43 8.65
CA GLY H 69 7.04 24.21 9.76
C GLY H 69 8.10 24.92 10.57
N GLY H 70 9.38 24.65 10.29
CA GLY H 70 10.46 25.43 10.85
C GLY H 70 11.22 24.79 12.00
N VAL H 71 10.89 23.55 12.38
CA VAL H 71 11.65 22.92 13.45
C VAL H 71 13.10 22.76 12.99
N GLY H 72 14.04 23.09 13.88
CA GLY H 72 15.44 22.94 13.53
C GLY H 72 15.84 21.50 13.34
N LEU H 73 15.14 20.59 14.01
CA LEU H 73 15.50 19.18 13.97
C LEU H 73 14.21 18.35 14.02
N ILE H 74 14.21 17.26 13.27
CA ILE H 74 13.12 16.31 13.30
C ILE H 74 13.69 15.02 13.86
N LEU H 75 13.26 14.66 15.06
CA LEU H 75 13.56 13.36 15.65
C LEU H 75 12.37 12.47 15.34
N VAL H 76 12.52 11.59 14.37
CA VAL H 76 11.40 10.78 13.94
C VAL H 76 11.15 9.69 14.98
N GLU H 77 9.99 9.04 14.89
CA GLU H 77 9.48 8.16 15.92
C GLU H 77 10.45 7.03 16.26
N ALA H 78 10.12 6.34 17.35
CA ALA H 78 10.82 5.14 17.77
C ALA H 78 10.86 4.10 16.65
N THR H 79 12.06 3.74 16.22
CA THR H 79 12.29 2.75 15.18
C THR H 79 12.90 1.51 15.80
N ALA H 80 12.24 0.36 15.63
CA ALA H 80 12.67 -0.88 16.26
C ALA H 80 13.89 -1.45 15.55
N VAL H 81 14.87 -1.91 16.33
CA VAL H 81 16.07 -2.54 15.77
C VAL H 81 15.89 -4.03 15.55
N GLU H 82 14.76 -4.61 15.93
CA GLU H 82 14.49 -6.04 15.84
C GLU H 82 12.98 -6.17 15.74
N PRO H 83 12.47 -7.10 14.93
CA PRO H 83 11.00 -7.24 14.84
C PRO H 83 10.36 -7.37 16.22
N LEU H 84 11.04 -7.98 17.17
CA LEU H 84 10.54 -8.13 18.52
C LEU H 84 10.76 -6.90 19.39
N GLY H 85 11.42 -5.86 18.87
CA GLY H 85 11.49 -4.59 19.56
C GLY H 85 10.45 -3.57 19.15
N ARG H 86 9.50 -3.94 18.29
CA ARG H 86 8.48 -3.01 17.86
C ARG H 86 7.39 -2.88 18.90
N ILE H 87 6.79 -1.69 18.97
CA ILE H 87 5.61 -1.51 19.80
C ILE H 87 4.42 -2.22 19.16
N SER H 88 4.15 -1.93 17.91
CA SER H 88 3.05 -2.48 17.14
C SER H 88 3.60 -3.11 15.86
N PRO H 89 2.82 -3.96 15.20
CA PRO H 89 3.28 -4.52 13.92
C PRO H 89 3.60 -3.46 12.88
N TYR H 90 3.12 -2.23 13.08
CA TYR H 90 3.31 -1.14 12.13
C TYR H 90 4.29 -0.10 12.63
N ASP H 91 5.23 -0.51 13.48
CA ASP H 91 6.32 0.38 13.81
C ASP H 91 7.27 0.51 12.62
N LEU H 92 8.01 1.61 12.58
CA LEU H 92 9.10 1.70 11.64
C LEU H 92 10.23 0.79 12.10
N GLY H 93 11.02 0.32 11.14
CA GLY H 93 12.08 -0.61 11.42
C GLY H 93 13.37 -0.23 10.73
N ILE H 94 14.48 -0.69 11.32
CA ILE H 94 15.80 -0.46 10.76
C ILE H 94 16.65 -1.72 10.88
N TRP H 95 16.01 -2.90 10.95
CA TRP H 95 16.73 -4.15 11.17
C TRP H 95 17.22 -4.81 9.89
N SER H 96 16.64 -4.51 8.74
CA SER H 96 17.08 -5.05 7.46
C SER H 96 17.54 -3.89 6.59
N GLU H 97 18.56 -4.15 5.76
CA GLU H 97 19.05 -3.08 4.90
C GLU H 97 18.08 -2.76 3.76
N ASP H 98 17.02 -3.55 3.58
CA ASP H 98 15.98 -3.19 2.65
C ASP H 98 15.05 -2.12 3.21
N HIS H 99 15.29 -1.70 4.45
CA HIS H 99 14.63 -0.52 4.99
C HIS H 99 15.23 0.77 4.47
N LEU H 100 16.50 0.74 4.06
CA LEU H 100 17.20 1.95 3.65
C LEU H 100 16.50 2.72 2.55
N PRO H 101 16.11 2.12 1.43
CA PRO H 101 15.45 2.89 0.36
C PRO H 101 14.36 3.81 0.93
N GLY H 102 13.41 3.24 1.65
CA GLY H 102 12.36 4.06 2.24
C GLY H 102 12.90 5.03 3.27
N LEU H 103 13.85 4.57 4.10
CA LEU H 103 14.43 5.43 5.12
C LEU H 103 15.32 6.52 4.52
N LYS H 104 16.10 6.18 3.48
CA LYS H 104 16.98 7.17 2.88
C LYS H 104 16.19 8.35 2.33
N GLU H 105 15.09 8.08 1.62
CA GLU H 105 14.30 9.16 1.05
C GLU H 105 13.57 9.96 2.11
N LEU H 106 13.17 9.32 3.22
CA LEU H 106 12.55 10.07 4.30
C LEU H 106 13.50 11.13 4.83
N ALA H 107 14.73 10.73 5.18
CA ALA H 107 15.70 11.71 5.65
C ALA H 107 15.98 12.76 4.59
N ARG H 108 15.83 12.39 3.31
CA ARG H 108 15.96 13.37 2.22
C ARG H 108 14.84 14.40 2.29
N ARG H 109 13.59 13.94 2.27
CA ARG H 109 12.45 14.85 2.24
C ARG H 109 12.41 15.75 3.47
N ILE H 110 13.15 15.41 4.51
CA ILE H 110 13.21 16.25 5.70
C ILE H 110 14.18 17.38 5.49
N ARG H 111 15.34 17.06 4.96
CA ARG H 111 16.33 18.09 4.74
C ARG H 111 15.83 19.03 3.70
N GLU H 112 15.00 18.53 2.80
CA GLU H 112 14.49 19.33 1.74
C GLU H 112 13.55 20.37 2.26
N ALA H 113 13.00 20.14 3.44
CA ALA H 113 12.10 21.10 4.05
C ALA H 113 12.85 22.06 4.91
N GLY H 114 14.05 21.70 5.31
CA GLY H 114 14.89 22.62 6.07
C GLY H 114 15.48 22.03 7.33
N ALA H 115 14.83 21.01 7.87
CA ALA H 115 15.21 20.45 9.15
C ALA H 115 16.22 19.31 8.98
N VAL H 116 17.10 19.18 9.98
CA VAL H 116 18.04 18.06 10.02
C VAL H 116 17.29 16.77 10.31
N PRO H 117 17.58 15.67 9.61
CA PRO H 117 16.89 14.40 9.91
C PRO H 117 17.59 13.59 10.99
N GLY H 118 16.85 13.22 12.02
CA GLY H 118 17.36 12.36 13.07
C GLY H 118 16.40 11.21 13.32
N ILE H 119 16.91 10.20 14.02
CA ILE H 119 16.18 8.96 14.24
C ILE H 119 16.35 8.53 15.69
N GLN H 120 15.29 7.94 16.24
CA GLN H 120 15.31 7.33 17.56
C GLN H 120 15.32 5.81 17.37
N LEU H 121 16.37 5.17 17.83
CA LEU H 121 16.45 3.72 17.84
C LEU H 121 15.88 3.19 19.14
N ALA H 122 15.02 2.17 19.04
CA ALA H 122 14.28 1.72 20.21
C ALA H 122 14.11 0.21 20.18
N HIS H 123 13.83 -0.33 21.37
CA HIS H 123 13.43 -1.72 21.55
C HIS H 123 12.35 -1.72 22.63
N ALA H 124 11.15 -2.16 22.27
CA ALA H 124 10.01 -2.02 23.16
C ALA H 124 10.06 -2.97 24.34
N GLY H 125 11.00 -3.90 24.35
CA GLY H 125 11.13 -4.78 25.50
C GLY H 125 9.82 -5.43 25.85
N ARG H 126 9.53 -5.49 27.15
CA ARG H 126 8.36 -6.21 27.63
C ARG H 126 7.04 -5.56 27.22
N LYS H 127 7.07 -4.33 26.72
CA LYS H 127 5.87 -3.68 26.22
C LYS H 127 5.67 -3.91 24.73
N ALA H 128 6.52 -4.73 24.11
CA ALA H 128 6.44 -4.97 22.68
C ALA H 128 5.23 -5.81 22.30
N GLY H 129 4.77 -5.63 21.07
CA GLY H 129 3.73 -6.47 20.51
C GLY H 129 2.32 -6.09 20.92
N THR H 130 2.00 -4.80 20.88
CA THR H 130 0.65 -4.31 21.14
C THR H 130 0.00 -3.89 19.83
N ALA H 131 -1.33 -3.89 19.82
CA ALA H 131 -2.07 -3.35 18.69
C ALA H 131 -1.87 -1.83 18.66
N ARG H 132 -2.46 -1.19 17.63
CA ARG H 132 -2.42 0.26 17.54
C ARG H 132 -3.39 0.89 18.53
N PRO H 133 -3.10 2.11 19.01
CA PRO H 133 -3.98 2.72 20.02
C PRO H 133 -5.43 2.83 19.59
N TRP H 134 -5.68 3.11 18.31
CA TRP H 134 -7.05 3.22 17.80
C TRP H 134 -7.57 1.90 17.24
N GLU H 135 -6.82 0.80 17.39
CA GLU H 135 -7.29 -0.53 17.03
C GLU H 135 -7.43 -1.44 18.25
N GLY H 136 -7.39 -0.86 19.46
CA GLY H 136 -7.51 -1.64 20.68
C GLY H 136 -6.30 -1.50 21.59
N GLY H 137 -5.10 -1.52 21.02
CA GLY H 137 -3.92 -1.38 21.83
C GLY H 137 -3.65 -2.53 22.78
N LYS H 138 -4.18 -3.74 22.50
CA LYS H 138 -4.01 -4.82 23.45
C LYS H 138 -2.92 -5.76 22.98
N PRO H 139 -2.18 -6.40 23.89
CA PRO H 139 -1.05 -7.24 23.46
C PRO H 139 -1.46 -8.31 22.48
N LEU H 140 -0.51 -8.76 21.65
CA LEU H 140 -0.74 -9.81 20.67
C LEU H 140 -0.03 -11.10 21.04
N GLY H 141 0.69 -11.11 22.15
CA GLY H 141 1.31 -12.34 22.62
C GLY H 141 2.61 -12.67 21.94
N TRP H 142 3.46 -11.69 21.69
CA TRP H 142 4.78 -11.99 21.17
C TRP H 142 5.65 -12.54 22.30
N ARG H 143 6.78 -13.14 21.92
CA ARG H 143 7.75 -13.60 22.91
C ARG H 143 8.65 -12.45 23.32
N VAL H 144 8.04 -11.44 23.94
CA VAL H 144 8.77 -10.23 24.29
C VAL H 144 9.87 -10.58 25.29
N VAL H 145 10.86 -9.69 25.36
CA VAL H 145 12.03 -9.89 26.21
C VAL H 145 12.04 -8.80 27.28
N GLY H 146 12.96 -8.95 28.22
CA GLY H 146 13.11 -7.99 29.29
C GLY H 146 14.14 -8.41 30.31
N PRO H 147 14.39 -7.55 31.29
CA PRO H 147 15.34 -7.89 32.36
C PRO H 147 14.86 -9.05 33.23
N SER H 148 13.74 -8.85 33.89
CA SER H 148 13.23 -9.81 34.80
C SER H 148 11.90 -10.27 34.29
N PRO H 149 11.35 -11.35 34.86
CA PRO H 149 10.10 -11.92 34.35
C PRO H 149 8.86 -11.36 34.96
N ILE H 150 8.69 -10.05 34.88
CA ILE H 150 7.51 -9.41 35.41
C ILE H 150 6.78 -8.81 34.24
N PRO H 151 5.49 -9.06 34.13
CA PRO H 151 4.69 -8.46 33.07
C PRO H 151 4.52 -6.97 33.16
N PHE H 152 4.30 -6.27 32.05
CA PHE H 152 4.02 -4.85 32.16
C PHE H 152 2.73 -4.67 32.95
N ASP H 153 1.67 -5.41 32.58
CA ASP H 153 0.41 -5.43 33.31
C ASP H 153 -0.47 -6.59 32.83
N GLU H 154 -1.76 -6.52 33.20
CA GLU H 154 -2.83 -7.40 32.73
C GLU H 154 -2.84 -7.50 31.20
N GLY H 155 -2.76 -8.72 30.71
CA GLY H 155 -2.80 -8.99 29.29
C GLY H 155 -1.45 -9.20 28.62
N TYR H 156 -0.36 -8.67 29.20
CA TYR H 156 0.92 -8.75 28.50
C TYR H 156 1.63 -10.07 28.81
N PRO H 157 2.29 -10.66 27.81
CA PRO H 157 3.07 -11.88 28.06
C PRO H 157 4.19 -11.60 29.04
N VAL H 158 4.48 -12.59 29.88
CA VAL H 158 5.50 -12.41 30.92
C VAL H 158 6.83 -12.44 30.17
N PRO H 159 7.63 -11.38 30.26
CA PRO H 159 8.85 -11.34 29.43
C PRO H 159 9.83 -12.42 29.84
N GLU H 160 10.59 -12.91 28.87
CA GLU H 160 11.62 -13.91 29.14
C GLU H 160 12.92 -13.20 29.47
N PRO H 161 13.48 -13.39 30.67
CA PRO H 161 14.71 -12.68 31.02
C PRO H 161 15.84 -12.95 30.02
N LEU H 162 16.55 -11.89 29.64
CA LEU H 162 17.62 -12.00 28.67
C LEU H 162 18.91 -12.45 29.36
N ASP H 163 19.69 -13.27 28.66
CA ASP H 163 21.00 -13.66 29.13
C ASP H 163 22.05 -12.70 28.57
N GLU H 164 23.25 -12.72 29.16
CA GLU H 164 24.32 -11.83 28.69
C GLU H 164 24.54 -11.98 27.19
N ALA H 165 24.51 -13.22 26.68
CA ALA H 165 24.55 -13.42 25.24
C ALA H 165 23.30 -12.85 24.56
N GLY H 166 22.15 -13.02 25.18
CA GLY H 166 20.93 -12.46 24.63
C GLY H 166 20.98 -10.95 24.55
N MET H 167 21.48 -10.30 25.60
CA MET H 167 21.58 -8.85 25.60
C MET H 167 22.58 -8.37 24.57
N GLU H 168 23.67 -9.11 24.36
CA GLU H 168 24.64 -8.71 23.36
C GLU H 168 24.03 -8.69 21.97
N ARG H 169 23.09 -9.59 21.69
CA ARG H 169 22.42 -9.57 20.39
C ARG H 169 21.64 -8.28 20.19
N ILE H 170 20.92 -7.85 21.23
CA ILE H 170 20.19 -6.60 21.15
C ILE H 170 21.15 -5.43 21.03
N LEU H 171 22.22 -5.44 21.83
CA LEU H 171 23.20 -4.36 21.77
C LEU H 171 23.71 -4.15 20.36
N GLN H 172 24.04 -5.25 19.66
CA GLN H 172 24.51 -5.15 18.29
C GLN H 172 23.38 -4.82 17.31
N ALA H 173 22.13 -5.13 17.67
CA ALA H 173 21.01 -4.65 16.86
C ALA H 173 20.85 -3.14 16.99
N PHE H 174 21.10 -2.60 18.19
CA PHE H 174 21.07 -1.16 18.38
C PHE H 174 22.24 -0.49 17.66
N VAL H 175 23.38 -1.17 17.61
CA VAL H 175 24.56 -0.61 16.95
C VAL H 175 24.33 -0.51 15.45
N GLU H 176 23.96 -1.63 14.83
CA GLU H 176 23.72 -1.67 13.39
C GLU H 176 22.56 -0.76 12.96
N GLY H 177 21.55 -0.61 13.83
CA GLY H 177 20.48 0.33 13.51
C GLY H 177 21.00 1.74 13.35
N ALA H 178 21.97 2.12 14.18
CA ALA H 178 22.60 3.44 14.06
C ALA H 178 23.41 3.53 12.77
N ARG H 179 24.27 2.55 12.52
CA ARG H 179 25.04 2.54 11.28
C ARG H 179 24.12 2.65 10.06
N ARG H 180 22.96 2.01 10.12
CA ARG H 180 22.00 2.12 9.03
C ARG H 180 21.40 3.51 8.98
N ALA H 181 21.14 4.10 10.15
CA ALA H 181 20.60 5.45 10.19
C ALA H 181 21.61 6.46 9.68
N LEU H 182 22.87 6.30 10.07
CA LEU H 182 23.91 7.20 9.57
C LEU H 182 24.06 7.02 8.06
N ARG H 183 24.24 5.77 7.61
CA ARG H 183 24.33 5.49 6.18
C ARG H 183 23.10 5.99 5.45
N ALA H 184 21.97 6.04 6.13
CA ALA H 184 20.73 6.50 5.53
C ALA H 184 20.61 8.01 5.51
N GLY H 185 21.55 8.74 6.13
CA GLY H 185 21.55 10.18 6.12
C GLY H 185 21.09 10.83 7.41
N PHE H 186 20.50 10.08 8.33
CA PHE H 186 20.14 10.61 9.64
C PHE H 186 21.39 11.09 10.35
N GLN H 187 21.40 12.37 10.74
CA GLN H 187 22.57 13.00 11.33
C GLN H 187 22.51 13.12 12.84
N VAL H 188 21.43 12.68 13.47
CA VAL H 188 21.31 12.64 14.92
C VAL H 188 20.64 11.33 15.30
N ILE H 189 21.24 10.62 16.25
CA ILE H 189 20.75 9.33 16.71
C ILE H 189 20.38 9.45 18.17
N GLU H 190 19.15 9.07 18.51
CA GLU H 190 18.70 9.03 19.88
C GLU H 190 18.44 7.59 20.29
N LEU H 191 18.96 7.20 21.45
CA LEU H 191 18.72 5.87 21.99
C LEU H 191 17.53 5.95 22.94
N HIS H 192 16.47 5.20 22.63
CA HIS H 192 15.26 5.22 23.45
C HIS H 192 15.53 4.40 24.70
N MET H 193 15.78 5.09 25.80
CA MET H 193 16.04 4.46 27.09
C MET H 193 15.02 4.93 28.12
N ALA H 194 13.77 5.06 27.71
CA ALA H 194 12.73 5.59 28.58
C ALA H 194 11.42 4.87 28.33
N HIS H 195 10.41 5.26 29.10
CA HIS H 195 9.02 4.86 28.87
C HIS H 195 8.81 3.36 29.04
N GLY H 196 9.62 2.73 29.88
CA GLY H 196 9.40 1.34 30.22
C GLY H 196 9.72 0.35 29.11
N TYR H 197 10.32 0.81 28.03
CA TYR H 197 10.74 -0.10 26.97
C TYR H 197 12.03 -0.77 27.39
N LEU H 198 12.59 -1.60 26.50
CA LEU H 198 13.63 -2.55 26.88
C LEU H 198 14.68 -1.93 27.81
N LEU H 199 15.39 -0.90 27.32
CA LEU H 199 16.50 -0.37 28.10
C LEU H 199 16.01 0.43 29.30
N SER H 200 14.85 1.07 29.19
CA SER H 200 14.25 1.69 30.37
C SER H 200 13.83 0.63 31.39
N SER H 201 13.30 -0.51 30.93
CA SER H 201 12.90 -1.57 31.84
C SER H 201 14.08 -2.05 32.67
N PHE H 202 15.26 -2.11 32.06
CA PHE H 202 16.46 -2.45 32.81
C PHE H 202 16.77 -1.40 33.85
N LEU H 203 16.38 -0.15 33.62
CA LEU H 203 16.73 0.93 34.54
C LEU H 203 15.88 0.89 35.81
N SER H 204 14.59 0.73 35.66
CA SER H 204 13.69 0.82 36.81
C SER H 204 13.65 -0.47 37.60
N PRO H 205 13.72 -0.41 38.94
CA PRO H 205 13.64 -1.62 39.76
C PRO H 205 12.23 -2.19 39.89
N LEU H 206 11.22 -1.45 39.48
CA LEU H 206 9.85 -1.97 39.56
C LEU H 206 9.64 -3.13 38.61
N SER H 207 10.51 -3.26 37.61
CA SER H 207 10.46 -4.41 36.71
C SER H 207 11.86 -4.79 36.21
N ASN H 208 12.91 -4.43 36.96
CA ASN H 208 14.22 -5.04 36.82
C ASN H 208 14.53 -5.51 38.23
N GLN H 209 14.17 -6.75 38.53
CA GLN H 209 14.52 -7.40 39.79
C GLN H 209 15.47 -8.56 39.54
N ARG H 210 16.46 -8.33 38.68
CA ARG H 210 17.41 -9.35 38.32
C ARG H 210 18.37 -9.66 39.47
N THR H 211 18.80 -10.91 39.52
CA THR H 211 19.74 -11.37 40.54
C THR H 211 21.17 -11.38 40.04
N ASP H 212 21.38 -11.13 38.75
CA ASP H 212 22.69 -11.21 38.13
C ASP H 212 23.32 -9.82 38.13
N ALA H 213 24.30 -9.60 37.28
CA ALA H 213 25.02 -8.33 37.21
C ALA H 213 24.25 -7.22 36.54
N TYR H 214 22.98 -7.35 36.18
CA TYR H 214 22.25 -6.27 35.52
C TYR H 214 20.98 -5.88 36.27
N GLY H 215 20.94 -6.13 37.58
CA GLY H 215 19.78 -5.77 38.37
C GLY H 215 20.18 -5.55 39.82
N GLY H 216 19.23 -5.03 40.58
CA GLY H 216 19.49 -4.80 41.99
C GLY H 216 20.13 -3.46 42.30
N SER H 217 21.46 -3.37 42.28
CA SER H 217 22.14 -2.09 42.50
C SER H 217 22.03 -1.20 41.27
N LEU H 218 22.20 0.12 41.49
CA LEU H 218 22.05 1.09 40.40
C LEU H 218 23.04 0.84 39.28
N GLU H 219 24.30 0.58 39.62
CA GLU H 219 25.28 0.35 38.58
C GLU H 219 24.86 -0.84 37.72
N ASN H 220 24.26 -1.86 38.33
CA ASN H 220 23.83 -3.06 37.59
C ASN H 220 22.69 -2.76 36.60
N ARG H 221 21.77 -1.93 37.03
CA ARG H 221 20.71 -1.57 36.14
C ARG H 221 21.23 -0.61 35.13
N MET H 222 22.26 0.17 35.44
CA MET H 222 22.86 1.03 34.43
C MET H 222 23.83 0.27 33.51
N ARG H 223 24.19 -0.97 33.84
CA ARG H 223 25.22 -1.69 33.09
C ARG H 223 24.83 -1.90 31.63
N PHE H 224 23.82 -2.73 31.40
CA PHE H 224 23.40 -3.01 30.03
C PHE H 224 23.06 -1.74 29.26
N PRO H 225 22.31 -0.78 29.81
CA PRO H 225 22.04 0.46 29.05
C PRO H 225 23.30 1.22 28.66
N LEU H 226 24.25 1.39 29.59
CA LEU H 226 25.48 2.10 29.25
C LEU H 226 26.30 1.30 28.25
N GLN H 227 26.18 -0.04 28.29
CA GLN H 227 26.87 -0.87 27.30
C GLN H 227 26.38 -0.58 25.89
N VAL H 228 25.07 -0.42 25.73
CA VAL H 228 24.53 -0.07 24.42
C VAL H 228 25.00 1.33 24.03
N ALA H 229 24.96 2.27 24.96
CA ALA H 229 25.41 3.63 24.67
C ALA H 229 26.86 3.64 24.22
N GLN H 230 27.72 2.91 24.92
CA GLN H 230 29.12 2.85 24.50
C GLN H 230 29.24 2.24 23.10
N ALA H 231 28.55 1.13 22.88
CA ALA H 231 28.68 0.44 21.60
C ALA H 231 28.23 1.33 20.45
N VAL H 232 27.12 2.05 20.63
CA VAL H 232 26.64 2.91 19.56
C VAL H 232 27.54 4.12 19.39
N ARG H 233 28.00 4.70 20.50
CA ARG H 233 28.89 5.85 20.41
C ARG H 233 30.12 5.54 19.56
N GLU H 234 30.65 4.33 19.69
CA GLU H 234 31.88 3.99 18.96
C GLU H 234 31.66 3.99 17.46
N VAL H 235 30.47 3.60 16.99
CA VAL H 235 30.23 3.55 15.56
C VAL H 235 29.64 4.85 15.02
N VAL H 236 29.21 5.76 15.88
CA VAL H 236 28.69 7.06 15.48
C VAL H 236 29.83 8.07 15.59
N PRO H 237 30.19 8.77 14.51
CA PRO H 237 31.30 9.73 14.60
C PRO H 237 30.98 10.90 15.51
N ARG H 238 32.05 11.49 16.05
CA ARG H 238 31.91 12.58 17.00
C ARG H 238 31.04 13.70 16.44
N GLU H 239 31.18 13.97 15.14
CA GLU H 239 30.55 15.14 14.55
C GLU H 239 29.03 15.08 14.70
N LEU H 240 28.45 13.90 14.58
CA LEU H 240 27.01 13.73 14.69
C LEU H 240 26.64 13.47 16.15
N PRO H 241 25.75 14.27 16.74
CA PRO H 241 25.45 14.08 18.16
C PRO H 241 24.66 12.81 18.42
N LEU H 242 24.99 12.15 19.52
CA LEU H 242 24.27 10.97 19.98
C LEU H 242 23.36 11.39 21.13
N PHE H 243 22.06 11.28 20.93
CA PHE H 243 21.08 11.57 21.96
C PHE H 243 20.73 10.31 22.74
N VAL H 244 20.18 10.50 23.93
CA VAL H 244 19.70 9.40 24.76
C VAL H 244 18.41 9.86 25.42
N ARG H 245 17.32 9.14 25.18
CA ARG H 245 16.04 9.45 25.82
C ARG H 245 15.89 8.62 27.07
N VAL H 246 15.55 9.29 28.18
CA VAL H 246 15.44 8.62 29.48
C VAL H 246 14.18 9.09 30.19
N SER H 247 13.53 8.18 30.90
CA SER H 247 12.49 8.52 31.86
C SER H 247 13.18 8.97 33.14
N ALA H 248 13.23 10.29 33.35
CA ALA H 248 13.95 10.84 34.48
C ALA H 248 13.39 10.35 35.82
N THR H 249 12.16 9.82 35.82
CA THR H 249 11.54 9.32 37.04
C THR H 249 10.54 8.23 36.69
N ASP H 250 10.45 7.22 37.56
CA ASP H 250 9.42 6.21 37.38
C ASP H 250 8.07 6.66 37.92
N TRP H 251 8.07 7.59 38.88
CA TRP H 251 6.88 8.09 39.56
C TRP H 251 6.32 7.06 40.55
N GLY H 252 6.87 5.87 40.58
CA GLY H 252 6.45 4.83 41.50
C GLY H 252 7.33 4.84 42.74
N GLU H 253 6.73 4.49 43.88
CA GLU H 253 7.44 4.56 45.13
C GLU H 253 8.65 3.63 45.10
N GLY H 254 9.74 4.05 45.73
CA GLY H 254 10.95 3.25 45.69
C GLY H 254 11.50 2.93 44.31
N GLY H 255 11.37 3.87 43.37
CA GLY H 255 11.82 3.58 42.01
C GLY H 255 12.90 4.49 41.50
N TRP H 256 13.12 4.49 40.19
CA TRP H 256 14.13 5.36 39.60
C TRP H 256 13.85 6.81 39.98
N SER H 257 14.77 7.40 40.72
CA SER H 257 14.63 8.78 41.19
C SER H 257 15.44 9.72 40.29
N LEU H 258 15.21 11.02 40.50
CA LEU H 258 16.01 12.02 39.80
C LEU H 258 17.49 11.85 40.11
N GLU H 259 17.83 11.59 41.37
CA GLU H 259 19.24 11.49 41.73
C GLU H 259 19.85 10.25 41.10
N ASP H 260 19.05 9.20 40.90
CA ASP H 260 19.50 8.07 40.09
C ASP H 260 19.76 8.49 38.66
N THR H 261 18.88 9.34 38.11
CA THR H 261 19.08 9.82 36.75
C THR H 261 20.32 10.69 36.63
N LEU H 262 20.56 11.56 37.62
CA LEU H 262 21.72 12.42 37.55
C LEU H 262 23.00 11.62 37.66
N ALA H 263 22.96 10.48 38.36
CA ALA H 263 24.09 9.57 38.32
C ALA H 263 24.22 8.99 36.92
N PHE H 264 23.10 8.46 36.41
CA PHE H 264 23.06 7.87 35.07
C PHE H 264 23.45 8.91 34.02
N ALA H 265 23.19 10.18 34.23
CA ALA H 265 23.50 11.16 33.22
C ALA H 265 24.96 11.39 33.12
N ARG H 266 25.60 11.56 34.27
N ARG H 266 25.61 11.55 34.27
CA ARG H 266 27.04 11.79 34.29
CA ARG H 266 27.03 11.80 34.28
C ARG H 266 27.75 10.68 33.60
C ARG H 266 27.77 10.67 33.63
N ARG H 267 27.22 9.47 33.71
CA ARG H 267 27.86 8.32 33.10
C ARG H 267 27.85 8.44 31.64
N LEU H 268 26.69 8.72 31.09
CA LEU H 268 26.57 8.80 29.68
C LEU H 268 27.37 9.96 29.20
N LYS H 269 27.46 10.98 30.01
CA LYS H 269 28.19 12.17 29.63
C LYS H 269 29.63 11.83 29.35
N GLU H 270 30.22 11.02 30.20
CA GLU H 270 31.60 10.60 30.01
C GLU H 270 31.71 9.68 28.80
N LEU H 271 30.62 9.12 28.31
CA LEU H 271 30.80 8.32 27.11
C LEU H 271 30.83 9.12 25.83
N GLY H 272 30.49 10.39 25.86
CA GLY H 272 30.42 11.17 24.65
C GLY H 272 29.03 11.45 24.17
N VAL H 273 28.02 10.96 24.90
CA VAL H 273 26.64 11.27 24.57
C VAL H 273 26.51 12.79 24.60
N ASP H 274 25.99 13.35 23.52
CA ASP H 274 26.00 14.79 23.35
C ASP H 274 24.84 15.49 24.05
N LEU H 275 23.78 14.76 24.36
CA LEU H 275 22.62 15.37 24.99
C LEU H 275 21.75 14.28 25.60
N LEU H 276 21.11 14.62 26.71
CA LEU H 276 20.17 13.74 27.38
C LEU H 276 18.77 14.33 27.18
N ASP H 277 17.83 13.48 26.76
CA ASP H 277 16.44 13.88 26.58
C ASP H 277 15.65 13.29 27.73
N CYS H 278 15.13 14.16 28.60
CA CYS H 278 14.52 13.74 29.85
C CYS H 278 13.01 13.68 29.71
N SER H 279 12.48 12.46 29.73
CA SER H 279 11.06 12.19 29.84
C SER H 279 10.82 11.59 31.23
N SER H 280 9.65 10.99 31.42
CA SER H 280 9.36 10.32 32.67
C SER H 280 8.18 9.37 32.46
N GLY H 281 7.97 8.51 33.43
CA GLY H 281 6.83 7.61 33.42
C GLY H 281 7.00 6.49 32.40
N GLY H 282 5.97 5.66 32.33
CA GLY H 282 5.88 4.63 31.32
C GLY H 282 6.33 3.26 31.81
N VAL H 283 7.22 3.23 32.78
CA VAL H 283 7.80 1.98 33.24
C VAL H 283 6.72 1.09 33.72
N VAL H 284 5.85 1.64 34.52
CA VAL H 284 4.75 0.88 35.04
C VAL H 284 3.57 1.78 35.07
N LEU H 285 2.40 1.20 35.17
CA LEU H 285 1.22 1.98 35.25
C LEU H 285 0.91 2.27 36.68
N ARG H 286 -0.26 2.84 36.91
CA ARG H 286 -0.68 3.11 38.27
C ARG H 286 0.30 4.00 38.97
N VAL H 287 0.59 5.13 38.37
CA VAL H 287 1.46 6.10 39.00
C VAL H 287 0.92 7.44 38.59
N ARG H 288 0.85 8.38 39.52
CA ARG H 288 0.35 9.70 39.24
C ARG H 288 1.50 10.60 38.87
N ILE H 289 1.29 11.51 37.92
CA ILE H 289 2.37 12.35 37.42
C ILE H 289 1.90 13.80 37.54
N PRO H 290 2.71 14.69 38.13
CA PRO H 290 2.26 16.08 38.27
C PRO H 290 2.17 16.74 36.91
N LEU H 291 1.10 16.42 36.18
CA LEU H 291 0.98 16.90 34.80
C LEU H 291 0.75 18.40 34.83
N ALA H 292 1.54 19.11 34.04
CA ALA H 292 1.50 20.56 33.99
C ALA H 292 2.46 21.04 32.91
N PRO H 293 2.29 22.24 32.40
CA PRO H 293 3.24 22.77 31.41
C PRO H 293 4.66 22.68 31.93
N GLY H 294 5.53 22.03 31.15
CA GLY H 294 6.92 21.90 31.54
C GLY H 294 7.15 21.20 32.86
N PHE H 295 6.36 20.15 33.15
CA PHE H 295 6.53 19.44 34.40
C PHE H 295 7.77 18.55 34.43
N GLN H 296 8.29 18.16 33.26
CA GLN H 296 9.53 17.39 33.21
C GLN H 296 10.77 18.25 33.02
N VAL H 297 10.58 19.56 32.79
CA VAL H 297 11.73 20.46 32.71
C VAL H 297 12.62 20.39 33.93
N PRO H 298 12.09 20.30 35.17
CA PRO H 298 12.99 20.24 36.33
C PRO H 298 14.04 19.15 36.23
N PHE H 299 13.74 18.05 35.54
CA PHE H 299 14.75 17.02 35.31
C PHE H 299 15.79 17.49 34.31
N ALA H 300 15.35 18.11 33.21
CA ALA H 300 16.30 18.68 32.25
C ALA H 300 17.17 19.73 32.92
N ASP H 301 16.58 20.59 33.74
CA ASP H 301 17.35 21.60 34.46
C ASP H 301 18.38 20.94 35.38
N ALA H 302 17.96 19.91 36.11
CA ALA H 302 18.87 19.28 37.08
C ALA H 302 20.07 18.65 36.37
N VAL H 303 19.84 17.98 35.25
CA VAL H 303 20.93 17.31 34.55
C VAL H 303 21.94 18.34 34.02
N ARG H 304 21.42 19.41 33.40
CA ARG H 304 22.31 20.37 32.75
C ARG H 304 23.22 21.06 33.76
N LYS H 305 22.70 21.35 34.96
CA LYS H 305 23.45 22.14 35.93
C LYS H 305 24.22 21.31 36.94
N ARG H 306 23.72 20.12 37.30
CA ARG H 306 24.36 19.32 38.33
C ARG H 306 25.34 18.31 37.75
N VAL H 307 25.26 18.02 36.46
CA VAL H 307 26.14 17.07 35.81
C VAL H 307 26.97 17.73 34.72
N GLY H 308 26.41 18.75 34.08
CA GLY H 308 27.09 19.45 33.02
C GLY H 308 26.87 18.91 31.62
N LEU H 309 25.92 18.00 31.44
CA LEU H 309 25.59 17.45 30.14
C LEU H 309 24.43 18.24 29.54
N ARG H 310 24.54 18.55 28.25
CA ARG H 310 23.44 19.21 27.56
C ARG H 310 22.16 18.40 27.69
N THR H 311 21.03 19.09 27.74
CA THR H 311 19.76 18.43 28.01
C THR H 311 18.67 18.96 27.08
N GLY H 312 17.66 18.12 26.88
CA GLY H 312 16.48 18.49 26.12
C GLY H 312 15.22 18.46 26.97
N ALA H 313 14.44 19.55 26.91
CA ALA H 313 13.22 19.65 27.71
C ALA H 313 12.01 19.20 26.91
N VAL H 314 11.10 18.51 27.58
CA VAL H 314 9.87 18.02 26.97
C VAL H 314 8.77 18.04 28.01
N GLY H 315 7.53 18.05 27.53
CA GLY H 315 6.38 18.00 28.41
C GLY H 315 5.50 19.21 28.36
N LEU H 316 4.45 19.16 27.53
CA LEU H 316 3.47 20.22 27.43
C LEU H 316 4.12 21.60 27.30
N ILE H 317 5.06 21.69 26.38
CA ILE H 317 5.63 22.97 25.95
C ILE H 317 4.86 23.36 24.70
N THR H 318 3.98 24.36 24.84
CA THR H 318 3.01 24.68 23.80
C THR H 318 3.05 26.14 23.36
N THR H 319 3.83 27.00 24.02
CA THR H 319 3.85 28.41 23.72
C THR H 319 5.25 28.88 23.35
N PRO H 320 5.36 29.90 22.50
CA PRO H 320 6.70 30.44 22.20
C PRO H 320 7.40 31.01 23.42
N GLU H 321 6.68 31.76 24.25
CA GLU H 321 7.29 32.44 25.39
C GLU H 321 7.78 31.44 26.42
N GLN H 322 7.04 30.35 26.62
CA GLN H 322 7.44 29.34 27.60
C GLN H 322 8.73 28.65 27.16
N ALA H 323 8.84 28.32 25.87
CA ALA H 323 10.07 27.72 25.35
C ALA H 323 11.24 28.66 25.55
N GLU H 324 11.07 29.94 25.20
CA GLU H 324 12.15 30.90 25.35
C GLU H 324 12.53 31.09 26.81
N THR H 325 11.58 30.94 27.73
CA THR H 325 11.87 31.22 29.13
C THR H 325 12.75 30.12 29.74
N LEU H 326 12.44 28.85 29.46
CA LEU H 326 13.23 27.77 30.01
C LEU H 326 14.62 27.71 29.40
N LEU H 327 14.75 28.14 28.14
CA LEU H 327 16.08 28.26 27.55
C LEU H 327 16.85 29.39 28.21
N GLN H 328 16.19 30.53 28.44
CA GLN H 328 16.82 31.64 29.14
C GLN H 328 17.28 31.22 30.53
N ALA H 329 16.43 30.47 31.24
CA ALA H 329 16.74 30.01 32.59
C ALA H 329 17.83 28.95 32.63
N GLY H 330 18.34 28.51 31.49
CA GLY H 330 19.36 27.48 31.48
C GLY H 330 18.84 26.11 31.89
N SER H 331 17.54 25.86 31.73
CA SER H 331 17.00 24.55 32.07
C SER H 331 17.28 23.50 31.02
N ALA H 332 17.60 23.91 29.80
CA ALA H 332 17.88 22.97 28.72
C ALA H 332 18.58 23.70 27.60
N ASP H 333 19.15 22.93 26.68
CA ASP H 333 19.77 23.48 25.47
C ASP H 333 18.88 23.36 24.24
N LEU H 334 17.99 22.37 24.22
CA LEU H 334 17.13 22.13 23.08
C LEU H 334 15.72 21.88 23.59
N VAL H 335 14.74 22.44 22.90
CA VAL H 335 13.33 22.30 23.26
C VAL H 335 12.69 21.35 22.26
N LEU H 336 12.23 20.20 22.75
CA LEU H 336 11.52 19.24 21.92
C LEU H 336 10.02 19.42 22.12
N LEU H 337 9.28 19.40 21.00
CA LEU H 337 7.84 19.61 21.02
C LEU H 337 7.15 18.35 20.53
N GLY H 338 6.10 17.95 21.23
CA GLY H 338 5.37 16.76 20.86
C GLY H 338 4.00 17.04 20.29
N ARG H 339 2.96 16.91 21.12
CA ARG H 339 1.59 16.95 20.61
C ARG H 339 1.24 18.27 19.96
N VAL H 340 1.99 19.34 20.23
CA VAL H 340 1.67 20.60 19.58
C VAL H 340 1.97 20.51 18.09
N LEU H 341 3.02 19.80 17.70
CA LEU H 341 3.36 19.69 16.30
C LEU H 341 2.48 18.67 15.58
N LEU H 342 1.75 17.85 16.32
CA LEU H 342 0.70 17.05 15.69
C LEU H 342 -0.49 17.93 15.36
N ARG H 343 -0.87 18.81 16.28
CA ARG H 343 -1.97 19.74 16.06
C ARG H 343 -1.51 21.01 15.35
N ASP H 344 -0.21 21.29 15.37
CA ASP H 344 0.32 22.53 14.81
C ASP H 344 1.68 22.30 14.18
N PRO H 345 1.72 21.80 12.95
CA PRO H 345 3.02 21.54 12.30
C PRO H 345 3.85 22.80 12.11
N TYR H 346 3.22 23.93 11.79
CA TYR H 346 3.94 25.18 11.56
C TYR H 346 4.06 26.04 12.80
N PHE H 347 3.88 25.47 13.99
CA PHE H 347 4.03 26.25 15.21
C PHE H 347 5.35 27.01 15.25
N PRO H 348 6.50 26.39 14.94
CA PRO H 348 7.77 27.14 15.05
C PRO H 348 7.81 28.39 14.19
N LEU H 349 7.21 28.35 13.00
CA LEU H 349 7.23 29.51 12.12
C LEU H 349 6.53 30.71 12.77
N ARG H 350 5.36 30.48 13.36
CA ARG H 350 4.60 31.54 14.01
C ARG H 350 5.15 31.91 15.38
N ALA H 351 5.84 30.98 16.06
CA ALA H 351 6.45 31.31 17.33
C ALA H 351 7.62 32.29 17.16
N ALA H 352 8.36 32.19 16.08
CA ALA H 352 9.43 33.12 15.85
C ALA H 352 8.92 34.51 15.68
N LYS H 353 7.91 34.68 14.85
CA LYS H 353 7.39 36.00 14.57
C LYS H 353 6.81 36.59 15.82
N ALA H 354 6.34 35.75 16.71
CA ALA H 354 5.75 36.19 17.95
C ALA H 354 6.81 36.48 18.95
N LEU H 355 8.05 36.46 18.52
CA LEU H 355 9.13 36.80 19.38
C LEU H 355 9.96 37.79 18.61
N GLY H 356 9.33 38.54 17.72
CA GLY H 356 10.06 39.58 17.03
C GLY H 356 11.16 39.08 16.11
N VAL H 357 11.11 37.82 15.70
CA VAL H 357 12.14 37.23 14.86
C VAL H 357 11.56 37.02 13.47
N ALA H 358 12.29 37.46 12.46
CA ALA H 358 11.91 37.18 11.08
C ALA H 358 12.10 35.69 10.82
N PRO H 359 11.04 34.92 10.60
CA PRO H 359 11.22 33.48 10.34
C PRO H 359 11.67 33.19 8.92
N GLU H 360 12.63 32.29 8.79
CA GLU H 360 13.03 31.79 7.48
C GLU H 360 11.89 30.94 6.95
N VAL H 361 11.02 31.55 6.14
CA VAL H 361 9.84 30.89 5.60
C VAL H 361 10.09 30.49 4.16
N PRO H 362 9.44 29.45 3.65
CA PRO H 362 9.54 29.15 2.20
C PRO H 362 9.03 30.33 1.37
N PRO H 363 9.67 30.63 0.24
CA PRO H 363 9.24 31.81 -0.54
C PRO H 363 7.77 31.77 -0.93
N GLN H 364 7.21 30.58 -1.14
CA GLN H 364 5.81 30.46 -1.51
C GLN H 364 4.89 30.94 -0.40
N TYR H 365 5.37 31.01 0.84
CA TYR H 365 4.56 31.41 1.97
C TYR H 365 4.87 32.82 2.47
N GLN H 366 5.74 33.56 1.79
CA GLN H 366 6.19 34.85 2.32
C GLN H 366 5.04 35.83 2.48
N ARG H 367 4.03 35.75 1.61
CA ARG H 367 2.88 36.64 1.72
C ARG H 367 1.93 36.25 2.83
N GLY H 368 2.12 35.10 3.47
CA GLY H 368 1.34 34.71 4.60
C GLY H 368 1.88 35.10 5.95
N PHE H 369 3.05 35.74 6.01
CA PHE H 369 3.64 36.15 7.28
C PHE H 369 3.91 37.65 7.30
#